data_4RH7
#
_entry.id   4RH7
#
_cell.length_a   136.030
_cell.length_b   487.150
_cell.length_c   276.460
_cell.angle_alpha   90.00
_cell.angle_beta   90.00
_cell.angle_gamma   90.00
#
_symmetry.space_group_name_H-M   'C 2 2 21'
#
loop_
_entity.id
_entity.type
_entity.pdbx_description
1 polymer 'Green fluorescent protein/Cytoplasmic dynein 2 heavy chain 1'
2 non-polymer 'ADP ORTHOVANADATE'
3 non-polymer 'MAGNESIUM ION'
4 non-polymer "ADENOSINE-5'-TRIPHOSPHATE"
5 non-polymer "ADENOSINE-5'-DIPHOSPHATE"
#
_entity_poly.entity_id   1
_entity_poly.type   'polypeptide(L)'
_entity_poly.pdbx_seq_one_letter_code
;MSKGEELFTGVVPILVELDGDVNGHKFSVSGEGEGDATYGKLTLKFICTTGKLPVPWPTLVTTFGYGVQCFARYPDHMKQ
HDFFKSAMPEGYVQERTIFFKDDGNYKTRAEVKFEGDTLVNRIELKGIDFKEDGNILGHKLEYNYNSHNVYIMADKQKNG
IKVNFKIRHNIEDGSVQLADHYQQNTPIGDGPVLLPDNHYLSTQSALSKDPNEKRDHMVLLEFVTAAGITGSDDLEVTRK
KLVDDCHHFRLEEPNFSLASSISKDIESCAQIWAFYEEFQQGFQEMANEDWITFRTKTYLFEEFLMNWHDRLRKVEEHSV
MTVKLQSEVDKYKIVIPILKYVRGEHLSPDHWLDLFRLLGLPRGTSLEKLLFGDLLRVADTIVAKAADLKDLNSRAQGEV
TIREALRELDLWGVGAVFTLIDYEDSQSRTMKLIKDWKDIVNQVGDNRCLLQSLKDSPYYKGFEDKVSIWERKLAELDEY
LQNLNHIQRKWVYLEPIFGRGALPKEQTRFNRVDEDFRSIMTDIKKDNRVTTLTTHAGIRNSLLTILDQLQRCQRSLNEF
LEEKRSAFPRFYFIGDDDLLEILGQSTNPSVIQSHLKKLFAGINSVCFDEKSKHITAMKSLEGEVVPFKNKVPLSNNVET
WLNDLALEMKKTLEQLLKECVTTGRSSQGAVDPSLFPSQILCLAEQIKFTEDVENAIKDHSLHQIETQLVNKLEQYTNID
TSSEDPGNTESGILELKLKALILDIIHNIDVVKQLNQIQVHTTEDWAWKKQLRFYMKSDHTCCVQMVDSEFQYTYEYQGN
ASKLVYTPLTDKCYLTLTQAMKMGLGGNPYGPAGTGKTESVKALGGLLGRQVLVFNCDEGIDVKSMGRIFVGLVKCGAWG
CFDEFNRLEESVLSAVSMQIQTIQDALKNHRTVCELLGKEVEVNSNSGIFITMNPAGKGYGGRQKLPDNLKQLFRPVAMS
HPDNELIAEVILYSEGFKDAKVLSRKLVAIFNLSRELLTPQQHYDWGLRALKTVLRGSGNLLRQLNKSGTTQNANESHIV
VQALRLNTMSKFTFTDCTRFDALIKDVFPGIELKEVEYDELSAALKQVFEEANYEIIPNQIKKALELYEQLCQRMGVVIV
GPSGAGKSTLWRMLRAALCKTGKVVKQYTMNPKAMPRYQLLGHIDMDTREWSDGVLTNSARQVVREPQDVSSWIICDGDI
DPEWIESLNSVLDDNRLLTMPSGERIQFGPNVNFVFETHDLSCASPATISRMGMIFLSDEETDLNSLIKSWLRNQPAEYR
NNLENWIGDYFEKALQWVLKQNDYVVETSLVGTVMNGLSHLHGCRDHDEFIINLIRGLGGNLNMKSRLEFTKEVFHWARE
SPPDFHKPMDTYYDSTRGRLATYVLKKPEDLTADDFSNGLTLPVIQTPDMQRGLDYFKPWLSSDTKQPFILVGPEGCGKG
MLLRYAFSQLRSTQIATVHCSAQTTSRHLLQKLSQTCMVISTNTGRVYRPKDCERLVLYLKDINLPKLDKWGTSTLVAFL
QQVLTYQGFYDENLEWVGLENIQIVASMSAGGRLGRHKLTTRFTSIVRLCSIDYPEREQLQTIYGAYLEPVLHKNLKNHS
IWGSSSKIYLLAGSMVQVYEQVRAKFTVDDYSHYFFTPCILTQWVLGLFRYDLEGGSSNHPLDYVLEIVAYEARRLFRDK
IVGAKELHLFDIILTSVFQGDWGSDILDNMSDSFYVTWGARHNSGARAAPGQPLPPHGKPLGKLNSTDLKDVIKKGLIHY
GRDNQNLDILLFHEVLEYMSRIDRVLSFPGGSLLLAGRSGVGRRTITSLVSHMHGAVLFSPKISRGYELKQFKNDLKHVL
QLAGIEAQQVVLLLEDYQFVHPTFLEMINSLLSSGEVPGLYTLEELEPLLLPLKDQASQDGFFGPVFNYFTYRIQQNLHI
VLIMDSANSNFMINCESNPALHKKCQVLWMEGWSNSSMKKIPEMLFSETGGGEKYNDKKRKEEKKKNSVDPDFLKSFLLI
HESCKAYGATPSQYMTFLHVYSAISSSKKKELLKRQSHLQAGVSKLNEAKALVDELNRKAGEQSVLLKTKQDEADAALQM
ITVSMQDASEQKTELERLKHRIAEEVVKIEERKNKIDDELKEVQPLVNEAKLAVGNIKPESLSEIRSLRMPPDVIRDILE
GVLRLMGIFDTSWVSMKSFLAKRGVREDIATFDARNISKEIRESVEELLFKNKGSFDPKNAKRASTAAAPLAAWVKANIQ
YSHVLERIHPLETEQAGLESNLKKTEDRKRKLEELLNSVGQKVSELKEKFQSRTSEAAKLEAEVSKAQETIKAAEVLINQ
LDREHKRWNAQVVEITEELATLPKRAQLAAAFITYLSAAPESLRKTCLEEWTKSAGLEKFDLRRFLCTESEQLIWKSEGL
PSDDLSIENALVILQSRVCPFLIDPSSQATEWLKTHLKDSRLEVINQQDSNFITALELAVRFGKTLIIQEMDGVEPVLYP
LLRRDLVAQGPRYVVQIGDKIIDYNEEFRLFLSTRNPNPFIPPDAASIVTEVNFTTTRSGLRGQLLALTIQHEKPDLEEQ
KTKLLQQEEDKKIQLAKLEESLLETLATSQGNILENKDLIESLNQTKASSALIQESLKESYKLQISLDQERDAYLPLAES
ASKMYFIISDLSKINNMYRFSLAAFLRLFQRALQNKQDSENTEQRIQSLISSLQHMVYEYICRCLFKADQLMFALHFVRG
MHPELFQENEWDTFTGVVVGDMLRKADSQQKIRDQLPSWIDQERSWAVATLKIALPSLYQTLCFEDAALWRTYYNNSMCE
QEFPSILAKKVSLFQQILVVQVLRPDRLQSAMALFACKTLGLKEVSPLPLNLKRLYKETLEIEPILIIISPGADPSQELQ
ELANAERSGECYHQVAMGQGQADLAIQMLKECARNGDWLCLKNLHLVVSWLPVLEKELNTLQPKDTFRLWLTAEVHPNFT
PILLQSSLKITYESPPGLKKNLMRTYESWTPEQISKKDNTHRAHALFSLAWFHAACQERRNYIPQGWTKFYEFSLSDLRA
GYNIIDRLFDGAKDVQWEFVHGLLENAIYGGRIDNYFDLRVLQSYLKQFFNSSVIDVFNQRNKKSIFPYSVSLPQSCSIL
DYRAVIEKIPEDDKPSFFGLPANIARSSQRMISSQVISQLRILGRSITAGSKFDREIWSNELSPVLNLWKKLNQNSNLIH
QKVPPPNDRQGSPILSFIILEQFNAIRLVQSVHQSLAALSKVIRGTTLLSSEVQKLASALLNQKCPLAWQSKWEGPEDPL
QYLRGLVARALAIQNWVDKAEKQALLSETLDLSELFHPDTFLNALRQETARAVGRSVDSLKFVASWKGRLQEAKLQIKIS
GLLLEGCSFDGNQLSENQLDSPSVSSVLPCFMGWIPQDACGPYSPDECISLPVYTSAERDRVVTNIDVPCGGNQDQWIQC
GAALFLKNQV
;
_entity_poly.pdbx_strand_id   A
#
# COMPACT_ATOMS: atom_id res chain seq x y z
N GLN A 397 55.50 6.11 54.48
CA GLN A 397 56.34 5.45 53.42
C GLN A 397 55.85 4.01 53.18
N GLY A 398 54.61 3.91 52.74
CA GLY A 398 53.85 2.65 52.71
C GLY A 398 53.96 1.78 51.47
N GLU A 399 55.03 1.94 50.71
CA GLU A 399 55.32 1.02 49.60
C GLU A 399 55.62 -0.40 50.13
N VAL A 400 56.15 -0.43 51.35
CA VAL A 400 56.41 -1.67 52.12
C VAL A 400 55.24 -2.68 52.02
N THR A 401 54.06 -2.21 52.37
CA THR A 401 52.81 -3.00 52.30
C THR A 401 52.63 -3.71 50.95
N ILE A 402 52.64 -2.90 49.89
CA ILE A 402 52.39 -3.40 48.54
C ILE A 402 53.51 -4.35 48.14
N ARG A 403 54.76 -3.96 48.39
CA ARG A 403 55.92 -4.86 48.16
C ARG A 403 55.64 -6.23 48.79
N GLU A 404 55.33 -6.18 50.08
CA GLU A 404 55.01 -7.40 50.84
C GLU A 404 53.89 -8.21 50.19
N ALA A 405 52.79 -7.54 49.81
CA ALA A 405 51.69 -8.21 49.08
C ALA A 405 52.17 -8.93 47.81
N LEU A 406 52.89 -8.16 46.99
CA LEU A 406 53.49 -8.70 45.78
C LEU A 406 54.34 -9.91 46.07
N ARG A 407 55.20 -9.84 47.07
CA ARG A 407 56.07 -11.00 47.38
C ARG A 407 55.21 -12.28 47.54
N GLU A 408 54.18 -12.20 48.36
CA GLU A 408 53.37 -13.39 48.64
C GLU A 408 52.53 -13.78 47.42
N LEU A 409 52.08 -12.78 46.67
CA LEU A 409 51.48 -13.04 45.35
C LEU A 409 52.39 -13.86 44.45
N ASP A 410 53.67 -13.50 44.48
CA ASP A 410 54.68 -14.14 43.68
C ASP A 410 54.83 -15.56 44.18
N LEU A 411 54.91 -15.70 45.51
CA LEU A 411 55.02 -17.01 46.16
C LEU A 411 53.86 -17.94 45.78
N TRP A 412 52.65 -17.38 45.70
CA TRP A 412 51.49 -18.14 45.22
C TRP A 412 51.74 -18.87 43.90
N GLY A 413 52.38 -18.15 42.98
CA GLY A 413 52.55 -18.60 41.60
C GLY A 413 52.95 -20.06 41.52
N VAL A 414 54.14 -20.37 42.01
CA VAL A 414 54.61 -21.77 42.03
C VAL A 414 53.70 -22.67 42.86
N GLY A 415 53.13 -22.14 43.93
CA GLY A 415 52.26 -22.90 44.85
C GLY A 415 51.00 -23.42 44.19
N ALA A 416 50.49 -22.66 43.23
CA ALA A 416 49.33 -23.09 42.45
C ALA A 416 49.47 -24.45 41.75
N VAL A 417 48.52 -25.37 41.97
CA VAL A 417 48.54 -26.75 41.41
C VAL A 417 47.12 -27.33 41.38
N PHE A 418 46.96 -28.57 40.95
CA PHE A 418 45.62 -29.10 40.67
C PHE A 418 45.10 -30.23 41.55
N THR A 419 43.78 -30.45 41.48
CA THR A 419 43.11 -31.66 41.98
C THR A 419 42.77 -32.64 40.85
N LEU A 420 43.64 -33.61 40.61
CA LEU A 420 43.49 -34.53 39.49
C LEU A 420 42.89 -35.85 39.96
N ILE A 421 41.85 -36.29 39.24
CA ILE A 421 41.00 -37.40 39.63
C ILE A 421 40.69 -38.30 38.43
N ASP A 422 40.78 -39.60 38.65
CA ASP A 422 40.65 -40.57 37.57
C ASP A 422 39.19 -40.76 37.18
N TYR A 423 39.00 -41.21 35.94
CA TYR A 423 37.67 -41.45 35.40
C TYR A 423 37.64 -42.44 34.23
N GLU A 424 36.60 -43.26 34.24
CA GLU A 424 36.42 -44.32 33.25
C GLU A 424 35.22 -44.00 32.37
N ASP A 425 35.16 -44.63 31.21
CA ASP A 425 34.32 -44.20 30.11
C ASP A 425 33.26 -45.20 29.69
N SER A 426 32.49 -44.82 28.68
CA SER A 426 31.65 -45.77 27.98
C SER A 426 32.57 -46.70 27.22
N GLN A 427 33.55 -46.11 26.55
CA GLN A 427 34.63 -46.87 25.95
C GLN A 427 35.67 -46.88 27.03
N SER A 428 35.55 -47.84 27.93
CA SER A 428 36.25 -47.82 29.20
C SER A 428 37.72 -47.47 29.05
N ARG A 429 38.13 -46.41 29.71
CA ARG A 429 39.50 -45.93 29.70
C ARG A 429 39.66 -45.33 31.05
N THR A 430 40.79 -44.70 31.30
CA THR A 430 40.98 -44.01 32.56
C THR A 430 41.67 -42.70 32.31
N MET A 431 41.16 -41.64 32.90
CA MET A 431 41.80 -40.34 32.77
C MET A 431 41.85 -39.54 34.04
N LYS A 432 42.95 -38.83 34.23
CA LYS A 432 43.01 -37.78 35.25
C LYS A 432 42.23 -36.58 34.73
N LEU A 433 41.53 -35.91 35.66
CA LEU A 433 40.62 -34.78 35.37
C LEU A 433 40.52 -33.85 36.58
N ILE A 434 40.14 -32.60 36.35
CA ILE A 434 40.07 -31.60 37.44
C ILE A 434 38.82 -31.65 38.35
N LYS A 435 39.02 -31.46 39.66
CA LYS A 435 37.90 -31.30 40.61
C LYS A 435 37.96 -29.96 41.30
N ASP A 436 36.88 -29.63 41.99
CA ASP A 436 36.78 -28.41 42.82
C ASP A 436 37.13 -27.13 42.02
N TRP A 437 36.79 -27.17 40.74
CA TRP A 437 37.00 -26.07 39.81
C TRP A 437 36.78 -24.71 40.44
N LYS A 438 35.58 -24.54 40.98
CA LYS A 438 35.13 -23.27 41.52
C LYS A 438 36.12 -22.79 42.58
N ASP A 439 36.53 -23.72 43.45
CA ASP A 439 37.53 -23.42 44.46
C ASP A 439 38.76 -22.82 43.80
N ILE A 440 39.21 -23.47 42.74
CA ILE A 440 40.40 -23.03 42.03
C ILE A 440 40.23 -21.67 41.36
N VAL A 441 39.09 -21.46 40.73
CA VAL A 441 38.82 -20.21 40.00
C VAL A 441 38.68 -19.03 40.95
N ASN A 442 38.05 -19.30 42.08
CA ASN A 442 37.95 -18.26 43.06
C ASN A 442 39.32 -17.67 43.32
N GLN A 443 40.34 -18.51 43.31
CA GLN A 443 41.70 -18.03 43.54
C GLN A 443 41.93 -16.87 42.59
N VAL A 444 41.74 -17.17 41.32
CA VAL A 444 41.91 -16.21 40.24
C VAL A 444 41.10 -14.97 40.51
N GLY A 445 39.80 -15.16 40.70
CA GLY A 445 38.92 -14.00 40.90
C GLY A 445 39.50 -13.09 41.97
N ASP A 446 39.77 -13.71 43.12
CA ASP A 446 40.18 -13.00 44.32
C ASP A 446 41.50 -12.29 44.12
N ASN A 447 42.46 -13.01 43.57
CA ASN A 447 43.77 -12.44 43.37
C ASN A 447 43.74 -11.32 42.35
N ARG A 448 42.94 -11.51 41.30
CA ARG A 448 42.83 -10.51 40.22
C ARG A 448 42.16 -9.24 40.75
N CYS A 449 41.05 -9.43 41.46
CA CYS A 449 40.39 -8.29 42.08
C CYS A 449 41.37 -7.63 43.06
N LEU A 450 42.18 -8.44 43.74
CA LEU A 450 43.23 -7.91 44.61
C LEU A 450 44.14 -6.99 43.80
N LEU A 451 44.68 -7.49 42.70
CA LEU A 451 45.49 -6.66 41.82
C LEU A 451 44.85 -5.32 41.59
N GLN A 452 43.64 -5.34 41.06
CA GLN A 452 43.04 -4.09 40.72
C GLN A 452 42.79 -3.23 41.94
N SER A 453 42.55 -3.87 43.08
CA SER A 453 42.48 -3.15 44.35
C SER A 453 43.79 -2.42 44.60
N LEU A 454 44.88 -3.13 44.33
CA LEU A 454 46.23 -2.57 44.50
C LEU A 454 46.46 -1.40 43.57
N LYS A 455 46.05 -1.56 42.31
CA LYS A 455 46.24 -0.48 41.32
C LYS A 455 45.87 0.91 41.82
N ASP A 456 44.86 0.99 42.69
CA ASP A 456 44.36 2.29 43.16
C ASP A 456 45.24 2.97 44.21
N SER A 457 45.90 2.19 45.07
CA SER A 457 46.82 2.80 46.05
C SER A 457 47.92 3.59 45.32
N PRO A 458 48.40 4.70 45.92
CA PRO A 458 49.49 5.44 45.25
C PRO A 458 50.76 4.62 45.11
N TYR A 459 51.16 4.02 46.22
CA TYR A 459 52.39 3.24 46.33
C TYR A 459 52.49 2.13 45.28
N TYR A 460 51.36 1.84 44.61
CA TYR A 460 51.34 1.04 43.38
C TYR A 460 52.43 1.46 42.41
N LYS A 461 52.53 2.77 42.17
CA LYS A 461 53.38 3.30 41.11
C LYS A 461 54.75 2.62 41.03
N GLY A 462 55.48 2.71 42.13
CA GLY A 462 56.82 2.15 42.27
C GLY A 462 56.95 0.74 41.75
N PHE A 463 55.90 -0.07 41.93
CA PHE A 463 55.96 -1.49 41.54
C PHE A 463 55.09 -1.79 40.30
N GLU A 464 54.73 -0.76 39.54
CA GLU A 464 53.74 -0.91 38.44
C GLU A 464 54.02 -2.04 37.43
N ASP A 465 55.29 -2.20 37.06
CA ASP A 465 55.67 -3.13 35.98
C ASP A 465 55.30 -4.58 36.29
N LYS A 466 55.47 -5.00 37.54
CA LYS A 466 55.09 -6.35 37.94
C LYS A 466 53.59 -6.58 37.87
N VAL A 467 52.82 -5.54 38.14
CA VAL A 467 51.38 -5.66 38.09
C VAL A 467 50.92 -6.10 36.70
N SER A 468 51.54 -5.54 35.66
CA SER A 468 51.17 -5.80 34.27
C SER A 468 51.29 -7.28 33.92
N ILE A 469 52.38 -7.90 34.40
CA ILE A 469 52.62 -9.35 34.24
C ILE A 469 51.38 -10.09 34.67
N TRP A 470 51.01 -9.84 35.92
CA TRP A 470 50.04 -10.65 36.61
C TRP A 470 48.68 -10.35 36.08
N GLU A 471 48.43 -9.07 35.81
CA GLU A 471 47.19 -8.63 35.19
C GLU A 471 47.01 -9.36 33.89
N ARG A 472 47.99 -9.23 33.01
CA ARG A 472 47.95 -9.96 31.74
C ARG A 472 47.63 -11.42 31.99
N LYS A 473 48.53 -12.05 32.73
CA LYS A 473 48.57 -13.49 32.83
C LYS A 473 47.29 -14.03 33.40
N LEU A 474 46.80 -13.38 34.45
CA LEU A 474 45.56 -13.75 35.09
C LEU A 474 44.39 -13.50 34.17
N ALA A 475 44.34 -12.30 33.63
CA ALA A 475 43.26 -11.93 32.73
C ALA A 475 43.11 -13.01 31.69
N GLU A 476 44.25 -13.41 31.13
CA GLU A 476 44.26 -14.50 30.17
C GLU A 476 43.90 -15.84 30.79
N LEU A 477 44.31 -16.02 32.02
CA LEU A 477 44.18 -17.30 32.66
C LEU A 477 42.74 -17.62 32.98
N ASP A 478 42.02 -16.68 33.52
CA ASP A 478 40.61 -16.93 33.78
C ASP A 478 39.94 -17.39 32.49
N GLU A 479 40.26 -16.73 31.38
CA GLU A 479 39.69 -17.07 30.06
C GLU A 479 39.99 -18.53 29.74
N TYR A 480 41.25 -18.92 29.85
CA TYR A 480 41.66 -20.28 29.54
C TYR A 480 40.95 -21.30 30.44
N LEU A 481 40.96 -20.96 31.72
CA LEU A 481 40.43 -21.81 32.73
C LEU A 481 38.99 -22.08 32.50
N GLN A 482 38.28 -20.98 32.36
CA GLN A 482 36.87 -20.98 32.25
C GLN A 482 36.51 -21.92 31.12
N ASN A 483 37.20 -21.79 29.98
CA ASN A 483 36.87 -22.60 28.81
C ASN A 483 36.93 -24.05 29.08
N LEU A 484 37.95 -24.40 29.84
CA LEU A 484 38.27 -25.76 29.97
C LEU A 484 37.22 -26.57 30.69
N ASN A 485 36.62 -26.02 31.75
CA ASN A 485 35.63 -26.84 32.42
C ASN A 485 34.45 -27.05 31.49
N HIS A 486 34.12 -26.06 30.66
CA HIS A 486 33.00 -26.22 29.71
C HIS A 486 33.31 -27.37 28.84
N ILE A 487 34.55 -27.37 28.37
CA ILE A 487 35.02 -28.40 27.50
C ILE A 487 34.85 -29.75 28.18
N GLN A 488 35.39 -29.83 29.38
CA GLN A 488 35.41 -31.05 30.19
C GLN A 488 34.00 -31.60 30.34
N ARG A 489 33.12 -30.74 30.86
CA ARG A 489 31.77 -31.10 31.19
C ARG A 489 31.03 -31.47 29.93
N LYS A 490 31.36 -30.83 28.83
CA LYS A 490 30.74 -31.24 27.59
C LYS A 490 31.21 -32.60 27.13
N TRP A 491 32.50 -32.86 27.28
CA TRP A 491 33.05 -34.15 26.89
C TRP A 491 32.46 -35.29 27.72
N VAL A 492 32.38 -35.02 29.01
CA VAL A 492 31.82 -35.94 29.96
C VAL A 492 30.52 -36.50 29.44
N TYR A 493 29.70 -35.61 28.86
CA TYR A 493 28.38 -35.96 28.38
C TYR A 493 28.41 -36.51 27.02
N LEU A 494 29.19 -35.90 26.14
CA LEU A 494 29.18 -36.33 24.74
C LEU A 494 29.92 -37.66 24.46
N GLU A 495 30.97 -37.96 25.23
CA GLU A 495 31.76 -39.15 24.96
C GLU A 495 30.99 -40.43 25.13
N PRO A 496 30.25 -40.54 26.25
CA PRO A 496 29.30 -41.63 26.39
C PRO A 496 28.32 -41.64 25.27
N ILE A 497 28.01 -40.47 24.76
CA ILE A 497 27.00 -40.38 23.77
C ILE A 497 27.59 -40.74 22.45
N PHE A 498 28.83 -40.40 22.24
CA PHE A 498 29.47 -40.75 20.99
C PHE A 498 29.99 -42.18 20.97
N GLY A 499 30.04 -42.80 22.14
CA GLY A 499 30.26 -44.23 22.25
C GLY A 499 29.11 -45.06 21.68
N ARG A 500 27.89 -44.72 22.07
CA ARG A 500 26.67 -45.43 21.62
C ARG A 500 26.18 -45.10 20.18
N GLY A 501 25.93 -43.82 19.89
CA GLY A 501 25.59 -43.39 18.53
C GLY A 501 26.86 -43.22 17.71
N ALA A 502 27.33 -44.33 17.15
CA ALA A 502 28.63 -44.39 16.47
C ALA A 502 28.50 -44.42 14.93
N LEU A 503 28.21 -43.26 14.37
CA LEU A 503 28.28 -43.00 12.93
C LEU A 503 29.74 -42.61 12.68
N PRO A 504 30.55 -43.44 11.98
CA PRO A 504 32.01 -43.17 11.98
C PRO A 504 32.39 -41.76 11.49
N LYS A 505 31.58 -41.21 10.59
CA LYS A 505 31.77 -39.86 10.05
C LYS A 505 31.44 -38.76 11.07
N GLU A 506 30.52 -39.05 11.98
CA GLU A 506 30.28 -38.17 13.12
C GLU A 506 31.35 -38.39 14.19
N GLN A 507 31.81 -39.64 14.29
CA GLN A 507 32.84 -40.01 15.24
C GLN A 507 34.11 -39.29 14.88
N THR A 508 34.39 -39.12 13.58
CA THR A 508 35.55 -38.31 13.18
C THR A 508 35.58 -36.96 13.93
N ARG A 509 34.47 -36.25 13.78
CA ARG A 509 34.25 -34.97 14.41
C ARG A 509 34.62 -35.06 15.88
N PHE A 510 33.94 -35.93 16.60
CA PHE A 510 34.14 -35.99 18.02
C PHE A 510 35.50 -36.57 18.37
N ASN A 511 35.90 -37.62 17.69
CA ASN A 511 37.13 -38.30 18.02
C ASN A 511 38.28 -37.34 17.90
N ARG A 512 38.26 -36.50 16.85
CA ARG A 512 39.33 -35.51 16.76
C ARG A 512 39.39 -34.68 18.01
N VAL A 513 38.24 -34.32 18.51
CA VAL A 513 38.22 -33.53 19.69
C VAL A 513 38.74 -34.33 20.88
N ASP A 514 38.28 -35.56 21.03
CA ASP A 514 38.65 -36.37 22.18
C ASP A 514 40.15 -36.45 22.20
N GLU A 515 40.67 -36.80 21.05
CA GLU A 515 42.09 -36.86 20.82
C GLU A 515 42.72 -35.53 21.25
N ASP A 516 42.21 -34.43 20.69
CA ASP A 516 42.79 -33.09 20.92
C ASP A 516 42.79 -32.68 22.40
N PHE A 517 41.81 -33.20 23.11
CA PHE A 517 41.55 -32.86 24.48
C PHE A 517 42.49 -33.65 25.34
N ARG A 518 42.39 -34.96 25.19
CA ARG A 518 43.17 -35.90 25.96
C ARG A 518 44.62 -35.50 25.78
N SER A 519 44.99 -35.31 24.52
CA SER A 519 46.31 -34.81 24.16
C SER A 519 46.87 -33.75 25.13
N ILE A 520 46.28 -32.56 25.14
CA ILE A 520 46.83 -31.49 25.98
C ILE A 520 46.55 -31.76 27.47
N MET A 521 45.40 -32.32 27.77
CA MET A 521 45.13 -32.91 29.08
C MET A 521 46.35 -33.63 29.69
N THR A 522 46.91 -34.59 28.95
CA THR A 522 48.04 -35.34 29.48
C THR A 522 49.25 -34.46 29.75
N ASP A 523 49.38 -33.35 29.00
CA ASP A 523 50.47 -32.41 29.27
C ASP A 523 50.38 -31.93 30.71
N ILE A 524 49.15 -31.92 31.22
CA ILE A 524 48.88 -31.50 32.59
C ILE A 524 48.80 -32.66 33.56
N LYS A 525 48.34 -33.81 33.10
CA LYS A 525 48.46 -35.00 33.95
C LYS A 525 49.93 -35.11 34.35
N LYS A 526 50.75 -35.04 33.31
CA LYS A 526 52.20 -35.01 33.41
C LYS A 526 52.61 -33.79 34.25
N ASP A 527 52.27 -32.60 33.79
CA ASP A 527 52.60 -31.38 34.53
C ASP A 527 51.44 -30.97 35.45
N ASN A 528 51.49 -31.45 36.67
CA ASN A 528 50.46 -31.18 37.69
C ASN A 528 50.10 -29.71 37.94
N ARG A 529 51.07 -28.82 37.76
CA ARG A 529 50.90 -27.41 38.11
C ARG A 529 50.05 -26.61 37.12
N VAL A 530 49.48 -25.52 37.60
CA VAL A 530 48.60 -24.68 36.80
C VAL A 530 49.29 -23.59 35.98
N THR A 531 50.27 -22.95 36.56
CA THR A 531 50.88 -21.80 35.92
C THR A 531 51.39 -22.11 34.52
N THR A 532 51.83 -23.36 34.34
CA THR A 532 52.27 -23.89 33.06
C THR A 532 51.28 -23.74 31.93
N LEU A 533 50.01 -23.61 32.28
CA LEU A 533 48.99 -23.71 31.26
C LEU A 533 48.97 -22.52 30.34
N THR A 534 49.43 -21.39 30.83
CA THR A 534 49.69 -20.25 29.98
C THR A 534 50.92 -20.42 29.14
N THR A 535 51.85 -21.24 29.59
CA THR A 535 53.07 -21.48 28.84
C THR A 535 52.79 -22.30 27.59
N HIS A 536 51.86 -23.25 27.67
CA HIS A 536 51.48 -24.03 26.48
C HIS A 536 51.15 -23.09 25.30
N ALA A 537 51.52 -23.51 24.11
CA ALA A 537 51.48 -22.63 22.96
C ALA A 537 50.26 -22.90 22.12
N GLY A 538 49.66 -21.82 21.62
CA GLY A 538 48.50 -21.90 20.77
C GLY A 538 47.28 -22.41 21.51
N ILE A 539 47.35 -22.48 22.84
CA ILE A 539 46.25 -23.03 23.65
C ILE A 539 45.05 -22.16 23.48
N ARG A 540 45.29 -20.88 23.29
CA ARG A 540 44.20 -20.02 23.17
C ARG A 540 43.44 -20.58 22.03
N ASN A 541 44.08 -20.70 20.89
CA ASN A 541 43.34 -21.03 19.69
C ASN A 541 42.86 -22.44 19.72
N SER A 542 43.58 -23.29 20.45
CA SER A 542 43.22 -24.70 20.67
C SER A 542 41.85 -24.73 21.30
N LEU A 543 41.77 -24.08 22.44
CA LEU A 543 40.57 -24.11 23.23
C LEU A 543 39.45 -23.65 22.36
N LEU A 544 39.66 -22.52 21.71
CA LEU A 544 38.58 -21.81 21.06
C LEU A 544 38.05 -22.61 19.85
N THR A 545 38.97 -23.26 19.15
CA THR A 545 38.59 -24.11 18.04
C THR A 545 37.78 -25.33 18.51
N ILE A 546 38.18 -25.88 19.65
CA ILE A 546 37.48 -27.04 20.21
C ILE A 546 36.00 -26.75 20.44
N LEU A 547 35.77 -25.67 21.15
CA LEU A 547 34.44 -25.32 21.55
C LEU A 547 33.59 -25.20 20.31
N ASP A 548 34.20 -24.70 19.25
CA ASP A 548 33.51 -24.52 17.99
C ASP A 548 33.15 -25.88 17.40
N GLN A 549 34.04 -26.84 17.54
CA GLN A 549 33.73 -28.19 17.13
C GLN A 549 32.59 -28.82 17.94
N LEU A 550 32.64 -28.56 19.23
CA LEU A 550 31.56 -29.05 20.05
C LEU A 550 30.25 -28.42 19.67
N GLN A 551 30.30 -27.14 19.33
CA GLN A 551 29.13 -26.50 18.76
C GLN A 551 28.60 -27.35 17.62
N ARG A 552 29.51 -27.80 16.76
CA ARG A 552 29.08 -28.36 15.49
C ARG A 552 28.60 -29.80 15.62
N CYS A 553 29.25 -30.58 16.47
CA CYS A 553 28.73 -31.94 16.69
C CYS A 553 27.32 -31.89 17.29
N GLN A 554 27.14 -30.94 18.19
CA GLN A 554 25.82 -30.71 18.70
C GLN A 554 24.80 -30.62 17.61
N ARG A 555 25.12 -29.88 16.56
CA ARG A 555 24.19 -29.72 15.45
C ARG A 555 23.82 -31.04 14.81
N SER A 556 24.76 -31.98 14.76
CA SER A 556 24.45 -33.30 14.21
C SER A 556 23.41 -33.99 15.10
N LEU A 557 23.65 -33.86 16.39
CA LEU A 557 22.79 -34.48 17.36
C LEU A 557 21.38 -33.95 17.28
N ASN A 558 21.17 -32.77 16.67
CA ASN A 558 19.85 -32.12 16.68
C ASN A 558 18.78 -33.02 16.14
N GLU A 559 19.08 -33.61 15.00
CA GLU A 559 18.22 -34.62 14.44
C GLU A 559 17.85 -35.66 15.52
N PHE A 560 18.90 -36.15 16.15
CA PHE A 560 18.83 -37.16 17.20
C PHE A 560 18.07 -36.77 18.48
N LEU A 561 18.20 -35.54 18.93
CA LEU A 561 17.65 -35.16 20.20
C LEU A 561 16.12 -35.21 20.10
N GLU A 562 15.60 -34.81 18.95
CA GLU A 562 14.15 -34.80 18.75
C GLU A 562 13.57 -36.20 18.73
N GLU A 563 14.32 -37.14 18.17
CA GLU A 563 13.89 -38.53 18.17
C GLU A 563 13.87 -39.08 19.60
N LYS A 564 14.71 -38.50 20.46
CA LYS A 564 14.71 -38.85 21.89
C LYS A 564 13.65 -38.11 22.68
N ARG A 565 13.25 -36.94 22.22
CA ARG A 565 12.06 -36.31 22.78
C ARG A 565 10.78 -37.01 22.32
N SER A 566 10.76 -37.59 21.12
CA SER A 566 9.63 -38.44 20.70
C SER A 566 9.58 -39.70 21.54
N ALA A 567 10.76 -40.28 21.76
CA ALA A 567 10.95 -41.45 22.63
C ALA A 567 10.47 -41.22 24.07
N PHE A 568 10.44 -39.94 24.49
CA PHE A 568 9.94 -39.57 25.80
C PHE A 568 9.57 -38.07 25.84
N PRO A 569 8.31 -37.75 26.10
CA PRO A 569 7.83 -36.39 25.81
C PRO A 569 8.16 -35.30 26.83
N ARG A 570 8.31 -35.61 28.10
CA ARG A 570 8.59 -34.53 29.05
C ARG A 570 9.86 -33.76 28.70
N PHE A 571 10.70 -34.39 27.91
CA PHE A 571 11.89 -33.74 27.40
C PHE A 571 11.58 -32.47 26.59
N TYR A 572 10.43 -32.43 25.95
CA TYR A 572 10.11 -31.31 25.07
C TYR A 572 10.25 -29.98 25.77
N PHE A 573 10.16 -29.98 27.09
CA PHE A 573 10.24 -28.73 27.85
C PHE A 573 11.51 -28.59 28.67
N ILE A 574 12.56 -29.24 28.17
CA ILE A 574 13.87 -29.18 28.78
C ILE A 574 14.88 -28.81 27.73
N GLY A 575 15.90 -28.08 28.17
CA GLY A 575 16.97 -27.64 27.28
C GLY A 575 17.84 -28.77 26.75
N ASP A 576 18.28 -28.65 25.50
CA ASP A 576 19.15 -29.65 24.91
C ASP A 576 20.38 -29.73 25.78
N ASP A 577 20.81 -28.56 26.23
CA ASP A 577 22.05 -28.45 26.92
C ASP A 577 22.00 -29.43 28.07
N ASP A 578 20.90 -29.39 28.79
CA ASP A 578 20.71 -30.26 29.95
C ASP A 578 20.44 -31.70 29.51
N LEU A 579 19.66 -31.83 28.45
CA LEU A 579 19.16 -33.10 28.00
C LEU A 579 20.29 -34.05 27.73
N LEU A 580 21.24 -33.63 26.91
CA LEU A 580 22.30 -34.53 26.60
C LEU A 580 23.02 -34.95 27.89
N GLU A 581 23.04 -34.13 28.93
CA GLU A 581 23.71 -34.55 30.17
C GLU A 581 23.06 -35.80 30.67
N ILE A 582 21.75 -35.80 30.60
CA ILE A 582 20.99 -36.86 31.18
C ILE A 582 21.01 -38.06 30.26
N LEU A 583 20.92 -37.79 28.98
CA LEU A 583 21.06 -38.86 28.03
C LEU A 583 22.42 -39.58 28.22
N GLY A 584 23.48 -38.80 28.29
CA GLY A 584 24.84 -39.31 28.33
C GLY A 584 25.13 -39.97 29.65
N GLN A 585 24.86 -39.25 30.74
CA GLN A 585 25.07 -39.74 32.11
C GLN A 585 23.78 -40.18 32.80
N SER A 586 23.25 -41.34 32.37
CA SER A 586 22.04 -41.95 32.95
C SER A 586 22.26 -42.37 34.40
N THR A 587 23.49 -42.80 34.69
CA THR A 587 23.82 -43.43 35.96
C THR A 587 23.99 -42.44 37.12
N ASN A 588 24.28 -41.19 36.80
CA ASN A 588 24.92 -40.33 37.76
C ASN A 588 23.95 -39.71 38.74
N PRO A 589 24.13 -39.99 40.06
CA PRO A 589 23.30 -39.44 41.13
C PRO A 589 23.12 -37.93 41.15
N SER A 590 24.22 -37.19 41.26
CA SER A 590 24.13 -35.74 41.40
C SER A 590 23.48 -35.13 40.15
N VAL A 591 23.78 -35.70 38.99
CA VAL A 591 23.11 -35.35 37.73
C VAL A 591 21.62 -35.62 37.89
N ILE A 592 21.30 -36.83 38.29
CA ILE A 592 19.92 -37.23 38.51
C ILE A 592 19.17 -36.22 39.37
N GLN A 593 19.62 -36.02 40.62
CA GLN A 593 18.94 -35.11 41.55
C GLN A 593 18.83 -33.68 41.01
N SER A 594 19.94 -33.18 40.50
CA SER A 594 20.00 -31.82 39.95
C SER A 594 19.26 -31.65 38.61
N HIS A 595 18.85 -32.74 37.98
CA HIS A 595 18.05 -32.64 36.73
C HIS A 595 16.72 -33.37 36.73
N LEU A 596 16.29 -33.80 37.91
CA LEU A 596 15.04 -34.51 38.02
C LEU A 596 13.84 -33.60 38.17
N LYS A 597 13.93 -32.70 39.14
CA LYS A 597 12.83 -31.77 39.41
C LYS A 597 12.38 -31.09 38.14
N LYS A 598 13.34 -30.50 37.43
CA LYS A 598 13.05 -29.77 36.19
C LYS A 598 12.37 -30.64 35.16
N LEU A 599 12.51 -31.95 35.31
CA LEU A 599 11.77 -32.82 34.45
C LEU A 599 10.38 -33.09 35.01
N PHE A 600 10.32 -33.43 36.30
CA PHE A 600 9.07 -33.88 36.90
C PHE A 600 8.53 -32.97 37.97
N ALA A 601 7.24 -32.70 37.86
CA ALA A 601 6.59 -31.66 38.62
C ALA A 601 6.94 -31.78 40.09
N GLY A 602 6.78 -32.99 40.61
CA GLY A 602 6.70 -33.11 42.03
C GLY A 602 8.02 -33.15 42.75
N ILE A 603 9.02 -33.75 42.13
CA ILE A 603 10.09 -34.37 42.89
C ILE A 603 11.33 -33.52 42.91
N ASN A 604 11.57 -32.87 44.04
CA ASN A 604 12.83 -32.17 44.18
C ASN A 604 13.94 -33.21 44.06
N SER A 605 13.89 -34.18 44.95
CA SER A 605 14.98 -35.11 45.14
C SER A 605 14.44 -36.50 45.31
N VAL A 606 15.34 -37.46 45.35
CA VAL A 606 15.02 -38.86 45.52
C VAL A 606 15.96 -39.56 46.52
N CYS A 607 15.45 -40.57 47.22
CA CYS A 607 16.30 -41.42 48.05
C CYS A 607 17.07 -42.41 47.15
N PHE A 608 18.20 -42.87 47.65
CA PHE A 608 19.03 -43.79 46.93
C PHE A 608 19.37 -44.96 47.80
N ASP A 609 19.20 -46.15 47.25
CA ASP A 609 19.70 -47.31 47.93
C ASP A 609 21.23 -47.21 48.00
N GLU A 610 21.80 -47.77 49.06
CA GLU A 610 23.25 -47.77 49.23
C GLU A 610 23.97 -48.29 47.98
N LYS A 611 23.36 -49.26 47.30
CA LYS A 611 23.91 -49.82 46.06
C LYS A 611 23.88 -48.84 44.86
N SER A 612 22.99 -47.85 44.91
CA SER A 612 22.79 -46.89 43.81
C SER A 612 22.27 -47.59 42.55
N LYS A 613 21.68 -48.77 42.73
CA LYS A 613 21.07 -49.45 41.62
C LYS A 613 19.60 -49.00 41.57
N HIS A 614 19.01 -48.81 42.74
CA HIS A 614 17.58 -48.58 42.88
C HIS A 614 17.28 -47.38 43.79
N ILE A 615 16.00 -46.99 43.82
CA ILE A 615 15.49 -45.87 44.62
C ILE A 615 14.21 -46.30 45.36
N THR A 616 14.19 -46.06 46.67
CA THR A 616 13.10 -46.53 47.55
C THR A 616 12.04 -45.46 47.74
N ALA A 617 12.33 -44.24 47.32
CA ALA A 617 11.55 -43.08 47.75
C ALA A 617 11.88 -41.81 46.96
N MET A 618 11.05 -40.78 47.15
CA MET A 618 11.21 -39.44 46.56
C MET A 618 10.86 -38.34 47.56
N LYS A 619 11.46 -37.18 47.36
CA LYS A 619 11.25 -36.06 48.25
C LYS A 619 10.50 -34.99 47.51
N SER A 620 9.68 -34.26 48.26
CA SER A 620 9.23 -32.95 47.82
C SER A 620 10.33 -31.96 48.17
N LEU A 621 10.30 -30.79 47.55
CA LEU A 621 11.20 -29.70 47.95
C LEU A 621 11.10 -29.47 49.45
N GLU A 622 9.86 -29.37 49.89
CA GLU A 622 9.52 -29.09 51.27
C GLU A 622 10.21 -30.09 52.18
N GLY A 623 10.40 -31.29 51.66
CA GLY A 623 11.14 -32.32 52.38
C GLY A 623 10.29 -33.56 52.58
N GLU A 624 8.97 -33.38 52.44
CA GLU A 624 8.03 -34.49 52.53
C GLU A 624 8.57 -35.68 51.76
N VAL A 625 8.84 -36.73 52.52
CA VAL A 625 9.45 -37.93 52.02
C VAL A 625 8.30 -38.85 51.64
N VAL A 626 8.49 -39.56 50.55
CA VAL A 626 7.48 -40.48 50.09
C VAL A 626 8.20 -41.75 49.72
N PRO A 627 7.71 -42.91 50.15
CA PRO A 627 8.34 -44.14 49.71
C PRO A 627 7.88 -44.56 48.31
N PHE A 628 8.56 -45.56 47.76
CA PHE A 628 8.14 -46.22 46.51
C PHE A 628 7.77 -47.67 46.77
N LYS A 629 6.54 -48.06 46.43
CA LYS A 629 6.05 -49.42 46.68
C LYS A 629 6.93 -50.49 46.02
N ASN A 630 7.30 -50.22 44.78
CA ASN A 630 8.25 -51.05 44.04
C ASN A 630 9.56 -50.26 43.81
N LYS A 631 10.71 -50.83 44.19
CA LYS A 631 11.99 -50.13 44.03
C LYS A 631 12.28 -49.81 42.56
N VAL A 632 13.13 -48.81 42.35
CA VAL A 632 13.43 -48.33 40.99
C VAL A 632 14.58 -49.06 40.28
N PRO A 633 14.37 -49.54 39.04
CA PRO A 633 15.49 -50.13 38.34
C PRO A 633 16.29 -49.12 37.53
N LEU A 634 17.46 -48.72 38.01
CA LEU A 634 18.31 -47.91 37.17
C LEU A 634 18.75 -48.75 35.97
N SER A 635 18.77 -48.12 34.80
CA SER A 635 19.03 -48.79 33.53
C SER A 635 19.91 -47.91 32.64
N ASN A 636 20.43 -48.53 31.59
CA ASN A 636 21.41 -47.89 30.70
C ASN A 636 20.73 -46.96 29.70
N ASN A 637 19.56 -47.37 29.23
CA ASN A 637 18.67 -46.52 28.45
C ASN A 637 17.80 -45.69 29.34
N VAL A 638 17.92 -44.39 29.18
CA VAL A 638 17.37 -43.46 30.14
C VAL A 638 15.84 -43.52 30.11
N GLU A 639 15.28 -43.29 28.92
CA GLU A 639 13.84 -43.37 28.69
C GLU A 639 13.23 -44.69 29.17
N THR A 640 13.96 -45.79 29.05
CA THR A 640 13.42 -47.10 29.43
C THR A 640 13.11 -47.15 30.90
N TRP A 641 14.01 -46.65 31.75
CA TRP A 641 13.71 -46.58 33.18
C TRP A 641 12.83 -45.38 33.54
N LEU A 642 13.03 -44.26 32.86
CA LEU A 642 12.15 -43.10 33.13
C LEU A 642 10.66 -43.36 33.00
N ASN A 643 10.33 -43.94 31.86
CA ASN A 643 8.97 -44.35 31.64
C ASN A 643 8.49 -45.22 32.83
N ASP A 644 9.40 -46.06 33.35
CA ASP A 644 9.07 -46.96 34.47
C ASP A 644 8.87 -46.14 35.76
N LEU A 645 9.64 -45.08 35.95
CA LEU A 645 9.50 -44.25 37.15
C LEU A 645 8.17 -43.61 37.22
N ALA A 646 7.78 -43.04 36.08
CA ALA A 646 6.46 -42.45 35.94
C ALA A 646 5.39 -43.43 36.43
N LEU A 647 5.46 -44.62 35.86
CA LEU A 647 4.45 -45.62 36.09
C LEU A 647 4.56 -46.21 37.46
N GLU A 648 5.77 -46.47 37.93
CA GLU A 648 5.95 -46.92 39.29
C GLU A 648 5.53 -45.84 40.28
N MET A 649 5.81 -44.58 39.97
CA MET A 649 5.32 -43.49 40.80
C MET A 649 3.79 -43.50 40.83
N LYS A 650 3.20 -43.71 39.67
CA LYS A 650 1.74 -43.75 39.56
C LYS A 650 1.12 -44.91 40.32
N LYS A 651 1.66 -46.11 40.09
CA LYS A 651 1.29 -47.31 40.82
C LYS A 651 1.45 -47.10 42.30
N THR A 652 2.55 -46.49 42.73
CA THR A 652 2.83 -46.20 44.14
C THR A 652 1.69 -45.31 44.64
N LEU A 653 1.46 -44.21 43.96
CA LEU A 653 0.34 -43.36 44.34
C LEU A 653 -0.99 -44.12 44.29
N GLU A 654 -1.15 -44.89 43.22
CA GLU A 654 -2.40 -45.60 42.95
C GLU A 654 -2.76 -46.54 44.09
N GLN A 655 -1.85 -47.46 44.41
CA GLN A 655 -2.04 -48.37 45.54
C GLN A 655 -2.09 -47.59 46.84
N LEU A 656 -1.23 -46.59 46.96
CA LEU A 656 -1.06 -45.87 48.21
C LEU A 656 -2.37 -45.24 48.59
N LEU A 657 -3.06 -44.66 47.62
CA LEU A 657 -4.37 -44.11 47.86
C LEU A 657 -5.33 -45.14 48.47
N LYS A 658 -5.69 -46.17 47.70
CA LYS A 658 -6.71 -47.16 48.13
C LYS A 658 -6.46 -47.75 49.52
N GLU A 659 -5.18 -47.96 49.82
CA GLU A 659 -4.70 -48.40 51.14
C GLU A 659 -5.25 -47.45 52.19
N CYS A 660 -4.92 -46.18 52.00
CA CYS A 660 -5.37 -45.08 52.85
C CYS A 660 -6.89 -44.96 52.92
N VAL A 661 -7.55 -45.01 51.76
CA VAL A 661 -9.01 -44.79 51.69
C VAL A 661 -9.73 -45.91 52.44
N THR A 662 -9.33 -47.15 52.17
CA THR A 662 -9.99 -48.30 52.78
C THR A 662 -9.98 -48.26 54.34
N THR A 663 -8.90 -47.76 54.93
CA THR A 663 -8.87 -47.55 56.39
C THR A 663 -9.84 -46.46 56.84
N GLY A 664 -9.97 -45.44 55.99
CA GLY A 664 -10.81 -44.27 56.29
C GLY A 664 -12.30 -44.48 56.10
N ARG A 665 -12.68 -45.33 55.15
CA ARG A 665 -14.10 -45.64 54.94
C ARG A 665 -14.69 -46.28 56.18
N SER A 666 -13.92 -47.19 56.77
CA SER A 666 -14.25 -47.79 58.08
C SER A 666 -14.28 -46.66 59.11
N SER A 667 -15.11 -46.82 60.14
CA SER A 667 -15.38 -45.75 61.09
C SER A 667 -14.10 -45.20 61.72
N GLN A 668 -13.15 -46.08 62.04
CA GLN A 668 -11.84 -45.66 62.56
C GLN A 668 -11.26 -44.63 61.62
N GLY A 669 -11.01 -43.41 62.13
CA GLY A 669 -10.41 -42.35 61.31
C GLY A 669 -9.08 -42.88 60.82
N ALA A 670 -8.74 -42.60 59.56
CA ALA A 670 -7.48 -43.12 58.99
C ALA A 670 -6.28 -42.64 59.78
N VAL A 671 -6.18 -41.31 59.90
CA VAL A 671 -5.16 -40.64 60.73
C VAL A 671 -3.81 -41.37 60.65
N ASP A 672 -3.22 -41.31 59.46
CA ASP A 672 -1.86 -41.79 59.20
C ASP A 672 -1.11 -40.59 58.66
N PRO A 673 -1.11 -39.51 59.45
CA PRO A 673 -0.58 -38.22 59.01
C PRO A 673 0.88 -38.37 58.63
N SER A 674 1.57 -39.14 59.45
CA SER A 674 2.94 -39.53 59.22
C SER A 674 3.05 -40.43 57.99
N LEU A 675 2.12 -41.38 57.82
CA LEU A 675 2.24 -42.37 56.74
C LEU A 675 2.04 -41.72 55.38
N PHE A 676 0.93 -41.02 55.21
CA PHE A 676 0.52 -40.59 53.87
C PHE A 676 0.87 -39.12 53.53
N PRO A 677 1.08 -38.82 52.22
CA PRO A 677 1.42 -37.47 51.76
C PRO A 677 0.20 -36.59 51.68
N SER A 678 0.34 -35.31 52.04
CA SER A 678 -0.83 -34.42 52.13
C SER A 678 -1.58 -34.38 50.80
N GLN A 679 -0.90 -34.65 49.71
CA GLN A 679 -1.60 -34.79 48.44
C GLN A 679 -2.76 -35.77 48.50
N ILE A 680 -2.46 -36.98 48.98
CA ILE A 680 -3.45 -38.06 49.05
C ILE A 680 -4.51 -37.87 50.10
N LEU A 681 -4.11 -37.30 51.23
CA LEU A 681 -5.02 -37.13 52.34
C LEU A 681 -6.21 -36.32 51.89
N CYS A 682 -5.91 -35.17 51.32
CA CYS A 682 -6.92 -34.25 50.88
C CYS A 682 -7.87 -34.98 49.97
N LEU A 683 -7.28 -35.65 48.98
CA LEU A 683 -8.04 -36.43 48.02
C LEU A 683 -8.93 -37.48 48.68
N ALA A 684 -8.34 -38.25 49.56
CA ALA A 684 -9.03 -39.36 50.17
C ALA A 684 -10.15 -38.83 51.04
N GLU A 685 -9.90 -37.73 51.72
CA GLU A 685 -10.90 -37.09 52.55
C GLU A 685 -12.02 -36.60 51.66
N GLN A 686 -11.66 -36.09 50.50
CA GLN A 686 -12.65 -35.51 49.58
C GLN A 686 -13.58 -36.50 48.90
N ILE A 687 -13.20 -37.78 48.86
CA ILE A 687 -14.15 -38.78 48.43
C ILE A 687 -15.01 -39.18 49.63
N LYS A 688 -14.40 -39.18 50.82
CA LYS A 688 -15.13 -39.43 52.08
C LYS A 688 -16.27 -38.44 52.18
N PHE A 689 -15.95 -37.17 51.95
CA PHE A 689 -16.99 -36.15 51.78
C PHE A 689 -18.06 -36.62 50.81
N THR A 690 -17.63 -37.02 49.62
CA THR A 690 -18.58 -37.34 48.56
C THR A 690 -19.54 -38.45 48.98
N GLU A 691 -18.98 -39.61 49.34
CA GLU A 691 -19.78 -40.77 49.73
C GLU A 691 -20.74 -40.39 50.85
N ASP A 692 -20.20 -39.77 51.90
CA ASP A 692 -21.00 -39.34 53.05
C ASP A 692 -22.25 -38.67 52.52
N VAL A 693 -22.02 -37.64 51.71
CA VAL A 693 -23.09 -36.78 51.22
C VAL A 693 -24.22 -37.56 50.53
N GLU A 694 -23.87 -38.42 49.58
CA GLU A 694 -24.90 -39.08 48.81
C GLU A 694 -25.72 -40.02 49.71
N ASN A 695 -25.04 -40.71 50.61
CA ASN A 695 -25.72 -41.44 51.69
C ASN A 695 -26.44 -40.49 52.62
N ALA A 696 -25.85 -39.32 52.81
CA ALA A 696 -26.41 -38.33 53.72
C ALA A 696 -27.80 -37.84 53.29
N ILE A 697 -27.91 -37.34 52.05
CA ILE A 697 -29.13 -36.64 51.60
C ILE A 697 -30.30 -37.58 51.64
N LYS A 698 -30.07 -38.81 51.21
CA LYS A 698 -31.10 -39.84 51.27
C LYS A 698 -31.65 -39.90 52.69
N ASP A 699 -30.77 -40.15 53.67
CA ASP A 699 -31.17 -40.35 55.07
C ASP A 699 -31.84 -39.11 55.62
N HIS A 700 -31.11 -38.01 55.55
CA HIS A 700 -31.49 -36.84 56.26
C HIS A 700 -30.64 -35.71 55.74
N SER A 701 -31.02 -34.48 56.01
CA SER A 701 -30.16 -33.31 55.75
C SER A 701 -28.78 -33.54 56.37
N LEU A 702 -28.79 -34.26 57.50
CA LEU A 702 -27.59 -34.69 58.19
C LEU A 702 -26.74 -33.51 58.51
N HIS A 703 -27.33 -32.67 59.33
CA HIS A 703 -26.60 -31.64 60.02
C HIS A 703 -25.63 -32.35 60.96
N GLN A 704 -25.96 -33.56 61.41
CA GLN A 704 -25.06 -34.33 62.29
C GLN A 704 -23.72 -34.55 61.60
N ILE A 705 -23.78 -34.83 60.29
CA ILE A 705 -22.58 -34.90 59.47
C ILE A 705 -21.82 -33.58 59.48
N GLU A 706 -22.53 -32.46 59.46
CA GLU A 706 -21.90 -31.15 59.52
C GLU A 706 -21.19 -30.99 60.85
N THR A 707 -21.90 -31.30 61.90
CA THR A 707 -21.36 -31.19 63.22
C THR A 707 -20.11 -32.06 63.38
N GLN A 708 -20.17 -33.26 62.82
CA GLN A 708 -19.00 -34.13 62.74
C GLN A 708 -17.83 -33.32 62.21
N LEU A 709 -18.09 -32.60 61.12
CA LEU A 709 -17.02 -31.90 60.45
C LEU A 709 -16.56 -30.70 61.24
N VAL A 710 -17.48 -30.04 61.94
CA VAL A 710 -17.10 -28.94 62.80
C VAL A 710 -16.24 -29.46 63.93
N ASN A 711 -16.59 -30.61 64.50
CA ASN A 711 -15.72 -31.25 65.49
C ASN A 711 -14.38 -31.67 64.93
N LYS A 712 -14.36 -32.19 63.69
CA LYS A 712 -13.10 -32.51 63.00
C LYS A 712 -12.22 -31.28 62.85
N LEU A 713 -12.79 -30.23 62.30
CA LEU A 713 -12.11 -28.96 62.21
C LEU A 713 -11.59 -28.54 63.57
N GLU A 714 -12.49 -28.57 64.55
CA GLU A 714 -12.19 -28.03 65.88
C GLU A 714 -11.04 -28.78 66.48
N GLN A 715 -11.06 -30.08 66.24
CA GLN A 715 -10.00 -31.00 66.60
C GLN A 715 -8.68 -30.53 65.98
N TYR A 716 -8.72 -30.20 64.70
CA TYR A 716 -7.52 -29.79 63.97
C TYR A 716 -6.95 -28.46 64.40
N THR A 717 -7.83 -27.50 64.70
CA THR A 717 -7.31 -26.18 65.09
C THR A 717 -6.49 -26.25 66.35
N ASN A 718 -6.92 -27.13 67.25
CA ASN A 718 -6.22 -27.40 68.51
C ASN A 718 -4.89 -28.10 68.28
N ILE A 719 -4.89 -29.01 67.31
CA ILE A 719 -3.66 -29.66 66.88
C ILE A 719 -2.71 -28.67 66.21
N ASP A 720 -3.26 -27.62 65.56
CA ASP A 720 -2.43 -26.51 64.98
C ASP A 720 -1.39 -25.97 65.98
N THR A 721 -1.82 -25.76 67.23
CA THR A 721 -0.91 -25.39 68.31
C THR A 721 0.07 -26.52 68.70
N SER A 722 -0.38 -27.78 68.60
CA SER A 722 0.49 -28.97 68.78
C SER A 722 1.52 -29.14 67.64
N SER A 723 1.27 -28.50 66.51
CA SER A 723 2.23 -28.44 65.38
C SER A 723 3.21 -27.26 65.47
N GLU A 724 3.07 -26.45 66.51
CA GLU A 724 3.97 -25.31 66.78
C GLU A 724 5.11 -25.72 67.71
N ASP A 725 4.83 -26.71 68.55
CA ASP A 725 5.80 -27.27 69.49
C ASP A 725 6.99 -27.95 68.80
N PRO A 726 6.73 -28.74 67.75
CA PRO A 726 7.76 -29.45 67.01
C PRO A 726 8.74 -28.47 66.36
N GLY A 727 8.21 -27.39 65.81
CA GLY A 727 9.05 -26.36 65.18
C GLY A 727 9.90 -26.97 64.09
N ASN A 728 11.21 -26.72 64.15
CA ASN A 728 12.14 -27.37 63.24
C ASN A 728 12.45 -28.76 63.76
N THR A 729 11.49 -29.66 63.57
CA THR A 729 11.52 -30.99 64.16
C THR A 729 12.66 -31.82 63.58
N GLU A 730 13.29 -32.61 64.44
CA GLU A 730 14.31 -33.54 64.00
C GLU A 730 13.66 -34.60 63.09
N SER A 731 14.33 -34.93 62.01
CA SER A 731 13.81 -35.89 61.00
C SER A 731 12.29 -35.77 60.81
N GLY A 732 11.76 -34.54 60.89
CA GLY A 732 10.31 -34.29 60.83
C GLY A 732 9.89 -33.19 59.86
N ILE A 733 8.68 -33.34 59.30
CA ILE A 733 8.19 -32.57 58.13
C ILE A 733 6.64 -32.61 58.09
N LEU A 734 5.99 -31.84 57.22
CA LEU A 734 4.53 -31.99 56.92
C LEU A 734 3.54 -31.49 57.98
N GLU A 735 4.01 -30.81 59.02
CA GLU A 735 3.10 -30.19 60.00
C GLU A 735 2.28 -29.06 59.37
N LEU A 736 2.83 -28.55 58.28
CA LEU A 736 2.13 -27.60 57.49
C LEU A 736 1.24 -28.34 56.49
N LYS A 737 1.52 -29.63 56.20
CA LYS A 737 0.55 -30.51 55.47
C LYS A 737 -0.79 -30.53 56.14
N LEU A 738 -0.78 -30.27 57.44
CA LEU A 738 -2.00 -30.05 58.19
C LEU A 738 -2.74 -28.85 57.64
N LYS A 739 -2.04 -27.71 57.55
CA LYS A 739 -2.64 -26.42 57.13
C LYS A 739 -3.34 -26.55 55.78
N ALA A 740 -2.76 -27.41 54.95
CA ALA A 740 -3.28 -27.73 53.64
C ALA A 740 -4.69 -28.24 53.79
N LEU A 741 -4.83 -29.29 54.56
CA LEU A 741 -6.08 -30.01 54.59
C LEU A 741 -7.22 -29.16 55.16
N ILE A 742 -6.87 -28.21 56.01
CA ILE A 742 -7.85 -27.42 56.75
C ILE A 742 -8.89 -26.79 55.82
N LEU A 743 -8.42 -26.33 54.67
CA LEU A 743 -9.25 -25.49 53.85
C LEU A 743 -10.25 -26.32 53.06
N ASP A 744 -9.86 -27.53 52.69
CA ASP A 744 -10.81 -28.43 52.06
C ASP A 744 -12.03 -28.52 52.96
N ILE A 745 -11.79 -28.91 54.20
CA ILE A 745 -12.85 -28.99 55.21
C ILE A 745 -13.74 -27.76 55.15
N ILE A 746 -13.14 -26.60 55.27
CA ILE A 746 -13.90 -25.40 55.44
C ILE A 746 -14.69 -25.04 54.18
N HIS A 747 -14.11 -25.32 53.02
CA HIS A 747 -14.86 -25.18 51.78
C HIS A 747 -16.06 -26.08 51.87
N ASN A 748 -15.80 -27.28 52.33
CA ASN A 748 -16.85 -28.26 52.43
C ASN A 748 -17.98 -27.80 53.34
N ILE A 749 -17.59 -27.17 54.43
CA ILE A 749 -18.55 -26.66 55.40
C ILE A 749 -19.47 -25.68 54.74
N ASP A 750 -18.92 -24.63 54.16
CA ASP A 750 -19.74 -23.62 53.50
C ASP A 750 -20.50 -24.23 52.32
N VAL A 751 -19.95 -25.25 51.66
CA VAL A 751 -20.71 -26.00 50.61
C VAL A 751 -21.98 -26.57 51.20
N VAL A 752 -21.78 -27.43 52.19
CA VAL A 752 -22.88 -28.12 52.83
C VAL A 752 -23.90 -27.13 53.41
N LYS A 753 -23.38 -26.11 54.05
CA LYS A 753 -24.18 -25.12 54.75
C LYS A 753 -25.21 -24.54 53.81
N GLN A 754 -24.81 -24.27 52.58
CA GLN A 754 -25.72 -23.72 51.59
C GLN A 754 -26.72 -24.76 51.19
N LEU A 755 -26.28 -26.00 51.07
CA LEU A 755 -27.18 -27.11 50.76
C LEU A 755 -28.26 -27.35 51.82
N ASN A 756 -27.89 -27.13 53.09
CA ASN A 756 -28.81 -27.33 54.21
C ASN A 756 -29.93 -26.27 54.17
N GLN A 757 -29.63 -25.10 53.63
CA GLN A 757 -30.64 -24.04 53.43
C GLN A 757 -31.54 -24.39 52.29
N ILE A 758 -31.01 -25.12 51.34
CA ILE A 758 -31.79 -25.57 50.23
C ILE A 758 -32.67 -26.74 50.62
N GLN A 759 -32.20 -27.55 51.57
CA GLN A 759 -32.95 -28.72 52.02
C GLN A 759 -33.22 -29.62 50.82
N VAL A 760 -32.11 -30.00 50.20
CA VAL A 760 -32.13 -30.61 48.89
C VAL A 760 -32.90 -31.94 48.84
N HIS A 761 -33.71 -32.08 47.79
CA HIS A 761 -34.69 -33.17 47.64
C HIS A 761 -34.06 -34.54 47.47
N THR A 762 -33.06 -34.64 46.61
CA THR A 762 -32.52 -35.96 46.25
C THR A 762 -30.98 -35.97 46.20
N THR A 763 -30.43 -37.16 46.08
CA THR A 763 -28.99 -37.33 46.03
C THR A 763 -28.47 -36.71 44.74
N GLU A 764 -29.14 -37.00 43.63
CA GLU A 764 -28.73 -36.49 42.32
C GLU A 764 -29.42 -35.18 41.92
N ASP A 765 -29.72 -34.36 42.91
CA ASP A 765 -30.21 -32.99 42.67
C ASP A 765 -29.10 -32.12 42.13
N TRP A 766 -29.48 -30.99 41.56
CA TRP A 766 -28.55 -30.21 40.77
C TRP A 766 -27.51 -29.45 41.56
N ALA A 767 -27.92 -28.77 42.61
CA ALA A 767 -26.95 -28.02 43.44
C ALA A 767 -25.83 -28.90 44.04
N TRP A 768 -26.05 -30.21 44.09
CA TRP A 768 -24.98 -31.15 44.41
C TRP A 768 -24.14 -31.44 43.18
N LYS A 769 -24.78 -31.62 42.03
CA LYS A 769 -24.06 -31.86 40.77
C LYS A 769 -23.11 -30.71 40.43
N LYS A 770 -23.58 -29.50 40.76
CA LYS A 770 -22.75 -28.33 40.80
C LYS A 770 -21.45 -28.69 41.48
N GLN A 771 -21.55 -29.17 42.71
CA GLN A 771 -20.36 -29.38 43.50
C GLN A 771 -19.42 -30.39 42.88
N LEU A 772 -18.17 -30.25 43.28
CA LEU A 772 -17.07 -30.95 42.67
C LEU A 772 -16.89 -32.25 43.39
N ARG A 773 -17.01 -33.33 42.62
CA ARG A 773 -17.24 -34.62 43.21
C ARG A 773 -16.12 -35.56 42.88
N PHE A 774 -15.79 -36.45 43.83
CA PHE A 774 -14.76 -37.49 43.69
C PHE A 774 -15.32 -38.90 43.90
N TYR A 775 -14.71 -39.85 43.20
CA TYR A 775 -15.15 -41.23 43.23
C TYR A 775 -13.96 -42.15 43.03
N MET A 776 -13.91 -43.28 43.75
CA MET A 776 -12.99 -44.38 43.43
C MET A 776 -13.75 -45.42 42.61
N LYS A 777 -13.54 -45.41 41.31
CA LYS A 777 -14.23 -46.32 40.41
C LYS A 777 -14.03 -47.78 40.85
N SER A 778 -14.94 -48.66 40.47
CA SER A 778 -14.83 -50.10 40.77
C SER A 778 -13.57 -50.72 40.16
N ASP A 779 -13.12 -50.14 39.04
CA ASP A 779 -11.83 -50.46 38.44
C ASP A 779 -10.60 -50.05 39.33
N HIS A 780 -10.86 -49.52 40.53
CA HIS A 780 -9.81 -49.06 41.47
C HIS A 780 -9.00 -47.86 40.97
N THR A 781 -9.49 -47.22 39.92
CA THR A 781 -8.88 -46.00 39.38
C THR A 781 -9.80 -44.82 39.67
N CYS A 782 -9.27 -43.83 40.36
CA CYS A 782 -10.07 -42.69 40.75
C CYS A 782 -10.65 -41.92 39.55
N CYS A 783 -11.73 -41.21 39.84
CA CYS A 783 -12.42 -40.42 38.87
C CYS A 783 -13.06 -39.26 39.57
N VAL A 784 -13.13 -38.12 38.89
CA VAL A 784 -13.69 -36.90 39.48
C VAL A 784 -14.69 -36.27 38.51
N GLN A 785 -15.82 -35.85 39.04
CA GLN A 785 -16.94 -35.42 38.22
C GLN A 785 -17.51 -34.12 38.72
N MET A 786 -17.92 -33.30 37.76
CA MET A 786 -18.65 -32.06 37.98
C MET A 786 -19.78 -32.06 36.96
N VAL A 787 -21.01 -31.91 37.44
CA VAL A 787 -22.16 -31.99 36.52
C VAL A 787 -22.11 -33.28 35.68
N ASP A 788 -22.29 -33.19 34.37
CA ASP A 788 -22.29 -34.38 33.53
C ASP A 788 -20.89 -34.69 32.98
N SER A 789 -19.95 -33.77 33.20
CA SER A 789 -18.54 -34.00 32.88
C SER A 789 -17.84 -34.76 34.00
N GLU A 790 -17.08 -35.78 33.62
CA GLU A 790 -16.23 -36.52 34.54
C GLU A 790 -14.90 -36.73 33.86
N PHE A 791 -13.89 -36.89 34.66
CA PHE A 791 -12.58 -37.11 34.16
C PHE A 791 -11.88 -38.06 35.08
N GLN A 792 -11.05 -38.90 34.47
CA GLN A 792 -10.23 -39.85 35.19
C GLN A 792 -9.07 -39.05 35.78
N TYR A 793 -8.39 -39.60 36.78
CA TYR A 793 -7.36 -38.87 37.49
C TYR A 793 -5.99 -39.41 37.06
N THR A 794 -5.06 -38.50 36.76
CA THR A 794 -3.75 -38.93 36.23
C THR A 794 -2.82 -39.48 37.28
N TYR A 795 -3.00 -39.05 38.52
CA TYR A 795 -2.11 -39.47 39.59
C TYR A 795 -0.66 -38.93 39.37
N GLU A 796 -0.51 -37.71 38.84
CA GLU A 796 0.80 -37.04 38.88
C GLU A 796 1.10 -36.54 40.31
N TYR A 797 2.32 -36.72 40.79
CA TYR A 797 2.70 -36.24 42.11
C TYR A 797 2.79 -34.75 42.07
N GLN A 798 2.04 -34.12 42.95
CA GLN A 798 2.07 -32.68 43.07
C GLN A 798 3.00 -32.32 44.21
N GLY A 799 2.94 -33.07 45.30
CA GLY A 799 3.69 -32.67 46.48
C GLY A 799 3.10 -31.40 47.04
N ASN A 800 3.62 -30.95 48.19
CA ASN A 800 2.93 -29.92 48.96
C ASN A 800 3.19 -28.52 48.46
N ALA A 801 2.19 -27.97 47.77
CA ALA A 801 2.24 -26.60 47.28
C ALA A 801 0.89 -26.01 47.52
N SER A 802 0.88 -24.89 48.19
CA SER A 802 -0.37 -24.30 48.66
C SER A 802 -1.40 -24.28 47.54
N LYS A 803 -2.60 -24.71 47.89
CA LYS A 803 -3.72 -24.55 47.00
C LYS A 803 -4.53 -23.35 47.40
N LEU A 804 -5.08 -22.70 46.39
CA LEU A 804 -5.72 -21.41 46.55
C LEU A 804 -7.07 -21.62 47.21
N VAL A 805 -7.52 -20.67 48.03
CA VAL A 805 -8.81 -20.78 48.73
C VAL A 805 -9.98 -20.79 47.75
N TYR A 806 -10.88 -21.76 47.86
CA TYR A 806 -12.05 -21.85 46.99
C TYR A 806 -12.89 -20.59 47.17
N THR A 807 -13.56 -20.16 46.13
CA THR A 807 -14.32 -18.93 46.21
C THR A 807 -15.43 -19.02 45.19
N PRO A 808 -16.48 -18.20 45.36
CA PRO A 808 -17.56 -18.16 44.40
C PRO A 808 -17.06 -18.07 42.99
N LEU A 809 -16.02 -17.27 42.77
CA LEU A 809 -15.49 -17.04 41.42
C LEU A 809 -14.96 -18.34 40.83
N THR A 810 -14.39 -19.14 41.71
CA THR A 810 -13.80 -20.37 41.30
C THR A 810 -14.85 -21.35 40.92
N ASP A 811 -16.02 -21.28 41.57
CA ASP A 811 -17.10 -22.16 41.15
C ASP A 811 -17.28 -22.01 39.66
N LYS A 812 -17.58 -20.77 39.27
CA LYS A 812 -17.80 -20.41 37.87
C LYS A 812 -16.64 -20.89 37.09
N CYS A 813 -15.46 -20.46 37.51
CA CYS A 813 -14.28 -20.85 36.77
C CYS A 813 -14.31 -22.34 36.43
N TYR A 814 -14.23 -23.11 37.48
CA TYR A 814 -14.03 -24.51 37.38
C TYR A 814 -15.10 -25.08 36.54
N LEU A 815 -16.32 -24.73 36.87
CA LEU A 815 -17.39 -25.34 36.15
C LEU A 815 -17.23 -25.01 34.66
N THR A 816 -17.07 -23.74 34.30
CA THR A 816 -16.99 -23.35 32.86
C THR A 816 -15.87 -24.13 32.21
N LEU A 817 -14.79 -24.31 32.95
CA LEU A 817 -13.62 -25.04 32.45
C LEU A 817 -13.90 -26.52 32.19
N THR A 818 -14.55 -27.13 33.17
CA THR A 818 -14.93 -28.53 33.06
C THR A 818 -15.88 -28.71 31.92
N GLN A 819 -16.78 -27.75 31.78
CA GLN A 819 -17.71 -27.75 30.67
C GLN A 819 -16.96 -27.64 29.37
N ALA A 820 -16.04 -26.69 29.28
CA ALA A 820 -15.20 -26.58 28.10
C ALA A 820 -14.50 -27.90 27.78
N MET A 821 -13.92 -28.51 28.80
CA MET A 821 -13.30 -29.79 28.59
C MET A 821 -14.33 -30.85 28.10
N LYS A 822 -15.59 -30.72 28.51
CA LYS A 822 -16.65 -31.59 28.00
C LYS A 822 -16.88 -31.27 26.52
N MET A 823 -16.84 -29.99 26.19
CA MET A 823 -17.01 -29.52 24.82
C MET A 823 -15.82 -29.90 23.94
N GLY A 824 -14.75 -30.39 24.56
CA GLY A 824 -13.51 -30.69 23.86
C GLY A 824 -12.90 -29.38 23.42
N LEU A 825 -13.28 -28.32 24.11
CA LEU A 825 -12.80 -26.98 23.84
C LEU A 825 -11.81 -26.60 24.92
N GLY A 826 -10.97 -25.64 24.60
CA GLY A 826 -10.18 -24.96 25.59
C GLY A 826 -11.05 -23.96 26.35
N GLY A 827 -10.50 -23.47 27.47
CA GLY A 827 -11.17 -22.52 28.37
C GLY A 827 -10.38 -21.25 28.55
N ASN A 828 -11.04 -20.11 28.37
CA ASN A 828 -10.38 -18.83 28.35
C ASN A 828 -10.82 -17.94 29.51
N PRO A 829 -10.17 -18.08 30.65
CA PRO A 829 -10.50 -17.17 31.73
C PRO A 829 -9.80 -15.85 31.51
N TYR A 830 -10.53 -14.79 31.28
CA TYR A 830 -9.88 -13.53 31.12
C TYR A 830 -10.28 -12.62 32.26
N GLY A 831 -9.42 -11.64 32.52
CA GLY A 831 -9.82 -10.54 33.37
C GLY A 831 -8.74 -9.51 33.52
N PRO A 832 -8.94 -8.56 34.40
CA PRO A 832 -7.91 -7.60 34.75
C PRO A 832 -6.74 -8.15 35.54
N ALA A 833 -5.84 -7.26 35.98
CA ALA A 833 -4.58 -7.68 36.62
C ALA A 833 -4.73 -7.97 38.12
N GLY A 834 -4.03 -9.00 38.59
CA GLY A 834 -4.09 -9.39 40.00
C GLY A 834 -5.38 -10.13 40.26
N THR A 835 -5.92 -10.73 39.22
CA THR A 835 -7.20 -11.42 39.33
C THR A 835 -7.02 -12.76 40.00
N GLY A 836 -5.94 -13.47 39.67
CA GLY A 836 -5.71 -14.80 40.19
C GLY A 836 -6.03 -15.91 39.21
N LYS A 837 -6.41 -15.53 37.99
CA LYS A 837 -6.90 -16.50 36.99
C LYS A 837 -5.85 -17.50 36.48
N THR A 838 -4.59 -17.09 36.38
CA THR A 838 -3.55 -18.03 36.00
C THR A 838 -3.37 -19.18 36.99
N GLU A 839 -3.42 -18.84 38.28
CA GLU A 839 -3.13 -19.77 39.36
C GLU A 839 -4.24 -20.77 39.50
N SER A 840 -5.44 -20.32 39.14
CA SER A 840 -6.62 -21.17 39.21
C SER A 840 -6.48 -22.46 38.40
N VAL A 841 -6.03 -22.28 37.18
CA VAL A 841 -6.01 -23.37 36.28
C VAL A 841 -4.99 -24.32 36.82
N LYS A 842 -3.88 -23.74 37.24
CA LYS A 842 -2.77 -24.45 37.82
C LYS A 842 -3.29 -25.32 38.94
N ALA A 843 -3.98 -24.72 39.92
CA ALA A 843 -4.53 -25.54 41.02
C ALA A 843 -5.59 -26.59 40.55
N LEU A 844 -6.39 -26.27 39.52
CA LEU A 844 -7.39 -27.25 39.00
C LEU A 844 -6.78 -28.45 38.29
N GLY A 845 -5.66 -28.19 37.64
CA GLY A 845 -4.82 -29.27 37.19
C GLY A 845 -4.35 -30.11 38.37
N GLY A 846 -4.13 -29.47 39.52
CA GLY A 846 -3.68 -30.16 40.75
C GLY A 846 -4.76 -31.05 41.33
N LEU A 847 -5.94 -30.46 41.52
CA LEU A 847 -7.11 -31.22 41.98
C LEU A 847 -7.46 -32.31 41.01
N LEU A 848 -7.43 -32.03 39.72
CA LEU A 848 -7.59 -33.10 38.77
C LEU A 848 -6.31 -33.98 38.62
N GLY A 849 -5.21 -33.47 39.15
CA GLY A 849 -3.97 -34.25 39.21
C GLY A 849 -3.08 -34.34 37.98
N ARG A 850 -3.45 -33.67 36.89
CA ARG A 850 -2.61 -33.65 35.67
C ARG A 850 -1.31 -32.90 35.95
N GLN A 851 -0.30 -33.09 35.10
CA GLN A 851 0.88 -32.24 35.26
C GLN A 851 0.75 -30.99 34.43
N VAL A 852 1.00 -29.85 35.05
CA VAL A 852 0.67 -28.57 34.45
C VAL A 852 1.87 -27.74 34.14
N LEU A 853 1.98 -27.37 32.88
CA LEU A 853 3.01 -26.48 32.43
C LEU A 853 2.46 -25.09 32.29
N VAL A 854 3.32 -24.16 32.63
CA VAL A 854 3.03 -22.77 32.54
C VAL A 854 3.85 -22.25 31.37
N PHE A 855 3.25 -21.36 30.62
CA PHE A 855 3.92 -20.69 29.52
C PHE A 855 3.66 -19.19 29.57
N ASN A 856 4.49 -18.44 28.87
CA ASN A 856 4.36 -16.99 28.74
C ASN A 856 4.47 -16.65 27.27
N CYS A 857 3.39 -16.17 26.68
CA CYS A 857 3.34 -15.93 25.24
C CYS A 857 3.88 -14.55 24.92
N ASP A 858 5.03 -14.50 24.27
CA ASP A 858 5.68 -13.23 24.01
C ASP A 858 6.50 -13.38 22.81
N GLU A 859 7.00 -12.26 22.33
CA GLU A 859 8.08 -12.30 21.38
C GLU A 859 7.54 -12.83 20.03
N GLY A 860 6.22 -12.81 19.84
CA GLY A 860 5.63 -13.41 18.64
C GLY A 860 6.26 -14.75 18.25
N ILE A 861 6.20 -15.73 19.14
CA ILE A 861 6.87 -17.04 18.92
C ILE A 861 6.40 -17.78 17.69
N ASP A 862 7.35 -18.36 17.00
CA ASP A 862 7.09 -18.94 15.72
C ASP A 862 5.97 -19.96 15.83
N VAL A 863 5.08 -19.95 14.83
CA VAL A 863 4.01 -20.96 14.69
C VAL A 863 4.56 -22.38 14.79
N LYS A 864 5.71 -22.57 14.15
CA LYS A 864 6.41 -23.81 14.18
C LYS A 864 6.82 -24.08 15.62
N SER A 865 7.33 -23.06 16.29
CA SER A 865 7.79 -23.22 17.66
C SER A 865 6.65 -23.55 18.60
N MET A 866 5.45 -23.05 18.29
CA MET A 866 4.23 -23.48 19.02
C MET A 866 3.86 -24.91 18.75
N GLY A 867 3.90 -25.21 17.45
CA GLY A 867 3.61 -26.56 16.98
C GLY A 867 4.28 -27.67 17.79
N ARG A 868 5.60 -27.67 17.80
CA ARG A 868 6.33 -28.62 18.62
C ARG A 868 5.82 -28.62 20.07
N ILE A 869 5.49 -27.45 20.62
CA ILE A 869 5.16 -27.36 22.03
C ILE A 869 3.87 -28.12 22.25
N PHE A 870 2.95 -27.87 21.33
CA PHE A 870 1.72 -28.67 21.30
C PHE A 870 2.03 -30.18 21.21
N VAL A 871 2.87 -30.50 20.23
CA VAL A 871 3.28 -31.87 20.03
C VAL A 871 3.74 -32.47 21.35
N GLY A 872 4.42 -31.66 22.16
CA GLY A 872 4.97 -32.11 23.43
C GLY A 872 3.84 -32.31 24.40
N LEU A 873 2.98 -31.33 24.48
CA LEU A 873 1.91 -31.44 25.44
C LEU A 873 1.01 -32.62 25.23
N VAL A 874 0.64 -32.78 23.98
CA VAL A 874 -0.31 -33.83 23.64
C VAL A 874 0.13 -35.23 24.09
N LYS A 875 1.41 -35.53 23.91
CA LYS A 875 1.91 -36.84 24.22
C LYS A 875 1.96 -37.02 25.70
N CYS A 876 2.37 -35.97 26.43
CA CYS A 876 2.51 -36.06 27.88
C CYS A 876 1.21 -36.28 28.59
N GLY A 877 0.12 -35.82 27.96
CA GLY A 877 -1.18 -35.79 28.62
C GLY A 877 -1.12 -34.79 29.76
N ALA A 878 -0.46 -33.66 29.50
CA ALA A 878 -0.26 -32.65 30.49
C ALA A 878 -1.28 -31.54 30.24
N TRP A 879 -1.26 -30.55 31.12
CA TRP A 879 -2.17 -29.44 31.06
C TRP A 879 -1.34 -28.22 30.91
N GLY A 880 -1.60 -27.48 29.84
CA GLY A 880 -0.76 -26.37 29.44
C GLY A 880 -1.51 -25.07 29.57
N CYS A 881 -1.11 -24.25 30.52
CA CYS A 881 -1.79 -22.98 30.63
C CYS A 881 -0.81 -22.02 30.11
N PHE A 882 -1.31 -21.03 29.40
CA PHE A 882 -0.47 -19.98 28.95
C PHE A 882 -0.84 -18.73 29.64
N ASP A 883 0.18 -18.09 30.19
CA ASP A 883 -0.06 -16.93 30.96
C ASP A 883 0.26 -15.73 30.14
N GLU A 884 -0.80 -15.02 29.82
CA GLU A 884 -0.68 -13.90 28.90
C GLU A 884 -0.57 -14.36 27.43
N PHE A 885 -1.43 -15.29 27.04
CA PHE A 885 -1.51 -15.73 25.64
C PHE A 885 -1.75 -14.56 24.69
N ASN A 886 -2.36 -13.53 25.24
CA ASN A 886 -2.69 -12.36 24.51
C ASN A 886 -1.53 -11.84 23.68
N ARG A 887 -0.38 -11.68 24.33
CA ARG A 887 0.70 -10.84 23.83
C ARG A 887 1.50 -11.55 22.78
N LEU A 888 0.96 -11.61 21.58
CA LEU A 888 1.48 -12.54 20.63
C LEU A 888 1.16 -12.06 19.24
N GLU A 889 1.91 -12.52 18.25
CA GLU A 889 1.84 -11.92 16.92
C GLU A 889 0.60 -12.38 16.18
N GLU A 890 -0.15 -11.42 15.67
CA GLU A 890 -1.46 -11.73 15.15
C GLU A 890 -1.41 -12.76 14.03
N SER A 891 -0.32 -12.82 13.28
CA SER A 891 -0.26 -13.78 12.19
C SER A 891 -0.07 -15.17 12.76
N VAL A 892 0.68 -15.24 13.86
CA VAL A 892 0.89 -16.46 14.60
C VAL A 892 -0.48 -17.03 14.98
N LEU A 893 -1.25 -16.18 15.62
CA LEU A 893 -2.45 -16.62 16.30
C LEU A 893 -3.27 -17.40 15.33
N SER A 894 -3.51 -16.77 14.20
CA SER A 894 -4.42 -17.31 13.24
C SER A 894 -3.95 -18.68 12.81
N ALA A 895 -2.70 -18.80 12.43
CA ALA A 895 -2.21 -20.10 12.02
C ALA A 895 -2.36 -21.11 13.15
N VAL A 896 -2.08 -20.67 14.37
CA VAL A 896 -2.13 -21.58 15.51
C VAL A 896 -3.54 -22.06 15.73
N SER A 897 -4.51 -21.21 15.43
CA SER A 897 -5.90 -21.63 15.57
C SER A 897 -6.20 -22.89 14.78
N MET A 898 -5.58 -22.96 13.62
CA MET A 898 -5.70 -24.15 12.80
C MET A 898 -5.13 -25.35 13.50
N GLN A 899 -3.99 -25.16 14.18
CA GLN A 899 -3.35 -26.21 14.97
C GLN A 899 -4.31 -26.65 16.05
N ILE A 900 -4.81 -25.71 16.81
CA ILE A 900 -5.78 -26.03 17.85
C ILE A 900 -7.00 -26.81 17.30
N GLN A 901 -7.60 -26.29 16.23
CA GLN A 901 -8.85 -26.87 15.72
C GLN A 901 -8.70 -28.38 15.49
N THR A 902 -7.63 -28.75 14.77
CA THR A 902 -7.28 -30.15 14.45
C THR A 902 -7.11 -31.02 15.70
N ILE A 903 -6.55 -30.42 16.75
CA ILE A 903 -6.30 -31.16 17.96
C ILE A 903 -7.57 -31.38 18.70
N GLN A 904 -8.38 -30.33 18.81
CA GLN A 904 -9.66 -30.50 19.50
C GLN A 904 -10.47 -31.61 18.85
N ASP A 905 -10.50 -31.57 17.51
CA ASP A 905 -11.28 -32.54 16.71
C ASP A 905 -10.84 -33.98 16.99
N ALA A 906 -9.56 -34.18 17.22
CA ALA A 906 -9.05 -35.44 17.71
C ALA A 906 -9.59 -35.81 19.11
N LEU A 907 -9.56 -34.87 20.06
CA LEU A 907 -10.01 -35.16 21.44
C LEU A 907 -11.49 -35.48 21.49
N LYS A 908 -12.26 -34.71 20.73
CA LYS A 908 -13.71 -34.84 20.73
C LYS A 908 -14.13 -36.18 20.14
N ASN A 909 -13.65 -36.46 18.94
CA ASN A 909 -13.98 -37.72 18.30
C ASN A 909 -13.12 -38.88 18.78
N HIS A 910 -12.25 -38.63 19.75
CA HIS A 910 -11.37 -39.65 20.37
C HIS A 910 -10.52 -40.38 19.34
N ARG A 911 -9.86 -39.61 18.51
CA ARG A 911 -8.88 -40.15 17.60
C ARG A 911 -7.60 -40.40 18.38
N THR A 912 -7.04 -41.58 18.18
CA THR A 912 -5.83 -41.99 18.87
C THR A 912 -4.68 -41.13 18.38
N VAL A 913 -4.65 -40.90 17.07
CA VAL A 913 -3.53 -40.24 16.42
C VAL A 913 -3.94 -38.88 15.92
N CYS A 914 -3.07 -37.87 16.12
CA CYS A 914 -3.35 -36.52 15.57
C CYS A 914 -2.28 -36.05 14.61
N GLU A 915 -2.65 -35.31 13.57
CA GLU A 915 -1.68 -34.85 12.56
C GLU A 915 -1.41 -33.35 12.60
N LEU A 916 -0.13 -33.00 12.75
CA LEU A 916 0.30 -31.61 12.89
C LEU A 916 1.78 -31.44 12.55
N LEU A 917 2.10 -30.38 11.81
CA LEU A 917 3.42 -30.20 11.18
C LEU A 917 3.78 -31.35 10.24
N GLY A 918 2.78 -31.97 9.62
CA GLY A 918 2.97 -33.19 8.85
C GLY A 918 3.30 -34.40 9.71
N LYS A 919 3.27 -34.25 11.05
CA LYS A 919 3.63 -35.32 11.98
C LYS A 919 2.39 -35.96 12.54
N GLU A 920 2.34 -37.28 12.53
CA GLU A 920 1.33 -37.99 13.28
C GLU A 920 1.90 -38.20 14.65
N VAL A 921 1.12 -37.79 15.64
CA VAL A 921 1.50 -37.87 17.03
C VAL A 921 0.42 -38.59 17.79
N GLU A 922 0.83 -39.67 18.44
CA GLU A 922 -0.05 -40.39 19.33
C GLU A 922 -0.35 -39.39 20.46
N VAL A 923 -1.61 -38.99 20.51
CA VAL A 923 -2.07 -37.95 21.42
C VAL A 923 -2.79 -38.55 22.62
N ASN A 924 -2.42 -38.08 23.81
CA ASN A 924 -3.10 -38.48 25.04
C ASN A 924 -4.50 -37.90 25.09
N SER A 925 -5.49 -38.76 25.33
CA SER A 925 -6.87 -38.33 25.49
C SER A 925 -6.99 -37.40 26.71
N ASN A 926 -6.10 -37.58 27.67
CA ASN A 926 -6.04 -36.72 28.85
C ASN A 926 -5.14 -35.50 28.72
N SER A 927 -5.45 -34.61 27.78
CA SER A 927 -4.69 -33.36 27.65
C SER A 927 -5.62 -32.19 27.85
N GLY A 928 -5.06 -31.05 28.24
CA GLY A 928 -5.84 -29.83 28.43
C GLY A 928 -5.20 -28.56 27.93
N ILE A 929 -6.00 -27.67 27.35
CA ILE A 929 -5.48 -26.41 26.78
C ILE A 929 -6.24 -25.21 27.32
N PHE A 930 -5.50 -24.23 27.84
CA PHE A 930 -6.11 -23.03 28.42
C PHE A 930 -5.29 -21.78 28.12
N ILE A 931 -5.93 -20.62 28.16
CA ILE A 931 -5.22 -19.34 27.97
C ILE A 931 -5.72 -18.25 28.92
N THR A 932 -4.80 -17.62 29.66
CA THR A 932 -5.18 -16.58 30.65
C THR A 932 -4.69 -15.20 30.22
N MET A 933 -5.58 -14.37 29.70
CA MET A 933 -5.16 -13.15 29.06
C MET A 933 -5.92 -12.00 29.64
N ASN A 934 -5.21 -10.91 29.87
CA ASN A 934 -5.85 -9.65 30.22
C ASN A 934 -6.54 -9.14 28.98
N PRO A 935 -7.63 -8.32 29.11
CA PRO A 935 -8.17 -7.85 27.84
C PRO A 935 -7.18 -6.90 27.19
N ALA A 936 -7.39 -6.58 25.93
CA ALA A 936 -6.51 -5.69 25.22
C ALA A 936 -6.85 -4.31 25.69
N GLY A 937 -6.53 -4.06 26.96
CA GLY A 937 -7.12 -2.95 27.72
C GLY A 937 -6.58 -1.59 27.35
N LYS A 938 -7.35 -0.56 27.68
CA LYS A 938 -6.91 0.80 27.47
C LYS A 938 -5.65 1.01 28.31
N GLY A 939 -5.74 0.57 29.57
CA GLY A 939 -4.63 0.68 30.50
C GLY A 939 -3.49 -0.25 30.18
N TYR A 940 -3.85 -1.42 29.68
CA TYR A 940 -3.03 -2.61 29.74
C TYR A 940 -1.83 -2.50 28.80
N GLY A 941 -2.08 -1.97 27.62
CA GLY A 941 -1.00 -1.69 26.68
C GLY A 941 -0.78 -2.73 25.61
N GLY A 942 0.48 -3.12 25.42
CA GLY A 942 0.93 -3.74 24.18
C GLY A 942 0.62 -5.21 24.11
N ARG A 943 -0.51 -5.52 23.49
CA ARG A 943 -1.05 -6.87 23.39
C ARG A 943 -2.02 -6.96 22.21
N GLN A 944 -1.94 -8.04 21.46
CA GLN A 944 -2.50 -8.06 20.11
C GLN A 944 -3.90 -8.64 20.10
N LYS A 945 -4.77 -8.01 19.31
CA LYS A 945 -6.18 -8.39 19.26
C LYS A 945 -6.37 -9.76 18.62
N LEU A 946 -7.28 -10.51 19.20
CA LEU A 946 -7.44 -11.90 18.86
C LEU A 946 -8.47 -12.11 17.74
N PRO A 947 -8.21 -13.02 16.79
CA PRO A 947 -9.23 -13.32 15.78
C PRO A 947 -10.40 -14.02 16.37
N ASP A 948 -11.58 -13.69 15.85
CA ASP A 948 -12.83 -14.28 16.32
C ASP A 948 -12.87 -15.76 16.03
N ASN A 949 -12.34 -16.12 14.88
CA ASN A 949 -12.17 -17.52 14.54
C ASN A 949 -11.65 -18.27 15.75
N LEU A 950 -10.56 -17.75 16.26
CA LEU A 950 -9.84 -18.41 17.28
C LEU A 950 -10.62 -18.43 18.59
N LYS A 951 -11.30 -17.33 18.90
CA LYS A 951 -12.04 -17.23 20.15
C LYS A 951 -12.93 -18.43 20.38
N GLN A 952 -13.60 -18.84 19.31
CA GLN A 952 -14.64 -19.86 19.37
C GLN A 952 -14.14 -21.18 19.91
N LEU A 953 -12.84 -21.42 19.73
CA LEU A 953 -12.22 -22.67 20.19
C LEU A 953 -12.10 -22.73 21.71
N PHE A 954 -12.40 -21.59 22.33
CA PHE A 954 -12.46 -21.50 23.75
C PHE A 954 -13.83 -21.18 24.30
N ARG A 955 -13.96 -21.48 25.58
CA ARG A 955 -15.08 -21.02 26.35
C ARG A 955 -14.59 -19.98 27.34
N PRO A 956 -15.04 -18.73 27.21
CA PRO A 956 -14.53 -17.71 28.10
C PRO A 956 -15.03 -17.77 29.53
N VAL A 957 -14.33 -17.04 30.39
CA VAL A 957 -14.72 -16.82 31.76
C VAL A 957 -14.33 -15.42 32.18
N ALA A 958 -15.16 -14.83 33.01
CA ALA A 958 -14.94 -13.51 33.52
C ALA A 958 -14.40 -13.65 34.92
N MET A 959 -13.11 -13.32 35.06
CA MET A 959 -12.45 -13.45 36.37
C MET A 959 -12.20 -12.09 37.01
N SER A 960 -12.93 -11.08 36.55
CA SER A 960 -12.64 -9.70 36.91
C SER A 960 -12.74 -9.40 38.41
N HIS A 961 -13.75 -9.93 39.09
CA HIS A 961 -13.89 -9.65 40.52
C HIS A 961 -13.63 -10.85 41.39
N PRO A 962 -12.64 -10.73 42.33
CA PRO A 962 -12.44 -11.89 43.17
C PRO A 962 -12.77 -11.54 44.61
N ASP A 963 -13.56 -12.38 45.28
CA ASP A 963 -13.88 -12.14 46.68
C ASP A 963 -12.65 -12.32 47.53
N ASN A 964 -12.37 -11.32 48.35
CA ASN A 964 -11.12 -11.25 49.06
C ASN A 964 -11.34 -11.50 50.51
N GLU A 965 -12.35 -10.86 51.05
CA GLU A 965 -12.65 -10.96 52.47
C GLU A 965 -12.81 -12.41 52.86
N LEU A 966 -13.37 -13.20 51.95
CA LEU A 966 -13.48 -14.64 52.16
C LEU A 966 -12.08 -15.17 52.28
N ILE A 967 -11.30 -14.91 51.25
CA ILE A 967 -9.96 -15.43 51.16
C ILE A 967 -9.09 -14.92 52.31
N ALA A 968 -9.34 -13.68 52.69
CA ALA A 968 -8.60 -13.01 53.74
C ALA A 968 -8.70 -13.74 55.06
N GLU A 969 -9.92 -13.95 55.54
CA GLU A 969 -10.10 -14.63 56.81
C GLU A 969 -9.53 -16.04 56.75
N VAL A 970 -9.75 -16.72 55.63
CA VAL A 970 -9.46 -18.14 55.53
C VAL A 970 -8.02 -18.43 55.86
N ILE A 971 -7.15 -17.59 55.34
CA ILE A 971 -5.75 -17.85 55.47
C ILE A 971 -5.34 -17.66 56.91
N LEU A 972 -5.94 -16.68 57.56
CA LEU A 972 -5.59 -16.43 58.94
C LEU A 972 -5.93 -17.64 59.76
N TYR A 973 -7.06 -18.24 59.42
CA TYR A 973 -7.49 -19.40 60.14
C TYR A 973 -6.64 -20.61 59.75
N SER A 974 -6.16 -20.68 58.51
CA SER A 974 -5.19 -21.72 58.14
C SER A 974 -3.91 -21.57 58.94
N GLU A 975 -3.54 -20.33 59.22
CA GLU A 975 -2.45 -20.10 60.14
C GLU A 975 -2.88 -20.51 61.55
N GLY A 976 -4.14 -20.34 61.88
CA GLY A 976 -4.62 -20.70 63.20
C GLY A 976 -4.76 -19.45 64.02
N PHE A 977 -4.54 -18.29 63.38
CA PHE A 977 -4.91 -17.00 63.94
C PHE A 977 -6.42 -16.95 64.22
N LYS A 978 -6.77 -16.49 65.40
CA LYS A 978 -8.06 -16.80 65.97
C LYS A 978 -9.14 -15.80 65.58
N ASP A 979 -8.80 -14.52 65.49
CA ASP A 979 -9.80 -13.45 65.24
C ASP A 979 -10.03 -13.23 63.74
N ALA A 980 -9.86 -14.29 62.97
CA ALA A 980 -9.84 -14.24 61.51
C ALA A 980 -10.95 -13.39 60.92
N LYS A 981 -12.19 -13.76 61.21
CA LYS A 981 -13.35 -13.10 60.62
C LYS A 981 -13.35 -11.61 60.89
N VAL A 982 -12.92 -11.21 62.08
CA VAL A 982 -12.91 -9.79 62.47
C VAL A 982 -11.88 -9.02 61.67
N LEU A 983 -10.70 -9.59 61.53
CA LEU A 983 -9.58 -8.88 60.96
C LEU A 983 -9.67 -8.88 59.46
N SER A 984 -10.03 -10.02 58.91
CA SER A 984 -10.13 -10.11 57.47
C SER A 984 -10.94 -8.95 56.94
N ARG A 985 -12.06 -8.66 57.59
CA ARG A 985 -12.92 -7.59 57.14
C ARG A 985 -12.20 -6.26 57.12
N LYS A 986 -11.39 -6.03 58.15
CA LYS A 986 -10.64 -4.79 58.31
C LYS A 986 -9.70 -4.58 57.15
N LEU A 987 -8.91 -5.60 56.84
CA LEU A 987 -7.90 -5.45 55.80
C LEU A 987 -8.51 -5.02 54.51
N VAL A 988 -9.48 -5.78 54.09
CA VAL A 988 -10.14 -5.52 52.83
C VAL A 988 -10.60 -4.07 52.76
N ALA A 989 -11.15 -3.60 53.87
CA ALA A 989 -11.62 -2.23 53.92
C ALA A 989 -10.44 -1.32 53.75
N ILE A 990 -9.41 -1.53 54.56
CA ILE A 990 -8.21 -0.68 54.51
C ILE A 990 -7.69 -0.56 53.10
N PHE A 991 -7.63 -1.69 52.42
CA PHE A 991 -7.28 -1.64 51.03
C PHE A 991 -8.24 -0.77 50.25
N ASN A 992 -9.49 -1.22 50.23
CA ASN A 992 -10.47 -0.60 49.37
C ASN A 992 -10.57 0.86 49.69
N LEU A 993 -10.51 1.19 50.96
CA LEU A 993 -10.55 2.59 51.39
C LEU A 993 -9.33 3.35 50.98
N SER A 994 -8.15 2.74 51.13
CA SER A 994 -6.93 3.44 50.71
C SER A 994 -7.08 3.80 49.26
N ARG A 995 -7.44 2.77 48.48
CA ARG A 995 -7.67 2.89 47.07
C ARG A 995 -8.76 3.92 46.76
N GLU A 996 -9.70 4.04 47.67
CA GLU A 996 -10.85 4.90 47.49
C GLU A 996 -10.52 6.37 47.70
N LEU A 997 -9.82 6.66 48.79
CA LEU A 997 -9.63 8.06 49.22
C LEU A 997 -8.18 8.55 49.23
N LEU A 998 -7.25 7.74 48.76
CA LEU A 998 -5.89 8.25 48.63
C LEU A 998 -5.54 8.61 47.18
N THR A 999 -4.59 9.53 47.01
CA THR A 999 -4.20 9.93 45.66
C THR A 999 -3.94 8.71 44.79
N PRO A 1000 -4.51 8.70 43.60
CA PRO A 1000 -4.47 7.50 42.82
C PRO A 1000 -3.18 7.45 42.07
N GLN A 1001 -2.11 7.09 42.74
CA GLN A 1001 -0.87 6.95 42.01
C GLN A 1001 -0.94 5.81 41.04
N GLN A 1002 -0.30 6.10 39.92
CA GLN A 1002 0.07 5.17 38.90
C GLN A 1002 0.63 3.91 39.54
N HIS A 1003 1.59 4.11 40.43
CA HIS A 1003 2.40 3.02 40.86
C HIS A 1003 1.76 2.27 42.00
N TYR A 1004 0.78 2.87 42.71
CA TYR A 1004 0.11 2.15 43.79
C TYR A 1004 -0.59 0.90 43.31
N ASP A 1005 -0.69 -0.08 44.19
CA ASP A 1005 -1.49 -1.29 43.91
C ASP A 1005 -2.12 -1.75 45.19
N TRP A 1006 -3.45 -1.80 45.18
CA TRP A 1006 -4.25 -2.40 46.24
C TRP A 1006 -4.98 -3.59 45.67
N GLY A 1007 -4.44 -4.10 44.58
CA GLY A 1007 -4.91 -5.32 43.99
C GLY A 1007 -4.59 -6.49 44.87
N LEU A 1008 -4.97 -7.63 44.35
CA LEU A 1008 -4.99 -8.81 45.13
C LEU A 1008 -3.57 -9.12 45.52
N ARG A 1009 -2.65 -8.94 44.57
CA ARG A 1009 -1.32 -9.49 44.77
C ARG A 1009 -0.71 -8.85 45.99
N ALA A 1010 -1.00 -7.58 46.19
CA ALA A 1010 -0.52 -6.88 47.38
C ALA A 1010 -1.07 -7.56 48.63
N LEU A 1011 -2.37 -7.77 48.62
CA LEU A 1011 -3.08 -8.37 49.74
C LEU A 1011 -2.55 -9.75 50.10
N LYS A 1012 -2.44 -10.59 49.08
CA LYS A 1012 -2.01 -11.97 49.23
C LYS A 1012 -0.76 -12.02 50.10
N THR A 1013 0.13 -11.07 49.84
CA THR A 1013 1.42 -10.99 50.50
C THR A 1013 1.30 -10.64 52.00
N VAL A 1014 0.34 -9.78 52.35
CA VAL A 1014 0.30 -9.32 53.75
C VAL A 1014 0.01 -10.50 54.65
N LEU A 1015 -0.74 -11.44 54.09
CA LEU A 1015 -1.15 -12.63 54.80
C LEU A 1015 0.02 -13.56 55.10
N ARG A 1016 0.91 -13.76 54.13
CA ARG A 1016 2.18 -14.44 54.44
C ARG A 1016 2.95 -13.60 55.48
N GLY A 1017 2.98 -12.29 55.24
CA GLY A 1017 3.55 -11.32 56.17
C GLY A 1017 3.23 -11.57 57.64
N SER A 1018 2.01 -12.03 57.94
CA SER A 1018 1.69 -12.40 59.30
C SER A 1018 2.06 -13.84 59.62
N GLY A 1019 1.84 -14.74 58.68
CA GLY A 1019 2.20 -16.14 58.88
C GLY A 1019 3.66 -16.34 59.26
N ASN A 1020 4.51 -15.46 58.73
CA ASN A 1020 5.93 -15.42 59.10
C ASN A 1020 6.03 -15.08 60.59
N LEU A 1021 5.33 -14.03 61.01
CA LEU A 1021 5.40 -13.56 62.38
C LEU A 1021 4.93 -14.65 63.28
N LEU A 1022 3.66 -15.03 63.11
CA LEU A 1022 3.03 -16.05 63.95
C LEU A 1022 3.93 -17.28 64.09
N ARG A 1023 4.63 -17.62 63.02
CA ARG A 1023 5.63 -18.69 63.03
C ARG A 1023 6.83 -18.39 63.95
N GLN A 1024 7.19 -17.11 64.08
CA GLN A 1024 8.30 -16.71 64.95
C GLN A 1024 7.90 -16.49 66.38
N LEU A 1025 6.72 -15.91 66.56
CA LEU A 1025 6.31 -15.37 67.83
C LEU A 1025 6.00 -16.44 68.84
N ASN A 1026 5.35 -17.51 68.42
CA ASN A 1026 5.10 -18.66 69.30
C ASN A 1026 6.40 -19.24 69.91
N LYS A 1027 7.48 -19.23 69.12
CA LYS A 1027 8.79 -19.76 69.54
C LYS A 1027 9.43 -18.89 70.64
N SER A 1028 9.48 -17.59 70.40
CA SER A 1028 10.12 -16.64 71.33
C SER A 1028 9.39 -16.41 72.68
N GLY A 1029 8.06 -16.33 72.66
CA GLY A 1029 7.25 -16.15 73.89
C GLY A 1029 5.92 -16.90 73.74
N THR A 1030 5.18 -17.11 74.82
CA THR A 1030 3.91 -17.83 74.70
C THR A 1030 2.75 -16.87 74.45
N THR A 1031 1.72 -17.37 73.74
CA THR A 1031 0.70 -16.55 73.02
C THR A 1031 -0.23 -15.70 73.91
N GLN A 1032 -0.77 -14.63 73.32
CA GLN A 1032 -1.67 -13.71 74.03
C GLN A 1032 -2.54 -12.87 73.09
N ASN A 1033 -3.49 -12.13 73.68
CA ASN A 1033 -4.58 -11.42 72.97
C ASN A 1033 -4.19 -10.19 72.14
N ALA A 1034 -3.67 -9.17 72.82
CA ALA A 1034 -3.45 -7.85 72.20
C ALA A 1034 -2.51 -7.95 70.99
N ASN A 1035 -1.56 -8.88 71.10
CA ASN A 1035 -0.59 -9.17 70.03
C ASN A 1035 -1.24 -9.44 68.68
N GLU A 1036 -2.10 -10.47 68.68
CA GLU A 1036 -2.61 -11.04 67.44
C GLU A 1036 -3.18 -9.97 66.52
N SER A 1037 -4.08 -9.20 67.12
CA SER A 1037 -4.59 -7.97 66.56
C SER A 1037 -3.44 -7.09 66.07
N HIS A 1038 -2.54 -6.79 67.00
CA HIS A 1038 -1.38 -5.90 66.78
C HIS A 1038 -0.53 -6.35 65.57
N ILE A 1039 -0.43 -7.66 65.36
CA ILE A 1039 0.53 -8.27 64.43
C ILE A 1039 0.26 -8.09 62.97
N VAL A 1040 -1.00 -8.01 62.62
CA VAL A 1040 -1.33 -7.92 61.22
C VAL A 1040 -0.80 -6.65 60.64
N VAL A 1041 -0.82 -5.60 61.43
CA VAL A 1041 -0.52 -4.33 60.88
C VAL A 1041 0.93 -4.29 60.46
N GLN A 1042 1.82 -4.91 61.22
CA GLN A 1042 3.24 -4.90 60.86
C GLN A 1042 3.31 -5.52 59.49
N ALA A 1043 2.74 -6.72 59.38
CA ALA A 1043 2.75 -7.47 58.14
C ALA A 1043 2.22 -6.62 56.99
N LEU A 1044 1.37 -5.66 57.32
CA LEU A 1044 0.82 -4.80 56.31
C LEU A 1044 1.79 -3.69 55.96
N ARG A 1045 2.37 -3.05 56.98
CA ARG A 1045 3.20 -1.86 56.81
C ARG A 1045 4.48 -2.16 56.07
N LEU A 1046 4.79 -3.44 55.93
CA LEU A 1046 5.88 -3.86 55.09
C LEU A 1046 5.60 -3.53 53.64
N ASN A 1047 4.50 -4.05 53.11
CA ASN A 1047 4.14 -3.76 51.73
C ASN A 1047 4.00 -2.29 51.49
N THR A 1048 3.45 -1.66 52.49
CA THR A 1048 2.95 -0.34 52.34
C THR A 1048 4.01 0.72 52.23
N MET A 1049 4.76 0.94 53.29
CA MET A 1049 5.36 2.27 53.56
C MET A 1049 6.34 2.86 52.50
N SER A 1050 6.86 1.99 51.64
CA SER A 1050 7.77 2.40 50.59
C SER A 1050 7.14 3.43 49.70
N LYS A 1051 6.01 3.04 49.13
CA LYS A 1051 5.34 3.78 48.06
C LYS A 1051 5.06 5.21 48.44
N PHE A 1052 4.74 5.41 49.70
CA PHE A 1052 3.99 6.57 50.07
C PHE A 1052 4.83 7.81 50.07
N THR A 1053 4.28 8.84 49.44
CA THR A 1053 4.84 10.19 49.53
C THR A 1053 4.57 10.59 50.98
N PHE A 1054 5.33 11.54 51.55
CA PHE A 1054 5.14 11.82 52.97
C PHE A 1054 3.70 12.16 53.30
N THR A 1055 3.13 13.02 52.49
CA THR A 1055 1.75 13.44 52.66
C THR A 1055 0.84 12.21 52.74
N ASP A 1056 0.87 11.40 51.70
CA ASP A 1056 0.08 10.17 51.69
C ASP A 1056 0.48 9.21 52.82
N CYS A 1057 1.79 9.09 53.05
CA CYS A 1057 2.36 8.21 54.07
C CYS A 1057 1.67 8.50 55.40
N THR A 1058 1.64 9.79 55.76
CA THR A 1058 1.00 10.23 57.00
C THR A 1058 -0.49 9.94 57.00
N ARG A 1059 -1.13 10.24 55.87
CA ARG A 1059 -2.57 10.05 55.70
C ARG A 1059 -2.99 8.59 55.88
N PHE A 1060 -2.18 7.69 55.38
CA PHE A 1060 -2.43 6.28 55.54
C PHE A 1060 -2.31 5.83 56.98
N ASP A 1061 -1.22 6.21 57.62
CA ASP A 1061 -0.99 5.79 58.98
C ASP A 1061 -2.14 6.20 59.87
N ALA A 1062 -2.55 7.44 59.73
CA ALA A 1062 -3.67 7.92 60.49
C ALA A 1062 -4.89 7.03 60.22
N LEU A 1063 -5.02 6.53 58.99
CA LEU A 1063 -6.19 5.73 58.63
C LEU A 1063 -6.21 4.43 59.41
N ILE A 1064 -5.03 3.87 59.63
CA ILE A 1064 -4.95 2.58 60.28
C ILE A 1064 -5.44 2.69 61.71
N LYS A 1065 -5.09 3.80 62.36
CA LYS A 1065 -5.48 4.07 63.74
C LYS A 1065 -7.01 3.86 63.89
N ASP A 1066 -7.78 4.37 62.92
CA ASP A 1066 -9.24 4.38 63.01
C ASP A 1066 -9.80 3.00 63.14
N VAL A 1067 -9.43 2.16 62.20
CA VAL A 1067 -9.87 0.77 62.23
C VAL A 1067 -9.14 -0.14 63.24
N PHE A 1068 -7.95 0.25 63.68
CA PHE A 1068 -7.20 -0.46 64.72
C PHE A 1068 -6.68 0.53 65.79
N PRO A 1069 -7.58 1.04 66.63
CA PRO A 1069 -7.28 2.17 67.53
C PRO A 1069 -6.35 1.85 68.71
N GLY A 1070 -6.55 0.68 69.29
CA GLY A 1070 -5.76 0.26 70.42
C GLY A 1070 -4.33 -0.02 70.03
N ILE A 1071 -4.12 -0.49 68.81
CA ILE A 1071 -2.82 -1.02 68.39
C ILE A 1071 -1.70 0.01 68.42
N GLU A 1072 -2.01 1.24 68.03
CA GLU A 1072 -0.97 2.28 67.93
C GLU A 1072 0.11 1.88 66.91
N LEU A 1073 1.39 2.00 67.25
CA LEU A 1073 2.44 1.76 66.25
C LEU A 1073 3.65 0.97 66.73
N LYS A 1074 4.33 0.36 65.76
CA LYS A 1074 5.59 -0.34 65.98
C LYS A 1074 6.53 -0.19 64.80
N GLU A 1075 7.61 0.56 65.00
CA GLU A 1075 8.55 0.93 63.94
C GLU A 1075 9.38 -0.27 63.47
N VAL A 1076 10.14 -0.07 62.39
CA VAL A 1076 11.09 -1.09 61.93
C VAL A 1076 12.18 -1.19 62.97
N GLU A 1077 12.57 -2.39 63.31
CA GLU A 1077 13.36 -2.56 64.51
C GLU A 1077 14.83 -2.83 64.28
N TYR A 1078 15.17 -3.30 63.08
CA TYR A 1078 16.46 -3.96 62.83
C TYR A 1078 17.60 -3.03 62.46
N ASP A 1079 18.65 -3.17 63.24
CA ASP A 1079 19.79 -2.29 63.24
C ASP A 1079 21.06 -2.99 62.78
N GLU A 1080 21.17 -4.29 63.03
CA GLU A 1080 22.32 -5.10 62.60
C GLU A 1080 22.77 -4.75 61.19
N LEU A 1081 21.80 -4.65 60.30
CA LEU A 1081 22.07 -4.34 58.92
C LEU A 1081 22.35 -2.86 58.78
N SER A 1082 21.58 -2.04 59.47
CA SER A 1082 21.73 -0.59 59.35
C SER A 1082 23.17 -0.18 59.72
N ALA A 1083 23.74 -0.89 60.69
CA ALA A 1083 25.09 -0.64 61.16
C ALA A 1083 26.09 -0.81 60.04
N ALA A 1084 26.02 -1.98 59.41
CA ALA A 1084 26.87 -2.30 58.29
C ALA A 1084 26.61 -1.27 57.21
N LEU A 1085 25.35 -0.95 57.03
CA LEU A 1085 24.96 0.00 56.03
C LEU A 1085 25.49 1.40 56.33
N LYS A 1086 25.38 1.79 57.58
CA LYS A 1086 25.86 3.09 58.03
C LYS A 1086 27.33 3.16 57.77
N GLN A 1087 27.99 2.04 58.04
CA GLN A 1087 29.41 1.91 57.85
C GLN A 1087 29.79 2.21 56.41
N VAL A 1088 29.06 1.64 55.46
CA VAL A 1088 29.48 1.69 54.05
C VAL A 1088 29.45 3.12 53.53
N PHE A 1089 28.45 3.88 53.93
CA PHE A 1089 28.31 5.25 53.46
C PHE A 1089 29.52 6.09 53.84
N GLU A 1090 29.94 5.91 55.09
CA GLU A 1090 31.20 6.46 55.59
C GLU A 1090 32.40 5.97 54.73
N GLU A 1091 32.41 4.67 54.37
CA GLU A 1091 33.54 4.11 53.60
C GLU A 1091 33.48 4.47 52.13
N ALA A 1092 32.28 4.67 51.62
CA ALA A 1092 32.10 5.20 50.29
C ALA A 1092 32.26 6.73 50.24
N ASN A 1093 32.28 7.37 51.41
CA ASN A 1093 32.44 8.83 51.54
C ASN A 1093 31.21 9.57 51.11
N TYR A 1094 30.12 8.83 51.00
CA TYR A 1094 28.84 9.43 50.79
C TYR A 1094 28.39 9.97 52.14
N GLU A 1095 27.67 11.08 52.14
CA GLU A 1095 27.15 11.61 53.39
C GLU A 1095 26.04 10.68 53.91
N ILE A 1096 25.98 10.47 55.22
CA ILE A 1096 24.90 9.67 55.83
C ILE A 1096 23.64 10.52 55.96
N ILE A 1097 22.56 10.07 55.34
CA ILE A 1097 21.27 10.77 55.44
C ILE A 1097 20.20 9.74 55.83
N PRO A 1098 19.34 10.08 56.79
CA PRO A 1098 18.47 9.09 57.39
C PRO A 1098 17.63 8.39 56.39
N ASN A 1099 16.97 9.14 55.53
CA ASN A 1099 15.97 8.57 54.63
C ASN A 1099 16.58 7.48 53.80
N GLN A 1100 17.77 7.75 53.28
CA GLN A 1100 18.48 6.75 52.50
C GLN A 1100 18.51 5.43 53.22
N ILE A 1101 18.82 5.52 54.51
CA ILE A 1101 18.93 4.35 55.33
C ILE A 1101 17.57 3.68 55.35
N LYS A 1102 16.53 4.48 55.63
CA LYS A 1102 15.19 3.96 55.77
C LYS A 1102 14.86 3.18 54.52
N LYS A 1103 15.02 3.82 53.39
CA LYS A 1103 14.53 3.27 52.16
C LYS A 1103 15.30 2.01 51.86
N ALA A 1104 16.59 2.03 52.11
CA ALA A 1104 17.37 0.84 51.86
C ALA A 1104 16.92 -0.33 52.74
N LEU A 1105 16.76 0.00 54.00
CA LEU A 1105 16.34 -0.96 55.00
C LEU A 1105 14.99 -1.47 54.55
N GLU A 1106 14.13 -0.52 54.20
CA GLU A 1106 12.77 -0.81 53.78
C GLU A 1106 12.85 -1.76 52.63
N LEU A 1107 13.70 -1.37 51.69
CA LEU A 1107 13.96 -2.13 50.52
C LEU A 1107 14.29 -3.58 50.91
N TYR A 1108 15.16 -3.75 51.89
CA TYR A 1108 15.56 -5.11 52.22
C TYR A 1108 14.38 -6.07 52.42
N GLU A 1109 13.50 -5.82 53.39
CA GLU A 1109 12.47 -6.84 53.68
C GLU A 1109 11.51 -6.86 52.48
N GLN A 1110 11.39 -5.75 51.77
CA GLN A 1110 10.62 -5.74 50.52
C GLN A 1110 11.15 -6.79 49.55
N LEU A 1111 12.46 -6.96 49.57
CA LEU A 1111 13.07 -7.95 48.72
C LEU A 1111 12.82 -9.34 49.19
N CYS A 1112 12.85 -9.55 50.50
CA CYS A 1112 12.52 -10.87 51.05
C CYS A 1112 11.10 -11.22 50.66
N GLN A 1113 10.23 -10.20 50.75
CA GLN A 1113 8.81 -10.33 50.48
C GLN A 1113 8.65 -10.88 49.08
N ARG A 1114 8.95 -10.04 48.09
CA ARG A 1114 8.67 -10.47 46.73
C ARG A 1114 9.82 -10.55 45.78
N MET A 1115 9.56 -11.29 44.70
CA MET A 1115 10.57 -11.65 43.72
C MET A 1115 11.13 -10.44 43.03
N GLY A 1116 10.23 -9.64 42.47
CA GLY A 1116 10.63 -8.47 41.71
C GLY A 1116 10.40 -7.22 42.51
N VAL A 1117 11.30 -6.26 42.38
CA VAL A 1117 11.14 -4.99 43.08
C VAL A 1117 11.52 -3.83 42.21
N VAL A 1118 10.85 -2.72 42.44
CA VAL A 1118 11.06 -1.56 41.62
C VAL A 1118 11.56 -0.39 42.43
N ILE A 1119 12.37 0.43 41.77
CA ILE A 1119 12.74 1.70 42.37
C ILE A 1119 12.36 2.82 41.42
N VAL A 1120 11.54 3.73 41.93
CA VAL A 1120 11.07 4.84 41.13
C VAL A 1120 11.47 6.21 41.67
N GLY A 1121 11.91 7.05 40.72
CA GLY A 1121 12.19 8.47 40.95
C GLY A 1121 12.97 9.07 39.79
N PRO A 1122 13.04 10.41 39.74
CA PRO A 1122 13.82 11.05 38.70
C PRO A 1122 15.30 10.82 38.89
N SER A 1123 16.07 11.08 37.84
CA SER A 1123 17.48 10.82 37.93
C SER A 1123 18.05 11.67 39.00
N GLY A 1124 19.09 11.13 39.62
CA GLY A 1124 19.67 11.78 40.74
C GLY A 1124 18.84 11.59 41.99
N ALA A 1125 17.74 10.86 41.89
CA ALA A 1125 16.95 10.61 43.07
C ALA A 1125 17.80 9.84 44.06
N GLY A 1126 18.75 9.07 43.52
CA GLY A 1126 19.63 8.30 44.37
C GLY A 1126 19.32 6.84 44.25
N LYS A 1127 18.27 6.53 43.52
CA LYS A 1127 17.75 5.19 43.52
C LYS A 1127 18.75 4.13 43.09
N SER A 1128 19.60 4.43 42.13
CA SER A 1128 20.51 3.43 41.69
C SER A 1128 21.53 3.18 42.76
N THR A 1129 22.01 4.27 43.37
CA THR A 1129 23.04 4.18 44.40
C THR A 1129 22.50 3.41 45.55
N LEU A 1130 21.27 3.73 45.85
CA LEU A 1130 20.61 3.11 46.92
C LEU A 1130 20.94 1.66 46.94
N TRP A 1131 20.55 0.92 45.90
CA TRP A 1131 20.65 -0.53 45.99
C TRP A 1131 22.10 -0.96 45.97
N ARG A 1132 22.93 -0.15 45.37
CA ARG A 1132 24.33 -0.50 45.26
C ARG A 1132 24.92 -0.49 46.65
N MET A 1133 24.56 0.51 47.45
CA MET A 1133 25.05 0.61 48.82
C MET A 1133 24.60 -0.60 49.59
N LEU A 1134 23.39 -1.04 49.31
CA LEU A 1134 22.77 -2.06 50.10
C LEU A 1134 23.58 -3.32 50.04
N ARG A 1135 23.92 -3.73 48.84
CA ARG A 1135 24.57 -4.98 48.71
C ARG A 1135 25.87 -4.97 49.52
N ALA A 1136 26.56 -3.84 49.53
CA ALA A 1136 27.86 -3.72 50.20
C ALA A 1136 27.73 -3.99 51.68
N ALA A 1137 26.81 -3.23 52.29
CA ALA A 1137 26.49 -3.35 53.72
C ALA A 1137 26.05 -4.76 54.04
N LEU A 1138 25.14 -5.22 53.21
CA LEU A 1138 24.60 -6.53 53.33
C LEU A 1138 25.74 -7.54 53.26
N CYS A 1139 26.59 -7.37 52.25
CA CYS A 1139 27.56 -8.38 51.92
C CYS A 1139 28.47 -8.66 53.09
N LYS A 1140 28.70 -7.63 53.91
CA LYS A 1140 29.48 -7.78 55.12
C LYS A 1140 28.92 -8.83 56.10
N THR A 1141 27.61 -8.90 56.28
CA THR A 1141 27.08 -10.04 57.04
C THR A 1141 26.50 -11.09 56.13
N GLY A 1142 26.09 -10.62 54.97
CA GLY A 1142 25.18 -11.31 54.09
C GLY A 1142 26.02 -11.98 53.06
N LYS A 1143 25.93 -13.28 53.08
CA LYS A 1143 26.96 -14.07 52.47
C LYS A 1143 27.33 -13.52 51.08
N VAL A 1144 26.34 -13.23 50.26
CA VAL A 1144 26.63 -13.05 48.86
C VAL A 1144 25.71 -12.03 48.27
N VAL A 1145 26.15 -11.40 47.18
CA VAL A 1145 25.30 -10.64 46.28
C VAL A 1145 25.85 -10.79 44.89
N LYS A 1146 25.07 -11.29 43.95
CA LYS A 1146 25.52 -11.44 42.57
C LYS A 1146 24.83 -10.38 41.74
N GLN A 1147 25.62 -9.59 41.00
CA GLN A 1147 25.05 -8.46 40.28
C GLN A 1147 25.15 -8.61 38.78
N TYR A 1148 24.00 -8.53 38.11
CA TYR A 1148 23.94 -8.57 36.64
C TYR A 1148 23.06 -7.44 36.20
N THR A 1149 23.50 -6.64 35.24
CA THR A 1149 22.75 -5.43 34.89
C THR A 1149 22.37 -5.37 33.42
N MET A 1150 21.08 -5.42 33.14
CA MET A 1150 20.62 -5.19 31.78
C MET A 1150 20.13 -3.75 31.69
N ASN A 1151 20.60 -2.97 30.74
CA ASN A 1151 19.76 -1.84 30.33
C ASN A 1151 18.99 -2.38 29.18
N PRO A 1152 17.76 -2.76 29.43
CA PRO A 1152 17.05 -3.59 28.48
C PRO A 1152 16.79 -2.92 27.15
N LYS A 1153 16.54 -1.62 27.21
CA LYS A 1153 16.19 -0.87 26.03
C LYS A 1153 17.37 -0.61 25.13
N ALA A 1154 18.55 -0.53 25.73
CA ALA A 1154 19.76 -0.22 24.99
C ALA A 1154 19.95 -1.17 23.82
N MET A 1155 19.91 -2.46 24.12
CA MET A 1155 20.05 -3.49 23.10
C MET A 1155 18.69 -3.89 22.52
N PRO A 1156 18.68 -4.51 21.36
CA PRO A 1156 17.45 -4.96 20.74
C PRO A 1156 16.68 -5.92 21.59
N ARG A 1157 15.42 -6.09 21.23
CA ARG A 1157 14.56 -7.04 21.92
C ARG A 1157 15.20 -8.44 22.04
N TYR A 1158 15.64 -9.02 20.94
CA TYR A 1158 16.11 -10.40 21.02
C TYR A 1158 17.37 -10.51 21.84
N GLN A 1159 18.24 -9.51 21.77
CA GLN A 1159 19.50 -9.61 22.46
C GLN A 1159 19.21 -9.82 23.90
N LEU A 1160 18.24 -9.10 24.40
CA LEU A 1160 17.87 -9.27 25.78
C LEU A 1160 17.26 -10.66 26.02
N LEU A 1161 16.15 -10.93 25.35
CA LEU A 1161 15.30 -12.09 25.64
C LEU A 1161 15.88 -13.40 25.16
N GLY A 1162 16.61 -13.34 24.05
CA GLY A 1162 17.04 -14.55 23.35
C GLY A 1162 16.02 -14.98 22.33
N HIS A 1163 16.46 -15.80 21.37
CA HIS A 1163 15.57 -16.08 20.26
C HIS A 1163 15.86 -17.40 19.60
N ILE A 1164 15.04 -17.68 18.58
CA ILE A 1164 15.18 -18.86 17.74
C ILE A 1164 15.55 -18.43 16.34
N ASP A 1165 16.76 -18.76 15.90
CA ASP A 1165 17.11 -18.55 14.50
C ASP A 1165 16.07 -19.27 13.64
N MET A 1166 15.39 -18.55 12.75
CA MET A 1166 14.30 -19.13 11.98
C MET A 1166 14.78 -20.19 11.00
N ASP A 1167 15.97 -19.98 10.47
CA ASP A 1167 16.50 -20.94 9.52
C ASP A 1167 16.90 -22.22 10.21
N THR A 1168 17.85 -22.15 11.13
CA THR A 1168 18.40 -23.37 11.77
C THR A 1168 17.43 -23.95 12.76
N ARG A 1169 16.54 -23.10 13.23
CA ARG A 1169 15.64 -23.43 14.30
C ARG A 1169 16.49 -23.80 15.49
N GLU A 1170 17.51 -23.01 15.69
CA GLU A 1170 18.41 -23.21 16.80
C GLU A 1170 18.18 -22.03 17.71
N TRP A 1171 18.32 -22.27 19.00
CA TRP A 1171 18.22 -21.22 19.97
C TRP A 1171 19.49 -20.41 20.01
N SER A 1172 19.37 -19.15 20.37
CA SER A 1172 20.55 -18.37 20.69
C SER A 1172 20.17 -17.46 21.85
N ASP A 1173 20.98 -17.50 22.90
CA ASP A 1173 20.61 -16.89 24.18
C ASP A 1173 20.33 -15.42 24.11
N GLY A 1174 19.79 -14.98 25.22
CA GLY A 1174 19.62 -13.58 25.50
C GLY A 1174 20.36 -13.34 26.77
N VAL A 1175 20.51 -12.09 27.12
CA VAL A 1175 21.42 -11.76 28.17
C VAL A 1175 20.90 -12.29 29.47
N LEU A 1176 19.66 -11.97 29.75
CA LEU A 1176 19.10 -12.42 31.00
C LEU A 1176 18.86 -13.93 31.00
N THR A 1177 18.63 -14.50 29.83
CA THR A 1177 18.40 -15.92 29.76
C THR A 1177 19.70 -16.60 30.17
N ASN A 1178 20.75 -16.19 29.51
CA ASN A 1178 22.06 -16.60 29.92
C ASN A 1178 22.25 -16.40 31.43
N SER A 1179 22.07 -15.17 31.91
CA SER A 1179 22.33 -14.85 33.35
C SER A 1179 21.55 -15.76 34.34
N ALA A 1180 20.34 -16.09 33.94
CA ALA A 1180 19.51 -17.01 34.70
C ALA A 1180 20.23 -18.33 34.91
N ARG A 1181 20.85 -18.82 33.85
CA ARG A 1181 21.53 -20.09 33.92
C ARG A 1181 22.73 -19.95 34.87
N GLN A 1182 23.29 -18.76 34.91
CA GLN A 1182 24.44 -18.53 35.76
C GLN A 1182 23.98 -18.55 37.19
N VAL A 1183 22.81 -17.95 37.44
CA VAL A 1183 22.31 -17.93 38.83
C VAL A 1183 21.71 -19.27 39.32
N VAL A 1184 21.13 -20.04 38.42
CA VAL A 1184 20.62 -21.34 38.84
C VAL A 1184 21.71 -22.32 39.27
N ARG A 1185 22.85 -22.31 38.59
CA ARG A 1185 23.95 -23.17 38.99
C ARG A 1185 24.46 -22.74 40.35
N GLU A 1186 24.38 -21.44 40.62
CA GLU A 1186 24.89 -20.85 41.84
C GLU A 1186 24.39 -21.59 43.08
N PRO A 1187 25.25 -21.72 44.10
CA PRO A 1187 24.92 -22.50 45.29
C PRO A 1187 23.76 -21.96 46.07
N GLN A 1188 23.22 -22.79 46.93
CA GLN A 1188 22.01 -22.46 47.63
C GLN A 1188 22.09 -21.24 48.50
N ASP A 1189 23.26 -20.98 49.07
CA ASP A 1189 23.42 -19.88 50.03
C ASP A 1189 24.16 -18.75 49.41
N VAL A 1190 23.48 -18.18 48.42
CA VAL A 1190 23.98 -17.07 47.67
C VAL A 1190 22.82 -16.17 47.26
N SER A 1191 23.05 -14.87 47.22
CA SER A 1191 22.06 -13.96 46.70
C SER A 1191 22.41 -13.60 45.29
N SER A 1192 21.38 -13.52 44.48
CA SER A 1192 21.52 -13.23 43.08
C SER A 1192 20.47 -12.17 42.70
N TRP A 1193 20.96 -11.08 42.12
CA TRP A 1193 20.12 -9.94 41.78
C TRP A 1193 20.29 -9.59 40.33
N ILE A 1194 19.19 -9.35 39.63
CA ILE A 1194 19.23 -8.93 38.23
C ILE A 1194 18.62 -7.54 38.12
N ILE A 1195 19.44 -6.62 37.69
CA ILE A 1195 19.05 -5.29 37.72
C ILE A 1195 18.69 -4.91 36.31
N CYS A 1196 17.56 -4.22 36.16
CA CYS A 1196 17.22 -3.57 34.87
C CYS A 1196 17.07 -2.05 35.05
N ASP A 1197 18.15 -1.35 34.70
CA ASP A 1197 18.24 0.08 34.94
C ASP A 1197 17.91 0.72 33.63
N GLY A 1198 16.62 0.79 33.31
CA GLY A 1198 16.23 1.33 32.02
C GLY A 1198 14.75 1.50 31.96
N ASP A 1199 14.32 2.15 30.90
CA ASP A 1199 12.93 2.53 30.76
C ASP A 1199 12.13 1.30 30.42
N ILE A 1200 10.82 1.38 30.67
CA ILE A 1200 9.94 0.19 30.70
C ILE A 1200 8.85 0.15 29.61
N ASP A 1201 8.74 -1.02 28.94
CA ASP A 1201 7.79 -1.28 27.82
C ASP A 1201 7.11 -2.57 28.08
N PRO A 1202 5.79 -2.58 27.99
CA PRO A 1202 5.11 -3.83 28.29
C PRO A 1202 5.50 -4.93 27.35
N GLU A 1203 5.94 -4.57 26.17
CA GLU A 1203 6.32 -5.59 25.22
C GLU A 1203 7.48 -6.46 25.67
N TRP A 1204 8.49 -5.84 26.29
CA TRP A 1204 9.68 -6.58 26.73
C TRP A 1204 9.55 -7.07 28.13
N ILE A 1205 9.07 -6.24 29.04
CA ILE A 1205 9.11 -6.58 30.45
C ILE A 1205 8.08 -7.64 30.81
N GLU A 1206 6.96 -7.61 30.14
CA GLU A 1206 5.88 -8.42 30.56
C GLU A 1206 6.26 -9.88 30.32
N SER A 1207 7.36 -10.09 29.61
CA SER A 1207 7.90 -11.42 29.36
C SER A 1207 8.48 -12.07 30.60
N LEU A 1208 8.60 -11.29 31.67
CA LEU A 1208 8.98 -11.87 32.96
C LEU A 1208 7.80 -12.29 33.84
N ASN A 1209 6.62 -12.34 33.27
CA ASN A 1209 5.45 -12.54 34.08
C ASN A 1209 5.45 -13.85 34.82
N SER A 1210 5.78 -14.93 34.14
CA SER A 1210 5.92 -16.21 34.79
C SER A 1210 7.03 -16.17 35.85
N VAL A 1211 7.99 -15.28 35.71
CA VAL A 1211 9.08 -15.21 36.67
C VAL A 1211 8.67 -14.50 37.94
N LEU A 1212 7.95 -13.40 37.77
CA LEU A 1212 7.57 -12.61 38.94
C LEU A 1212 6.20 -12.99 39.50
N ASP A 1213 5.56 -13.91 38.79
CA ASP A 1213 4.30 -14.54 39.17
C ASP A 1213 4.48 -15.16 40.53
N ASP A 1214 3.38 -15.52 41.17
CA ASP A 1214 3.42 -16.25 42.44
C ASP A 1214 4.33 -17.46 42.18
N ASN A 1215 4.15 -18.00 41.01
CA ASN A 1215 4.99 -19.01 40.47
C ASN A 1215 6.27 -18.38 39.99
N ARG A 1216 7.43 -18.87 40.44
CA ARG A 1216 8.70 -18.26 40.04
C ARG A 1216 9.32 -19.05 38.92
N LEU A 1217 9.11 -18.63 37.69
CA LEU A 1217 9.64 -19.42 36.58
C LEU A 1217 9.85 -18.60 35.33
N LEU A 1218 10.91 -18.90 34.61
CA LEU A 1218 11.17 -18.20 33.38
C LEU A 1218 11.05 -19.12 32.21
N THR A 1219 10.29 -18.69 31.23
CA THR A 1219 9.99 -19.52 30.08
C THR A 1219 10.62 -19.16 28.74
N MET A 1220 11.45 -20.09 28.25
CA MET A 1220 11.95 -20.03 26.88
C MET A 1220 10.81 -20.47 25.97
N PRO A 1221 10.76 -19.91 24.75
CA PRO A 1221 9.91 -20.38 23.64
C PRO A 1221 10.31 -21.72 22.97
N SER A 1222 11.53 -22.17 23.21
CA SER A 1222 11.92 -23.53 22.83
C SER A 1222 11.20 -24.58 23.70
N GLY A 1223 10.59 -24.14 24.81
CA GLY A 1223 9.98 -25.01 25.78
C GLY A 1223 10.75 -25.03 27.07
N GLU A 1224 12.08 -24.86 26.99
CA GLU A 1224 12.95 -24.87 28.19
C GLU A 1224 12.44 -23.85 29.18
N ARG A 1225 12.58 -24.13 30.47
CA ARG A 1225 12.05 -23.27 31.50
C ARG A 1225 12.89 -23.34 32.78
N ILE A 1226 12.94 -22.26 33.55
CA ILE A 1226 14.01 -22.09 34.52
C ILE A 1226 13.57 -21.60 35.90
N GLN A 1227 13.11 -22.49 36.77
CA GLN A 1227 12.61 -22.01 38.05
C GLN A 1227 13.71 -21.49 38.92
N PHE A 1228 13.28 -20.69 39.88
CA PHE A 1228 14.18 -20.02 40.78
C PHE A 1228 13.72 -20.27 42.22
N GLY A 1229 14.67 -20.17 43.15
CA GLY A 1229 14.40 -20.30 44.57
C GLY A 1229 14.41 -18.92 45.16
N PRO A 1230 14.38 -18.84 46.47
CA PRO A 1230 14.43 -17.55 47.14
C PRO A 1230 15.82 -16.89 47.05
N ASN A 1231 16.83 -17.64 46.61
CA ASN A 1231 18.14 -17.10 46.23
C ASN A 1231 18.01 -15.83 45.40
N VAL A 1232 17.08 -15.91 44.47
CA VAL A 1232 16.96 -14.96 43.40
C VAL A 1232 16.05 -13.80 43.79
N ASN A 1233 16.55 -12.59 43.58
CA ASN A 1233 15.73 -11.38 43.58
C ASN A 1233 15.84 -10.72 42.20
N PHE A 1234 14.88 -9.90 41.85
CA PHE A 1234 14.94 -9.10 40.62
C PHE A 1234 14.66 -7.67 40.89
N VAL A 1235 15.33 -6.81 40.15
CA VAL A 1235 15.33 -5.42 40.48
C VAL A 1235 15.18 -4.63 39.24
N PHE A 1236 14.34 -3.61 39.34
CA PHE A 1236 14.15 -2.67 38.24
C PHE A 1236 14.33 -1.27 38.73
N GLU A 1237 15.00 -0.47 37.90
CA GLU A 1237 15.24 0.93 38.21
C GLU A 1237 14.71 1.72 37.05
N THR A 1238 13.86 2.70 37.37
CA THR A 1238 13.21 3.40 36.31
C THR A 1238 12.57 4.75 36.63
N HIS A 1239 12.66 5.53 35.56
CA HIS A 1239 12.28 6.87 35.47
C HIS A 1239 10.86 6.96 35.84
N ASP A 1240 10.02 6.18 35.16
CA ASP A 1240 8.60 6.08 35.49
C ASP A 1240 7.89 4.92 34.79
N LEU A 1241 6.68 4.62 35.28
CA LEU A 1241 5.93 3.45 34.86
C LEU A 1241 4.69 3.82 34.10
N SER A 1242 4.71 5.01 33.52
CA SER A 1242 3.71 5.38 32.55
C SER A 1242 3.25 4.18 31.72
N CYS A 1243 4.18 3.50 31.09
CA CYS A 1243 3.80 2.47 30.13
C CYS A 1243 3.45 1.14 30.76
N ALA A 1244 3.51 1.09 32.07
CA ALA A 1244 3.28 -0.15 32.75
C ALA A 1244 1.80 -0.57 32.70
N SER A 1245 1.55 -1.79 32.25
CA SER A 1245 0.28 -2.45 32.51
C SER A 1245 0.17 -2.70 34.00
N PRO A 1246 -1.04 -2.72 34.52
CA PRO A 1246 -1.17 -2.99 35.93
C PRO A 1246 -0.63 -4.36 36.30
N ALA A 1247 -0.68 -5.27 35.34
CA ALA A 1247 -0.25 -6.63 35.59
C ALA A 1247 1.10 -6.59 36.20
N THR A 1248 1.99 -5.88 35.54
CA THR A 1248 3.37 -5.82 35.97
C THR A 1248 3.46 -5.09 37.31
N ILE A 1249 2.63 -4.07 37.49
CA ILE A 1249 2.79 -3.22 38.64
C ILE A 1249 2.50 -4.07 39.86
N SER A 1250 1.36 -4.76 39.81
CA SER A 1250 0.94 -5.59 40.94
C SER A 1250 1.82 -6.83 41.09
N ARG A 1251 2.48 -7.19 39.98
CA ARG A 1251 3.34 -8.37 39.93
C ARG A 1251 4.53 -8.27 40.86
N MET A 1252 4.92 -7.04 41.18
CA MET A 1252 6.11 -6.84 41.94
C MET A 1252 6.09 -5.71 42.90
N GLY A 1253 7.01 -5.82 43.86
CA GLY A 1253 7.18 -4.84 44.94
C GLY A 1253 7.83 -3.58 44.43
N MET A 1254 7.88 -2.57 45.29
CA MET A 1254 8.20 -1.24 44.81
C MET A 1254 8.52 -0.21 45.90
N ILE A 1255 9.43 0.70 45.56
CA ILE A 1255 9.88 1.74 46.44
C ILE A 1255 9.81 3.07 45.74
N PHE A 1256 9.58 4.11 46.49
CA PHE A 1256 9.41 5.38 45.85
C PHE A 1256 10.30 6.48 46.42
N LEU A 1257 10.90 7.29 45.53
CA LEU A 1257 11.67 8.48 45.94
C LEU A 1257 11.23 9.76 45.23
N SER A 1258 11.15 10.88 45.95
CA SER A 1258 10.79 12.15 45.35
C SER A 1258 11.88 13.19 45.46
N ASP A 1259 11.52 14.40 45.05
CA ASP A 1259 12.26 15.59 45.41
C ASP A 1259 12.20 15.80 46.93
N GLU A 1260 11.02 15.60 47.50
CA GLU A 1260 10.82 15.57 48.94
C GLU A 1260 11.86 14.70 49.66
N GLU A 1261 11.97 13.43 49.27
CA GLU A 1261 12.95 12.51 49.87
C GLU A 1261 14.41 12.77 49.41
N THR A 1262 14.61 13.43 48.26
CA THR A 1262 15.96 13.81 47.79
C THR A 1262 16.50 15.01 48.60
N ASP A 1263 17.65 14.86 49.28
CA ASP A 1263 18.20 15.92 50.17
C ASP A 1263 19.35 16.63 49.51
N LEU A 1264 19.17 17.91 49.18
CA LEU A 1264 20.15 18.67 48.38
C LEU A 1264 21.31 19.26 49.22
N ASN A 1265 20.98 20.05 50.26
CA ASN A 1265 21.99 20.62 51.17
C ASN A 1265 22.89 19.48 51.67
N SER A 1266 22.25 18.36 52.00
CA SER A 1266 22.92 17.11 52.34
C SER A 1266 23.94 16.59 51.27
N LEU A 1267 23.58 16.69 50.00
CA LEU A 1267 24.45 16.26 48.91
C LEU A 1267 25.51 17.25 48.55
N ILE A 1268 25.24 18.53 48.73
CA ILE A 1268 26.28 19.47 48.41
C ILE A 1268 27.52 19.29 49.27
N LYS A 1269 27.30 18.93 50.53
CA LYS A 1269 28.39 18.73 51.48
C LYS A 1269 29.45 17.82 50.89
N SER A 1270 29.01 16.77 50.20
CA SER A 1270 29.96 15.82 49.61
C SER A 1270 30.73 16.47 48.48
N TRP A 1271 30.12 17.40 47.76
CA TRP A 1271 30.86 18.15 46.77
C TRP A 1271 31.96 18.98 47.37
N LEU A 1272 31.68 19.57 48.51
CA LEU A 1272 32.69 20.38 49.17
C LEU A 1272 33.92 19.55 49.57
N ARG A 1273 33.68 18.34 50.08
CA ARG A 1273 34.79 17.46 50.48
C ARG A 1273 35.61 17.05 49.27
N ASN A 1274 34.94 16.93 48.13
CA ASN A 1274 35.60 16.58 46.89
C ASN A 1274 36.60 17.63 46.46
N GLN A 1275 36.29 18.88 46.76
CA GLN A 1275 37.18 19.99 46.45
C GLN A 1275 38.47 20.00 47.30
N PRO A 1276 39.56 20.69 46.84
CA PRO A 1276 40.72 20.64 47.72
C PRO A 1276 40.45 21.21 49.10
N ALA A 1277 39.62 22.25 49.16
CA ALA A 1277 39.27 22.91 50.43
C ALA A 1277 40.24 23.99 50.82
N GLU A 1278 41.22 24.27 49.96
CA GLU A 1278 42.06 25.42 50.14
C GLU A 1278 41.14 26.62 50.05
N TYR A 1279 40.24 26.57 49.07
CA TYR A 1279 39.18 27.57 48.95
C TYR A 1279 37.87 27.05 49.55
N ARG A 1280 37.89 25.83 50.06
CA ARG A 1280 36.65 25.18 50.49
C ARG A 1280 36.01 26.01 51.57
N ASN A 1281 36.83 26.50 52.49
CA ASN A 1281 36.40 27.49 53.47
C ASN A 1281 35.56 28.60 52.81
N ASN A 1282 36.11 29.22 51.77
CA ASN A 1282 35.44 30.33 51.07
C ASN A 1282 34.13 29.86 50.46
N LEU A 1283 34.19 28.67 49.89
CA LEU A 1283 33.07 28.15 49.15
C LEU A 1283 31.92 27.84 50.06
N GLU A 1284 32.18 27.13 51.15
CA GLU A 1284 31.07 26.80 52.06
C GLU A 1284 30.32 28.06 52.42
N ASN A 1285 31.08 29.11 52.67
CA ASN A 1285 30.54 30.40 53.06
C ASN A 1285 29.79 31.07 51.93
N TRP A 1286 30.36 31.02 50.73
CA TRP A 1286 29.76 31.65 49.55
C TRP A 1286 28.47 30.99 49.12
N ILE A 1287 28.56 29.69 48.97
CA ILE A 1287 27.51 28.92 48.40
C ILE A 1287 26.39 28.87 49.37
N GLY A 1288 26.71 28.64 50.63
CA GLY A 1288 25.71 28.53 51.68
C GLY A 1288 24.63 29.59 51.54
N ASP A 1289 25.07 30.84 51.53
CA ASP A 1289 24.15 31.97 51.41
C ASP A 1289 23.74 32.21 49.94
N TYR A 1290 24.71 32.27 49.04
CA TYR A 1290 24.41 32.66 47.66
C TYR A 1290 23.59 31.63 46.84
N PHE A 1291 23.86 30.35 46.94
CA PHE A 1291 23.30 29.37 46.02
C PHE A 1291 21.78 29.29 45.98
N GLU A 1292 21.20 29.32 47.16
CA GLU A 1292 19.82 28.94 47.30
C GLU A 1292 18.86 29.75 46.46
N LYS A 1293 18.79 31.06 46.67
CA LYS A 1293 17.78 31.88 45.98
C LYS A 1293 18.00 31.92 44.47
N ALA A 1294 19.26 31.93 44.08
CA ALA A 1294 19.58 31.82 42.67
C ALA A 1294 19.02 30.53 42.15
N LEU A 1295 19.19 29.47 42.92
CA LEU A 1295 18.54 28.25 42.54
C LEU A 1295 17.04 28.48 42.37
N GLN A 1296 16.43 28.95 43.45
CA GLN A 1296 15.00 29.12 43.53
C GLN A 1296 14.49 29.78 42.29
N TRP A 1297 15.13 30.90 41.95
CA TRP A 1297 14.61 31.76 40.91
C TRP A 1297 14.45 31.00 39.62
N VAL A 1298 15.37 30.07 39.41
CA VAL A 1298 15.34 29.31 38.17
C VAL A 1298 14.22 28.27 38.18
N LEU A 1299 13.93 27.76 39.36
CA LEU A 1299 12.84 26.81 39.54
C LEU A 1299 11.49 27.50 39.42
N LYS A 1300 11.37 28.66 40.04
CA LYS A 1300 10.23 29.53 39.82
C LYS A 1300 10.08 29.67 38.33
N GLN A 1301 11.13 30.19 37.71
CA GLN A 1301 11.11 30.43 36.29
C GLN A 1301 10.62 29.25 35.52
N ASN A 1302 11.21 28.08 35.73
CA ASN A 1302 10.81 26.91 34.95
C ASN A 1302 10.69 27.26 33.46
N ASP A 1303 11.59 28.10 32.98
CA ASP A 1303 11.66 28.49 31.58
C ASP A 1303 13.04 28.09 31.18
N TYR A 1304 13.20 26.94 30.57
CA TYR A 1304 14.55 26.47 30.24
C TYR A 1304 14.58 25.44 29.16
N VAL A 1305 15.77 25.29 28.59
CA VAL A 1305 15.99 24.59 27.34
C VAL A 1305 15.79 23.07 27.33
N VAL A 1306 16.14 22.38 28.42
CA VAL A 1306 15.86 20.92 28.51
C VAL A 1306 15.56 20.37 29.90
N GLU A 1307 14.64 19.40 29.91
CA GLU A 1307 14.15 18.81 31.14
C GLU A 1307 15.20 18.03 31.84
N THR A 1308 15.55 18.49 33.02
CA THR A 1308 16.48 17.81 33.87
C THR A 1308 15.94 17.81 35.26
N SER A 1309 15.99 16.66 35.93
CA SER A 1309 15.60 16.54 37.33
C SER A 1309 16.47 17.48 38.08
N LEU A 1310 15.99 17.90 39.21
CA LEU A 1310 16.69 18.93 39.88
C LEU A 1310 18.16 18.67 39.83
N VAL A 1311 18.52 17.53 40.37
CA VAL A 1311 19.89 17.18 40.49
C VAL A 1311 20.51 17.73 39.24
N GLY A 1312 19.98 17.31 38.10
CA GLY A 1312 20.47 17.68 36.78
C GLY A 1312 20.83 19.13 36.65
N THR A 1313 19.92 19.97 37.09
CA THR A 1313 20.11 21.41 37.05
C THR A 1313 21.20 21.77 38.03
N VAL A 1314 21.00 21.37 39.28
CA VAL A 1314 21.93 21.70 40.35
C VAL A 1314 23.35 21.52 39.88
N MET A 1315 23.57 20.32 39.41
CA MET A 1315 24.83 19.77 39.13
C MET A 1315 25.47 20.67 38.11
N ASN A 1316 24.67 21.14 37.16
CA ASN A 1316 25.23 21.97 36.10
C ASN A 1316 25.81 23.22 36.73
N GLY A 1317 25.02 23.79 37.64
CA GLY A 1317 25.43 24.88 38.51
C GLY A 1317 26.72 24.62 39.24
N LEU A 1318 26.83 23.44 39.83
CA LEU A 1318 28.00 23.14 40.65
C LEU A 1318 29.26 22.86 39.88
N SER A 1319 29.14 22.06 38.83
CA SER A 1319 30.32 21.60 38.09
C SER A 1319 31.09 22.74 37.46
N HIS A 1320 30.42 23.86 37.29
CA HIS A 1320 31.08 25.01 36.78
C HIS A 1320 31.85 25.82 37.82
N LEU A 1321 31.50 25.59 39.07
CA LEU A 1321 32.03 26.32 40.21
C LEU A 1321 33.36 25.83 40.80
N HIS A 1322 33.92 24.74 40.31
CA HIS A 1322 35.11 24.27 40.96
C HIS A 1322 36.26 25.17 40.57
N GLY A 1323 37.19 25.30 41.51
CA GLY A 1323 38.40 26.06 41.32
C GLY A 1323 38.27 27.56 41.48
N CYS A 1324 37.10 28.09 41.80
CA CYS A 1324 36.84 29.53 41.78
C CYS A 1324 37.59 30.31 42.84
N ARG A 1325 38.55 31.11 42.39
CA ARG A 1325 39.57 31.67 43.27
C ARG A 1325 39.06 32.84 44.08
N ASP A 1326 38.36 33.77 43.44
CA ASP A 1326 37.83 34.94 44.12
C ASP A 1326 36.32 34.88 44.13
N HIS A 1327 35.74 35.70 44.99
CA HIS A 1327 34.28 35.87 45.06
C HIS A 1327 33.77 36.36 43.73
N ASP A 1328 34.50 37.31 43.20
CA ASP A 1328 34.18 37.91 41.92
C ASP A 1328 34.05 36.83 40.85
N GLU A 1329 34.99 35.90 40.84
CA GLU A 1329 35.00 34.79 39.90
C GLU A 1329 33.77 33.89 40.11
N PHE A 1330 33.60 33.49 41.36
CA PHE A 1330 32.47 32.65 41.77
C PHE A 1330 31.12 33.14 41.26
N ILE A 1331 30.90 34.43 41.33
CA ILE A 1331 29.65 34.96 40.83
C ILE A 1331 29.48 34.53 39.37
N ILE A 1332 30.53 34.76 38.59
CA ILE A 1332 30.43 34.54 37.17
C ILE A 1332 30.22 33.08 36.95
N ASN A 1333 31.04 32.29 37.63
CA ASN A 1333 30.99 30.85 37.45
C ASN A 1333 29.65 30.26 37.88
N LEU A 1334 29.00 30.92 38.82
CA LEU A 1334 27.73 30.41 39.28
C LEU A 1334 26.78 30.52 38.14
N ILE A 1335 26.61 31.76 37.70
CA ILE A 1335 25.67 32.07 36.65
C ILE A 1335 25.96 31.22 35.45
N ARG A 1336 27.25 31.06 35.16
CA ARG A 1336 27.63 30.19 34.06
C ARG A 1336 26.85 28.90 34.24
N GLY A 1337 27.11 28.23 35.35
CA GLY A 1337 26.57 26.90 35.59
C GLY A 1337 25.09 26.75 35.27
N LEU A 1338 24.30 27.71 35.75
CA LEU A 1338 22.85 27.61 35.66
C LEU A 1338 22.35 28.11 34.31
N GLY A 1339 22.80 29.31 33.93
CA GLY A 1339 22.27 29.99 32.72
C GLY A 1339 22.47 29.28 31.39
N GLY A 1340 23.25 28.20 31.45
CA GLY A 1340 23.30 27.25 30.38
C GLY A 1340 21.90 26.81 30.02
N ASN A 1341 21.07 26.52 31.03
CA ASN A 1341 19.73 25.95 30.82
C ASN A 1341 18.58 26.92 30.43
N LEU A 1342 18.75 28.22 30.61
CA LEU A 1342 17.65 29.17 30.30
C LEU A 1342 17.49 29.55 28.83
N ASN A 1343 16.26 29.53 28.34
CA ASN A 1343 15.91 30.23 27.13
C ASN A 1343 16.33 31.72 27.22
N MET A 1344 16.89 32.23 26.13
CA MET A 1344 17.79 33.39 26.19
C MET A 1344 17.26 34.57 26.98
N LYS A 1345 16.07 35.02 26.64
CA LYS A 1345 15.59 36.23 27.29
C LYS A 1345 15.57 36.08 28.80
N SER A 1346 15.32 34.86 29.29
CA SER A 1346 15.19 34.70 30.75
C SER A 1346 16.57 34.60 31.38
N ARG A 1347 17.59 34.40 30.56
CA ARG A 1347 18.95 34.49 31.05
C ARG A 1347 19.20 35.85 31.65
N LEU A 1348 18.80 36.86 30.90
CA LEU A 1348 19.03 38.24 31.31
C LEU A 1348 18.43 38.54 32.66
N GLU A 1349 17.13 38.26 32.77
CA GLU A 1349 16.44 38.38 34.04
C GLU A 1349 17.36 37.86 35.17
N PHE A 1350 17.91 36.65 34.97
CA PHE A 1350 18.76 36.03 35.99
C PHE A 1350 19.99 36.83 36.27
N THR A 1351 20.87 36.82 35.28
CA THR A 1351 22.12 37.50 35.45
C THR A 1351 21.88 38.82 36.16
N LYS A 1352 20.94 39.60 35.64
CA LYS A 1352 20.63 40.91 36.22
C LYS A 1352 20.48 40.80 37.73
N GLU A 1353 19.49 40.03 38.14
CA GLU A 1353 19.16 39.87 39.56
C GLU A 1353 20.32 39.30 40.36
N VAL A 1354 21.15 38.52 39.72
CA VAL A 1354 22.30 38.03 40.43
C VAL A 1354 23.11 39.20 40.97
N PHE A 1355 23.17 40.31 40.25
CA PHE A 1355 23.94 41.45 40.73
C PHE A 1355 23.21 42.33 41.74
N HIS A 1356 21.89 42.19 41.71
CA HIS A 1356 21.05 42.71 42.74
C HIS A 1356 21.47 41.99 44.01
N TRP A 1357 21.53 40.66 43.93
CA TRP A 1357 21.99 39.84 45.06
C TRP A 1357 23.47 40.00 45.38
N ALA A 1358 24.25 40.10 44.33
CA ALA A 1358 25.67 40.23 44.48
C ALA A 1358 25.91 41.64 44.88
N ARG A 1359 27.17 41.96 45.00
CA ARG A 1359 27.56 43.24 45.52
C ARG A 1359 27.23 44.31 44.50
N GLU A 1360 27.79 44.16 43.30
CA GLU A 1360 27.74 45.23 42.30
C GLU A 1360 27.04 44.79 41.03
N SER A 1361 26.40 45.73 40.37
CA SER A 1361 25.92 45.54 39.02
C SER A 1361 27.14 45.43 38.09
N PRO A 1362 27.01 44.68 36.99
CA PRO A 1362 28.17 44.27 36.23
C PRO A 1362 28.79 45.38 35.44
N PRO A 1363 30.09 45.29 35.22
CA PRO A 1363 30.87 46.29 34.49
C PRO A 1363 30.33 46.52 33.10
N ASP A 1364 29.84 45.47 32.48
CA ASP A 1364 29.29 45.68 31.19
C ASP A 1364 27.93 46.27 31.38
N PHE A 1365 27.75 47.46 30.84
CA PHE A 1365 26.49 48.20 30.91
C PHE A 1365 25.36 47.46 30.20
N HIS A 1366 25.63 47.11 28.96
CA HIS A 1366 24.67 46.51 28.08
C HIS A 1366 25.29 45.17 27.76
N LYS A 1367 24.47 44.14 27.51
CA LYS A 1367 24.98 42.80 27.20
C LYS A 1367 25.82 42.33 28.40
N PRO A 1368 25.28 42.46 29.59
CA PRO A 1368 26.02 42.04 30.75
C PRO A 1368 26.32 40.55 30.70
N MET A 1369 25.58 39.82 29.86
CA MET A 1369 25.88 38.42 29.49
C MET A 1369 27.37 38.26 29.20
N ASP A 1370 27.91 39.23 28.45
CA ASP A 1370 29.24 39.14 27.84
C ASP A 1370 30.42 39.14 28.82
N THR A 1371 30.11 39.32 30.10
CA THR A 1371 31.10 39.49 31.15
C THR A 1371 31.92 38.22 31.47
N TYR A 1372 33.24 38.26 31.26
CA TYR A 1372 34.15 37.12 31.54
C TYR A 1372 35.13 37.48 32.61
N TYR A 1373 35.35 36.62 33.60
CA TYR A 1373 36.39 36.89 34.60
C TYR A 1373 37.75 37.10 33.94
N ASP A 1374 38.65 37.79 34.63
CA ASP A 1374 40.05 37.83 34.20
C ASP A 1374 40.84 37.02 35.20
N SER A 1375 41.42 35.91 34.75
CA SER A 1375 42.01 34.96 35.68
C SER A 1375 43.21 35.56 36.40
N THR A 1376 44.04 36.29 35.65
CA THR A 1376 45.28 36.88 36.20
C THR A 1376 45.07 38.24 36.84
N ARG A 1377 44.36 39.10 36.14
CA ARG A 1377 44.12 40.44 36.67
C ARG A 1377 43.16 40.43 37.88
N GLY A 1378 42.27 39.44 37.97
CA GLY A 1378 41.26 39.44 39.02
C GLY A 1378 40.27 40.57 38.79
N ARG A 1379 40.21 41.03 37.55
CA ARG A 1379 39.52 42.29 37.19
C ARG A 1379 38.04 42.15 36.79
N LEU A 1380 37.35 41.14 37.28
CA LEU A 1380 35.98 40.89 36.82
C LEU A 1380 36.01 40.81 35.33
N ALA A 1381 35.19 41.59 34.64
CA ALA A 1381 34.65 41.08 33.39
C ALA A 1381 34.24 42.06 32.31
N THR A 1382 34.61 41.74 31.07
CA THR A 1382 33.94 42.20 29.84
C THR A 1382 34.42 41.36 28.65
N TYR A 1383 33.77 41.52 27.50
CA TYR A 1383 34.09 40.73 26.29
C TYR A 1383 34.66 41.58 25.17
N VAL A 1384 35.46 40.97 24.30
CA VAL A 1384 36.21 41.72 23.29
C VAL A 1384 36.17 41.05 21.92
N LEU A 1385 36.15 41.89 20.90
CA LEU A 1385 36.33 41.42 19.56
C LEU A 1385 37.81 41.30 19.20
N LYS A 1386 38.18 40.22 18.52
CA LYS A 1386 39.57 39.99 18.16
C LYS A 1386 39.79 39.83 16.63
N LYS A 1387 40.13 40.94 15.95
CA LYS A 1387 40.40 40.96 14.48
C LYS A 1387 41.65 40.17 14.07
N PRO A 1388 41.50 39.17 13.18
CA PRO A 1388 42.68 38.45 12.72
C PRO A 1388 43.25 39.03 11.42
N GLU A 1389 44.53 38.79 11.20
CA GLU A 1389 45.31 39.48 10.19
C GLU A 1389 45.25 38.74 8.89
N ASP A 1390 45.45 37.43 9.01
CA ASP A 1390 46.09 36.57 7.96
C ASP A 1390 45.20 36.21 6.81
N LEU A 1391 44.05 36.85 6.73
CA LEU A 1391 42.97 36.23 6.03
C LEU A 1391 43.17 36.35 4.53
N THR A 1392 43.01 35.20 3.86
CA THR A 1392 43.20 35.02 2.42
C THR A 1392 42.31 33.86 1.96
N ALA A 1393 42.33 33.54 0.68
CA ALA A 1393 41.67 32.29 0.21
C ALA A 1393 42.21 31.02 0.86
N ASP A 1394 43.47 31.06 1.32
CA ASP A 1394 44.10 29.90 1.99
C ASP A 1394 43.34 29.50 3.27
N ASP A 1395 42.96 30.50 4.04
CA ASP A 1395 42.25 30.26 5.29
C ASP A 1395 40.89 29.68 4.96
N PHE A 1396 40.30 30.16 3.88
CA PHE A 1396 39.03 29.66 3.40
C PHE A 1396 39.13 28.47 2.45
N SER A 1397 40.30 27.91 2.31
CA SER A 1397 40.51 26.77 1.42
C SER A 1397 39.50 25.62 1.59
N ASN A 1398 39.27 25.24 2.85
CA ASN A 1398 38.60 23.99 3.22
C ASN A 1398 37.10 24.15 3.41
N GLY A 1399 36.33 23.07 3.28
CA GLY A 1399 34.92 23.05 3.70
C GLY A 1399 34.70 23.25 5.21
N LEU A 1400 35.72 22.90 6.00
CA LEU A 1400 35.70 22.95 7.46
C LEU A 1400 36.94 23.72 7.86
N THR A 1401 37.31 23.65 9.14
CA THR A 1401 38.41 24.48 9.70
C THR A 1401 38.38 25.91 9.18
N LEU A 1402 37.16 26.40 8.98
CA LEU A 1402 36.97 27.67 8.37
C LEU A 1402 37.41 28.71 9.37
N PRO A 1403 38.09 29.79 8.93
CA PRO A 1403 38.69 30.68 9.91
C PRO A 1403 37.56 31.24 10.69
N VAL A 1404 37.66 31.20 12.00
CA VAL A 1404 36.53 31.64 12.77
C VAL A 1404 36.84 32.89 13.53
N ILE A 1405 36.06 33.87 13.16
CA ILE A 1405 35.92 35.12 13.88
C ILE A 1405 35.62 34.96 15.37
N GLN A 1406 36.34 35.69 16.24
CA GLN A 1406 36.12 35.57 17.68
C GLN A 1406 35.47 36.79 18.36
N THR A 1407 34.15 36.88 18.14
CA THR A 1407 33.28 37.85 18.79
C THR A 1407 33.00 37.41 20.21
N PRO A 1408 32.19 38.20 20.90
CA PRO A 1408 31.95 37.87 22.28
C PRO A 1408 31.32 36.47 22.50
N ASP A 1409 30.28 36.21 21.73
CA ASP A 1409 29.65 34.90 21.79
C ASP A 1409 30.69 33.80 21.83
N MET A 1410 31.69 33.92 20.97
CA MET A 1410 32.67 32.88 20.84
C MET A 1410 33.32 32.59 22.18
N GLN A 1411 33.74 33.69 22.78
CA GLN A 1411 34.57 33.62 23.95
C GLN A 1411 33.67 33.13 25.09
N ARG A 1412 32.36 33.43 24.97
CA ARG A 1412 31.38 32.86 25.91
C ARG A 1412 31.23 31.33 25.74
N GLY A 1413 30.97 30.86 24.54
CA GLY A 1413 30.82 29.44 24.34
C GLY A 1413 32.07 28.70 24.78
N LEU A 1414 33.22 29.22 24.38
CA LEU A 1414 34.46 28.58 24.80
C LEU A 1414 34.62 28.59 26.30
N ASP A 1415 34.39 29.75 26.92
CA ASP A 1415 34.54 29.81 28.37
C ASP A 1415 33.58 28.89 29.08
N TYR A 1416 32.41 28.69 28.48
CA TYR A 1416 31.40 27.85 29.05
C TYR A 1416 31.66 26.38 28.74
N PHE A 1417 32.51 26.11 27.76
CA PHE A 1417 33.02 24.76 27.60
C PHE A 1417 34.18 24.35 28.43
N LYS A 1418 35.22 25.15 28.33
CA LYS A 1418 36.56 24.66 28.42
C LYS A 1418 36.81 23.90 29.72
N PRO A 1419 36.27 24.40 30.84
CA PRO A 1419 36.42 23.66 32.10
C PRO A 1419 36.09 22.17 31.97
N TRP A 1420 35.01 21.88 31.28
CA TRP A 1420 34.50 20.53 31.13
C TRP A 1420 35.30 19.67 30.19
N LEU A 1421 36.14 20.30 29.39
CA LEU A 1421 36.85 19.57 28.38
C LEU A 1421 38.18 19.02 28.83
N SER A 1422 38.90 19.83 29.57
CA SER A 1422 40.30 19.62 29.72
C SER A 1422 40.57 18.63 30.84
N SER A 1423 41.18 17.51 30.48
CA SER A 1423 41.87 16.62 31.43
C SER A 1423 41.04 16.34 32.69
N ASP A 1424 41.67 16.46 33.87
CA ASP A 1424 41.06 16.24 35.19
C ASP A 1424 39.62 16.73 35.35
N THR A 1425 39.37 17.92 34.84
CA THR A 1425 38.08 18.56 35.01
C THR A 1425 36.99 17.93 34.15
N LYS A 1426 37.32 16.85 33.44
CA LYS A 1426 36.43 16.32 32.41
C LYS A 1426 34.95 16.08 32.79
N GLN A 1427 34.05 16.51 31.90
CA GLN A 1427 32.60 16.22 31.97
C GLN A 1427 32.09 15.80 30.60
N PRO A 1428 31.02 14.99 30.55
CA PRO A 1428 30.35 14.79 29.27
C PRO A 1428 29.33 15.86 29.13
N PHE A 1429 29.14 16.47 27.97
CA PHE A 1429 28.12 17.54 27.93
C PHE A 1429 27.43 17.66 26.61
N ILE A 1430 26.57 18.66 26.48
CA ILE A 1430 25.88 18.94 25.20
C ILE A 1430 25.85 20.41 24.80
N LEU A 1431 25.78 20.66 23.52
CA LEU A 1431 25.51 21.98 22.98
C LEU A 1431 24.17 22.07 22.31
N VAL A 1432 23.42 23.07 22.67
CA VAL A 1432 22.17 23.23 22.03
C VAL A 1432 22.11 24.55 21.37
N GLY A 1433 21.67 24.50 20.13
CA GLY A 1433 21.47 25.69 19.40
C GLY A 1433 20.84 25.30 18.11
N PRO A 1434 20.12 26.21 17.51
CA PRO A 1434 19.45 25.90 16.28
C PRO A 1434 20.46 25.63 15.21
N GLU A 1435 20.09 24.84 14.22
CA GLU A 1435 21.02 24.57 13.14
C GLU A 1435 21.51 25.87 12.53
N GLY A 1436 22.79 25.87 12.22
CA GLY A 1436 23.42 27.03 11.65
C GLY A 1436 23.89 27.94 12.75
N CYS A 1437 23.62 27.56 13.99
CA CYS A 1437 24.02 28.40 15.11
C CYS A 1437 25.52 28.62 15.07
N GLY A 1438 26.28 27.56 14.78
CA GLY A 1438 27.73 27.61 14.92
C GLY A 1438 28.30 26.49 15.76
N LYS A 1439 27.46 25.53 16.13
CA LYS A 1439 27.86 24.61 17.14
C LYS A 1439 29.03 23.88 16.57
N GLY A 1440 28.78 23.32 15.39
CA GLY A 1440 29.78 22.51 14.70
C GLY A 1440 31.11 23.23 14.58
N MET A 1441 31.00 24.48 14.16
CA MET A 1441 32.13 25.38 13.98
C MET A 1441 32.93 25.59 15.25
N LEU A 1442 32.19 25.80 16.32
CA LEU A 1442 32.79 26.14 17.58
C LEU A 1442 33.46 24.92 18.14
N LEU A 1443 32.77 23.81 18.09
CA LEU A 1443 33.33 22.67 18.73
C LEU A 1443 34.64 22.28 18.13
N ARG A 1444 34.66 22.39 16.82
CA ARG A 1444 35.79 21.96 16.06
C ARG A 1444 37.04 22.70 16.56
N TYR A 1445 36.85 24.00 16.75
CA TYR A 1445 37.87 24.83 17.33
C TYR A 1445 38.22 24.31 18.72
N ALA A 1446 37.20 24.06 19.50
CA ALA A 1446 37.39 23.73 20.88
C ALA A 1446 38.23 22.52 21.04
N PHE A 1447 38.02 21.55 20.17
CA PHE A 1447 38.75 20.31 20.28
C PHE A 1447 40.18 20.53 20.00
N SER A 1448 40.43 21.30 18.96
CA SER A 1448 41.78 21.60 18.55
C SER A 1448 42.61 22.18 19.68
N GLN A 1449 41.98 22.88 20.62
CA GLN A 1449 42.70 23.38 21.78
C GLN A 1449 43.37 22.26 22.55
N LEU A 1450 42.71 21.12 22.66
CA LEU A 1450 43.21 19.99 23.40
C LEU A 1450 44.32 19.26 22.66
N ARG A 1451 45.38 18.94 23.38
CA ARG A 1451 46.57 18.34 22.76
C ARG A 1451 46.61 16.86 22.94
N SER A 1452 46.04 16.42 24.03
CA SER A 1452 46.05 15.02 24.35
C SER A 1452 45.50 14.12 23.25
N THR A 1453 44.50 14.60 22.49
CA THR A 1453 43.45 13.71 22.04
C THR A 1453 42.80 13.85 20.63
N GLN A 1454 42.19 12.72 20.26
CA GLN A 1454 41.56 12.46 18.98
C GLN A 1454 40.03 12.62 19.02
N ILE A 1455 39.45 12.90 17.87
CA ILE A 1455 38.06 13.35 17.75
C ILE A 1455 37.23 12.50 16.83
N ALA A 1456 36.41 11.67 17.43
CA ALA A 1456 35.60 10.79 16.62
C ALA A 1456 34.20 11.30 16.52
N THR A 1457 33.78 11.49 15.28
CA THR A 1457 32.53 12.16 14.98
C THR A 1457 31.47 11.17 14.58
N VAL A 1458 30.23 11.57 14.80
CA VAL A 1458 29.09 10.85 14.24
C VAL A 1458 27.97 11.77 13.78
N HIS A 1459 27.56 11.60 12.52
CA HIS A 1459 26.42 12.32 11.94
C HIS A 1459 25.19 11.47 12.05
N CYS A 1460 24.26 11.88 12.93
CA CYS A 1460 23.20 11.00 13.37
C CYS A 1460 21.98 11.16 12.55
N SER A 1461 21.08 10.21 12.74
CA SER A 1461 19.78 10.24 12.12
C SER A 1461 18.92 9.25 12.88
N ALA A 1462 17.70 9.08 12.40
CA ALA A 1462 16.82 8.10 12.98
C ALA A 1462 17.45 6.73 12.95
N GLN A 1463 18.09 6.44 11.84
CA GLN A 1463 18.58 5.13 11.63
C GLN A 1463 19.85 4.86 12.37
N THR A 1464 20.28 5.82 13.19
CA THR A 1464 21.54 5.64 13.85
C THR A 1464 21.32 4.73 15.03
N THR A 1465 22.29 3.83 15.23
CA THR A 1465 22.16 2.75 16.19
C THR A 1465 23.49 2.48 16.82
N SER A 1466 23.45 1.62 17.80
CA SER A 1466 24.57 1.34 18.62
C SER A 1466 25.73 0.76 17.83
N ARG A 1467 25.44 -0.18 16.98
CA ARG A 1467 26.51 -0.84 16.24
C ARG A 1467 27.25 0.10 15.32
N HIS A 1468 26.55 1.16 14.90
CA HIS A 1468 27.18 2.21 14.10
C HIS A 1468 28.27 2.86 14.92
N LEU A 1469 27.96 3.03 16.18
CA LEU A 1469 28.91 3.56 17.10
C LEU A 1469 30.01 2.55 17.37
N LEU A 1470 29.66 1.27 17.57
CA LEU A 1470 30.69 0.27 17.80
C LEU A 1470 31.74 0.54 16.77
N GLN A 1471 31.32 0.52 15.51
CA GLN A 1471 32.29 0.45 14.44
C GLN A 1471 32.93 1.77 14.21
N LYS A 1472 32.16 2.86 14.23
CA LYS A 1472 32.83 4.15 14.07
C LYS A 1472 33.84 4.35 15.15
N LEU A 1473 33.61 3.74 16.29
CA LEU A 1473 34.54 3.85 17.37
C LEU A 1473 35.77 2.96 17.18
N SER A 1474 35.49 1.74 16.77
CA SER A 1474 36.48 0.72 16.57
C SER A 1474 37.56 1.19 15.59
N GLN A 1475 37.14 1.95 14.58
CA GLN A 1475 38.06 2.47 13.57
C GLN A 1475 39.26 3.21 14.16
N THR A 1476 38.99 3.97 15.22
CA THR A 1476 39.96 4.89 15.77
C THR A 1476 40.37 4.52 17.18
N CYS A 1477 39.93 3.36 17.62
CA CYS A 1477 40.10 3.00 19.01
C CYS A 1477 40.51 1.56 19.18
N MET A 1478 41.15 1.27 20.30
CA MET A 1478 41.75 -0.03 20.57
C MET A 1478 40.75 -1.14 20.85
N VAL A 1479 41.19 -2.37 20.67
CA VAL A 1479 40.46 -3.58 21.05
C VAL A 1479 41.38 -4.34 21.98
N ILE A 1480 41.19 -4.30 23.28
CA ILE A 1480 42.19 -4.93 24.16
C ILE A 1480 41.56 -5.69 25.29
N SER A 1481 42.35 -6.49 25.99
CA SER A 1481 41.86 -7.32 27.11
C SER A 1481 42.53 -6.88 28.41
N THR A 1482 41.77 -6.76 29.49
CA THR A 1482 42.37 -6.53 30.82
C THR A 1482 41.63 -7.29 31.91
N ASN A 1483 42.17 -7.21 33.13
CA ASN A 1483 41.45 -7.73 34.30
C ASN A 1483 40.20 -6.90 34.45
N THR A 1484 39.14 -7.53 34.91
CA THR A 1484 37.81 -6.93 34.87
C THR A 1484 37.34 -6.77 33.42
N GLY A 1485 37.66 -7.78 32.62
CA GLY A 1485 37.12 -7.90 31.28
C GLY A 1485 37.79 -7.01 30.26
N ARG A 1486 37.54 -7.34 28.99
CA ARG A 1486 37.94 -6.51 27.87
C ARG A 1486 37.55 -5.08 28.10
N VAL A 1487 38.21 -4.22 27.35
CA VAL A 1487 37.90 -2.81 27.32
C VAL A 1487 38.28 -2.17 25.96
N TYR A 1488 37.53 -1.15 25.57
CA TYR A 1488 37.96 -0.33 24.44
C TYR A 1488 38.83 0.85 24.95
N ARG A 1489 39.99 1.02 24.35
CA ARG A 1489 40.89 2.11 24.73
C ARG A 1489 41.15 3.01 23.54
N PRO A 1490 41.38 4.29 23.79
CA PRO A 1490 41.84 5.15 22.72
C PRO A 1490 43.20 4.71 22.19
N LYS A 1491 43.38 4.68 20.87
CA LYS A 1491 44.69 4.29 20.33
C LYS A 1491 45.58 5.49 20.04
N ASP A 1492 46.74 5.48 20.69
CA ASP A 1492 47.80 6.46 20.43
C ASP A 1492 47.30 7.85 20.72
N CYS A 1493 46.42 7.93 21.72
CA CYS A 1493 45.87 9.18 22.21
C CYS A 1493 45.81 9.13 23.70
N GLU A 1494 46.06 10.24 24.36
CA GLU A 1494 46.05 10.25 25.82
C GLU A 1494 44.60 10.14 26.33
N ARG A 1495 43.69 10.68 25.52
CA ARG A 1495 42.26 10.67 25.78
C ARG A 1495 41.60 10.49 24.43
N LEU A 1496 40.31 10.16 24.44
CA LEU A 1496 39.52 10.30 23.22
C LEU A 1496 38.17 10.93 23.45
N VAL A 1497 37.63 11.50 22.37
CA VAL A 1497 36.36 12.22 22.40
C VAL A 1497 35.37 11.86 21.32
N LEU A 1498 34.14 11.65 21.78
CA LEU A 1498 33.08 11.33 20.86
C LEU A 1498 32.18 12.52 20.66
N TYR A 1499 32.07 12.96 19.42
CA TYR A 1499 31.19 14.05 19.09
C TYR A 1499 30.03 13.47 18.32
N LEU A 1500 28.83 13.75 18.78
CA LEU A 1500 27.62 13.33 18.09
C LEU A 1500 26.83 14.51 17.64
N LYS A 1501 26.58 14.55 16.35
CA LYS A 1501 26.11 15.75 15.72
C LYS A 1501 24.66 16.06 16.05
N ASP A 1502 23.81 15.06 16.16
CA ASP A 1502 22.44 15.35 16.45
C ASP A 1502 21.77 14.18 17.10
N ILE A 1503 21.52 14.35 18.37
CA ILE A 1503 21.06 13.26 19.17
C ILE A 1503 19.57 13.06 19.01
N ASN A 1504 18.86 14.10 18.69
CA ASN A 1504 17.43 13.99 18.65
C ASN A 1504 17.01 12.93 17.69
N LEU A 1505 17.78 12.77 16.63
CA LEU A 1505 17.24 12.12 15.47
C LEU A 1505 16.94 10.65 15.59
N PRO A 1506 17.80 9.89 16.23
CA PRO A 1506 17.50 8.47 16.43
C PRO A 1506 16.08 8.20 16.88
N LYS A 1507 15.41 7.31 16.16
CA LYS A 1507 13.97 7.04 16.34
C LYS A 1507 13.59 6.48 17.73
N LEU A 1508 12.45 6.96 18.23
CA LEU A 1508 11.89 6.50 19.50
C LEU A 1508 10.96 5.39 19.20
N ASP A 1509 10.97 4.34 20.01
CA ASP A 1509 9.96 3.27 19.89
C ASP A 1509 8.58 3.85 20.15
N LYS A 1510 7.53 3.08 19.97
CA LYS A 1510 6.21 3.64 20.20
C LYS A 1510 6.13 4.17 21.62
N TRP A 1511 6.82 3.51 22.52
CA TRP A 1511 6.75 3.94 23.89
C TRP A 1511 7.56 5.17 24.17
N GLY A 1512 8.46 5.51 23.26
CA GLY A 1512 9.01 6.85 23.15
C GLY A 1512 10.45 6.93 23.61
N THR A 1513 11.16 5.83 23.55
CA THR A 1513 12.56 5.79 23.94
C THR A 1513 13.36 5.32 22.76
N SER A 1514 14.35 6.12 22.39
CA SER A 1514 15.35 5.69 21.42
C SER A 1514 16.30 4.81 22.17
N THR A 1515 16.63 3.71 21.52
CA THR A 1515 17.52 2.74 22.11
C THR A 1515 18.91 3.33 22.08
N LEU A 1516 19.13 4.25 21.16
CA LEU A 1516 20.43 4.83 21.06
C LEU A 1516 20.73 5.63 22.28
N VAL A 1517 19.77 6.39 22.73
CA VAL A 1517 20.07 7.15 23.89
C VAL A 1517 20.26 6.19 25.03
N ALA A 1518 19.40 5.17 25.07
CA ALA A 1518 19.37 4.22 26.17
C ALA A 1518 20.73 3.56 26.31
N PHE A 1519 21.34 3.33 25.17
CA PHE A 1519 22.67 2.84 25.15
C PHE A 1519 23.59 3.81 25.88
N LEU A 1520 23.55 5.04 25.42
CA LEU A 1520 24.38 6.08 25.94
C LEU A 1520 24.10 6.29 27.41
N GLN A 1521 22.84 6.12 27.76
CA GLN A 1521 22.41 6.12 29.14
C GLN A 1521 23.24 5.09 29.91
N GLN A 1522 23.26 3.85 29.39
CA GLN A 1522 23.97 2.77 30.05
C GLN A 1522 25.44 3.08 30.12
N VAL A 1523 25.98 3.63 29.05
CA VAL A 1523 27.40 3.80 28.97
C VAL A 1523 27.92 4.74 30.04
N LEU A 1524 27.28 5.88 30.20
CA LEU A 1524 27.79 6.80 31.16
C LEU A 1524 27.65 6.16 32.53
N THR A 1525 26.56 5.43 32.71
CA THR A 1525 26.24 4.97 34.04
C THR A 1525 27.16 3.84 34.45
N TYR A 1526 27.28 2.83 33.60
CA TYR A 1526 28.02 1.57 33.87
C TYR A 1526 29.29 1.40 33.03
N GLN A 1527 29.82 2.51 32.51
CA GLN A 1527 31.12 2.58 31.81
C GLN A 1527 31.36 1.38 30.96
N GLY A 1528 30.34 0.91 30.28
CA GLY A 1528 30.47 -0.34 29.57
C GLY A 1528 29.17 -0.75 28.96
N PHE A 1529 29.18 -1.85 28.24
CA PHE A 1529 27.99 -2.36 27.54
C PHE A 1529 28.13 -3.85 27.21
N TYR A 1530 27.01 -4.47 26.87
CA TYR A 1530 27.02 -5.89 26.53
C TYR A 1530 27.30 -6.04 25.06
N ASP A 1531 28.47 -6.57 24.77
CA ASP A 1531 28.80 -6.97 23.42
C ASP A 1531 27.79 -8.02 22.93
N GLU A 1532 27.40 -7.95 21.65
CA GLU A 1532 26.69 -9.07 21.00
C GLU A 1532 27.59 -10.27 21.19
N ASN A 1533 27.04 -11.47 21.34
CA ASN A 1533 27.88 -12.57 21.77
C ASN A 1533 28.07 -12.45 23.28
N LEU A 1534 27.21 -11.63 23.85
CA LEU A 1534 26.98 -11.47 25.28
C LEU A 1534 28.20 -11.20 26.16
N GLU A 1535 29.29 -10.73 25.56
CA GLU A 1535 30.42 -10.29 26.38
C GLU A 1535 30.06 -8.92 26.97
N TRP A 1536 30.61 -8.59 28.13
CA TRP A 1536 30.50 -7.23 28.63
C TRP A 1536 31.82 -6.52 28.54
N VAL A 1537 31.78 -5.40 27.83
CA VAL A 1537 32.96 -4.64 27.48
C VAL A 1537 32.90 -3.26 28.09
N GLY A 1538 34.01 -2.85 28.67
CA GLY A 1538 34.14 -1.51 29.18
C GLY A 1538 34.75 -0.55 28.16
N LEU A 1539 34.86 0.69 28.61
CA LEU A 1539 35.37 1.78 27.80
C LEU A 1539 36.30 2.58 28.65
N GLU A 1540 37.59 2.65 28.31
CA GLU A 1540 38.51 3.14 29.33
C GLU A 1540 38.65 4.62 29.34
N ASN A 1541 38.57 5.24 28.17
CA ASN A 1541 38.74 6.64 28.22
C ASN A 1541 38.08 7.38 27.09
N ILE A 1542 36.85 7.83 27.33
CA ILE A 1542 36.12 8.66 26.33
C ILE A 1542 35.19 9.70 26.95
N GLN A 1543 35.38 10.96 26.57
CA GLN A 1543 34.40 12.00 26.84
C GLN A 1543 33.40 11.92 25.72
N ILE A 1544 32.15 12.19 26.08
CA ILE A 1544 31.07 12.07 25.11
C ILE A 1544 30.37 13.39 25.04
N VAL A 1545 30.01 13.75 23.82
CA VAL A 1545 29.60 15.09 23.54
C VAL A 1545 28.59 15.08 22.42
N ALA A 1546 27.66 16.01 22.48
CA ALA A 1546 26.65 16.12 21.43
C ALA A 1546 26.20 17.53 21.08
N SER A 1547 25.67 17.62 19.89
CA SER A 1547 25.10 18.83 19.38
C SER A 1547 23.64 18.51 19.08
N MET A 1548 22.82 19.57 19.01
CA MET A 1548 21.43 19.42 18.59
C MET A 1548 20.67 20.71 18.42
N SER A 1549 19.68 20.60 17.55
CA SER A 1549 18.71 21.64 17.33
C SER A 1549 17.80 21.69 18.52
N ALA A 1550 17.38 22.88 18.90
CA ALA A 1550 16.28 23.00 19.81
C ALA A 1550 15.07 22.25 19.26
N GLY A 1551 14.32 21.61 20.16
CA GLY A 1551 13.30 20.63 19.77
C GLY A 1551 12.12 21.10 18.93
N GLY A 1552 12.10 22.40 18.59
CA GLY A 1552 10.98 23.02 17.88
C GLY A 1552 10.41 22.27 16.69
N ARG A 1553 11.23 22.11 15.65
CA ARG A 1553 10.76 21.54 14.40
C ARG A 1553 10.26 20.08 14.54
N LEU A 1554 9.55 19.61 13.51
CA LEU A 1554 8.84 18.30 13.51
C LEU A 1554 9.75 17.09 13.38
N GLY A 1555 9.63 16.13 14.28
CA GLY A 1555 10.46 14.91 14.24
C GLY A 1555 11.90 14.99 14.78
N ARG A 1556 12.25 16.09 15.45
CA ARG A 1556 13.49 16.16 16.20
C ARG A 1556 13.09 15.78 17.63
N HIS A 1557 13.06 14.49 17.89
CA HIS A 1557 12.47 13.95 19.11
C HIS A 1557 13.29 14.33 20.30
N LYS A 1558 12.66 14.49 21.46
CA LYS A 1558 13.40 14.85 22.67
C LYS A 1558 13.62 13.70 23.63
N LEU A 1559 14.58 13.89 24.53
CA LEU A 1559 15.41 12.83 25.11
C LEU A 1559 15.20 12.72 26.60
N THR A 1560 15.24 11.49 27.09
CA THR A 1560 14.78 11.22 28.43
C THR A 1560 15.59 11.97 29.46
N THR A 1561 14.92 12.35 30.54
CA THR A 1561 15.54 13.04 31.65
C THR A 1561 16.66 12.25 32.28
N ARG A 1562 16.55 10.93 32.18
CA ARG A 1562 17.49 10.02 32.82
C ARG A 1562 18.85 10.38 32.31
N PHE A 1563 18.91 10.61 31.02
CA PHE A 1563 20.17 10.87 30.40
C PHE A 1563 20.57 12.32 30.58
N THR A 1564 19.61 13.20 30.45
CA THR A 1564 19.88 14.61 30.52
C THR A 1564 20.34 15.11 31.87
N SER A 1565 19.75 14.60 32.94
CA SER A 1565 20.19 14.96 34.28
C SER A 1565 21.62 14.49 34.59
N ILE A 1566 22.04 13.45 33.87
CA ILE A 1566 23.36 12.85 34.02
C ILE A 1566 24.48 13.79 33.56
N VAL A 1567 24.20 14.53 32.50
CA VAL A 1567 25.25 15.28 31.89
C VAL A 1567 25.06 16.76 32.00
N ARG A 1568 26.08 17.46 31.54
CA ARG A 1568 26.05 18.89 31.51
C ARG A 1568 25.67 19.31 30.15
N LEU A 1569 25.22 20.55 30.10
CA LEU A 1569 24.67 21.08 28.88
C LEU A 1569 24.61 22.60 28.91
N CYS A 1570 24.37 23.17 27.73
CA CYS A 1570 24.26 24.62 27.53
C CYS A 1570 23.80 24.99 26.13
N SER A 1571 23.39 26.24 25.97
CA SER A 1571 22.72 26.69 24.78
C SER A 1571 23.33 27.95 24.23
N ILE A 1572 23.26 28.09 22.91
CA ILE A 1572 23.73 29.29 22.23
C ILE A 1572 22.71 29.68 21.14
N ASP A 1573 22.74 30.94 20.72
CA ASP A 1573 21.78 31.43 19.74
C ASP A 1573 22.48 32.25 18.66
N TYR A 1574 21.82 32.40 17.52
CA TYR A 1574 22.43 33.03 16.36
C TYR A 1574 23.01 34.37 16.77
N PRO A 1575 24.20 34.76 16.24
CA PRO A 1575 24.59 36.12 16.63
C PRO A 1575 23.64 37.17 16.08
N GLU A 1576 23.51 38.27 16.83
CA GLU A 1576 22.59 39.32 16.46
C GLU A 1576 23.06 39.93 15.16
N ARG A 1577 22.14 40.57 14.45
CA ARG A 1577 22.43 41.15 13.15
C ARG A 1577 23.63 42.06 13.29
N GLU A 1578 23.72 42.69 14.45
CA GLU A 1578 24.86 43.52 14.76
C GLU A 1578 26.14 42.72 14.73
N GLN A 1579 26.11 41.49 15.23
CA GLN A 1579 27.32 40.68 15.23
C GLN A 1579 27.57 40.02 13.88
N LEU A 1580 26.51 39.65 13.19
CA LEU A 1580 26.63 39.08 11.87
C LEU A 1580 27.18 40.04 10.86
N GLN A 1581 26.93 41.35 11.01
CA GLN A 1581 27.68 42.34 10.18
C GLN A 1581 29.18 42.15 10.37
N THR A 1582 29.58 41.83 11.59
CA THR A 1582 30.97 41.74 11.92
C THR A 1582 31.63 40.50 11.38
N ILE A 1583 30.90 39.37 11.35
CA ILE A 1583 31.50 38.13 10.85
C ILE A 1583 31.89 38.40 9.44
N TYR A 1584 30.86 38.70 8.68
CA TYR A 1584 30.98 38.76 7.28
C TYR A 1584 31.77 39.96 6.83
N GLY A 1585 31.66 41.06 7.56
CA GLY A 1585 32.61 42.16 7.41
C GLY A 1585 34.04 41.66 7.35
N ALA A 1586 34.40 40.75 8.24
CA ALA A 1586 35.78 40.29 8.30
C ALA A 1586 36.06 39.13 7.36
N TYR A 1587 35.01 38.35 7.06
CA TYR A 1587 35.06 37.24 6.09
C TYR A 1587 35.01 37.76 4.70
N LEU A 1588 34.53 38.98 4.57
CA LEU A 1588 34.41 39.60 3.30
C LEU A 1588 35.73 40.20 2.86
N GLU A 1589 36.49 40.73 3.82
CA GLU A 1589 37.64 41.54 3.47
C GLU A 1589 38.65 40.83 2.56
N PRO A 1590 39.03 39.61 2.92
CA PRO A 1590 40.00 38.83 2.16
C PRO A 1590 39.61 38.60 0.73
N VAL A 1591 38.35 38.25 0.52
CA VAL A 1591 37.86 37.95 -0.82
C VAL A 1591 37.96 39.20 -1.70
N LEU A 1592 37.62 40.34 -1.12
CA LEU A 1592 37.78 41.60 -1.83
C LEU A 1592 39.24 42.02 -2.01
N HIS A 1593 40.07 41.76 -1.03
CA HIS A 1593 41.47 42.20 -1.14
C HIS A 1593 42.36 41.28 -1.99
N LYS A 1594 41.98 40.01 -2.16
CA LYS A 1594 42.64 39.10 -3.12
C LYS A 1594 42.84 39.75 -4.49
N ASN A 1595 41.79 40.40 -4.96
CA ASN A 1595 41.85 41.16 -6.19
C ASN A 1595 41.25 42.56 -5.96
N LEU A 1596 41.77 43.55 -6.65
CA LEU A 1596 41.22 44.93 -6.59
C LEU A 1596 41.06 45.50 -5.14
N LYS A 1597 42.03 45.21 -4.27
CA LYS A 1597 42.21 45.90 -2.98
C LYS A 1597 42.19 47.46 -3.03
N ASN A 1598 42.74 48.01 -4.10
CA ASN A 1598 42.81 49.46 -4.30
C ASN A 1598 41.50 50.13 -4.73
N HIS A 1599 40.79 49.47 -5.67
CA HIS A 1599 39.76 50.11 -6.52
C HIS A 1599 38.84 50.90 -5.65
N SER A 1600 38.40 52.02 -6.18
CA SER A 1600 37.96 53.14 -5.38
C SER A 1600 36.90 52.78 -4.37
N ILE A 1601 35.82 52.23 -4.88
CA ILE A 1601 34.68 51.95 -4.06
C ILE A 1601 35.01 50.84 -3.10
N TRP A 1602 35.89 49.96 -3.56
CA TRP A 1602 36.28 48.80 -2.79
C TRP A 1602 37.49 49.20 -1.96
N GLY A 1603 38.09 48.27 -1.24
CA GLY A 1603 38.82 48.68 -0.06
C GLY A 1603 37.75 49.45 0.70
N SER A 1604 38.06 50.65 1.19
CA SER A 1604 37.02 51.50 1.82
C SER A 1604 36.29 50.66 2.85
N SER A 1605 37.05 50.31 3.86
CA SER A 1605 36.69 49.21 4.71
C SER A 1605 35.34 49.44 5.40
N SER A 1606 34.91 50.70 5.45
CA SER A 1606 33.54 51.01 5.83
C SER A 1606 32.55 50.58 4.76
N LYS A 1607 32.90 50.78 3.50
CA LYS A 1607 32.06 50.34 2.38
C LYS A 1607 31.98 48.82 2.31
N ILE A 1608 33.04 48.14 2.76
CA ILE A 1608 33.02 46.68 2.92
C ILE A 1608 32.03 46.25 3.97
N TYR A 1609 32.25 46.75 5.18
CA TYR A 1609 31.35 46.50 6.27
C TYR A 1609 29.89 46.72 5.83
N LEU A 1610 29.71 47.62 4.85
CA LEU A 1610 28.38 47.93 4.31
C LEU A 1610 27.73 46.74 3.68
N LEU A 1611 28.51 46.05 2.87
CA LEU A 1611 27.94 44.88 2.23
C LEU A 1611 27.31 44.03 3.28
N ALA A 1612 28.10 43.74 4.31
CA ALA A 1612 27.64 42.93 5.43
C ALA A 1612 26.33 43.48 5.95
N GLY A 1613 26.32 44.80 6.13
CA GLY A 1613 25.11 45.53 6.51
C GLY A 1613 23.90 45.21 5.66
N SER A 1614 24.08 45.17 4.34
CA SER A 1614 22.94 44.89 3.49
C SER A 1614 22.60 43.39 3.42
N MET A 1615 23.57 42.53 3.26
CA MET A 1615 23.19 41.14 3.08
C MET A 1615 22.52 40.67 4.31
N VAL A 1616 23.11 41.03 5.43
CA VAL A 1616 22.53 40.60 6.67
C VAL A 1616 21.11 41.15 6.65
N GLN A 1617 20.94 42.34 6.12
CA GLN A 1617 19.60 42.94 6.00
C GLN A 1617 18.67 42.10 5.13
N VAL A 1618 19.22 41.60 4.04
CA VAL A 1618 18.46 40.68 3.19
C VAL A 1618 18.19 39.39 3.93
N TYR A 1619 19.23 38.91 4.59
CA TYR A 1619 19.14 37.67 5.26
C TYR A 1619 17.90 37.66 6.14
N GLU A 1620 17.74 38.70 6.96
CA GLU A 1620 16.72 38.72 7.99
C GLU A 1620 15.39 38.68 7.32
N GLN A 1621 15.24 39.58 6.36
CA GLN A 1621 13.94 39.82 5.74
C GLN A 1621 13.39 38.56 5.09
N VAL A 1622 14.27 37.73 4.57
CA VAL A 1622 13.84 36.56 3.89
C VAL A 1622 13.49 35.44 4.87
N ARG A 1623 14.21 35.34 5.97
CA ARG A 1623 13.82 34.43 7.07
C ARG A 1623 12.51 34.86 7.71
N ALA A 1624 12.32 36.16 7.85
CA ALA A 1624 11.04 36.67 8.35
C ALA A 1624 9.91 36.23 7.44
N LYS A 1625 10.03 36.48 6.14
CA LYS A 1625 8.90 36.24 5.22
C LYS A 1625 8.75 34.78 4.79
N PHE A 1626 9.84 34.03 4.80
CA PHE A 1626 9.79 32.62 4.42
C PHE A 1626 10.29 31.69 5.51
N THR A 1627 9.54 30.63 5.74
CA THR A 1627 9.82 29.74 6.85
C THR A 1627 9.49 28.29 6.49
N VAL A 1628 10.00 27.36 7.30
CA VAL A 1628 9.66 25.92 7.24
C VAL A 1628 8.16 25.72 7.01
N ASP A 1629 7.37 26.57 7.65
CA ASP A 1629 5.92 26.47 7.59
C ASP A 1629 5.38 26.73 6.20
N ASP A 1630 6.04 27.57 5.42
CA ASP A 1630 5.59 27.79 4.05
C ASP A 1630 5.89 26.53 3.24
N TYR A 1631 7.14 26.09 3.36
CA TYR A 1631 7.66 24.92 2.67
C TYR A 1631 8.79 24.31 3.44
N SER A 1632 8.80 22.99 3.49
CA SER A 1632 9.71 22.21 4.34
C SER A 1632 11.15 22.68 4.21
N HIS A 1633 11.51 22.99 2.97
CA HIS A 1633 12.89 23.18 2.54
C HIS A 1633 13.38 24.61 2.66
N TYR A 1634 12.50 25.50 3.10
CA TYR A 1634 12.89 26.88 3.30
C TYR A 1634 13.87 26.95 4.48
N PHE A 1635 15.12 26.60 4.19
CA PHE A 1635 16.11 26.52 5.24
C PHE A 1635 17.14 27.60 5.05
N PHE A 1636 17.14 28.56 5.96
CA PHE A 1636 18.08 29.66 5.84
C PHE A 1636 18.81 29.88 7.14
N THR A 1637 20.12 29.90 7.07
CA THR A 1637 20.94 30.09 8.24
C THR A 1637 22.20 30.80 7.83
N PRO A 1638 22.96 31.28 8.81
CA PRO A 1638 24.28 31.86 8.48
C PRO A 1638 25.13 31.00 7.58
N CYS A 1639 24.96 29.69 7.63
CA CYS A 1639 25.59 28.81 6.66
C CYS A 1639 25.37 29.40 5.30
N ILE A 1640 24.19 29.98 5.09
CA ILE A 1640 23.83 30.54 3.79
C ILE A 1640 24.55 31.84 3.56
N LEU A 1641 24.69 32.64 4.59
CA LEU A 1641 25.53 33.81 4.44
C LEU A 1641 26.92 33.36 4.00
N THR A 1642 27.46 32.34 4.64
CA THR A 1642 28.75 31.84 4.27
C THR A 1642 28.83 31.33 2.84
N GLN A 1643 27.85 30.50 2.48
CA GLN A 1643 27.72 29.97 1.13
C GLN A 1643 27.59 31.09 0.11
N TRP A 1644 27.08 32.21 0.58
CA TRP A 1644 26.94 33.36 -0.30
C TRP A 1644 28.17 34.18 -0.44
N VAL A 1645 28.80 34.54 0.67
CA VAL A 1645 30.09 35.26 0.59
C VAL A 1645 31.16 34.42 -0.09
N LEU A 1646 31.27 33.15 0.27
CA LEU A 1646 32.39 32.39 -0.22
C LEU A 1646 32.15 31.98 -1.64
N GLY A 1647 30.89 31.87 -2.01
CA GLY A 1647 30.50 31.65 -3.41
C GLY A 1647 31.12 32.68 -4.34
N LEU A 1648 31.53 33.81 -3.80
CA LEU A 1648 31.98 34.93 -4.63
C LEU A 1648 33.34 34.76 -5.20
N PHE A 1649 34.15 33.97 -4.53
CA PHE A 1649 35.41 33.58 -5.13
C PHE A 1649 35.27 33.21 -6.61
N ARG A 1650 34.29 32.38 -6.91
CA ARG A 1650 34.16 31.81 -8.24
C ARG A 1650 34.05 32.86 -9.34
N TYR A 1651 33.45 34.00 -9.04
CA TYR A 1651 33.20 34.99 -10.06
C TYR A 1651 34.44 35.80 -10.31
N ASP A 1652 34.66 36.11 -11.58
CA ASP A 1652 35.86 36.81 -12.02
C ASP A 1652 35.67 38.30 -11.86
N LEU A 1653 36.05 38.79 -10.69
CA LEU A 1653 35.84 40.18 -10.29
C LEU A 1653 37.08 40.96 -10.53
N GLU A 1654 37.95 40.34 -11.31
CA GLU A 1654 39.24 40.89 -11.64
C GLU A 1654 39.15 42.37 -11.93
N GLY A 1655 38.27 42.74 -12.86
CA GLY A 1655 38.21 44.11 -13.30
C GLY A 1655 39.62 44.62 -13.51
N GLY A 1656 40.33 43.94 -14.42
CA GLY A 1656 41.65 44.37 -14.87
C GLY A 1656 41.52 45.77 -15.45
N SER A 1657 40.44 45.99 -16.20
CA SER A 1657 39.99 47.33 -16.60
C SER A 1657 39.48 48.09 -15.35
N SER A 1658 39.48 49.42 -15.39
CA SER A 1658 38.87 50.19 -14.31
C SER A 1658 37.37 49.87 -14.28
N ASN A 1659 36.83 49.63 -13.09
CA ASN A 1659 35.47 49.10 -12.96
C ASN A 1659 34.41 50.18 -12.93
N HIS A 1660 33.17 49.82 -13.26
CA HIS A 1660 32.05 50.77 -13.18
C HIS A 1660 32.09 51.59 -11.87
N PRO A 1661 32.27 50.95 -10.72
CA PRO A 1661 32.40 49.50 -10.54
C PRO A 1661 31.13 48.80 -10.05
N LEU A 1662 30.14 49.60 -9.66
CA LEU A 1662 28.96 49.09 -8.97
C LEU A 1662 28.34 47.94 -9.72
N ASP A 1663 28.00 48.19 -10.98
CA ASP A 1663 27.07 47.32 -11.69
C ASP A 1663 27.75 45.96 -12.03
N TYR A 1664 29.06 45.97 -12.15
CA TYR A 1664 29.81 44.75 -12.40
C TYR A 1664 29.76 43.89 -11.17
N VAL A 1665 30.11 44.49 -10.03
CA VAL A 1665 30.34 43.75 -8.81
C VAL A 1665 29.03 43.35 -8.16
N LEU A 1666 28.04 44.20 -8.33
CA LEU A 1666 26.81 44.04 -7.60
C LEU A 1666 25.89 43.13 -8.32
N GLU A 1667 25.89 43.13 -9.65
CA GLU A 1667 25.01 42.21 -10.36
C GLU A 1667 25.38 40.80 -9.95
N ILE A 1668 26.67 40.59 -9.77
CA ILE A 1668 27.21 39.34 -9.30
C ILE A 1668 26.62 38.94 -7.96
N VAL A 1669 26.81 39.81 -6.99
CA VAL A 1669 26.21 39.62 -5.70
C VAL A 1669 24.72 39.24 -5.84
N ALA A 1670 24.04 40.02 -6.67
CA ALA A 1670 22.64 39.77 -6.96
C ALA A 1670 22.42 38.41 -7.55
N TYR A 1671 23.27 38.04 -8.49
CA TYR A 1671 23.06 36.80 -9.23
C TYR A 1671 23.27 35.59 -8.34
N GLU A 1672 24.31 35.67 -7.52
CA GLU A 1672 24.55 34.62 -6.54
C GLU A 1672 23.33 34.60 -5.65
N ALA A 1673 23.09 35.70 -4.97
CA ALA A 1673 21.95 35.74 -4.07
C ALA A 1673 20.74 35.04 -4.69
N ARG A 1674 20.45 35.48 -5.88
CA ARG A 1674 19.33 35.03 -6.60
C ARG A 1674 19.41 33.53 -6.77
N ARG A 1675 20.59 33.06 -7.12
CA ARG A 1675 20.82 31.62 -7.26
C ARG A 1675 20.61 30.85 -5.96
N LEU A 1676 21.03 31.42 -4.83
CA LEU A 1676 20.85 30.72 -3.55
C LEU A 1676 19.42 30.71 -3.06
N PHE A 1677 18.73 31.84 -3.24
CA PHE A 1677 17.39 31.95 -2.70
C PHE A 1677 16.34 31.67 -3.74
N ARG A 1678 16.32 32.49 -4.77
CA ARG A 1678 15.18 32.55 -5.65
C ARG A 1678 14.93 31.22 -6.32
N ASP A 1679 16.00 30.50 -6.59
CA ASP A 1679 15.89 29.19 -7.20
C ASP A 1679 15.01 28.28 -6.36
N LYS A 1680 15.30 28.34 -5.08
CA LYS A 1680 14.71 27.51 -4.06
C LYS A 1680 13.22 27.79 -3.88
N ILE A 1681 12.80 29.04 -4.06
CA ILE A 1681 11.44 29.44 -3.73
C ILE A 1681 10.51 28.99 -4.81
N VAL A 1682 9.35 28.56 -4.34
CA VAL A 1682 8.37 27.91 -5.15
C VAL A 1682 7.50 28.94 -5.87
N GLY A 1683 6.65 29.63 -5.13
CA GLY A 1683 5.52 30.34 -5.74
C GLY A 1683 5.88 31.56 -6.57
N ALA A 1684 5.08 31.84 -7.60
CA ALA A 1684 5.29 33.01 -8.46
C ALA A 1684 5.18 34.32 -7.67
N LYS A 1685 4.10 34.39 -6.90
CA LYS A 1685 3.83 35.51 -6.03
C LYS A 1685 4.91 35.65 -4.95
N GLU A 1686 5.43 34.52 -4.48
CA GLU A 1686 6.45 34.51 -3.43
C GLU A 1686 7.78 34.93 -3.99
N LEU A 1687 8.02 34.56 -5.23
CA LEU A 1687 9.20 35.01 -5.92
C LEU A 1687 9.08 36.49 -6.12
N HIS A 1688 7.93 36.90 -6.62
CA HIS A 1688 7.70 38.31 -6.77
C HIS A 1688 8.00 39.02 -5.46
N LEU A 1689 7.52 38.41 -4.39
CA LEU A 1689 7.69 38.96 -3.07
C LEU A 1689 9.15 39.04 -2.69
N PHE A 1690 9.88 38.01 -3.05
CA PHE A 1690 11.28 37.98 -2.74
C PHE A 1690 11.98 39.10 -3.47
N ASP A 1691 11.71 39.21 -4.75
CA ASP A 1691 12.49 40.14 -5.55
C ASP A 1691 12.41 41.55 -5.00
N ILE A 1692 11.21 41.89 -4.60
CA ILE A 1692 10.99 43.15 -3.97
C ILE A 1692 12.04 43.36 -2.89
N ILE A 1693 12.10 42.38 -1.99
CA ILE A 1693 12.95 42.43 -0.81
C ILE A 1693 14.37 42.73 -1.19
N LEU A 1694 14.91 41.89 -2.04
CA LEU A 1694 16.23 42.08 -2.62
C LEU A 1694 16.40 43.51 -3.13
N THR A 1695 15.57 43.86 -4.10
CA THR A 1695 15.75 45.10 -4.82
C THR A 1695 15.81 46.25 -3.81
N SER A 1696 14.90 46.17 -2.85
CA SER A 1696 14.72 47.24 -1.86
C SER A 1696 16.07 47.59 -1.24
N VAL A 1697 16.70 46.56 -0.66
CA VAL A 1697 17.87 46.78 0.16
C VAL A 1697 18.95 47.35 -0.73
N PHE A 1698 19.09 46.77 -1.91
CA PHE A 1698 20.14 47.21 -2.80
C PHE A 1698 20.00 48.64 -3.23
N GLN A 1699 18.77 48.98 -3.58
CA GLN A 1699 18.54 50.34 -3.97
C GLN A 1699 18.87 51.21 -2.80
N GLY A 1700 18.19 51.00 -1.69
CA GLY A 1700 18.41 51.83 -0.52
C GLY A 1700 19.90 52.02 -0.25
N ASP A 1701 20.65 50.93 -0.17
CA ASP A 1701 22.05 51.00 0.28
C ASP A 1701 23.03 51.49 -0.80
N TRP A 1702 22.79 51.11 -2.06
CA TRP A 1702 23.64 51.53 -3.18
C TRP A 1702 22.84 51.97 -4.40
N GLY A 1703 23.11 53.19 -4.82
CA GLY A 1703 22.47 53.78 -5.99
C GLY A 1703 20.99 53.47 -6.08
N SER A 1704 20.55 53.16 -7.29
CA SER A 1704 19.20 52.71 -7.51
C SER A 1704 19.24 51.92 -8.82
N ASP A 1705 18.68 50.71 -8.81
CA ASP A 1705 18.76 49.79 -9.93
C ASP A 1705 20.16 49.69 -10.43
N ILE A 1706 20.98 49.15 -9.57
CA ILE A 1706 22.22 48.57 -10.01
C ILE A 1706 21.97 47.07 -10.35
N LEU A 1707 20.83 46.56 -9.86
CA LEU A 1707 20.14 45.37 -10.42
C LEU A 1707 19.95 45.63 -11.88
N ASP A 1708 19.26 46.73 -12.12
CA ASP A 1708 18.70 47.03 -13.41
C ASP A 1708 17.94 45.79 -13.80
N ASN A 1709 18.12 45.41 -15.06
CA ASN A 1709 17.53 44.24 -15.61
C ASN A 1709 18.67 43.52 -16.28
N MET A 1710 19.10 42.43 -15.68
CA MET A 1710 20.15 41.63 -16.25
C MET A 1710 19.60 40.27 -16.58
N SER A 1711 18.39 40.28 -17.13
CA SER A 1711 17.73 39.03 -17.48
C SER A 1711 18.38 38.32 -18.68
N ASP A 1712 18.98 39.09 -19.59
CA ASP A 1712 19.64 38.51 -20.78
C ASP A 1712 20.92 37.76 -20.43
N SER A 1713 21.52 38.09 -19.28
CA SER A 1713 22.85 37.57 -18.92
C SER A 1713 22.84 36.41 -17.92
N PHE A 1714 23.76 35.48 -18.16
CA PHE A 1714 24.04 34.35 -17.27
C PHE A 1714 25.50 34.24 -16.93
N TYR A 1715 25.84 34.14 -15.65
CA TYR A 1715 27.21 33.84 -15.27
C TYR A 1715 27.33 32.30 -15.14
N VAL A 1716 28.38 31.73 -15.75
CA VAL A 1716 28.53 30.31 -15.95
C VAL A 1716 30.00 29.92 -15.97
N THR A 1717 30.29 28.62 -15.76
CA THR A 1717 31.67 28.07 -15.78
C THR A 1717 32.22 28.09 -17.18
N TRP A 1718 31.36 27.70 -18.12
CA TRP A 1718 31.59 27.88 -19.54
C TRP A 1718 31.75 29.37 -19.76
N GLY A 1719 32.96 29.78 -20.14
CA GLY A 1719 33.23 31.17 -20.45
C GLY A 1719 33.72 31.89 -19.23
N ALA A 1720 35.03 31.86 -19.05
CA ALA A 1720 35.69 32.57 -17.99
C ALA A 1720 37.06 32.98 -18.51
N ARG A 1721 37.58 34.04 -17.90
CA ARG A 1721 38.92 34.51 -18.20
C ARG A 1721 39.90 33.52 -17.63
N HIS A 1722 41.13 33.53 -18.13
CA HIS A 1722 42.16 32.57 -17.74
C HIS A 1722 41.86 31.27 -18.45
N ASN A 1723 40.90 31.32 -19.37
CA ASN A 1723 40.50 30.16 -20.17
C ASN A 1723 40.22 28.87 -19.36
N SER A 1724 39.37 28.95 -18.35
CA SER A 1724 38.97 27.74 -17.61
C SER A 1724 38.16 26.84 -18.53
N GLY A 1725 37.14 27.41 -19.16
CA GLY A 1725 36.28 26.66 -20.09
C GLY A 1725 35.50 25.57 -19.36
N ALA A 1729 35.56 16.61 -20.18
CA ALA A 1729 36.73 17.47 -20.01
C ALA A 1729 37.73 16.95 -18.97
N PRO A 1730 39.01 17.18 -19.22
CA PRO A 1730 40.04 16.95 -18.22
C PRO A 1730 39.90 17.97 -17.10
N GLY A 1731 40.38 17.63 -15.91
CA GLY A 1731 40.27 18.50 -14.73
C GLY A 1731 39.53 17.81 -13.60
N GLN A 1732 39.94 16.58 -13.33
CA GLN A 1732 39.27 15.73 -12.36
C GLN A 1732 39.28 16.33 -10.95
N PRO A 1733 40.40 16.99 -10.52
CA PRO A 1733 40.30 17.55 -9.17
C PRO A 1733 39.87 19.02 -9.21
N LEU A 1734 38.75 19.31 -8.56
CA LEU A 1734 38.11 20.61 -8.60
C LEU A 1734 38.84 21.68 -7.81
N PRO A 1735 38.73 22.93 -8.24
CA PRO A 1735 39.22 24.08 -7.51
C PRO A 1735 38.64 24.10 -6.11
N PRO A 1736 39.35 24.72 -5.16
CA PRO A 1736 38.96 24.60 -3.76
C PRO A 1736 37.64 25.29 -3.53
N HIS A 1737 37.44 26.37 -4.28
CA HIS A 1737 36.26 27.19 -4.19
C HIS A 1737 35.43 27.00 -5.42
N GLY A 1738 35.76 25.97 -6.19
CA GLY A 1738 34.97 25.53 -7.33
C GLY A 1738 35.45 26.18 -8.61
N LYS A 1739 34.94 25.65 -9.72
CA LYS A 1739 35.26 26.14 -11.07
C LYS A 1739 34.90 27.58 -11.21
N PRO A 1740 35.82 28.40 -11.72
CA PRO A 1740 35.53 29.81 -11.82
C PRO A 1740 34.50 30.06 -12.89
N LEU A 1741 33.92 31.26 -12.81
CA LEU A 1741 32.70 31.62 -13.53
C LEU A 1741 32.79 32.96 -14.21
N GLY A 1742 32.26 33.05 -15.42
CA GLY A 1742 32.27 34.28 -16.20
C GLY A 1742 30.92 34.59 -16.78
N LYS A 1743 30.82 35.73 -17.44
CA LYS A 1743 29.54 36.34 -17.75
C LYS A 1743 29.23 36.15 -19.23
N LEU A 1744 28.09 35.54 -19.53
CA LEU A 1744 27.71 35.22 -20.90
C LEU A 1744 26.30 35.59 -21.28
N ASN A 1745 26.18 35.99 -22.54
CA ASN A 1745 24.92 36.38 -23.11
C ASN A 1745 24.10 35.21 -23.39
N SER A 1746 22.81 35.47 -23.59
CA SER A 1746 21.86 34.46 -23.99
C SER A 1746 22.22 33.93 -25.36
N THR A 1747 22.28 34.83 -26.34
CA THR A 1747 22.54 34.41 -27.71
C THR A 1747 23.88 33.72 -27.79
N ASP A 1748 24.89 34.23 -27.08
CA ASP A 1748 26.22 33.59 -27.06
C ASP A 1748 26.11 32.17 -26.53
N LEU A 1749 25.41 32.05 -25.42
CA LEU A 1749 25.21 30.76 -24.78
C LEU A 1749 24.46 29.75 -25.66
N LYS A 1750 23.36 30.19 -26.27
CA LYS A 1750 22.53 29.29 -27.10
C LYS A 1750 23.38 28.50 -28.09
N ASP A 1751 24.35 29.18 -28.68
CA ASP A 1751 25.34 28.51 -29.50
C ASP A 1751 26.04 27.42 -28.69
N VAL A 1752 26.50 27.84 -27.51
CA VAL A 1752 27.39 27.03 -26.71
C VAL A 1752 26.69 25.77 -26.26
N ILE A 1753 25.39 25.85 -26.05
CA ILE A 1753 24.71 24.63 -25.67
C ILE A 1753 24.66 23.64 -26.82
N LYS A 1754 24.36 24.16 -28.00
CA LYS A 1754 24.26 23.33 -29.18
C LYS A 1754 25.61 22.73 -29.52
N LYS A 1755 26.69 23.49 -29.28
CA LYS A 1755 28.04 22.87 -29.27
C LYS A 1755 28.14 21.59 -28.42
N GLY A 1756 27.54 21.64 -27.23
CA GLY A 1756 27.53 20.50 -26.34
C GLY A 1756 26.62 19.38 -26.81
N LEU A 1757 25.46 19.78 -27.35
CA LEU A 1757 24.48 18.84 -27.87
C LEU A 1757 25.07 18.07 -29.05
N ILE A 1758 25.75 18.79 -29.94
CA ILE A 1758 26.47 18.15 -31.05
C ILE A 1758 27.43 17.09 -30.53
N HIS A 1759 28.36 17.49 -29.65
CA HIS A 1759 29.45 16.63 -29.19
C HIS A 1759 28.91 15.50 -28.30
N TYR A 1760 27.76 15.73 -27.67
CA TYR A 1760 27.04 14.68 -26.93
C TYR A 1760 26.38 13.70 -27.87
N GLY A 1761 25.91 14.21 -29.01
CA GLY A 1761 25.35 13.37 -30.08
C GLY A 1761 26.29 12.27 -30.60
N ARG A 1762 27.59 12.51 -30.53
CA ARG A 1762 28.59 11.49 -30.84
C ARG A 1762 28.53 10.33 -29.84
N ASP A 1763 28.50 10.63 -28.54
CA ASP A 1763 28.47 9.58 -27.49
C ASP A 1763 27.08 8.94 -27.29
N ASN A 1764 26.03 9.73 -27.16
CA ASN A 1764 24.69 9.16 -26.95
C ASN A 1764 23.71 9.50 -28.06
N GLN A 1765 22.45 9.16 -27.85
CA GLN A 1765 21.38 9.52 -28.76
C GLN A 1765 21.26 11.03 -28.98
N ASN A 1766 21.07 11.41 -30.24
CA ASN A 1766 20.79 12.81 -30.60
C ASN A 1766 19.32 13.15 -30.35
N LEU A 1767 19.08 14.40 -29.96
CA LEU A 1767 17.72 14.87 -29.63
C LEU A 1767 17.35 16.26 -30.15
N ASP A 1768 16.16 16.34 -30.75
CA ASP A 1768 15.51 17.61 -31.05
C ASP A 1768 15.03 18.25 -29.78
N ILE A 1769 15.99 18.84 -29.09
CA ILE A 1769 15.72 19.58 -27.90
C ILE A 1769 15.86 21.04 -28.24
N LEU A 1770 14.76 21.76 -28.02
CA LEU A 1770 14.67 23.18 -28.29
C LEU A 1770 15.24 23.97 -27.13
N LEU A 1771 15.62 25.21 -27.39
CA LEU A 1771 16.15 26.06 -26.36
C LEU A 1771 15.20 27.19 -26.16
N PHE A 1772 15.09 27.65 -24.93
CA PHE A 1772 14.39 28.90 -24.64
C PHE A 1772 14.82 29.34 -23.27
N HIS A 1773 14.51 30.58 -22.92
CA HIS A 1773 15.06 31.21 -21.73
C HIS A 1773 15.12 30.28 -20.52
N GLU A 1774 14.05 29.54 -20.29
CA GLU A 1774 14.00 28.66 -19.13
C GLU A 1774 15.07 27.58 -19.15
N VAL A 1775 15.23 26.95 -20.28
CA VAL A 1775 16.27 25.98 -20.44
C VAL A 1775 17.64 26.54 -20.08
N LEU A 1776 17.93 27.73 -20.60
CA LEU A 1776 19.17 28.43 -20.28
C LEU A 1776 19.24 28.54 -18.77
N GLU A 1777 18.16 29.10 -18.21
CA GLU A 1777 18.11 29.35 -16.78
C GLU A 1777 18.34 28.03 -16.07
N TYR A 1778 17.74 26.96 -16.58
CA TYR A 1778 17.81 25.69 -15.89
C TYR A 1778 19.25 25.30 -15.88
N MET A 1779 19.88 25.37 -17.02
CA MET A 1779 21.20 24.82 -17.12
C MET A 1779 22.26 25.66 -16.41
N SER A 1780 22.02 26.95 -16.37
CA SER A 1780 22.97 27.85 -15.79
C SER A 1780 23.09 27.53 -14.33
N ARG A 1781 21.94 27.23 -13.74
CA ARG A 1781 21.83 27.03 -12.32
C ARG A 1781 22.51 25.74 -11.99
N ILE A 1782 22.45 24.77 -12.90
CA ILE A 1782 23.06 23.46 -12.59
C ILE A 1782 24.54 23.50 -12.75
N ASP A 1783 24.98 24.30 -13.71
CA ASP A 1783 26.38 24.34 -13.91
C ASP A 1783 27.08 24.76 -12.62
N ARG A 1784 26.54 25.81 -12.00
CA ARG A 1784 27.20 26.39 -10.83
C ARG A 1784 27.34 25.35 -9.73
N VAL A 1785 26.34 24.47 -9.66
CA VAL A 1785 26.24 23.53 -8.56
C VAL A 1785 27.23 22.42 -8.75
N LEU A 1786 27.33 22.01 -9.99
CA LEU A 1786 28.12 20.86 -10.29
C LEU A 1786 29.59 21.18 -10.34
N SER A 1787 29.89 22.42 -10.61
CA SER A 1787 31.26 22.85 -10.50
C SER A 1787 31.79 22.80 -9.08
N PHE A 1788 30.91 23.04 -8.10
CA PHE A 1788 31.31 23.10 -6.71
C PHE A 1788 31.50 21.72 -6.10
N PRO A 1789 32.63 21.52 -5.41
CA PRO A 1789 32.88 20.26 -4.73
C PRO A 1789 31.87 19.93 -3.64
N GLY A 1790 31.35 18.70 -3.66
CA GLY A 1790 30.33 18.28 -2.73
C GLY A 1790 28.96 18.78 -3.10
N GLY A 1791 28.89 19.53 -4.21
CA GLY A 1791 27.66 20.19 -4.61
C GLY A 1791 26.69 19.17 -5.18
N SER A 1792 25.47 19.16 -4.67
CA SER A 1792 24.49 18.18 -5.10
C SER A 1792 23.19 18.91 -5.35
N LEU A 1793 22.27 18.30 -6.10
CA LEU A 1793 20.96 18.92 -6.36
C LEU A 1793 19.78 18.12 -5.92
N LEU A 1794 18.65 18.82 -5.87
CA LEU A 1794 17.37 18.23 -5.60
C LEU A 1794 16.36 18.88 -6.54
N LEU A 1795 15.96 18.11 -7.52
CA LEU A 1795 15.27 18.71 -8.60
C LEU A 1795 13.87 18.31 -8.51
N ALA A 1796 13.07 19.21 -8.01
CA ALA A 1796 11.69 18.84 -7.90
C ALA A 1796 10.93 19.65 -8.90
N GLY A 1797 10.15 18.93 -9.70
CA GLY A 1797 9.23 19.54 -10.64
C GLY A 1797 8.33 18.48 -11.22
N ARG A 1798 7.41 18.89 -12.07
CA ARG A 1798 6.48 17.98 -12.73
C ARG A 1798 7.20 17.28 -13.89
N SER A 1799 6.84 16.03 -14.14
CA SER A 1799 7.55 15.22 -15.12
C SER A 1799 7.44 15.82 -16.50
N GLY A 1800 8.47 15.64 -17.31
CA GLY A 1800 8.46 16.09 -18.69
C GLY A 1800 9.06 17.44 -19.02
N VAL A 1801 9.66 18.11 -18.06
CA VAL A 1801 10.34 19.36 -18.32
C VAL A 1801 11.71 19.11 -17.80
N GLY A 1802 12.40 18.23 -18.47
CA GLY A 1802 13.29 17.32 -17.81
C GLY A 1802 14.41 17.90 -17.02
N ARG A 1803 14.49 17.48 -15.77
CA ARG A 1803 15.67 17.61 -14.98
C ARG A 1803 16.70 16.69 -15.63
N ARG A 1804 16.20 15.56 -16.10
CA ARG A 1804 17.01 14.46 -16.60
C ARG A 1804 17.75 14.72 -17.91
N THR A 1805 17.10 15.37 -18.85
CA THR A 1805 17.74 15.71 -20.11
C THR A 1805 18.83 16.80 -19.99
N ILE A 1806 18.58 17.81 -19.18
CA ILE A 1806 19.56 18.86 -18.92
C ILE A 1806 20.71 18.37 -18.07
N THR A 1807 20.40 17.53 -17.09
CA THR A 1807 21.39 17.05 -16.16
C THR A 1807 22.33 16.12 -16.85
N SER A 1808 21.75 15.26 -17.69
CA SER A 1808 22.54 14.39 -18.49
C SER A 1808 23.70 15.16 -19.17
N LEU A 1809 23.36 16.27 -19.78
CA LEU A 1809 24.32 16.99 -20.58
C LEU A 1809 25.43 17.63 -19.77
N VAL A 1810 25.03 18.40 -18.78
CA VAL A 1810 25.97 19.19 -18.04
C VAL A 1810 27.12 18.30 -17.60
N SER A 1811 26.77 17.25 -16.92
CA SER A 1811 27.73 16.29 -16.43
C SER A 1811 28.62 15.75 -17.55
N HIS A 1812 28.01 15.43 -18.67
CA HIS A 1812 28.77 14.94 -19.82
C HIS A 1812 29.81 15.98 -20.21
N MET A 1813 29.40 17.24 -20.18
CA MET A 1813 30.26 18.33 -20.62
C MET A 1813 31.32 18.70 -19.60
N HIS A 1814 31.04 18.39 -18.34
CA HIS A 1814 32.02 18.56 -17.27
C HIS A 1814 33.11 17.52 -17.36
N GLY A 1815 32.75 16.38 -17.95
CA GLY A 1815 33.60 15.21 -17.94
C GLY A 1815 33.30 14.41 -16.69
N ALA A 1816 32.12 14.63 -16.14
CA ALA A 1816 31.72 13.97 -14.94
C ALA A 1816 31.18 12.61 -15.29
N VAL A 1817 31.55 11.67 -14.44
CA VAL A 1817 31.17 10.30 -14.67
C VAL A 1817 29.76 10.17 -14.19
N LEU A 1818 28.89 9.63 -15.01
CA LEU A 1818 27.49 9.76 -14.68
C LEU A 1818 26.78 8.44 -14.38
N PHE A 1819 26.52 8.13 -13.11
CA PHE A 1819 25.92 6.81 -12.80
C PHE A 1819 24.45 6.84 -12.36
N SER A 1820 23.64 5.95 -12.95
CA SER A 1820 22.27 5.74 -12.47
C SER A 1820 21.99 4.26 -12.45
N PRO A 1821 21.56 3.73 -11.30
CA PRO A 1821 21.43 2.29 -11.16
C PRO A 1821 20.48 1.64 -12.15
N LYS A 1822 20.89 0.50 -12.65
CA LYS A 1822 20.08 -0.27 -13.55
C LYS A 1822 19.21 -1.08 -12.64
N ILE A 1823 17.92 -1.05 -12.93
CA ILE A 1823 16.96 -1.65 -12.04
C ILE A 1823 16.42 -2.90 -12.64
N SER A 1824 16.36 -3.91 -11.80
CA SER A 1824 16.07 -5.24 -12.25
C SER A 1824 14.97 -5.72 -11.36
N ARG A 1825 14.29 -6.77 -11.75
CA ARG A 1825 13.41 -7.45 -10.81
C ARG A 1825 14.13 -7.74 -9.49
N GLY A 1826 15.39 -8.16 -9.56
CA GLY A 1826 16.21 -8.26 -8.36
C GLY A 1826 16.73 -6.91 -7.89
N TYR A 1827 15.87 -5.89 -7.85
CA TYR A 1827 16.16 -4.70 -7.08
C TYR A 1827 16.38 -5.21 -5.69
N GLU A 1828 17.38 -4.72 -5.00
CA GLU A 1828 17.65 -5.21 -3.66
C GLU A 1828 18.53 -4.25 -2.99
N LEU A 1829 18.74 -4.47 -1.71
CA LEU A 1829 19.79 -3.75 -1.02
C LEU A 1829 21.17 -4.20 -1.54
N LYS A 1830 21.28 -5.44 -2.01
CA LYS A 1830 22.53 -5.91 -2.57
C LYS A 1830 22.96 -5.15 -3.83
N GLN A 1831 22.07 -5.03 -4.80
CA GLN A 1831 22.35 -4.15 -5.95
C GLN A 1831 22.96 -2.82 -5.49
N PHE A 1832 22.29 -2.26 -4.50
CA PHE A 1832 22.43 -0.89 -4.23
C PHE A 1832 23.69 -0.68 -3.51
N LYS A 1833 23.93 -1.52 -2.53
CA LYS A 1833 25.18 -1.45 -1.83
C LYS A 1833 26.31 -1.52 -2.83
N ASN A 1834 26.31 -2.54 -3.67
CA ASN A 1834 27.33 -2.65 -4.69
C ASN A 1834 27.49 -1.35 -5.47
N ASP A 1835 26.37 -0.83 -5.92
CA ASP A 1835 26.40 0.35 -6.75
C ASP A 1835 27.07 1.48 -6.01
N LEU A 1836 26.56 1.74 -4.83
CA LEU A 1836 27.09 2.82 -4.06
C LEU A 1836 28.53 2.67 -3.87
N LYS A 1837 28.93 1.44 -3.50
CA LYS A 1837 30.31 1.11 -3.19
C LYS A 1837 31.16 1.44 -4.36
N HIS A 1838 30.62 1.08 -5.51
CA HIS A 1838 31.31 1.36 -6.75
C HIS A 1838 31.46 2.85 -6.99
N VAL A 1839 30.38 3.58 -6.83
CA VAL A 1839 30.44 5.01 -7.07
C VAL A 1839 31.44 5.68 -6.13
N LEU A 1840 31.29 5.38 -4.85
CA LEU A 1840 32.18 5.94 -3.83
C LEU A 1840 33.58 5.58 -4.10
N GLN A 1841 33.79 4.33 -4.46
CA GLN A 1841 35.12 3.91 -4.81
C GLN A 1841 35.70 4.89 -5.87
N LEU A 1842 34.87 5.27 -6.84
CA LEU A 1842 35.36 6.10 -7.95
C LEU A 1842 35.76 7.49 -7.48
N ALA A 1843 34.81 8.16 -6.86
CA ALA A 1843 35.02 9.51 -6.44
C ALA A 1843 36.05 9.59 -5.32
N GLY A 1844 36.15 8.53 -4.54
CA GLY A 1844 36.97 8.56 -3.34
C GLY A 1844 38.39 8.08 -3.57
N ILE A 1845 38.54 7.07 -4.41
CA ILE A 1845 39.84 6.56 -4.75
C ILE A 1845 40.33 7.24 -6.02
N GLU A 1846 39.53 7.14 -7.09
CA GLU A 1846 39.97 7.63 -8.41
C GLU A 1846 39.93 9.13 -8.56
N ALA A 1847 39.04 9.76 -7.81
CA ALA A 1847 39.02 11.22 -7.74
C ALA A 1847 38.38 11.81 -8.95
N GLN A 1848 37.88 11.00 -9.88
CA GLN A 1848 37.19 11.58 -11.01
C GLN A 1848 35.88 12.12 -10.46
N GLN A 1849 35.47 13.27 -10.98
CA GLN A 1849 34.21 13.87 -10.60
C GLN A 1849 33.07 12.96 -11.04
N VAL A 1850 32.14 12.74 -10.14
CA VAL A 1850 31.06 11.83 -10.41
C VAL A 1850 29.71 12.31 -10.02
N VAL A 1851 28.79 12.19 -10.95
CA VAL A 1851 27.39 12.43 -10.72
C VAL A 1851 26.71 11.14 -10.43
N LEU A 1852 26.12 11.06 -9.26
CA LEU A 1852 25.24 9.96 -8.97
C LEU A 1852 23.81 10.42 -9.12
N LEU A 1853 23.04 9.78 -10.01
CA LEU A 1853 21.67 10.22 -10.33
C LEU A 1853 20.56 9.25 -9.93
N LEU A 1854 19.44 9.78 -9.42
CA LEU A 1854 18.31 8.95 -9.01
C LEU A 1854 16.96 9.57 -9.29
N GLU A 1855 16.01 8.76 -9.71
CA GLU A 1855 14.66 9.25 -9.93
C GLU A 1855 13.69 8.54 -9.04
N ASP A 1856 12.50 9.10 -8.95
CA ASP A 1856 11.47 8.52 -8.10
C ASP A 1856 11.39 7.01 -8.26
N TYR A 1857 11.52 6.54 -9.49
CA TYR A 1857 11.22 5.15 -9.74
C TYR A 1857 12.26 4.26 -9.17
N GLN A 1858 13.44 4.80 -8.96
CA GLN A 1858 14.53 3.97 -8.55
C GLN A 1858 14.43 3.52 -7.11
N PHE A 1859 13.57 4.12 -6.30
CA PHE A 1859 13.58 3.84 -4.84
C PHE A 1859 12.66 2.69 -4.46
N VAL A 1860 13.05 1.51 -4.88
CA VAL A 1860 12.36 0.30 -4.50
C VAL A 1860 12.43 -0.05 -3.01
N HIS A 1861 13.18 0.70 -2.21
CA HIS A 1861 13.18 0.43 -0.78
C HIS A 1861 13.51 1.65 0.06
N PRO A 1862 12.58 2.04 0.93
CA PRO A 1862 12.66 3.27 1.74
C PRO A 1862 14.00 3.56 2.35
N THR A 1863 14.74 2.50 2.60
CA THR A 1863 15.98 2.62 3.28
C THR A 1863 16.98 3.42 2.45
N PHE A 1864 16.87 3.33 1.13
CA PHE A 1864 17.84 3.98 0.24
C PHE A 1864 18.07 5.41 0.69
N LEU A 1865 16.97 6.07 0.89
CA LEU A 1865 17.02 7.46 1.11
C LEU A 1865 17.71 7.74 2.40
N GLU A 1866 17.61 6.88 3.40
CA GLU A 1866 18.30 7.14 4.66
C GLU A 1866 19.77 7.06 4.45
N MET A 1867 20.18 6.20 3.53
CA MET A 1867 21.59 6.08 3.17
C MET A 1867 22.03 7.32 2.47
N ILE A 1868 21.24 7.74 1.51
CA ILE A 1868 21.62 8.95 0.80
C ILE A 1868 21.73 10.06 1.84
N ASN A 1869 20.72 10.11 2.67
CA ASN A 1869 20.51 11.09 3.72
C ASN A 1869 21.77 11.15 4.53
N SER A 1870 22.26 9.99 4.95
CA SER A 1870 23.53 9.89 5.67
C SER A 1870 24.71 10.32 4.79
N LEU A 1871 24.69 9.84 3.56
CA LEU A 1871 25.78 10.07 2.63
C LEU A 1871 26.07 11.52 2.38
N LEU A 1872 25.02 12.27 2.20
CA LEU A 1872 25.14 13.66 2.00
C LEU A 1872 25.77 14.30 3.19
N SER A 1873 25.16 14.10 4.34
CA SER A 1873 25.61 14.79 5.53
C SER A 1873 27.03 14.44 5.86
N SER A 1874 27.37 13.14 5.80
CA SER A 1874 28.61 12.69 6.39
C SER A 1874 29.65 12.22 5.42
N GLY A 1875 29.21 11.83 4.25
CA GLY A 1875 30.07 11.21 3.25
C GLY A 1875 30.39 9.77 3.58
N GLU A 1876 29.50 9.12 4.31
CA GLU A 1876 29.75 7.75 4.69
C GLU A 1876 28.40 7.13 4.92
N VAL A 1877 28.38 5.80 5.05
CA VAL A 1877 27.16 5.04 5.31
C VAL A 1877 27.47 3.89 6.22
N PRO A 1878 26.65 3.69 7.26
CA PRO A 1878 26.93 2.64 8.21
C PRO A 1878 26.66 1.27 7.63
N GLY A 1879 27.37 0.30 8.20
CA GLY A 1879 27.32 -1.07 7.74
C GLY A 1879 27.37 -1.13 6.23
N LEU A 1880 28.15 -0.25 5.61
CA LEU A 1880 28.36 -0.36 4.18
C LEU A 1880 29.65 -1.02 3.90
N TYR A 1881 30.66 -0.60 4.59
CA TYR A 1881 31.85 -1.37 4.50
C TYR A 1881 32.09 -2.15 5.79
N THR A 1882 32.66 -3.34 5.65
CA THR A 1882 33.18 -4.10 6.79
C THR A 1882 34.67 -3.85 6.88
N LEU A 1883 35.21 -4.07 8.06
CA LEU A 1883 36.50 -3.52 8.42
C LEU A 1883 37.57 -4.09 7.54
N GLU A 1884 37.41 -5.35 7.18
CA GLU A 1884 38.42 -6.02 6.40
C GLU A 1884 38.40 -5.45 5.02
N GLU A 1885 37.23 -5.07 4.54
CA GLU A 1885 37.13 -4.58 3.18
C GLU A 1885 37.97 -3.34 2.95
N LEU A 1886 38.30 -2.65 4.01
CA LEU A 1886 38.91 -1.34 3.87
C LEU A 1886 40.37 -1.42 3.58
N GLU A 1887 41.01 -2.38 4.22
CA GLU A 1887 42.45 -2.59 4.10
C GLU A 1887 42.94 -2.50 2.67
N PRO A 1888 42.33 -3.26 1.74
CA PRO A 1888 42.74 -3.17 0.35
C PRO A 1888 42.38 -1.84 -0.30
N LEU A 1889 41.25 -1.28 0.08
CA LEU A 1889 40.74 -0.09 -0.57
C LEU A 1889 41.60 1.10 -0.29
N LEU A 1890 41.92 1.30 0.98
CA LEU A 1890 42.52 2.56 1.40
C LEU A 1890 44.02 2.53 1.45
N LEU A 1891 44.60 1.39 1.15
CA LEU A 1891 46.02 1.24 1.26
C LEU A 1891 46.70 2.31 0.45
N PRO A 1892 46.27 2.50 -0.80
CA PRO A 1892 46.86 3.55 -1.63
C PRO A 1892 46.81 4.91 -0.97
N LEU A 1893 45.72 5.16 -0.28
CA LEU A 1893 45.53 6.49 0.19
C LEU A 1893 46.46 6.73 1.37
N LYS A 1894 47.09 5.68 1.90
CA LYS A 1894 47.86 5.85 3.13
C LYS A 1894 49.03 6.82 2.93
N ASP A 1895 49.67 6.71 1.78
CA ASP A 1895 50.69 7.68 1.38
C ASP A 1895 50.06 8.98 0.93
N GLN A 1896 49.06 8.89 0.06
CA GLN A 1896 48.49 10.09 -0.56
C GLN A 1896 48.13 11.05 0.50
N ALA A 1897 47.46 10.52 1.49
CA ALA A 1897 46.94 11.27 2.63
C ALA A 1897 48.04 11.89 3.44
N SER A 1898 49.13 11.15 3.56
CA SER A 1898 50.24 11.62 4.34
C SER A 1898 50.96 12.73 3.59
N GLN A 1899 50.98 12.62 2.28
CA GLN A 1899 51.57 13.67 1.49
C GLN A 1899 50.68 14.89 1.56
N ASP A 1900 49.38 14.68 1.37
CA ASP A 1900 48.35 15.74 1.51
C ASP A 1900 48.47 16.40 2.91
N GLY A 1901 48.86 15.62 3.89
CA GLY A 1901 49.22 16.13 5.21
C GLY A 1901 48.35 15.68 6.36
N PHE A 1902 47.42 14.76 6.12
CA PHE A 1902 46.43 14.39 7.13
C PHE A 1902 47.02 13.49 8.26
N PHE A 1903 46.45 13.56 9.46
CA PHE A 1903 46.88 12.72 10.59
C PHE A 1903 45.80 11.73 11.05
N GLY A 1904 46.21 10.51 11.37
CA GLY A 1904 45.32 9.52 11.97
C GLY A 1904 44.50 8.72 10.97
N PRO A 1905 43.23 8.42 11.31
CA PRO A 1905 42.46 7.44 10.55
C PRO A 1905 42.10 7.88 9.13
N VAL A 1906 42.53 7.07 8.18
CA VAL A 1906 42.41 7.30 6.73
C VAL A 1906 40.99 7.40 6.17
N PHE A 1907 40.10 6.63 6.74
CA PHE A 1907 38.75 6.55 6.25
C PHE A 1907 38.15 7.95 6.19
N ASN A 1908 38.53 8.80 7.11
CA ASN A 1908 37.96 10.12 7.16
C ASN A 1908 38.43 10.89 5.98
N TYR A 1909 39.68 10.69 5.62
CA TYR A 1909 40.23 11.20 4.37
C TYR A 1909 39.45 10.69 3.21
N PHE A 1910 39.16 9.42 3.26
CA PHE A 1910 38.38 8.84 2.19
C PHE A 1910 37.09 9.62 2.04
N THR A 1911 36.49 9.83 3.18
CA THR A 1911 35.27 10.49 3.26
C THR A 1911 35.43 11.83 2.63
N TYR A 1912 36.42 12.56 3.08
CA TYR A 1912 36.63 13.90 2.59
C TYR A 1912 36.71 13.87 1.10
N ARG A 1913 37.51 12.95 0.60
CA ARG A 1913 37.74 12.86 -0.82
C ARG A 1913 36.45 12.62 -1.56
N ILE A 1914 35.63 11.76 -0.96
CA ILE A 1914 34.35 11.47 -1.56
C ILE A 1914 33.67 12.77 -1.79
N GLN A 1915 33.58 13.51 -0.71
CA GLN A 1915 32.73 14.64 -0.66
C GLN A 1915 33.11 15.67 -1.67
N GLN A 1916 34.40 15.76 -1.95
CA GLN A 1916 34.83 16.75 -2.93
C GLN A 1916 34.33 16.38 -4.35
N ASN A 1917 34.54 15.15 -4.77
CA ASN A 1917 34.31 14.84 -6.18
C ASN A 1917 33.03 14.14 -6.46
N LEU A 1918 32.28 13.87 -5.41
CA LEU A 1918 31.05 13.18 -5.62
C LEU A 1918 29.91 14.14 -5.51
N HIS A 1919 29.16 14.26 -6.59
CA HIS A 1919 27.93 15.03 -6.62
C HIS A 1919 26.75 14.11 -6.78
N ILE A 1920 25.66 14.48 -6.14
CA ILE A 1920 24.45 13.69 -6.21
C ILE A 1920 23.28 14.48 -6.75
N VAL A 1921 22.38 13.79 -7.44
CA VAL A 1921 21.22 14.42 -8.03
C VAL A 1921 19.98 13.55 -7.90
N LEU A 1922 18.85 14.19 -7.67
CA LEU A 1922 17.63 13.47 -7.42
C LEU A 1922 16.47 14.15 -8.04
N ILE A 1923 15.76 13.37 -8.81
CA ILE A 1923 14.65 13.90 -9.49
C ILE A 1923 13.44 13.34 -8.82
N MET A 1924 12.53 14.23 -8.45
CA MET A 1924 11.32 13.84 -7.78
C MET A 1924 10.14 14.67 -8.22
N ASP A 1925 8.96 14.10 -8.04
CA ASP A 1925 7.75 14.75 -8.49
C ASP A 1925 7.03 15.36 -7.32
N SER A 1926 6.63 16.61 -7.49
CA SER A 1926 5.90 17.34 -6.49
C SER A 1926 4.59 16.62 -6.18
N ALA A 1927 3.99 16.08 -7.22
CA ALA A 1927 2.72 15.37 -7.10
C ALA A 1927 2.80 14.13 -6.23
N ASN A 1928 3.94 13.44 -6.25
CA ASN A 1928 4.03 12.19 -5.55
C ASN A 1928 3.67 12.37 -4.08
N SER A 1929 2.88 11.45 -3.57
CA SER A 1929 2.26 11.58 -2.26
C SER A 1929 3.27 11.69 -1.12
N ASN A 1930 4.27 10.83 -1.16
CA ASN A 1930 5.26 10.82 -0.12
C ASN A 1930 6.41 11.76 -0.44
N PHE A 1931 6.24 12.55 -1.51
CA PHE A 1931 7.25 13.49 -1.87
C PHE A 1931 7.55 14.37 -0.67
N MET A 1932 6.53 15.07 -0.20
CA MET A 1932 6.67 16.02 0.92
C MET A 1932 7.17 15.31 2.16
N ILE A 1933 6.71 14.07 2.32
CA ILE A 1933 7.09 13.25 3.45
C ILE A 1933 8.59 13.12 3.45
N ASN A 1934 9.12 12.53 2.38
CA ASN A 1934 10.52 12.12 2.36
C ASN A 1934 11.46 13.27 2.62
N CYS A 1935 11.05 14.42 2.11
CA CYS A 1935 11.83 15.63 2.28
C CYS A 1935 11.98 15.90 3.75
N GLU A 1936 10.89 15.81 4.48
CA GLU A 1936 10.91 16.04 5.90
C GLU A 1936 11.55 14.87 6.67
N SER A 1937 11.37 13.67 6.16
CA SER A 1937 11.97 12.48 6.74
C SER A 1937 13.47 12.59 6.77
N ASN A 1938 14.05 12.90 5.61
CA ASN A 1938 15.50 13.03 5.47
C ASN A 1938 15.94 14.47 5.51
N PRO A 1939 16.35 14.91 6.70
CA PRO A 1939 16.52 16.33 6.88
C PRO A 1939 17.60 16.77 5.98
N ALA A 1940 18.61 15.92 5.86
CA ALA A 1940 19.84 16.31 5.21
C ALA A 1940 19.50 16.73 3.80
N LEU A 1941 18.46 16.10 3.29
CA LEU A 1941 18.07 16.28 1.92
C LEU A 1941 18.01 17.74 1.46
N HIS A 1942 17.16 18.56 2.05
CA HIS A 1942 17.08 20.00 1.66
C HIS A 1942 18.17 20.88 2.32
N LYS A 1943 18.81 20.39 3.38
CA LYS A 1943 19.88 21.12 4.06
C LYS A 1943 21.14 21.16 3.26
N LYS A 1944 21.51 19.99 2.77
CA LYS A 1944 22.72 19.83 1.99
C LYS A 1944 22.59 20.43 0.62
N CYS A 1945 21.80 19.83 -0.26
CA CYS A 1945 21.85 20.20 -1.68
C CYS A 1945 20.87 21.26 -2.13
N GLN A 1946 21.32 22.06 -3.09
CA GLN A 1946 20.54 23.19 -3.56
C GLN A 1946 19.34 22.67 -4.26
N VAL A 1947 18.20 23.20 -3.91
CA VAL A 1947 16.99 22.67 -4.41
C VAL A 1947 16.58 23.50 -5.57
N LEU A 1948 16.23 22.85 -6.67
CA LEU A 1948 15.69 23.60 -7.77
C LEU A 1948 14.30 23.19 -8.02
N TRP A 1949 13.51 24.23 -8.17
CA TRP A 1949 12.14 24.08 -8.47
C TRP A 1949 12.03 24.19 -9.96
N MET A 1950 11.61 23.10 -10.57
CA MET A 1950 11.52 23.03 -11.99
C MET A 1950 10.09 22.90 -12.49
N GLU A 1951 9.12 23.02 -11.61
CA GLU A 1951 7.74 22.76 -12.00
C GLU A 1951 7.24 23.73 -13.06
N GLY A 1952 6.58 23.18 -14.08
CA GLY A 1952 5.95 23.95 -15.15
C GLY A 1952 6.87 24.58 -16.17
N TRP A 1953 6.27 25.30 -17.11
CA TRP A 1953 6.98 26.10 -18.11
C TRP A 1953 6.31 27.45 -18.20
N SER A 1954 7.07 28.49 -18.56
CA SER A 1954 6.51 29.85 -18.57
C SER A 1954 5.60 30.02 -19.78
N ASN A 1955 4.44 30.62 -19.58
CA ASN A 1955 3.46 30.70 -20.65
C ASN A 1955 4.01 31.37 -21.88
N SER A 1956 4.79 32.41 -21.65
CA SER A 1956 5.48 33.09 -22.73
C SER A 1956 6.33 32.12 -23.53
N SER A 1957 7.06 31.28 -22.82
CA SER A 1957 7.91 30.31 -23.46
C SER A 1957 7.09 29.22 -24.16
N MET A 1958 6.01 28.77 -23.55
CA MET A 1958 5.23 27.70 -24.13
C MET A 1958 4.56 28.08 -25.44
N LYS A 1959 4.37 29.37 -25.69
CA LYS A 1959 3.93 29.79 -27.03
C LYS A 1959 5.01 29.62 -28.09
N LYS A 1960 6.28 29.72 -27.68
CA LYS A 1960 7.38 29.79 -28.64
C LYS A 1960 7.67 28.42 -29.21
N ILE A 1961 7.30 27.40 -28.45
CA ILE A 1961 7.68 26.05 -28.76
C ILE A 1961 7.10 25.61 -30.11
N PRO A 1962 5.77 25.69 -30.28
CA PRO A 1962 5.12 25.26 -31.54
C PRO A 1962 5.70 25.96 -32.76
N GLU A 1963 5.93 27.26 -32.60
CA GLU A 1963 6.49 28.11 -33.63
C GLU A 1963 7.85 27.58 -34.06
N MET A 1964 8.64 27.12 -33.09
CA MET A 1964 10.00 26.71 -33.39
C MET A 1964 10.06 25.41 -34.14
N LEU A 1965 8.92 24.75 -34.29
CA LEU A 1965 8.86 23.60 -35.17
C LEU A 1965 8.88 23.97 -36.66
N PHE A 1966 8.58 25.23 -36.98
CA PHE A 1966 8.77 25.76 -38.34
C PHE A 1966 10.25 25.63 -38.73
N SER A 1967 11.13 26.03 -37.83
CA SER A 1967 12.57 26.00 -38.08
C SER A 1967 13.10 24.58 -38.29
N GLU A 1968 12.60 23.64 -37.50
CA GLU A 1968 13.05 22.25 -37.58
C GLU A 1968 12.47 21.53 -38.80
N VAL A 1989 -3.14 30.61 -41.29
CA VAL A 1989 -2.30 31.35 -40.33
C VAL A 1989 -1.84 30.43 -39.19
N ASP A 1990 -0.59 30.60 -38.77
CA ASP A 1990 -0.01 29.83 -37.66
C ASP A 1990 -0.23 30.42 -36.23
N PRO A 1991 -0.21 31.77 -36.09
CA PRO A 1991 -0.17 32.36 -34.75
C PRO A 1991 -1.34 31.92 -33.85
N ASP A 1992 -2.54 31.90 -34.42
CA ASP A 1992 -3.75 31.46 -33.70
C ASP A 1992 -3.59 30.05 -33.15
N PHE A 1993 -2.79 29.24 -33.85
CA PHE A 1993 -2.60 27.85 -33.48
C PHE A 1993 -1.66 27.76 -32.30
N LEU A 1994 -0.52 28.44 -32.43
CA LEU A 1994 0.54 28.39 -31.41
C LEU A 1994 -0.01 28.82 -30.06
N LYS A 1995 -0.87 29.83 -30.12
CA LYS A 1995 -1.56 30.32 -28.95
C LYS A 1995 -2.60 29.29 -28.45
N SER A 1996 -3.31 28.66 -29.38
CA SER A 1996 -4.39 27.70 -29.05
C SER A 1996 -3.96 26.53 -28.17
N PHE A 1997 -2.86 25.90 -28.56
CA PHE A 1997 -2.35 24.73 -27.84
C PHE A 1997 -2.24 25.00 -26.36
N LEU A 1998 -1.62 26.13 -26.03
CA LEU A 1998 -1.52 26.61 -24.66
C LEU A 1998 -2.82 26.55 -23.92
N LEU A 1999 -3.88 26.99 -24.57
CA LEU A 1999 -5.15 27.19 -23.88
C LEU A 1999 -5.81 25.85 -23.63
N ILE A 2000 -5.61 24.95 -24.58
CA ILE A 2000 -6.09 23.59 -24.44
C ILE A 2000 -5.33 22.93 -23.29
N HIS A 2001 -4.01 23.12 -23.32
CA HIS A 2001 -3.15 22.58 -22.26
C HIS A 2001 -3.55 23.13 -20.89
N GLU A 2002 -3.91 24.42 -20.84
CA GLU A 2002 -4.38 25.09 -19.62
C GLU A 2002 -5.68 24.44 -19.19
N SER A 2003 -6.54 24.18 -20.16
CA SER A 2003 -7.80 23.46 -19.91
C SER A 2003 -7.60 22.04 -19.38
N CYS A 2004 -6.54 21.37 -19.82
CA CYS A 2004 -6.25 20.02 -19.27
C CYS A 2004 -5.72 19.94 -17.82
N LYS A 2005 -5.10 21.03 -17.37
CA LYS A 2005 -4.61 21.12 -15.99
C LYS A 2005 -5.76 21.00 -14.98
N ALA A 2006 -6.98 21.24 -15.44
CA ALA A 2006 -8.19 20.93 -14.68
C ALA A 2006 -8.15 19.48 -14.19
N TYR A 2007 -7.81 18.53 -15.06
CA TYR A 2007 -7.67 17.15 -14.59
C TYR A 2007 -6.28 16.98 -14.04
N GLY A 2008 -5.34 17.69 -14.66
CA GLY A 2008 -3.94 17.66 -14.27
C GLY A 2008 -3.15 17.36 -15.51
N ALA A 2009 -2.12 18.16 -15.77
CA ALA A 2009 -1.33 18.01 -16.99
C ALA A 2009 0.12 18.36 -16.77
N THR A 2010 0.99 17.71 -17.49
CA THR A 2010 2.40 17.92 -17.30
C THR A 2010 3.02 18.37 -18.59
N PRO A 2011 4.14 19.10 -18.50
CA PRO A 2011 4.93 19.50 -19.66
C PRO A 2011 5.34 18.37 -20.60
N SER A 2012 5.61 17.20 -20.03
CA SER A 2012 5.77 16.00 -20.83
C SER A 2012 4.48 15.71 -21.62
N GLN A 2013 3.31 15.77 -21.00
CA GLN A 2013 2.06 15.65 -21.77
C GLN A 2013 1.96 16.75 -22.81
N TYR A 2014 2.34 17.97 -22.44
CA TYR A 2014 2.25 19.09 -23.39
C TYR A 2014 3.11 18.81 -24.57
N MET A 2015 4.25 18.21 -24.34
CA MET A 2015 5.11 17.92 -25.42
C MET A 2015 4.54 16.79 -26.23
N THR A 2016 4.05 15.77 -25.54
CA THR A 2016 3.48 14.60 -26.19
C THR A 2016 2.39 15.03 -27.14
N PHE A 2017 1.65 16.03 -26.70
CA PHE A 2017 0.63 16.64 -27.50
C PHE A 2017 1.20 17.09 -28.82
N LEU A 2018 2.27 17.85 -28.79
CA LEU A 2018 2.84 18.38 -30.01
C LEU A 2018 3.24 17.30 -31.05
N HIS A 2019 3.95 16.30 -30.58
CA HIS A 2019 4.57 15.31 -31.46
C HIS A 2019 3.55 14.62 -32.26
N VAL A 2020 2.47 14.22 -31.64
CA VAL A 2020 1.38 13.64 -32.40
C VAL A 2020 0.76 14.60 -33.41
N TYR A 2021 0.66 15.88 -33.09
CA TYR A 2021 0.11 16.80 -34.08
C TYR A 2021 1.04 16.81 -35.25
N SER A 2022 2.30 17.12 -34.99
CA SER A 2022 3.29 17.19 -36.07
C SER A 2022 3.26 15.91 -36.91
N ALA A 2023 3.45 14.78 -36.22
CA ALA A 2023 3.56 13.48 -36.84
C ALA A 2023 2.33 13.11 -37.64
N ILE A 2024 1.17 13.29 -37.05
CA ILE A 2024 -0.05 12.79 -37.67
C ILE A 2024 -0.59 13.77 -38.72
N SER A 2025 -0.46 15.07 -38.47
CA SER A 2025 -0.70 16.07 -39.52
C SER A 2025 0.22 15.82 -40.72
N SER A 2026 1.51 15.58 -40.44
CA SER A 2026 2.48 15.19 -41.48
C SER A 2026 2.03 13.91 -42.19
N SER A 2027 1.56 12.91 -41.43
CA SER A 2027 1.04 11.67 -42.02
C SER A 2027 -0.10 11.96 -42.98
N LYS A 2028 -1.10 12.66 -42.49
CA LYS A 2028 -2.30 12.87 -43.30
C LYS A 2028 -2.11 13.88 -44.43
N LYS A 2029 -1.15 14.79 -44.30
CA LYS A 2029 -0.73 15.58 -45.46
C LYS A 2029 -0.41 14.62 -46.60
N LYS A 2030 0.34 13.57 -46.28
CA LYS A 2030 0.84 12.63 -47.29
C LYS A 2030 -0.20 11.60 -47.70
N GLU A 2031 -1.05 11.19 -46.76
CA GLU A 2031 -2.12 10.26 -47.09
C GLU A 2031 -3.18 10.94 -47.95
N LEU A 2032 -3.42 12.23 -47.70
CA LEU A 2032 -4.21 13.05 -48.65
C LEU A 2032 -3.47 13.33 -49.95
N LEU A 2033 -2.17 13.57 -49.90
CA LEU A 2033 -1.40 13.79 -51.14
C LEU A 2033 -1.38 12.56 -52.08
N LYS A 2034 -1.13 11.39 -51.51
CA LYS A 2034 -1.25 10.13 -52.26
C LYS A 2034 -2.67 9.97 -52.79
N ARG A 2035 -3.66 10.31 -51.96
CA ARG A 2035 -5.05 10.36 -52.42
C ARG A 2035 -5.25 11.27 -53.64
N GLN A 2036 -4.74 12.50 -53.57
CA GLN A 2036 -4.89 13.50 -54.63
C GLN A 2036 -4.15 13.09 -55.88
N SER A 2037 -3.01 12.40 -55.71
CA SER A 2037 -2.27 11.88 -56.87
C SER A 2037 -3.12 10.98 -57.79
N HIS A 2038 -3.94 10.09 -57.20
CA HIS A 2038 -4.86 9.23 -57.98
C HIS A 2038 -6.01 10.06 -58.59
N LEU A 2039 -6.57 10.95 -57.76
CA LEU A 2039 -7.61 11.90 -58.21
C LEU A 2039 -7.16 12.66 -59.46
N GLN A 2040 -5.94 13.18 -59.43
CA GLN A 2040 -5.35 13.81 -60.60
C GLN A 2040 -5.36 12.85 -61.81
N ALA A 2041 -5.01 11.57 -61.60
CA ALA A 2041 -4.95 10.60 -62.70
C ALA A 2041 -6.34 10.32 -63.27
N GLY A 2042 -7.35 10.30 -62.39
CA GLY A 2042 -8.74 10.25 -62.87
C GLY A 2042 -9.11 11.50 -63.67
N VAL A 2043 -8.93 12.66 -63.02
CA VAL A 2043 -9.27 13.99 -63.56
C VAL A 2043 -8.65 14.26 -64.92
N SER A 2044 -7.38 13.85 -65.09
CA SER A 2044 -6.67 14.03 -66.37
C SER A 2044 -7.29 13.18 -67.48
N LYS A 2045 -7.51 11.91 -67.17
CA LYS A 2045 -8.11 10.95 -68.14
C LYS A 2045 -9.54 11.37 -68.56
N LEU A 2046 -10.25 12.08 -67.68
CA LEU A 2046 -11.50 12.76 -68.08
C LEU A 2046 -11.27 13.63 -69.31
N ASN A 2047 -10.19 14.41 -69.27
CA ASN A 2047 -9.86 15.36 -70.33
C ASN A 2047 -9.31 14.68 -71.61
N GLU A 2048 -8.48 13.64 -71.44
CA GLU A 2048 -8.06 12.81 -72.58
C GLU A 2048 -9.28 12.19 -73.27
N ALA A 2049 -10.16 11.59 -72.45
CA ALA A 2049 -11.34 10.90 -73.00
C ALA A 2049 -12.30 11.78 -73.81
N LYS A 2050 -12.64 12.95 -73.28
CA LYS A 2050 -13.53 13.90 -73.97
C LYS A 2050 -12.98 14.26 -75.36
N ALA A 2051 -11.71 14.67 -75.40
CA ALA A 2051 -11.02 14.94 -76.67
C ALA A 2051 -10.97 13.73 -77.58
N LEU A 2052 -10.62 12.56 -77.04
CA LEU A 2052 -10.62 11.33 -77.85
C LEU A 2052 -12.00 11.06 -78.47
N VAL A 2053 -13.06 11.29 -77.70
CA VAL A 2053 -14.45 11.10 -78.15
C VAL A 2053 -14.88 12.17 -79.18
N ASP A 2054 -14.45 13.43 -78.98
CA ASP A 2054 -14.85 14.57 -79.84
C ASP A 2054 -14.52 14.46 -81.35
N GLU A 2055 -13.34 13.93 -81.69
CA GLU A 2055 -12.74 14.13 -83.04
C GLU A 2055 -12.66 12.91 -83.98
N LEU A 2056 -12.55 11.70 -83.41
CA LEU A 2056 -12.66 10.48 -84.22
C LEU A 2056 -14.03 10.38 -84.89
N ASN A 2057 -15.09 10.71 -84.15
CA ASN A 2057 -16.46 10.73 -84.69
C ASN A 2057 -16.63 11.71 -85.87
N ARG A 2058 -16.30 12.99 -85.64
CA ARG A 2058 -16.26 14.00 -86.73
C ARG A 2058 -15.39 13.54 -87.88
N LYS A 2059 -14.23 12.95 -87.54
CA LYS A 2059 -13.32 12.43 -88.56
C LYS A 2059 -13.97 11.32 -89.40
N ALA A 2060 -14.69 10.38 -88.79
CA ALA A 2060 -15.46 9.39 -89.55
C ALA A 2060 -16.55 10.08 -90.37
N GLY A 2061 -17.25 11.02 -89.74
CA GLY A 2061 -18.25 11.86 -90.44
C GLY A 2061 -17.72 12.47 -91.72
N GLU A 2062 -16.52 13.05 -91.64
CA GLU A 2062 -15.76 13.45 -92.83
C GLU A 2062 -15.55 12.26 -93.79
N GLN A 2063 -15.00 11.16 -93.29
CA GLN A 2063 -14.64 10.00 -94.12
C GLN A 2063 -15.81 9.49 -94.96
N SER A 2064 -16.99 9.36 -94.34
CA SER A 2064 -18.23 9.06 -95.06
C SER A 2064 -18.54 10.13 -96.12
N VAL A 2065 -18.48 11.40 -95.69
CA VAL A 2065 -18.71 12.54 -96.58
C VAL A 2065 -17.80 12.48 -97.82
N LEU A 2066 -16.58 11.96 -97.65
CA LEU A 2066 -15.61 11.77 -98.76
C LEU A 2066 -15.80 10.44 -99.52
N LEU A 2067 -16.41 9.46 -98.85
CA LEU A 2067 -16.87 8.24 -99.54
C LEU A 2067 -17.96 8.53 -100.55
N LYS A 2068 -18.86 9.44 -100.18
CA LYS A 2068 -19.78 10.02 -101.16
C LYS A 2068 -18.99 10.52 -102.38
N THR A 2069 -17.92 11.28 -102.14
CA THR A 2069 -16.99 11.79 -103.19
C THR A 2069 -16.43 10.68 -104.06
N LYS A 2070 -15.74 9.70 -103.46
CA LYS A 2070 -15.20 8.59 -104.30
C LYS A 2070 -16.33 7.82 -105.03
N GLN A 2071 -17.16 7.18 -104.22
CA GLN A 2071 -18.25 6.33 -104.72
C GLN A 2071 -19.09 7.01 -105.81
N ASP A 2072 -19.57 8.22 -105.52
CA ASP A 2072 -20.37 8.95 -106.51
C ASP A 2072 -19.53 9.44 -107.71
N GLU A 2073 -18.22 9.66 -107.53
CA GLU A 2073 -17.34 10.04 -108.66
C GLU A 2073 -17.26 8.86 -109.63
N ALA A 2074 -17.05 7.69 -109.03
CA ALA A 2074 -17.19 6.39 -109.71
C ALA A 2074 -18.54 6.28 -110.45
N ASP A 2075 -19.62 6.48 -109.70
CA ASP A 2075 -20.96 6.49 -110.32
C ASP A 2075 -21.16 7.57 -111.43
N ALA A 2076 -20.35 8.63 -111.42
CA ALA A 2076 -20.32 9.60 -112.54
C ALA A 2076 -19.57 9.01 -113.74
N ALA A 2077 -18.36 8.51 -113.47
CA ALA A 2077 -17.61 7.76 -114.52
C ALA A 2077 -18.50 6.71 -115.21
N LEU A 2078 -19.27 5.95 -114.43
CA LEU A 2078 -20.30 5.04 -115.00
C LEU A 2078 -21.35 5.71 -115.94
N GLN A 2079 -21.84 6.88 -115.52
CA GLN A 2079 -22.79 7.65 -116.32
C GLN A 2079 -22.17 8.10 -117.63
N MET A 2080 -20.91 8.53 -117.54
CA MET A 2080 -20.13 8.84 -118.76
C MET A 2080 -20.10 7.65 -119.75
N ILE A 2081 -19.79 6.45 -119.24
CA ILE A 2081 -19.79 5.22 -120.04
C ILE A 2081 -21.18 4.90 -120.62
N THR A 2082 -22.22 4.87 -119.76
CA THR A 2082 -23.61 4.66 -120.22
C THR A 2082 -23.98 5.50 -121.47
N VAL A 2083 -23.58 6.78 -121.43
CA VAL A 2083 -23.76 7.72 -122.56
C VAL A 2083 -22.95 7.27 -123.80
N SER A 2084 -21.69 6.87 -123.61
CA SER A 2084 -20.84 6.38 -124.71
C SER A 2084 -21.43 5.12 -125.39
N MET A 2085 -21.83 4.17 -124.54
CA MET A 2085 -22.60 2.97 -124.92
C MET A 2085 -23.87 3.27 -125.73
N GLN A 2086 -24.69 4.18 -125.16
CA GLN A 2086 -25.91 4.73 -125.79
C GLN A 2086 -25.74 5.08 -127.30
N ASP A 2087 -24.56 5.55 -127.67
CA ASP A 2087 -24.24 5.81 -129.09
C ASP A 2087 -23.44 4.68 -129.76
N ALA A 2088 -22.67 3.95 -128.95
CA ALA A 2088 -21.88 2.79 -129.42
C ALA A 2088 -22.73 1.64 -129.97
N SER A 2089 -23.73 1.18 -129.21
CA SER A 2089 -24.59 0.09 -129.75
C SER A 2089 -25.32 0.52 -131.06
N GLU A 2090 -26.01 1.65 -130.92
CA GLU A 2090 -26.61 2.42 -132.01
C GLU A 2090 -25.75 2.44 -133.29
N GLN A 2091 -24.55 3.00 -133.17
CA GLN A 2091 -23.61 3.05 -134.30
C GLN A 2091 -23.24 1.67 -134.88
N LYS A 2092 -23.33 0.61 -134.06
CA LYS A 2092 -23.00 -0.75 -134.50
C LYS A 2092 -24.03 -1.22 -135.55
N THR A 2093 -25.30 -1.18 -135.16
CA THR A 2093 -26.38 -1.57 -136.10
C THR A 2093 -26.31 -0.77 -137.41
N GLU A 2094 -26.05 0.53 -137.30
CA GLU A 2094 -25.77 1.38 -138.48
C GLU A 2094 -24.70 0.77 -139.40
N LEU A 2095 -23.62 0.30 -138.78
CA LEU A 2095 -22.43 -0.18 -139.53
C LEU A 2095 -22.79 -1.27 -140.55
N GLU A 2096 -23.40 -2.36 -140.11
CA GLU A 2096 -23.82 -3.40 -141.06
C GLU A 2096 -25.07 -2.97 -141.87
N ARG A 2097 -25.99 -2.20 -141.27
CA ARG A 2097 -27.08 -1.53 -142.03
C ARG A 2097 -26.56 -0.80 -143.29
N LEU A 2098 -25.31 -0.34 -143.24
CA LEU A 2098 -24.62 0.05 -144.51
C LEU A 2098 -23.99 -1.14 -145.32
N LYS A 2099 -23.23 -1.97 -144.59
CA LYS A 2099 -22.38 -3.02 -145.19
C LYS A 2099 -23.14 -3.89 -146.19
N HIS A 2100 -24.37 -4.26 -145.83
CA HIS A 2100 -25.27 -5.04 -146.69
C HIS A 2100 -25.63 -4.33 -148.02
N ARG A 2101 -25.95 -3.03 -147.92
CA ARG A 2101 -26.29 -2.23 -149.10
C ARG A 2101 -25.05 -2.15 -149.98
N ILE A 2102 -23.93 -1.82 -149.33
CA ILE A 2102 -22.63 -1.79 -150.03
C ILE A 2102 -22.32 -3.15 -150.71
N ALA A 2103 -22.62 -4.27 -150.04
CA ALA A 2103 -22.45 -5.61 -150.63
C ALA A 2103 -23.29 -5.77 -151.91
N GLU A 2104 -24.61 -5.70 -151.74
CA GLU A 2104 -25.55 -5.81 -152.87
C GLU A 2104 -25.15 -4.90 -154.05
N GLU A 2105 -24.91 -3.62 -153.73
CA GLU A 2105 -24.40 -2.65 -154.72
C GLU A 2105 -23.19 -3.20 -155.50
N VAL A 2106 -22.23 -3.77 -154.77
CA VAL A 2106 -21.01 -4.33 -155.39
C VAL A 2106 -21.34 -5.56 -156.24
N VAL A 2107 -22.30 -6.38 -155.77
CA VAL A 2107 -22.80 -7.50 -156.60
C VAL A 2107 -23.35 -6.97 -157.94
N LYS A 2108 -24.27 -6.00 -157.84
CA LYS A 2108 -24.78 -5.29 -159.03
C LYS A 2108 -23.66 -4.77 -159.95
N ILE A 2109 -22.70 -4.05 -159.35
CA ILE A 2109 -21.52 -3.53 -160.08
C ILE A 2109 -20.76 -4.66 -160.82
N GLU A 2110 -20.48 -5.75 -160.11
CA GLU A 2110 -19.80 -6.91 -160.71
C GLU A 2110 -20.60 -7.56 -161.83
N GLU A 2111 -21.90 -7.76 -161.62
CA GLU A 2111 -22.77 -8.28 -162.69
C GLU A 2111 -22.65 -7.49 -164.00
N ARG A 2112 -22.96 -6.18 -163.93
CA ARG A 2112 -22.91 -5.30 -165.13
C ARG A 2112 -21.51 -5.10 -165.69
N LYS A 2113 -20.54 -5.04 -164.78
CA LYS A 2113 -19.11 -4.90 -165.11
C LYS A 2113 -18.51 -6.17 -165.74
N ASN A 2114 -18.92 -7.32 -165.23
CA ASN A 2114 -18.60 -8.63 -165.80
C ASN A 2114 -19.12 -8.71 -167.24
N LYS A 2115 -20.39 -8.35 -167.41
CA LYS A 2115 -21.04 -8.28 -168.73
C LYS A 2115 -20.37 -7.27 -169.72
N ILE A 2116 -20.15 -6.03 -169.24
CA ILE A 2116 -19.41 -5.00 -170.00
C ILE A 2116 -18.01 -5.53 -170.40
N ASP A 2117 -17.33 -6.17 -169.45
CA ASP A 2117 -16.01 -6.75 -169.75
C ASP A 2117 -16.09 -7.94 -170.74
N ASP A 2118 -17.13 -8.77 -170.65
CA ASP A 2118 -17.39 -9.81 -171.65
C ASP A 2118 -17.57 -9.18 -173.02
N GLU A 2119 -18.37 -8.12 -173.08
CA GLU A 2119 -18.51 -7.38 -174.35
C GLU A 2119 -17.17 -6.81 -174.86
N LEU A 2120 -16.37 -6.26 -173.94
CA LEU A 2120 -15.03 -5.74 -174.30
C LEU A 2120 -14.13 -6.86 -174.84
N LYS A 2121 -14.13 -8.02 -174.18
CA LYS A 2121 -13.40 -9.19 -174.67
C LYS A 2121 -13.90 -9.58 -176.06
N GLU A 2122 -15.23 -9.53 -176.22
CA GLU A 2122 -15.85 -9.79 -177.52
C GLU A 2122 -15.32 -8.82 -178.60
N VAL A 2123 -15.23 -7.53 -178.27
CA VAL A 2123 -14.80 -6.53 -179.29
C VAL A 2123 -13.31 -6.23 -179.39
N GLN A 2124 -12.66 -6.06 -178.24
CA GLN A 2124 -11.46 -5.21 -178.14
C GLN A 2124 -10.06 -5.84 -178.33
N PRO A 2125 -9.86 -7.12 -177.94
CA PRO A 2125 -8.54 -7.75 -178.16
C PRO A 2125 -8.10 -7.60 -179.61
N LEU A 2126 -9.08 -7.67 -180.50
CA LEU A 2126 -8.88 -7.51 -181.93
C LEU A 2126 -8.45 -6.04 -182.22
N VAL A 2127 -9.18 -5.08 -181.63
CA VAL A 2127 -8.82 -3.63 -181.69
C VAL A 2127 -7.37 -3.40 -181.30
N ASN A 2128 -6.98 -4.03 -180.20
CA ASN A 2128 -5.59 -3.97 -179.74
C ASN A 2128 -4.59 -4.65 -180.71
N GLU A 2129 -4.85 -5.92 -181.08
CA GLU A 2129 -3.96 -6.68 -182.00
C GLU A 2129 -3.54 -5.86 -183.22
N ALA A 2130 -4.58 -5.33 -183.86
CA ALA A 2130 -4.41 -4.45 -185.02
C ALA A 2130 -3.51 -3.29 -184.69
N LYS A 2131 -3.78 -2.63 -183.57
CA LYS A 2131 -3.05 -1.42 -183.18
C LYS A 2131 -1.64 -1.74 -182.63
N LEU A 2132 -1.35 -3.03 -182.40
CA LEU A 2132 0.01 -3.51 -182.13
C LEU A 2132 0.71 -3.74 -183.47
N ALA A 2133 0.03 -4.47 -184.35
CA ALA A 2133 0.52 -4.61 -185.72
C ALA A 2133 0.86 -3.23 -186.35
N VAL A 2134 0.04 -2.21 -186.05
CA VAL A 2134 0.36 -0.80 -186.37
C VAL A 2134 1.77 -0.39 -185.97
N GLY A 2135 2.09 -0.62 -184.70
CA GLY A 2135 3.39 -0.26 -184.16
C GLY A 2135 4.44 -1.08 -184.86
N ASN A 2136 4.11 -2.35 -185.10
CA ASN A 2136 5.02 -3.27 -185.83
C ASN A 2136 5.49 -2.77 -187.20
N ILE A 2137 4.60 -2.15 -187.98
CA ILE A 2137 4.88 -1.91 -189.41
C ILE A 2137 6.00 -0.90 -189.71
N LYS A 2138 6.86 -1.35 -190.63
CA LYS A 2138 8.21 -0.84 -190.82
C LYS A 2138 8.20 0.52 -191.47
N PRO A 2139 9.39 1.13 -191.62
CA PRO A 2139 9.50 2.30 -192.49
C PRO A 2139 9.50 1.92 -193.97
N GLU A 2140 10.28 0.90 -194.34
CA GLU A 2140 10.44 0.50 -195.74
C GLU A 2140 9.10 0.27 -196.44
N SER A 2141 8.32 -0.62 -195.83
CA SER A 2141 7.09 -1.15 -196.42
C SER A 2141 6.11 -0.05 -196.87
N LEU A 2142 6.11 1.05 -196.13
CA LEU A 2142 5.21 2.16 -196.38
C LEU A 2142 5.90 3.29 -197.14
N SER A 2143 7.14 3.57 -196.78
CA SER A 2143 7.97 4.58 -197.46
C SER A 2143 8.14 4.28 -198.94
N GLU A 2144 8.38 3.01 -199.25
CA GLU A 2144 8.50 2.56 -200.65
C GLU A 2144 7.22 2.83 -201.45
N ILE A 2145 6.07 2.48 -200.86
CA ILE A 2145 4.79 2.56 -201.59
C ILE A 2145 4.26 4.00 -201.64
N ARG A 2146 4.49 4.77 -200.58
CA ARG A 2146 4.16 6.20 -200.62
C ARG A 2146 4.72 6.86 -201.89
N SER A 2147 5.92 6.47 -202.32
CA SER A 2147 6.59 7.06 -203.50
C SER A 2147 6.11 6.51 -204.86
N LEU A 2148 5.20 5.54 -204.84
CA LEU A 2148 4.77 4.87 -206.08
C LEU A 2148 3.98 5.79 -207.01
N ARG A 2149 4.21 5.70 -208.33
CA ARG A 2149 3.47 6.51 -209.33
C ARG A 2149 1.95 6.35 -209.24
N MET A 2150 1.50 5.12 -209.35
CA MET A 2150 0.08 4.80 -209.34
C MET A 2150 -0.28 4.08 -208.06
N PRO A 2151 -1.54 4.19 -207.64
CA PRO A 2151 -2.03 3.38 -206.54
C PRO A 2151 -2.85 2.20 -207.05
N PRO A 2152 -2.55 0.98 -206.57
CA PRO A 2152 -3.48 -0.11 -206.82
C PRO A 2152 -4.88 0.11 -206.26
N ASP A 2153 -5.80 -0.76 -206.66
CA ASP A 2153 -7.23 -0.56 -206.39
C ASP A 2153 -7.60 -1.04 -204.99
N VAL A 2154 -7.11 -2.20 -204.57
CA VAL A 2154 -7.35 -2.68 -203.21
C VAL A 2154 -6.77 -1.66 -202.23
N ILE A 2155 -5.55 -1.23 -202.51
CA ILE A 2155 -4.88 -0.18 -201.75
C ILE A 2155 -5.65 1.16 -201.71
N ARG A 2156 -5.94 1.77 -202.87
CA ARG A 2156 -6.71 3.04 -202.87
C ARG A 2156 -8.05 2.85 -202.16
N ASP A 2157 -8.70 1.71 -202.43
CA ASP A 2157 -9.96 1.30 -201.79
C ASP A 2157 -9.88 1.26 -200.25
N ILE A 2158 -9.02 0.44 -199.68
CA ILE A 2158 -8.97 0.36 -198.20
C ILE A 2158 -8.32 1.64 -197.60
N LEU A 2159 -7.42 2.29 -198.34
CA LEU A 2159 -6.76 3.53 -197.88
C LEU A 2159 -7.67 4.77 -197.82
N GLU A 2160 -8.37 5.08 -198.91
CA GLU A 2160 -9.04 6.39 -199.03
C GLU A 2160 -9.95 6.75 -197.83
N GLY A 2161 -10.73 5.80 -197.34
CA GLY A 2161 -11.73 6.05 -196.27
C GLY A 2161 -11.12 6.40 -194.92
N VAL A 2162 -9.96 5.81 -194.64
CA VAL A 2162 -9.23 6.08 -193.41
C VAL A 2162 -8.87 7.57 -193.31
N LEU A 2163 -8.64 8.22 -194.44
CA LEU A 2163 -8.41 9.67 -194.46
C LEU A 2163 -9.75 10.48 -194.33
N ARG A 2164 -10.89 9.87 -194.63
CA ARG A 2164 -12.20 10.44 -194.22
C ARG A 2164 -12.31 10.31 -192.71
N LEU A 2165 -11.83 9.19 -192.18
CA LEU A 2165 -11.75 9.02 -190.71
C LEU A 2165 -10.75 9.98 -190.05
N MET A 2166 -9.67 10.35 -190.74
CA MET A 2166 -8.61 11.22 -190.16
C MET A 2166 -8.63 12.70 -190.58
N GLY A 2167 -9.77 13.20 -191.04
CA GLY A 2167 -10.02 14.66 -190.97
C GLY A 2167 -9.78 15.52 -192.20
N ILE A 2168 -8.84 15.15 -193.05
CA ILE A 2168 -8.76 15.78 -194.37
C ILE A 2168 -9.41 14.78 -195.34
N PHE A 2169 -10.74 14.70 -195.27
CA PHE A 2169 -11.55 13.81 -196.11
C PHE A 2169 -11.31 14.20 -197.55
N ASP A 2170 -10.47 13.44 -198.21
CA ASP A 2170 -9.94 13.78 -199.52
C ASP A 2170 -9.69 12.51 -200.30
N THR A 2171 -10.45 12.37 -201.39
CA THR A 2171 -10.35 11.22 -202.26
C THR A 2171 -9.04 11.23 -203.04
N SER A 2172 -8.36 12.37 -203.04
CA SER A 2172 -7.13 12.61 -203.79
C SER A 2172 -5.99 11.72 -203.37
N TRP A 2173 -5.25 11.19 -204.34
CA TRP A 2173 -4.03 10.43 -204.04
C TRP A 2173 -2.96 11.32 -203.40
N VAL A 2174 -2.68 12.47 -204.01
CA VAL A 2174 -1.61 13.36 -203.51
C VAL A 2174 -1.94 13.94 -202.12
N SER A 2175 -3.23 14.04 -201.79
CA SER A 2175 -3.64 14.36 -200.42
C SER A 2175 -3.22 13.23 -199.47
N MET A 2176 -3.33 11.98 -199.92
CA MET A 2176 -2.80 10.83 -199.15
C MET A 2176 -1.26 10.93 -199.09
N LYS A 2177 -0.62 11.26 -200.22
CA LYS A 2177 0.84 11.53 -200.24
C LYS A 2177 1.24 12.52 -199.15
N SER A 2178 0.74 13.74 -199.26
CA SER A 2178 1.05 14.83 -198.33
C SER A 2178 0.66 14.46 -196.90
N PHE A 2179 -0.54 13.92 -196.71
CA PHE A 2179 -1.07 13.57 -195.38
C PHE A 2179 -0.20 12.52 -194.71
N LEU A 2180 0.17 11.51 -195.48
CA LEU A 2180 0.87 10.37 -194.94
C LEU A 2180 2.40 10.56 -194.98
N ALA A 2181 2.86 11.63 -195.62
CA ALA A 2181 4.29 11.95 -195.67
C ALA A 2181 4.86 12.43 -194.33
N LYS A 2182 4.01 12.87 -193.40
CA LYS A 2182 4.46 13.41 -192.09
C LYS A 2182 5.02 12.32 -191.16
N ARG A 2183 6.15 12.60 -190.49
CA ARG A 2183 6.74 11.69 -189.49
C ARG A 2183 5.81 11.57 -188.27
N GLY A 2184 5.13 12.66 -187.94
CA GLY A 2184 4.10 12.69 -186.89
C GLY A 2184 3.01 11.65 -187.09
N VAL A 2185 2.77 11.24 -188.35
CA VAL A 2185 1.87 10.13 -188.62
C VAL A 2185 2.32 8.89 -187.86
N ARG A 2186 3.63 8.61 -187.82
CA ARG A 2186 4.17 7.49 -187.03
C ARG A 2186 3.71 7.57 -185.56
N GLU A 2187 3.37 8.79 -185.11
CA GLU A 2187 2.67 8.99 -183.84
C GLU A 2187 1.17 8.77 -184.02
N ASP A 2188 0.58 9.30 -185.09
CA ASP A 2188 -0.87 9.24 -185.32
C ASP A 2188 -1.46 7.82 -185.46
N ILE A 2189 -0.64 6.92 -185.99
CA ILE A 2189 -1.00 5.51 -186.29
C ILE A 2189 -1.75 4.79 -185.15
N ALA A 2190 -1.29 5.01 -183.92
CA ALA A 2190 -1.91 4.40 -182.75
C ALA A 2190 -2.90 5.33 -182.05
N THR A 2191 -2.96 6.60 -182.47
CA THR A 2191 -3.68 7.64 -181.69
C THR A 2191 -5.19 7.69 -181.83
N PHE A 2192 -5.70 7.29 -182.99
CA PHE A 2192 -7.12 7.42 -183.25
C PHE A 2192 -7.95 6.55 -182.28
N ASP A 2193 -9.12 7.08 -181.89
CA ASP A 2193 -9.99 6.44 -180.92
C ASP A 2193 -11.38 6.20 -181.52
N ALA A 2194 -12.21 5.43 -180.83
CA ALA A 2194 -13.44 4.90 -181.43
C ALA A 2194 -14.68 5.75 -181.22
N ARG A 2195 -14.84 6.30 -180.01
CA ARG A 2195 -16.01 7.15 -179.71
C ARG A 2195 -16.02 8.46 -180.52
N ASN A 2196 -14.88 8.82 -181.13
CA ASN A 2196 -14.78 10.01 -182.02
C ASN A 2196 -15.58 9.91 -183.32
N ILE A 2197 -15.79 8.68 -183.79
CA ILE A 2197 -16.40 8.46 -185.11
C ILE A 2197 -17.85 8.94 -185.12
N SER A 2198 -18.31 9.43 -186.29
CA SER A 2198 -19.68 9.91 -186.47
C SER A 2198 -20.53 8.97 -187.34
N LYS A 2199 -21.82 8.86 -187.03
CA LYS A 2199 -22.70 7.84 -187.62
C LYS A 2199 -22.81 7.89 -189.14
N GLU A 2200 -22.84 9.09 -189.72
CA GLU A 2200 -22.81 9.20 -191.17
C GLU A 2200 -21.47 8.67 -191.72
N ILE A 2201 -20.38 8.92 -190.99
CA ILE A 2201 -19.07 8.38 -191.38
C ILE A 2201 -19.13 6.84 -191.29
N ARG A 2202 -19.68 6.32 -190.18
CA ARG A 2202 -19.90 4.86 -189.97
C ARG A 2202 -20.73 4.21 -191.09
N GLU A 2203 -21.87 4.82 -191.42
CA GLU A 2203 -22.74 4.30 -192.48
C GLU A 2203 -22.10 4.42 -193.87
N SER A 2204 -21.48 5.57 -194.15
CA SER A 2204 -20.72 5.77 -195.40
C SER A 2204 -19.66 4.69 -195.57
N VAL A 2205 -18.90 4.48 -194.50
CA VAL A 2205 -17.90 3.41 -194.52
C VAL A 2205 -18.50 1.99 -194.54
N GLU A 2206 -19.69 1.78 -193.96
CA GLU A 2206 -20.40 0.47 -194.07
C GLU A 2206 -20.89 0.18 -195.51
N GLU A 2207 -21.47 1.19 -196.17
CA GLU A 2207 -21.78 1.04 -197.60
C GLU A 2207 -20.47 0.91 -198.42
N LEU A 2208 -19.42 1.63 -198.01
CA LEU A 2208 -18.08 1.47 -198.61
C LEU A 2208 -17.55 0.04 -198.44
N LEU A 2209 -17.94 -0.61 -197.34
CA LEU A 2209 -17.69 -2.03 -197.10
C LEU A 2209 -18.50 -2.84 -198.09
N PHE A 2210 -19.81 -2.58 -198.15
CA PHE A 2210 -20.64 -3.25 -199.19
C PHE A 2210 -19.99 -3.17 -200.58
N LYS A 2211 -19.48 -2.00 -200.95
CA LYS A 2211 -18.71 -1.84 -202.19
C LYS A 2211 -17.44 -2.71 -202.18
N ASN A 2212 -16.65 -2.59 -201.10
CA ASN A 2212 -15.36 -3.27 -201.03
C ASN A 2212 -15.34 -4.51 -200.13
N LYS A 2213 -16.50 -5.15 -199.96
CA LYS A 2213 -16.62 -6.30 -199.03
C LYS A 2213 -15.68 -7.44 -199.42
N GLY A 2214 -15.60 -7.73 -200.70
CA GLY A 2214 -14.56 -8.61 -201.22
C GLY A 2214 -13.16 -8.01 -201.06
N SER A 2215 -13.02 -6.70 -201.32
CA SER A 2215 -11.70 -6.03 -201.30
C SER A 2215 -11.17 -5.88 -199.89
N PHE A 2216 -12.10 -5.80 -198.95
CA PHE A 2216 -11.74 -5.80 -197.56
C PHE A 2216 -11.63 -7.21 -197.03
N ASP A 2217 -10.49 -7.82 -197.23
CA ASP A 2217 -10.17 -9.06 -196.55
C ASP A 2217 -8.71 -8.91 -196.21
N PRO A 2218 -8.36 -8.93 -194.92
CA PRO A 2218 -6.98 -8.64 -194.52
C PRO A 2218 -5.93 -9.49 -195.24
N LYS A 2219 -6.10 -10.81 -195.24
CA LYS A 2219 -5.12 -11.72 -195.85
C LYS A 2219 -5.01 -11.48 -197.34
N ASN A 2220 -6.16 -11.21 -197.96
CA ASN A 2220 -6.20 -10.90 -199.38
C ASN A 2220 -5.47 -9.58 -199.66
N ALA A 2221 -5.66 -8.62 -198.77
CA ALA A 2221 -5.05 -7.31 -198.89
C ALA A 2221 -3.52 -7.36 -198.64
N LYS A 2222 -3.07 -8.19 -197.70
CA LYS A 2222 -1.62 -8.26 -197.37
C LYS A 2222 -0.78 -8.49 -198.60
N ARG A 2223 -1.34 -9.25 -199.52
CA ARG A 2223 -0.65 -9.67 -200.71
C ARG A 2223 -0.37 -8.47 -201.61
N ALA A 2224 -1.19 -7.44 -201.50
CA ALA A 2224 -0.89 -6.15 -202.14
C ALA A 2224 0.35 -5.49 -201.51
N SER A 2225 0.50 -5.64 -200.20
CA SER A 2225 1.62 -5.04 -199.48
C SER A 2225 1.77 -5.61 -198.06
N THR A 2226 3.01 -5.93 -197.69
CA THR A 2226 3.34 -6.33 -196.32
C THR A 2226 2.77 -5.30 -195.34
N ALA A 2227 2.92 -4.03 -195.72
CA ALA A 2227 2.41 -2.88 -194.97
C ALA A 2227 0.88 -2.87 -194.83
N ALA A 2228 0.19 -3.45 -195.81
CA ALA A 2228 -1.28 -3.35 -195.92
C ALA A 2228 -2.07 -4.05 -194.83
N ALA A 2229 -1.95 -5.37 -194.78
CA ALA A 2229 -2.90 -6.22 -194.05
C ALA A 2229 -3.24 -5.77 -192.63
N PRO A 2230 -2.22 -5.42 -191.83
CA PRO A 2230 -2.51 -4.99 -190.48
C PRO A 2230 -3.58 -3.89 -190.40
N LEU A 2231 -3.64 -3.03 -191.43
CA LEU A 2231 -4.49 -1.85 -191.39
C LEU A 2231 -5.89 -2.15 -191.90
N ALA A 2232 -6.13 -3.40 -192.30
CA ALA A 2232 -7.46 -3.82 -192.73
C ALA A 2232 -8.31 -4.09 -191.49
N ALA A 2233 -7.95 -5.11 -190.72
CA ALA A 2233 -8.71 -5.41 -189.51
C ALA A 2233 -8.81 -4.19 -188.57
N TRP A 2234 -7.78 -3.31 -188.63
CA TRP A 2234 -7.76 -2.03 -187.91
C TRP A 2234 -9.06 -1.24 -188.09
N VAL A 2235 -9.53 -1.12 -189.33
CA VAL A 2235 -10.75 -0.33 -189.58
C VAL A 2235 -11.98 -1.09 -189.09
N LYS A 2236 -12.07 -2.35 -189.52
CA LYS A 2236 -13.16 -3.27 -189.13
C LYS A 2236 -13.43 -3.21 -187.61
N ALA A 2237 -12.37 -3.42 -186.83
CA ALA A 2237 -12.54 -3.42 -185.37
C ALA A 2237 -13.14 -2.13 -184.85
N ASN A 2238 -12.57 -1.00 -185.29
CA ASN A 2238 -12.94 0.33 -184.78
C ASN A 2238 -14.43 0.62 -184.92
N ILE A 2239 -14.95 0.33 -186.10
CA ILE A 2239 -16.33 0.63 -186.43
C ILE A 2239 -17.28 -0.32 -185.72
N GLN A 2240 -16.89 -1.59 -185.63
CA GLN A 2240 -17.71 -2.59 -184.96
C GLN A 2240 -17.95 -2.19 -183.51
N TYR A 2241 -16.91 -1.62 -182.89
CA TYR A 2241 -17.04 -1.09 -181.54
C TYR A 2241 -18.08 0.03 -181.57
N SER A 2242 -18.03 0.82 -182.62
CA SER A 2242 -18.96 1.94 -182.81
C SER A 2242 -20.38 1.42 -182.98
N HIS A 2243 -21.35 2.19 -182.52
CA HIS A 2243 -22.75 1.76 -182.49
C HIS A 2243 -22.93 0.75 -181.36
N VAL A 2244 -22.14 -0.32 -181.40
CA VAL A 2244 -22.11 -1.28 -180.32
C VAL A 2244 -21.64 -0.59 -179.04
N LEU A 2245 -20.65 0.28 -179.20
CA LEU A 2245 -20.14 1.07 -178.08
C LEU A 2245 -21.24 1.90 -177.43
N GLU A 2246 -22.13 2.44 -178.25
CA GLU A 2246 -23.23 3.27 -177.74
C GLU A 2246 -24.08 2.47 -176.79
N ARG A 2247 -24.36 1.21 -177.16
CA ARG A 2247 -25.01 0.28 -176.25
C ARG A 2247 -24.28 0.38 -174.91
N ILE A 2248 -22.96 0.28 -174.98
CA ILE A 2248 -22.12 0.36 -173.79
C ILE A 2248 -22.25 1.72 -173.08
N HIS A 2249 -22.76 2.76 -173.77
CA HIS A 2249 -23.06 4.07 -173.14
C HIS A 2249 -24.04 3.98 -171.95
N PRO A 2250 -25.31 3.54 -172.18
CA PRO A 2250 -26.13 3.44 -170.98
C PRO A 2250 -25.46 2.56 -169.93
N LEU A 2251 -24.99 1.38 -170.32
CA LEU A 2251 -24.35 0.45 -169.36
C LEU A 2251 -23.18 1.07 -168.59
N GLU A 2252 -22.30 1.76 -169.31
CA GLU A 2252 -21.10 2.34 -168.72
C GLU A 2252 -21.43 3.59 -167.88
N THR A 2253 -22.39 4.41 -168.32
CA THR A 2253 -22.86 5.53 -167.47
C THR A 2253 -23.56 5.03 -166.19
N GLU A 2254 -24.37 3.97 -166.34
CA GLU A 2254 -24.95 3.24 -165.22
C GLU A 2254 -23.83 2.79 -164.27
N GLN A 2255 -22.82 2.17 -164.85
CA GLN A 2255 -21.65 1.72 -164.07
C GLN A 2255 -20.96 2.87 -163.33
N ALA A 2256 -20.70 3.98 -164.03
CA ALA A 2256 -20.11 5.18 -163.41
C ALA A 2256 -20.93 5.62 -162.19
N GLY A 2257 -22.23 5.79 -162.39
CA GLY A 2257 -23.15 6.11 -161.30
C GLY A 2257 -23.00 5.18 -160.10
N LEU A 2258 -23.18 3.87 -160.32
CA LEU A 2258 -23.03 2.86 -159.24
C LEU A 2258 -21.70 3.00 -158.53
N GLU A 2259 -20.64 2.97 -159.33
CA GLU A 2259 -19.27 3.05 -158.80
C GLU A 2259 -19.04 4.30 -157.94
N SER A 2260 -19.42 5.47 -158.46
CA SER A 2260 -19.23 6.74 -157.71
C SER A 2260 -19.88 6.67 -156.32
N ASN A 2261 -21.13 6.23 -156.31
CA ASN A 2261 -21.88 6.14 -155.06
C ASN A 2261 -21.42 5.01 -154.12
N LEU A 2262 -21.02 3.84 -154.63
CA LEU A 2262 -20.49 2.77 -153.74
C LEU A 2262 -19.24 3.20 -152.93
N LYS A 2263 -18.31 3.88 -153.62
CA LYS A 2263 -17.11 4.43 -153.00
C LYS A 2263 -17.47 5.65 -152.14
N LYS A 2264 -18.38 6.49 -152.65
CA LYS A 2264 -18.92 7.59 -151.82
C LYS A 2264 -19.45 7.08 -150.44
N THR A 2265 -20.20 5.98 -150.49
CA THR A 2265 -20.77 5.33 -149.30
C THR A 2265 -19.70 4.60 -148.46
N GLU A 2266 -18.77 3.93 -149.12
CA GLU A 2266 -17.64 3.28 -148.45
C GLU A 2266 -16.91 4.21 -147.47
N ASP A 2267 -16.61 5.44 -147.92
CA ASP A 2267 -16.00 6.47 -147.06
C ASP A 2267 -16.85 6.83 -145.82
N ARG A 2268 -18.15 6.99 -146.06
CA ARG A 2268 -19.09 7.29 -144.99
C ARG A 2268 -19.42 6.03 -144.12
N LYS A 2269 -18.90 4.85 -144.54
CA LYS A 2269 -18.86 3.63 -143.69
C LYS A 2269 -17.63 3.57 -142.76
N ARG A 2270 -16.48 4.04 -143.27
CA ARG A 2270 -15.24 4.11 -142.47
C ARG A 2270 -15.32 5.12 -141.32
N LYS A 2271 -15.79 6.33 -141.64
CA LYS A 2271 -16.07 7.38 -140.64
C LYS A 2271 -16.85 6.84 -139.43
N LEU A 2272 -17.78 5.91 -139.68
CA LEU A 2272 -18.55 5.23 -138.63
C LEU A 2272 -17.69 4.28 -137.76
N GLU A 2273 -17.06 3.27 -138.39
CA GLU A 2273 -16.19 2.31 -137.67
C GLU A 2273 -15.08 3.02 -136.88
N GLU A 2274 -14.61 4.12 -137.47
CA GLU A 2274 -13.73 5.07 -136.79
C GLU A 2274 -14.32 5.57 -135.46
N LEU A 2275 -15.55 6.09 -135.52
CA LEU A 2275 -16.28 6.54 -134.33
C LEU A 2275 -16.46 5.38 -133.32
N LEU A 2276 -16.98 4.26 -133.81
CA LEU A 2276 -17.19 3.04 -133.02
C LEU A 2276 -15.92 2.56 -132.29
N ASN A 2277 -14.78 2.52 -132.99
CA ASN A 2277 -13.48 2.21 -132.32
C ASN A 2277 -13.00 3.32 -131.38
N SER A 2278 -13.22 4.57 -131.78
CA SER A 2278 -12.91 5.74 -130.93
C SER A 2278 -13.68 5.74 -129.60
N VAL A 2279 -14.90 5.19 -129.62
CA VAL A 2279 -15.67 5.00 -128.36
C VAL A 2279 -15.12 3.81 -127.55
N GLY A 2280 -14.96 2.65 -128.21
CA GLY A 2280 -14.43 1.44 -127.55
C GLY A 2280 -13.14 1.68 -126.77
N GLN A 2281 -12.31 2.57 -127.29
CA GLN A 2281 -11.09 2.97 -126.60
C GLN A 2281 -11.30 4.07 -125.54
N LYS A 2282 -12.30 4.96 -125.74
CA LYS A 2282 -12.59 6.03 -124.78
C LYS A 2282 -13.50 5.59 -123.61
N VAL A 2283 -14.06 4.39 -123.73
CA VAL A 2283 -14.81 3.73 -122.69
C VAL A 2283 -13.82 2.95 -121.81
N SER A 2284 -12.87 2.27 -122.46
CA SER A 2284 -11.82 1.50 -121.78
C SER A 2284 -10.99 2.34 -120.78
N GLU A 2285 -10.90 3.65 -120.98
CA GLU A 2285 -10.29 4.52 -119.96
C GLU A 2285 -11.15 4.59 -118.69
N LEU A 2286 -12.39 5.09 -118.82
CA LEU A 2286 -13.34 5.18 -117.70
C LEU A 2286 -13.51 3.82 -117.01
N LYS A 2287 -13.44 2.75 -117.81
CA LYS A 2287 -13.38 1.37 -117.28
C LYS A 2287 -12.23 1.19 -116.27
N GLU A 2288 -11.01 1.58 -116.66
CA GLU A 2288 -9.83 1.44 -115.80
C GLU A 2288 -9.80 2.50 -114.68
N LYS A 2289 -10.55 3.59 -114.87
CA LYS A 2289 -10.69 4.66 -113.86
C LYS A 2289 -11.66 4.26 -112.73
N PHE A 2290 -12.90 3.98 -113.11
CA PHE A 2290 -13.92 3.51 -112.16
C PHE A 2290 -13.44 2.31 -111.35
N GLN A 2291 -12.76 1.38 -112.02
CA GLN A 2291 -12.26 0.16 -111.39
C GLN A 2291 -11.37 0.45 -110.17
N SER A 2292 -10.28 1.18 -110.40
CA SER A 2292 -9.39 1.66 -109.32
C SER A 2292 -10.18 2.51 -108.33
N ARG A 2293 -11.05 3.38 -108.86
CA ARG A 2293 -11.91 4.21 -108.00
C ARG A 2293 -12.75 3.44 -106.96
N THR A 2294 -13.34 2.31 -107.38
CA THR A 2294 -14.13 1.43 -106.51
C THR A 2294 -13.29 0.81 -105.37
N SER A 2295 -12.04 0.47 -105.68
CA SER A 2295 -11.11 -0.06 -104.67
C SER A 2295 -10.76 0.98 -103.59
N GLU A 2296 -11.05 2.25 -103.86
CA GLU A 2296 -10.85 3.35 -102.89
C GLU A 2296 -12.01 3.49 -101.89
N ALA A 2297 -13.20 3.74 -102.42
CA ALA A 2297 -14.42 3.98 -101.63
C ALA A 2297 -14.66 2.93 -100.53
N ALA A 2298 -14.47 1.66 -100.88
CA ALA A 2298 -14.72 0.50 -99.98
C ALA A 2298 -13.57 0.20 -98.99
N LYS A 2299 -12.34 0.41 -99.43
CA LYS A 2299 -11.19 0.33 -98.52
C LYS A 2299 -11.24 1.48 -97.51
N LEU A 2300 -11.67 2.67 -97.96
CA LEU A 2300 -12.03 3.72 -97.01
C LEU A 2300 -13.21 3.28 -96.12
N GLU A 2301 -14.24 2.70 -96.77
CA GLU A 2301 -15.40 2.14 -96.06
C GLU A 2301 -15.05 1.01 -95.06
N ALA A 2302 -13.82 0.48 -95.14
CA ALA A 2302 -13.29 -0.42 -94.10
C ALA A 2302 -12.95 0.32 -92.79
N GLU A 2303 -12.25 1.44 -92.93
CA GLU A 2303 -11.83 2.25 -91.78
C GLU A 2303 -12.99 2.85 -90.99
N VAL A 2304 -14.06 3.23 -91.70
CA VAL A 2304 -15.20 3.91 -91.06
C VAL A 2304 -16.00 2.95 -90.19
N SER A 2305 -15.98 1.66 -90.54
CA SER A 2305 -16.59 0.61 -89.73
C SER A 2305 -15.75 0.27 -88.50
N LYS A 2306 -14.44 0.15 -88.68
CA LYS A 2306 -13.54 -0.04 -87.53
C LYS A 2306 -13.67 1.15 -86.57
N ALA A 2307 -13.65 2.36 -87.14
CA ALA A 2307 -13.85 3.62 -86.42
C ALA A 2307 -15.20 3.63 -85.72
N GLN A 2308 -16.26 3.26 -86.44
CA GLN A 2308 -17.61 3.14 -85.85
C GLN A 2308 -17.67 2.11 -84.70
N GLU A 2309 -17.01 0.96 -84.85
CA GLU A 2309 -16.87 -0.05 -83.77
C GLU A 2309 -16.19 0.56 -82.56
N THR A 2310 -15.07 1.24 -82.82
CA THR A 2310 -14.37 1.99 -81.77
C THR A 2310 -15.30 2.99 -81.07
N ILE A 2311 -16.07 3.75 -81.87
CA ILE A 2311 -17.02 4.75 -81.31
C ILE A 2311 -18.08 4.06 -80.45
N LYS A 2312 -18.62 2.95 -80.96
CA LYS A 2312 -19.56 2.12 -80.20
C LYS A 2312 -18.96 1.64 -78.89
N ALA A 2313 -17.73 1.13 -78.95
CA ALA A 2313 -17.00 0.73 -77.73
C ALA A 2313 -16.85 1.90 -76.76
N ALA A 2314 -16.50 3.06 -77.30
CA ALA A 2314 -16.35 4.30 -76.51
C ALA A 2314 -17.65 4.76 -75.85
N GLU A 2315 -18.77 4.70 -76.58
CA GLU A 2315 -20.08 5.17 -76.06
C GLU A 2315 -20.48 4.46 -74.75
N VAL A 2316 -20.30 3.15 -74.72
CA VAL A 2316 -20.60 2.34 -73.53
C VAL A 2316 -20.11 3.00 -72.25
N LEU A 2317 -18.87 3.45 -72.29
CA LEU A 2317 -18.20 4.04 -71.12
C LEU A 2317 -18.77 5.46 -70.85
N ILE A 2318 -19.14 6.18 -71.92
CA ILE A 2318 -19.76 7.54 -71.85
C ILE A 2318 -21.02 7.58 -70.97
N ASN A 2319 -21.93 6.62 -71.18
CA ASN A 2319 -23.18 6.58 -70.41
C ASN A 2319 -22.98 6.30 -68.91
N GLN A 2320 -22.01 5.46 -68.56
CA GLN A 2320 -21.62 5.26 -67.15
C GLN A 2320 -20.95 6.52 -66.62
N LEU A 2321 -20.07 7.10 -67.44
CA LEU A 2321 -19.36 8.33 -67.05
C LEU A 2321 -20.25 9.58 -66.92
N ASP A 2322 -21.44 9.55 -67.53
CA ASP A 2322 -22.46 10.61 -67.39
C ASP A 2322 -22.68 11.06 -65.93
N ARG A 2323 -23.00 10.10 -65.05
CA ARG A 2323 -23.20 10.38 -63.61
C ARG A 2323 -21.88 10.41 -62.82
N GLU A 2324 -20.93 9.57 -63.20
CA GLU A 2324 -19.66 9.45 -62.47
C GLU A 2324 -18.85 10.74 -62.44
N HIS A 2325 -18.72 11.43 -63.57
CA HIS A 2325 -17.97 12.70 -63.60
C HIS A 2325 -18.32 13.69 -62.48
N LYS A 2326 -19.63 13.92 -62.31
CA LYS A 2326 -20.12 14.82 -61.27
C LYS A 2326 -19.87 14.23 -59.87
N ARG A 2327 -19.73 12.91 -59.80
CA ARG A 2327 -19.24 12.24 -58.58
C ARG A 2327 -17.73 12.51 -58.35
N TRP A 2328 -16.95 12.46 -59.43
CA TRP A 2328 -15.52 12.76 -59.44
C TRP A 2328 -15.26 14.21 -59.04
N ASN A 2329 -16.19 15.08 -59.41
CA ASN A 2329 -16.18 16.49 -58.95
C ASN A 2329 -16.05 16.64 -57.43
N ALA A 2330 -17.02 16.09 -56.70
CA ALA A 2330 -17.14 16.35 -55.26
C ALA A 2330 -15.93 15.88 -54.44
N GLN A 2331 -15.35 14.74 -54.83
CA GLN A 2331 -14.19 14.14 -54.15
C GLN A 2331 -13.08 15.15 -53.88
N VAL A 2332 -12.60 15.75 -54.96
CA VAL A 2332 -11.37 16.54 -54.92
C VAL A 2332 -11.54 17.89 -54.19
N VAL A 2333 -12.71 18.53 -54.30
CA VAL A 2333 -12.94 19.83 -53.64
C VAL A 2333 -12.92 19.66 -52.12
N GLU A 2334 -13.59 18.61 -51.63
CA GLU A 2334 -13.57 18.24 -50.21
C GLU A 2334 -12.15 18.18 -49.71
N ILE A 2335 -11.27 17.55 -50.49
CA ILE A 2335 -9.86 17.49 -50.16
C ILE A 2335 -9.31 18.89 -50.00
N THR A 2336 -9.64 19.75 -50.96
CA THR A 2336 -9.12 21.12 -50.99
C THR A 2336 -9.56 21.92 -49.78
N GLU A 2337 -10.86 22.06 -49.61
CA GLU A 2337 -11.39 22.88 -48.53
C GLU A 2337 -11.22 22.25 -47.14
N GLU A 2338 -11.14 20.91 -47.06
CA GLU A 2338 -10.96 20.22 -45.77
C GLU A 2338 -9.51 20.05 -45.34
N LEU A 2339 -8.60 19.80 -46.27
CA LEU A 2339 -7.19 19.76 -45.90
C LEU A 2339 -6.74 21.15 -45.41
N ALA A 2340 -7.39 22.20 -45.90
CA ALA A 2340 -7.22 23.54 -45.34
C ALA A 2340 -7.70 23.61 -43.88
N THR A 2341 -8.66 22.76 -43.53
CA THR A 2341 -9.12 22.61 -42.13
C THR A 2341 -8.42 21.46 -41.40
N LEU A 2342 -7.50 20.76 -42.06
CA LEU A 2342 -6.67 19.73 -41.41
C LEU A 2342 -5.99 20.26 -40.15
N PRO A 2343 -5.38 21.45 -40.23
CA PRO A 2343 -4.61 21.92 -39.09
C PRO A 2343 -5.42 21.86 -37.81
N LYS A 2344 -6.60 22.48 -37.82
CA LYS A 2344 -7.48 22.42 -36.67
C LYS A 2344 -8.01 20.99 -36.49
N ARG A 2345 -8.23 20.26 -37.58
CA ARG A 2345 -8.67 18.85 -37.54
C ARG A 2345 -7.71 17.98 -36.76
N ALA A 2346 -6.44 18.16 -37.04
CA ALA A 2346 -5.37 17.44 -36.38
C ALA A 2346 -5.15 17.95 -34.97
N GLN A 2347 -5.30 19.27 -34.75
CA GLN A 2347 -5.20 19.80 -33.37
C GLN A 2347 -6.10 19.02 -32.43
N LEU A 2348 -7.39 19.14 -32.74
CA LEU A 2348 -8.46 18.58 -31.93
C LEU A 2348 -8.15 17.13 -31.68
N ALA A 2349 -8.00 16.41 -32.78
CA ALA A 2349 -7.78 14.99 -32.73
C ALA A 2349 -6.59 14.64 -31.83
N ALA A 2350 -5.50 15.34 -32.07
CA ALA A 2350 -4.28 15.09 -31.35
C ALA A 2350 -4.51 15.27 -29.86
N ALA A 2351 -5.15 16.39 -29.54
CA ALA A 2351 -5.40 16.75 -28.14
C ALA A 2351 -6.13 15.64 -27.39
N PHE A 2352 -7.15 15.09 -28.03
CA PHE A 2352 -7.99 14.10 -27.38
C PHE A 2352 -7.14 12.97 -26.87
N ILE A 2353 -6.23 12.52 -27.68
CA ILE A 2353 -5.65 11.23 -27.41
C ILE A 2353 -4.74 11.38 -26.22
N THR A 2354 -3.86 12.35 -26.31
CA THR A 2354 -2.89 12.60 -25.27
C THR A 2354 -3.52 12.93 -23.88
N TYR A 2355 -4.67 13.60 -23.86
CA TYR A 2355 -5.26 14.06 -22.61
C TYR A 2355 -6.47 13.25 -22.10
N LEU A 2356 -7.38 12.94 -23.00
CA LEU A 2356 -8.66 12.32 -22.67
C LEU A 2356 -8.64 10.82 -22.80
N SER A 2357 -7.45 10.26 -22.96
CA SER A 2357 -7.30 8.83 -22.91
C SER A 2357 -7.93 8.22 -21.63
N ALA A 2358 -7.87 8.98 -20.53
CA ALA A 2358 -8.30 8.55 -19.19
C ALA A 2358 -9.78 8.84 -18.86
N ALA A 2359 -10.28 10.02 -19.22
CA ALA A 2359 -11.62 10.45 -18.73
C ALA A 2359 -12.80 9.58 -19.25
N PRO A 2360 -13.96 9.65 -18.58
CA PRO A 2360 -15.19 9.04 -19.07
C PRO A 2360 -15.95 9.97 -20.03
N GLU A 2361 -16.85 9.39 -20.82
CA GLU A 2361 -17.46 10.07 -21.97
C GLU A 2361 -18.20 11.36 -21.59
N SER A 2362 -18.73 11.41 -20.37
CA SER A 2362 -19.38 12.62 -19.87
C SER A 2362 -18.38 13.75 -19.78
N LEU A 2363 -17.20 13.44 -19.26
CA LEU A 2363 -16.15 14.44 -19.08
C LEU A 2363 -15.50 14.75 -20.40
N ARG A 2364 -15.30 13.71 -21.20
CA ARG A 2364 -14.69 13.86 -22.51
C ARG A 2364 -15.54 14.79 -23.37
N LYS A 2365 -16.83 14.44 -23.49
CA LYS A 2365 -17.70 15.17 -24.38
C LYS A 2365 -17.69 16.64 -24.02
N THR A 2366 -17.65 16.94 -22.73
CA THR A 2366 -17.56 18.34 -22.29
C THR A 2366 -16.49 19.12 -23.04
N CYS A 2367 -15.32 18.51 -23.08
CA CYS A 2367 -14.13 19.15 -23.62
C CYS A 2367 -14.14 19.13 -25.13
N LEU A 2368 -14.68 18.05 -25.70
CA LEU A 2368 -14.92 18.01 -27.15
C LEU A 2368 -15.64 19.26 -27.64
N GLU A 2369 -16.81 19.48 -27.07
CA GLU A 2369 -17.65 20.59 -27.49
C GLU A 2369 -16.93 21.89 -27.18
N GLU A 2370 -16.42 21.98 -25.96
CA GLU A 2370 -15.75 23.18 -25.47
C GLU A 2370 -14.54 23.61 -26.33
N TRP A 2371 -13.82 22.65 -26.88
CA TRP A 2371 -12.74 22.99 -27.79
C TRP A 2371 -13.16 23.11 -29.23
N THR A 2372 -14.21 22.37 -29.61
CA THR A 2372 -14.78 22.41 -30.97
C THR A 2372 -15.38 23.77 -31.26
N LYS A 2373 -16.08 24.28 -30.27
CA LYS A 2373 -16.67 25.61 -30.35
C LYS A 2373 -15.60 26.68 -30.38
N SER A 2374 -14.53 26.47 -29.63
CA SER A 2374 -13.36 27.34 -29.69
C SER A 2374 -12.80 27.39 -31.12
N ALA A 2375 -12.76 26.24 -31.80
CA ALA A 2375 -12.34 26.19 -33.20
C ALA A 2375 -13.38 26.84 -34.12
N GLY A 2376 -14.64 26.66 -33.76
CA GLY A 2376 -15.76 27.02 -34.63
C GLY A 2376 -16.10 25.93 -35.63
N LEU A 2377 -15.35 24.84 -35.63
CA LEU A 2377 -15.66 23.70 -36.49
C LEU A 2377 -16.59 22.72 -35.76
N GLU A 2378 -17.89 23.03 -35.81
CA GLU A 2378 -18.90 22.23 -35.08
C GLU A 2378 -19.11 20.80 -35.59
N LYS A 2379 -19.13 20.63 -36.91
CA LYS A 2379 -19.40 19.32 -37.53
C LYS A 2379 -18.12 18.51 -37.74
N PHE A 2380 -18.21 17.50 -38.60
CA PHE A 2380 -17.07 16.62 -38.86
C PHE A 2380 -16.57 15.98 -37.57
N ASP A 2381 -17.48 15.41 -36.79
CA ASP A 2381 -17.14 14.79 -35.52
C ASP A 2381 -16.07 13.74 -35.77
N LEU A 2382 -15.08 13.72 -34.88
CA LEU A 2382 -13.79 13.15 -35.20
C LEU A 2382 -13.71 11.60 -35.21
N ARG A 2383 -14.69 10.91 -34.63
CA ARG A 2383 -14.63 9.43 -34.62
C ARG A 2383 -14.79 8.85 -36.01
N ARG A 2384 -15.69 9.44 -36.79
CA ARG A 2384 -15.90 9.06 -38.19
C ARG A 2384 -14.74 9.56 -39.05
N PHE A 2385 -14.17 10.69 -38.65
CA PHE A 2385 -13.05 11.33 -39.36
C PHE A 2385 -11.86 10.40 -39.41
N LEU A 2386 -11.38 9.92 -38.28
CA LEU A 2386 -10.14 9.18 -38.32
C LEU A 2386 -10.36 7.80 -38.90
N CYS A 2387 -11.31 7.09 -38.34
CA CYS A 2387 -11.55 5.73 -38.73
C CYS A 2387 -12.81 5.66 -39.56
N THR A 2388 -12.68 5.22 -40.80
CA THR A 2388 -13.81 5.15 -41.68
C THR A 2388 -14.75 4.00 -41.35
N GLU A 2389 -15.93 4.10 -41.96
CA GLU A 2389 -16.99 3.10 -41.90
C GLU A 2389 -16.46 1.67 -41.93
N SER A 2390 -15.64 1.42 -42.95
CA SER A 2390 -15.09 0.10 -43.20
C SER A 2390 -14.32 -0.38 -41.99
N GLU A 2391 -13.58 0.53 -41.35
CA GLU A 2391 -12.75 0.11 -40.25
C GLU A 2391 -13.63 -0.32 -39.09
N GLN A 2392 -14.65 0.48 -38.81
CA GLN A 2392 -15.46 0.28 -37.61
C GLN A 2392 -16.09 -1.13 -37.62
N LEU A 2393 -16.70 -1.45 -38.76
CA LEU A 2393 -17.33 -2.75 -38.93
C LEU A 2393 -16.33 -3.90 -38.77
N ILE A 2394 -15.09 -3.69 -39.21
CA ILE A 2394 -14.11 -4.76 -39.18
C ILE A 2394 -13.79 -5.12 -37.73
N TRP A 2395 -13.81 -4.09 -36.89
CA TRP A 2395 -13.37 -4.25 -35.52
C TRP A 2395 -14.49 -4.86 -34.71
N LYS A 2396 -15.70 -4.45 -35.05
CA LYS A 2396 -16.88 -5.21 -34.66
C LYS A 2396 -16.67 -6.69 -35.01
N SER A 2397 -16.30 -6.93 -36.27
CA SER A 2397 -16.12 -8.28 -36.82
C SER A 2397 -15.14 -9.06 -36.00
N GLU A 2398 -14.07 -8.39 -35.58
CA GLU A 2398 -13.07 -9.05 -34.75
C GLU A 2398 -13.50 -9.34 -33.32
N GLY A 2399 -14.69 -8.87 -32.93
CA GLY A 2399 -15.21 -9.14 -31.58
C GLY A 2399 -14.81 -8.05 -30.60
N LEU A 2400 -14.77 -6.82 -31.12
CA LEU A 2400 -14.65 -5.64 -30.28
C LEU A 2400 -16.02 -5.32 -29.74
N PRO A 2401 -16.09 -4.74 -28.53
CA PRO A 2401 -17.39 -4.25 -28.09
C PRO A 2401 -17.89 -3.11 -28.98
N SER A 2402 -19.17 -3.13 -29.31
CA SER A 2402 -19.76 -2.10 -30.15
C SER A 2402 -19.75 -0.74 -29.45
N ASP A 2403 -19.76 -0.75 -28.12
CA ASP A 2403 -19.78 0.47 -27.31
C ASP A 2403 -18.91 1.59 -27.91
N ASP A 2404 -19.37 2.82 -27.76
CA ASP A 2404 -18.65 3.98 -28.31
C ASP A 2404 -17.36 4.21 -27.58
N LEU A 2405 -17.37 4.02 -26.27
CA LEU A 2405 -16.13 4.09 -25.48
C LEU A 2405 -15.12 3.13 -26.05
N SER A 2406 -15.58 1.97 -26.50
CA SER A 2406 -14.71 1.02 -27.18
C SER A 2406 -14.20 1.60 -28.50
N ILE A 2407 -15.05 2.31 -29.23
CA ILE A 2407 -14.59 3.00 -30.43
C ILE A 2407 -13.49 3.97 -30.05
N GLU A 2408 -13.74 4.74 -29.02
CA GLU A 2408 -12.88 5.80 -28.58
C GLU A 2408 -11.54 5.20 -28.20
N ASN A 2409 -11.56 4.23 -27.30
CA ASN A 2409 -10.38 3.52 -26.86
C ASN A 2409 -9.64 2.86 -28.01
N ALA A 2410 -10.40 2.35 -28.97
CA ALA A 2410 -9.81 1.62 -30.08
C ALA A 2410 -8.91 2.55 -30.85
N LEU A 2411 -9.36 3.77 -31.04
CA LEU A 2411 -8.61 4.71 -31.82
C LEU A 2411 -7.38 5.22 -31.07
N VAL A 2412 -7.37 5.03 -29.77
CA VAL A 2412 -6.22 5.40 -28.97
C VAL A 2412 -5.02 4.47 -29.24
N ILE A 2413 -5.25 3.26 -29.72
CA ILE A 2413 -4.15 2.44 -30.22
C ILE A 2413 -3.30 3.10 -31.32
N LEU A 2414 -3.86 4.09 -32.02
CA LEU A 2414 -3.05 4.90 -32.93
C LEU A 2414 -1.89 5.54 -32.19
N GLN A 2415 -2.09 5.91 -30.94
CA GLN A 2415 -0.96 6.30 -30.10
C GLN A 2415 0.08 5.18 -30.04
N SER A 2416 1.31 5.50 -30.45
CA SER A 2416 2.44 4.55 -30.42
C SER A 2416 3.69 5.13 -29.72
N ARG A 2417 3.80 6.45 -29.72
CA ARG A 2417 4.94 7.16 -29.11
C ARG A 2417 5.13 6.75 -27.64
N VAL A 2418 4.12 6.96 -26.81
CA VAL A 2418 4.09 6.39 -25.44
C VAL A 2418 3.22 5.15 -25.45
N CYS A 2419 3.58 4.14 -24.69
CA CYS A 2419 2.81 2.92 -24.72
C CYS A 2419 1.44 3.15 -24.10
N PRO A 2420 0.41 2.65 -24.78
CA PRO A 2420 -0.92 2.64 -24.20
C PRO A 2420 -1.12 1.59 -23.12
N PHE A 2421 -1.75 2.01 -22.04
CA PHE A 2421 -2.04 1.10 -20.96
C PHE A 2421 -3.54 0.88 -20.91
N LEU A 2422 -3.95 -0.37 -21.05
CA LEU A 2422 -5.35 -0.79 -20.89
C LEU A 2422 -5.82 -1.24 -19.50
N ILE A 2423 -6.88 -0.58 -19.04
CA ILE A 2423 -7.73 -1.19 -18.03
C ILE A 2423 -8.85 -1.96 -18.71
N ASP A 2424 -8.85 -3.29 -18.54
CA ASP A 2424 -9.80 -4.13 -19.25
C ASP A 2424 -10.31 -5.24 -18.35
N PRO A 2425 -11.28 -4.89 -17.51
CA PRO A 2425 -11.89 -5.86 -16.62
C PRO A 2425 -12.63 -6.91 -17.42
N SER A 2426 -13.16 -6.48 -18.55
CA SER A 2426 -13.76 -7.39 -19.48
C SER A 2426 -12.79 -7.63 -20.61
N SER A 2427 -12.17 -8.80 -20.58
CA SER A 2427 -11.07 -9.13 -21.46
C SER A 2427 -11.27 -8.73 -22.95
N GLN A 2428 -12.51 -8.71 -23.43
CA GLN A 2428 -12.80 -8.60 -24.87
C GLN A 2428 -12.06 -7.48 -25.56
N ALA A 2429 -11.98 -6.32 -24.92
CA ALA A 2429 -11.30 -5.19 -25.53
C ALA A 2429 -9.88 -5.60 -25.94
N THR A 2430 -9.19 -6.22 -24.99
CA THR A 2430 -7.82 -6.68 -25.17
C THR A 2430 -7.83 -7.83 -26.18
N GLU A 2431 -8.79 -8.72 -25.99
CA GLU A 2431 -8.91 -9.92 -26.82
C GLU A 2431 -8.96 -9.52 -28.30
N TRP A 2432 -9.73 -8.48 -28.55
CA TRP A 2432 -9.93 -7.94 -29.87
C TRP A 2432 -8.59 -7.45 -30.37
N LEU A 2433 -7.93 -6.74 -29.48
CA LEU A 2433 -6.71 -6.10 -29.79
C LEU A 2433 -5.74 -7.16 -30.29
N LYS A 2434 -5.58 -8.19 -29.49
CA LYS A 2434 -4.66 -9.28 -29.84
C LYS A 2434 -5.12 -9.98 -31.11
N THR A 2435 -6.44 -10.18 -31.21
CA THR A 2435 -7.00 -10.98 -32.28
C THR A 2435 -6.77 -10.31 -33.63
N HIS A 2436 -7.02 -9.01 -33.70
CA HIS A 2436 -6.66 -8.24 -34.89
C HIS A 2436 -5.15 -8.32 -35.07
N LEU A 2437 -4.44 -8.32 -33.94
CA LEU A 2437 -3.01 -8.52 -33.94
C LEU A 2437 -2.67 -9.91 -34.45
N LYS A 2438 -3.54 -10.90 -34.28
CA LYS A 2438 -3.13 -12.30 -34.33
C LYS A 2438 -2.37 -12.92 -35.55
N ASP A 2439 -2.73 -12.59 -36.77
CA ASP A 2439 -2.20 -13.23 -37.93
C ASP A 2439 -1.01 -12.32 -38.23
N SER A 2440 -0.55 -11.64 -37.20
CA SER A 2440 0.57 -10.71 -37.30
C SER A 2440 1.54 -11.04 -36.16
N ARG A 2441 2.79 -10.62 -36.30
CA ARG A 2441 3.81 -10.97 -35.30
C ARG A 2441 3.42 -10.41 -33.93
N LEU A 2442 3.58 -11.20 -32.88
CA LEU A 2442 3.16 -10.78 -31.53
C LEU A 2442 3.54 -11.73 -30.44
N GLU A 2443 3.42 -11.26 -29.20
CA GLU A 2443 3.53 -12.15 -28.05
C GLU A 2443 2.74 -11.65 -26.85
N VAL A 2444 2.52 -12.57 -25.92
CA VAL A 2444 1.71 -12.33 -24.72
C VAL A 2444 2.26 -12.97 -23.45
N ILE A 2445 2.37 -12.19 -22.38
CA ILE A 2445 2.84 -12.70 -21.09
C ILE A 2445 2.16 -12.02 -19.91
N ASN A 2446 2.57 -12.43 -18.70
CA ASN A 2446 2.00 -11.92 -17.47
C ASN A 2446 3.03 -11.29 -16.59
N GLN A 2447 2.58 -10.39 -15.74
CA GLN A 2447 3.45 -9.68 -14.83
C GLN A 2447 4.30 -10.71 -14.11
N GLN A 2448 3.65 -11.59 -13.38
CA GLN A 2448 4.35 -12.54 -12.51
C GLN A 2448 4.51 -13.86 -13.28
N ASP A 2449 5.71 -14.10 -13.79
CA ASP A 2449 5.91 -15.15 -14.75
C ASP A 2449 7.35 -15.62 -14.70
N SER A 2450 7.57 -16.93 -14.71
CA SER A 2450 8.91 -17.47 -14.73
C SER A 2450 9.71 -16.93 -15.92
N ASN A 2451 9.04 -16.80 -17.06
CA ASN A 2451 9.69 -16.46 -18.33
C ASN A 2451 9.77 -14.98 -18.59
N PHE A 2452 9.42 -14.17 -17.60
CA PHE A 2452 9.10 -12.77 -17.84
C PHE A 2452 10.23 -12.00 -18.52
N ILE A 2453 11.38 -11.99 -17.84
CA ILE A 2453 12.53 -11.20 -18.26
C ILE A 2453 12.99 -11.75 -19.60
N THR A 2454 13.05 -13.08 -19.66
CA THR A 2454 13.45 -13.79 -20.85
C THR A 2454 12.68 -13.36 -22.05
N ALA A 2455 11.35 -13.49 -21.97
CA ALA A 2455 10.45 -13.23 -23.10
C ALA A 2455 10.68 -11.83 -23.61
N LEU A 2456 10.70 -10.95 -22.63
CA LEU A 2456 10.88 -9.56 -22.89
C LEU A 2456 12.10 -9.35 -23.81
N GLU A 2457 13.23 -9.91 -23.43
CA GLU A 2457 14.45 -9.70 -24.17
C GLU A 2457 14.26 -10.18 -25.62
N LEU A 2458 13.59 -11.33 -25.78
CA LEU A 2458 13.36 -11.94 -27.09
C LEU A 2458 12.56 -10.95 -27.93
N ALA A 2459 11.51 -10.45 -27.31
CA ALA A 2459 10.59 -9.58 -28.01
C ALA A 2459 11.26 -8.37 -28.61
N VAL A 2460 12.23 -7.81 -27.90
CA VAL A 2460 12.85 -6.57 -28.33
C VAL A 2460 13.78 -6.74 -29.51
N ARG A 2461 14.50 -7.84 -29.49
CA ARG A 2461 15.45 -8.12 -30.53
C ARG A 2461 14.73 -8.50 -31.80
N PHE A 2462 13.71 -9.32 -31.66
CA PHE A 2462 12.94 -9.72 -32.84
C PHE A 2462 12.01 -8.61 -33.28
N GLY A 2463 11.71 -7.68 -32.38
CA GLY A 2463 10.77 -6.62 -32.68
C GLY A 2463 9.38 -7.17 -32.81
N LYS A 2464 9.14 -8.27 -32.12
CA LYS A 2464 7.83 -8.87 -32.08
C LYS A 2464 7.00 -7.93 -31.23
N THR A 2465 5.86 -7.52 -31.72
CA THR A 2465 4.98 -6.67 -30.92
C THR A 2465 4.35 -7.40 -29.73
N LEU A 2466 4.17 -6.70 -28.62
CA LEU A 2466 4.02 -7.39 -27.35
C LEU A 2466 2.91 -6.92 -26.46
N ILE A 2467 2.36 -7.86 -25.70
CA ILE A 2467 1.29 -7.56 -24.74
C ILE A 2467 1.53 -8.17 -23.39
N ILE A 2468 1.01 -7.52 -22.35
CA ILE A 2468 1.22 -8.00 -20.99
C ILE A 2468 -0.04 -7.94 -20.14
N GLN A 2469 -0.20 -8.91 -19.28
CA GLN A 2469 -1.53 -9.18 -18.77
C GLN A 2469 -1.92 -8.50 -17.47
N GLU A 2470 -1.12 -8.66 -16.43
CA GLU A 2470 -1.62 -8.38 -15.09
C GLU A 2470 -0.83 -7.29 -14.44
N MET A 2471 -0.83 -6.13 -15.09
CA MET A 2471 0.11 -5.09 -14.72
C MET A 2471 -0.34 -4.40 -13.44
N ASP A 2472 0.10 -4.96 -12.33
CA ASP A 2472 -0.20 -4.43 -11.02
C ASP A 2472 0.15 -2.94 -11.00
N GLY A 2473 1.36 -2.62 -11.39
CA GLY A 2473 1.71 -1.24 -11.62
C GLY A 2473 2.75 -1.20 -12.71
N VAL A 2474 3.38 -0.04 -12.85
CA VAL A 2474 4.54 0.09 -13.72
C VAL A 2474 5.79 -0.60 -13.15
N GLU A 2475 6.38 -1.49 -13.94
CA GLU A 2475 7.62 -2.13 -13.53
C GLU A 2475 8.76 -1.15 -13.74
N PRO A 2476 9.55 -0.91 -12.68
CA PRO A 2476 10.73 -0.05 -12.75
C PRO A 2476 11.61 -0.35 -13.96
N VAL A 2477 11.64 -1.63 -14.28
CA VAL A 2477 12.51 -2.15 -15.29
C VAL A 2477 12.18 -1.50 -16.61
N LEU A 2478 10.97 -1.04 -16.73
CA LEU A 2478 10.49 -0.60 -17.99
C LEU A 2478 10.77 0.86 -18.24
N TYR A 2479 11.16 1.60 -17.21
CA TYR A 2479 11.37 3.06 -17.33
C TYR A 2479 12.34 3.48 -18.47
N PRO A 2480 13.48 2.78 -18.61
CA PRO A 2480 14.34 3.05 -19.74
C PRO A 2480 13.69 2.63 -21.05
N LEU A 2481 12.84 1.63 -21.00
CA LEU A 2481 12.17 1.18 -22.21
C LEU A 2481 11.05 2.11 -22.71
N LEU A 2482 10.33 2.67 -21.78
CA LEU A 2482 9.23 3.54 -22.11
C LEU A 2482 9.69 4.86 -22.62
N ARG A 2483 10.75 5.38 -22.02
CA ARG A 2483 11.42 6.51 -22.60
C ARG A 2483 12.11 5.96 -23.82
N ARG A 2484 12.36 6.82 -24.78
CA ARG A 2484 13.14 6.42 -25.93
C ARG A 2484 14.58 6.41 -25.42
N ASP A 2485 14.84 5.63 -24.38
CA ASP A 2485 16.10 5.71 -23.70
C ASP A 2485 17.04 4.79 -24.42
N LEU A 2486 17.30 5.14 -25.67
CA LEU A 2486 18.10 4.32 -26.57
C LEU A 2486 19.46 4.93 -26.71
N VAL A 2487 20.50 4.10 -26.69
CA VAL A 2487 21.82 4.62 -26.94
C VAL A 2487 22.35 4.15 -28.28
N ALA A 2488 23.02 5.07 -28.95
CA ALA A 2488 23.50 4.87 -30.32
C ALA A 2488 24.77 4.03 -30.33
N GLN A 2489 24.64 2.80 -30.81
CA GLN A 2489 25.78 1.92 -31.06
C GLN A 2489 25.93 1.76 -32.57
N GLY A 2490 26.76 2.61 -33.14
CA GLY A 2490 26.93 2.67 -34.59
C GLY A 2490 25.61 3.03 -35.20
N PRO A 2491 25.12 2.25 -36.17
CA PRO A 2491 23.82 2.56 -36.74
C PRO A 2491 22.70 2.18 -35.82
N ARG A 2492 22.87 1.08 -35.10
CA ARG A 2492 21.76 0.53 -34.36
C ARG A 2492 21.72 1.10 -32.94
N TYR A 2493 20.58 0.87 -32.30
CA TYR A 2493 20.29 1.53 -31.05
C TYR A 2493 20.08 0.44 -30.03
N VAL A 2494 20.83 0.52 -28.92
CA VAL A 2494 20.73 -0.45 -27.82
C VAL A 2494 20.12 0.16 -26.56
N VAL A 2495 19.47 -0.69 -25.80
CA VAL A 2495 18.53 -0.30 -24.76
C VAL A 2495 18.75 -1.06 -23.49
N GLN A 2496 18.42 -0.39 -22.39
CA GLN A 2496 18.74 -0.86 -21.09
C GLN A 2496 17.61 -1.62 -20.43
N ILE A 2497 17.93 -2.81 -19.97
CA ILE A 2497 17.01 -3.61 -19.24
C ILE A 2497 17.77 -4.25 -18.13
N GLY A 2498 17.52 -3.85 -16.90
CA GLY A 2498 18.32 -4.40 -15.81
C GLY A 2498 19.76 -4.21 -16.22
N ASP A 2499 20.61 -5.22 -16.01
CA ASP A 2499 22.03 -5.11 -16.36
C ASP A 2499 22.16 -5.20 -17.86
N LYS A 2500 21.22 -5.93 -18.45
CA LYS A 2500 21.20 -6.32 -19.85
C LYS A 2500 21.03 -5.15 -20.80
N ILE A 2501 21.78 -5.22 -21.89
CA ILE A 2501 21.80 -4.23 -22.94
C ILE A 2501 21.30 -4.95 -24.14
N ILE A 2502 20.28 -4.44 -24.80
CA ILE A 2502 19.80 -5.20 -25.91
C ILE A 2502 19.64 -4.31 -27.10
N ASP A 2503 19.79 -4.87 -28.29
CA ASP A 2503 19.54 -4.08 -29.47
C ASP A 2503 18.05 -3.91 -29.56
N TYR A 2504 17.70 -2.67 -29.75
CA TYR A 2504 16.37 -2.27 -29.92
C TYR A 2504 16.06 -2.44 -31.39
N ASN A 2505 15.27 -3.49 -31.65
CA ASN A 2505 14.71 -3.73 -32.96
C ASN A 2505 13.63 -2.72 -33.28
N GLU A 2506 13.86 -1.96 -34.33
CA GLU A 2506 13.08 -0.77 -34.55
C GLU A 2506 11.60 -1.14 -34.81
N GLU A 2507 11.35 -2.36 -35.28
CA GLU A 2507 9.98 -2.83 -35.51
C GLU A 2507 9.20 -3.12 -34.24
N PHE A 2508 9.90 -3.14 -33.12
CA PHE A 2508 9.24 -3.40 -31.87
C PHE A 2508 8.24 -2.35 -31.44
N ARG A 2509 7.05 -2.81 -31.07
CA ARG A 2509 6.02 -1.99 -30.44
C ARG A 2509 5.43 -2.74 -29.22
N LEU A 2510 4.92 -2.00 -28.24
CA LEU A 2510 4.36 -2.60 -27.04
C LEU A 2510 2.99 -2.10 -26.72
N PHE A 2511 2.16 -2.98 -26.14
CA PHE A 2511 0.86 -2.62 -25.56
C PHE A 2511 0.68 -3.47 -24.30
N LEU A 2512 -0.12 -3.02 -23.33
CA LEU A 2512 -0.32 -3.80 -22.07
C LEU A 2512 -1.61 -3.55 -21.26
N SER A 2513 -1.99 -4.47 -20.38
CA SER A 2513 -3.32 -4.43 -19.74
C SER A 2513 -3.40 -4.86 -18.28
N THR A 2514 -4.55 -4.59 -17.67
CA THR A 2514 -4.79 -4.92 -16.26
C THR A 2514 -6.27 -5.06 -16.04
N ARG A 2515 -6.63 -5.96 -15.13
CA ARG A 2515 -8.03 -6.22 -14.83
C ARG A 2515 -8.60 -5.16 -13.87
N ASN A 2516 -7.71 -4.58 -13.09
CA ASN A 2516 -8.08 -3.55 -12.16
C ASN A 2516 -7.70 -2.14 -12.59
N PRO A 2517 -8.62 -1.15 -12.47
CA PRO A 2517 -8.24 0.25 -12.76
C PRO A 2517 -7.00 0.72 -12.01
N ASN A 2518 -7.16 0.93 -10.72
CA ASN A 2518 -6.00 1.16 -9.92
C ASN A 2518 -5.96 0.02 -8.95
N PRO A 2519 -4.78 -0.49 -8.60
CA PRO A 2519 -3.49 0.11 -8.94
C PRO A 2519 -2.98 -0.24 -10.34
N PHE A 2520 -1.94 0.44 -10.81
CA PHE A 2520 -1.42 1.66 -10.16
C PHE A 2520 -0.51 2.42 -11.11
N ILE A 2521 -0.38 3.73 -10.89
CA ILE A 2521 0.66 4.51 -11.55
C ILE A 2521 1.06 5.68 -10.68
N PRO A 2522 2.31 6.12 -10.81
CA PRO A 2522 2.70 7.34 -10.16
C PRO A 2522 2.59 8.46 -11.15
N PRO A 2523 2.55 9.70 -10.66
CA PRO A 2523 2.56 10.84 -11.55
C PRO A 2523 3.87 10.86 -12.36
N ASP A 2524 4.90 10.26 -11.78
CA ASP A 2524 6.13 9.99 -12.48
C ASP A 2524 5.93 9.18 -13.75
N ALA A 2525 5.07 8.18 -13.63
CA ALA A 2525 4.79 7.28 -14.72
C ALA A 2525 3.70 7.80 -15.64
N ALA A 2526 2.78 8.59 -15.12
CA ALA A 2526 1.69 9.07 -15.99
C ALA A 2526 2.21 9.77 -17.23
N SER A 2527 3.21 10.62 -17.02
CA SER A 2527 3.77 11.42 -18.08
C SER A 2527 4.27 10.59 -19.25
N ILE A 2528 4.71 9.38 -18.95
CA ILE A 2528 5.37 8.54 -19.94
C ILE A 2528 4.49 7.41 -20.41
N VAL A 2529 3.21 7.45 -20.05
CA VAL A 2529 2.30 6.38 -20.44
C VAL A 2529 0.97 6.97 -20.78
N THR A 2530 0.23 6.29 -21.67
CA THR A 2530 -1.18 6.64 -21.94
C THR A 2530 -2.18 5.80 -21.11
N GLU A 2531 -2.71 6.41 -20.03
CA GLU A 2531 -3.68 5.73 -19.17
C GLU A 2531 -4.97 5.60 -19.97
N VAL A 2532 -5.36 4.36 -20.26
CA VAL A 2532 -6.63 4.10 -20.95
C VAL A 2532 -7.52 3.16 -20.12
N ASN A 2533 -8.82 3.46 -20.13
CA ASN A 2533 -9.79 2.76 -19.29
C ASN A 2533 -11.01 2.42 -20.07
N PHE A 2534 -11.28 1.14 -20.17
CA PHE A 2534 -12.53 0.71 -20.70
C PHE A 2534 -13.40 0.45 -19.50
N THR A 2535 -14.38 1.30 -19.28
CA THR A 2535 -15.45 0.92 -18.40
C THR A 2535 -16.75 1.12 -19.12
N THR A 2536 -17.48 0.02 -19.22
CA THR A 2536 -18.74 -0.07 -19.92
C THR A 2536 -19.64 1.14 -19.63
N THR A 2537 -20.04 1.83 -20.69
CA THR A 2537 -21.04 2.90 -20.57
C THR A 2537 -22.41 2.27 -20.49
N ARG A 2538 -23.36 2.98 -19.90
CA ARG A 2538 -24.73 2.50 -19.85
C ARG A 2538 -25.22 2.30 -21.29
N SER A 2539 -24.84 3.24 -22.16
CA SER A 2539 -25.19 3.25 -23.58
C SER A 2539 -24.65 2.00 -24.25
N GLY A 2540 -23.41 1.71 -23.91
CA GLY A 2540 -22.70 0.58 -24.46
C GLY A 2540 -23.17 -0.69 -23.82
N LEU A 2541 -23.47 -0.62 -22.53
CA LEU A 2541 -23.85 -1.79 -21.77
C LEU A 2541 -25.19 -2.30 -22.24
N ARG A 2542 -26.12 -1.37 -22.38
CA ARG A 2542 -27.48 -1.70 -22.76
C ARG A 2542 -27.52 -2.63 -23.97
N GLY A 2543 -26.76 -2.24 -24.99
CA GLY A 2543 -26.67 -3.00 -26.23
C GLY A 2543 -26.08 -4.39 -26.03
N GLN A 2544 -25.17 -4.52 -25.07
CA GLN A 2544 -24.58 -5.82 -24.75
C GLN A 2544 -25.66 -6.71 -24.22
N LEU A 2545 -26.41 -6.20 -23.25
CA LEU A 2545 -27.57 -6.92 -22.69
C LEU A 2545 -28.50 -7.32 -23.83
N LEU A 2546 -28.86 -6.31 -24.61
CA LEU A 2546 -29.74 -6.55 -25.73
C LEU A 2546 -29.33 -7.81 -26.48
N ALA A 2547 -28.06 -7.90 -26.87
CA ALA A 2547 -27.57 -9.04 -27.64
C ALA A 2547 -27.94 -10.36 -26.99
N LEU A 2548 -27.72 -10.41 -25.68
CA LEU A 2548 -28.00 -11.61 -24.90
C LEU A 2548 -29.49 -11.89 -24.98
N THR A 2549 -30.25 -10.86 -24.69
CA THR A 2549 -31.70 -11.01 -24.61
C THR A 2549 -32.25 -11.54 -25.94
N ILE A 2550 -31.74 -10.98 -27.03
CA ILE A 2550 -32.08 -11.42 -28.37
C ILE A 2550 -31.92 -12.95 -28.41
N GLN A 2551 -30.77 -13.45 -27.97
CA GLN A 2551 -30.51 -14.89 -28.09
C GLN A 2551 -31.45 -15.65 -27.20
N HIS A 2552 -31.74 -15.03 -26.06
CA HIS A 2552 -32.48 -15.68 -25.00
C HIS A 2552 -33.93 -15.90 -25.35
N GLU A 2553 -34.59 -14.82 -25.78
CA GLU A 2553 -35.98 -14.90 -26.22
C GLU A 2553 -36.15 -15.96 -27.30
N LYS A 2554 -35.57 -15.70 -28.47
CA LYS A 2554 -35.73 -16.57 -29.63
C LYS A 2554 -34.39 -16.73 -30.31
N PRO A 2555 -34.05 -17.97 -30.66
CA PRO A 2555 -32.81 -18.21 -31.39
C PRO A 2555 -32.89 -17.71 -32.84
N ASP A 2556 -34.09 -17.62 -33.39
CA ASP A 2556 -34.32 -17.11 -34.74
C ASP A 2556 -33.69 -15.75 -34.91
N LEU A 2557 -34.04 -14.87 -33.97
CA LEU A 2557 -33.81 -13.46 -34.11
C LEU A 2557 -32.33 -13.17 -34.23
N GLU A 2558 -31.52 -13.86 -33.44
CA GLU A 2558 -30.07 -13.65 -33.43
C GLU A 2558 -29.42 -14.22 -34.69
N GLU A 2559 -29.74 -15.46 -35.03
CA GLU A 2559 -29.18 -16.12 -36.21
C GLU A 2559 -29.51 -15.30 -37.45
N GLN A 2560 -30.77 -14.87 -37.52
CA GLN A 2560 -31.25 -14.04 -38.64
C GLN A 2560 -30.59 -12.66 -38.64
N LYS A 2561 -30.76 -11.92 -37.54
CA LYS A 2561 -30.20 -10.58 -37.41
C LYS A 2561 -28.71 -10.56 -37.76
N THR A 2562 -27.94 -11.42 -37.11
CA THR A 2562 -26.48 -11.47 -37.28
C THR A 2562 -26.03 -11.73 -38.70
N LYS A 2563 -26.53 -12.81 -39.28
CA LYS A 2563 -26.10 -13.28 -40.61
C LYS A 2563 -26.24 -12.18 -41.67
N LEU A 2564 -27.32 -11.41 -41.56
CA LEU A 2564 -27.57 -10.25 -42.41
C LEU A 2564 -26.44 -9.25 -42.37
N LEU A 2565 -25.95 -9.02 -41.17
CA LEU A 2565 -25.00 -7.95 -40.95
C LEU A 2565 -23.64 -8.36 -41.48
N GLN A 2566 -23.38 -9.65 -41.48
CA GLN A 2566 -22.14 -10.20 -41.99
C GLN A 2566 -22.05 -10.04 -43.50
N GLN A 2567 -23.16 -10.30 -44.18
CA GLN A 2567 -23.22 -10.16 -45.62
C GLN A 2567 -23.10 -8.70 -46.06
N GLU A 2568 -23.60 -7.78 -45.26
CA GLU A 2568 -23.44 -6.35 -45.52
C GLU A 2568 -21.98 -5.93 -45.38
N GLU A 2569 -21.29 -6.55 -44.44
CA GLU A 2569 -19.86 -6.36 -44.28
C GLU A 2569 -19.13 -6.96 -45.47
N ASP A 2570 -19.43 -8.21 -45.80
CA ASP A 2570 -18.83 -8.88 -46.96
C ASP A 2570 -19.03 -8.02 -48.20
N LYS A 2571 -20.22 -7.45 -48.31
CA LYS A 2571 -20.56 -6.57 -49.43
C LYS A 2571 -19.82 -5.23 -49.32
N LYS A 2572 -19.56 -4.80 -48.08
CA LYS A 2572 -18.63 -3.70 -47.84
C LYS A 2572 -17.22 -4.06 -48.37
N ILE A 2573 -16.80 -5.33 -48.21
CA ILE A 2573 -15.51 -5.84 -48.72
C ILE A 2573 -15.50 -5.81 -50.24
N GLN A 2574 -16.51 -6.46 -50.82
CA GLN A 2574 -16.62 -6.54 -52.27
C GLN A 2574 -16.74 -5.13 -52.86
N LEU A 2575 -17.36 -4.19 -52.14
CA LEU A 2575 -17.37 -2.76 -52.55
C LEU A 2575 -15.95 -2.20 -52.66
N ALA A 2576 -15.11 -2.56 -51.68
CA ALA A 2576 -13.71 -2.15 -51.69
C ALA A 2576 -12.99 -2.76 -52.88
N LYS A 2577 -13.31 -4.01 -53.21
CA LYS A 2577 -12.75 -4.68 -54.39
C LYS A 2577 -13.18 -4.02 -55.72
N LEU A 2578 -14.40 -3.47 -55.77
CA LEU A 2578 -14.84 -2.64 -56.93
C LEU A 2578 -13.91 -1.46 -57.10
N GLU A 2579 -13.74 -0.72 -56.02
CA GLU A 2579 -13.04 0.52 -56.08
C GLU A 2579 -11.51 0.31 -56.11
N GLU A 2580 -11.06 -0.90 -55.77
CA GLU A 2580 -9.66 -1.35 -55.95
C GLU A 2580 -9.21 -1.25 -57.41
N SER A 2581 -10.06 -1.70 -58.32
CA SER A 2581 -9.72 -1.77 -59.74
C SER A 2581 -9.38 -0.40 -60.34
N LEU A 2582 -10.14 0.61 -59.93
CA LEU A 2582 -10.02 1.99 -60.43
C LEU A 2582 -8.59 2.59 -60.36
N LEU A 2583 -7.93 2.43 -59.21
CA LEU A 2583 -6.51 2.84 -59.01
C LEU A 2583 -5.60 2.19 -60.06
N GLU A 2584 -5.79 0.89 -60.24
CA GLU A 2584 -4.93 0.07 -61.10
C GLU A 2584 -4.91 0.59 -62.52
N THR A 2585 -6.10 0.81 -63.08
CA THR A 2585 -6.27 1.10 -64.51
C THR A 2585 -5.43 2.27 -64.98
N LEU A 2586 -5.54 3.39 -64.27
CA LEU A 2586 -4.85 4.62 -64.65
C LEU A 2586 -3.34 4.46 -64.47
N ALA A 2587 -2.94 3.71 -63.44
CA ALA A 2587 -1.54 3.56 -63.08
C ALA A 2587 -0.73 2.54 -63.90
N THR A 2588 -1.32 1.37 -64.19
CA THR A 2588 -0.55 0.21 -64.70
C THR A 2588 0.23 0.47 -65.99
N SER A 2589 -0.45 1.03 -67.00
CA SER A 2589 0.19 1.41 -68.27
C SER A 2589 0.54 2.89 -68.31
N GLN A 2590 -0.43 3.74 -67.95
CA GLN A 2590 -0.24 5.20 -67.95
C GLN A 2590 -0.40 5.74 -69.37
N GLY A 2591 -0.64 4.84 -70.31
CA GLY A 2591 -0.85 5.19 -71.71
C GLY A 2591 -1.64 4.10 -72.39
N ASN A 2592 -2.25 4.44 -73.53
CA ASN A 2592 -3.05 3.50 -74.34
C ASN A 2592 -4.16 2.79 -73.52
N ILE A 2593 -4.75 3.54 -72.58
CA ILE A 2593 -5.80 3.01 -71.73
C ILE A 2593 -6.99 2.56 -72.56
N LEU A 2594 -7.30 3.36 -73.59
CA LEU A 2594 -8.40 3.07 -74.50
C LEU A 2594 -8.18 1.74 -75.22
N GLU A 2595 -6.95 1.48 -75.63
CA GLU A 2595 -6.63 0.27 -76.38
C GLU A 2595 -6.90 -1.02 -75.60
N ASN A 2596 -6.49 -1.05 -74.34
CA ASN A 2596 -6.46 -2.30 -73.58
C ASN A 2596 -7.83 -2.99 -73.51
N LYS A 2597 -7.85 -4.29 -73.72
CA LYS A 2597 -9.09 -5.08 -73.60
C LYS A 2597 -9.41 -5.38 -72.14
N ASP A 2598 -8.36 -5.53 -71.32
CA ASP A 2598 -8.51 -5.73 -69.86
C ASP A 2598 -9.34 -4.59 -69.26
N LEU A 2599 -9.15 -3.39 -69.78
CA LEU A 2599 -9.99 -2.23 -69.45
C LEU A 2599 -11.46 -2.45 -69.86
N ILE A 2600 -11.67 -2.96 -71.07
CA ILE A 2600 -13.03 -3.21 -71.57
C ILE A 2600 -13.70 -4.29 -70.72
N GLU A 2601 -12.90 -5.21 -70.20
CA GLU A 2601 -13.38 -6.23 -69.26
C GLU A 2601 -13.89 -5.62 -67.94
N SER A 2602 -13.19 -4.59 -67.44
CA SER A 2602 -13.56 -3.93 -66.18
C SER A 2602 -14.99 -3.37 -66.18
N LEU A 2603 -15.46 -3.00 -67.37
CA LEU A 2603 -16.87 -2.66 -67.60
C LEU A 2603 -17.80 -3.80 -67.18
N ASN A 2604 -17.48 -5.02 -67.60
CA ASN A 2604 -18.23 -6.21 -67.20
C ASN A 2604 -18.10 -6.47 -65.69
N GLN A 2605 -16.98 -6.06 -65.12
CA GLN A 2605 -16.79 -6.17 -63.67
C GLN A 2605 -17.58 -5.11 -62.90
N THR A 2606 -17.82 -3.94 -63.50
CA THR A 2606 -18.73 -2.91 -62.92
C THR A 2606 -20.14 -3.48 -62.70
N LYS A 2607 -20.60 -4.28 -63.65
CA LYS A 2607 -21.87 -5.00 -63.50
C LYS A 2607 -21.87 -5.97 -62.31
N ALA A 2608 -20.79 -6.77 -62.17
CA ALA A 2608 -20.66 -7.74 -61.06
C ALA A 2608 -20.75 -7.02 -59.71
N SER A 2609 -20.09 -5.86 -59.64
CA SER A 2609 -20.16 -4.97 -58.48
C SER A 2609 -21.57 -4.42 -58.29
N SER A 2610 -22.16 -3.89 -59.36
CA SER A 2610 -23.49 -3.27 -59.26
C SER A 2610 -24.58 -4.29 -58.84
N ALA A 2611 -24.46 -5.54 -59.29
CA ALA A 2611 -25.36 -6.62 -58.83
C ALA A 2611 -25.35 -6.74 -57.30
N LEU A 2612 -24.14 -6.91 -56.78
CA LEU A 2612 -23.92 -7.05 -55.35
C LEU A 2612 -24.34 -5.77 -54.61
N ILE A 2613 -24.08 -4.60 -55.21
CA ILE A 2613 -24.52 -3.29 -54.69
C ILE A 2613 -26.04 -3.27 -54.55
N GLN A 2614 -26.74 -3.57 -55.63
CA GLN A 2614 -28.19 -3.60 -55.59
C GLN A 2614 -28.69 -4.63 -54.56
N GLU A 2615 -28.08 -5.83 -54.53
CA GLU A 2615 -28.37 -6.79 -53.45
C GLU A 2615 -28.23 -6.18 -52.04
N SER A 2616 -27.13 -5.46 -51.84
CA SER A 2616 -26.85 -4.80 -50.57
C SER A 2616 -27.80 -3.66 -50.23
N LEU A 2617 -28.21 -2.84 -51.22
CA LEU A 2617 -29.19 -1.75 -50.97
C LEU A 2617 -30.49 -2.33 -50.47
N LYS A 2618 -30.94 -3.36 -51.20
CA LYS A 2618 -32.12 -4.11 -50.86
C LYS A 2618 -31.98 -4.70 -49.47
N GLU A 2619 -30.88 -5.43 -49.23
CA GLU A 2619 -30.64 -6.04 -47.92
C GLU A 2619 -30.54 -5.02 -46.76
N SER A 2620 -30.02 -3.84 -47.04
CA SER A 2620 -29.87 -2.80 -46.02
C SER A 2620 -31.22 -2.24 -45.67
N TYR A 2621 -32.07 -2.04 -46.68
CA TYR A 2621 -33.37 -1.44 -46.43
C TYR A 2621 -34.38 -2.40 -45.76
N LYS A 2622 -34.36 -3.66 -46.19
CA LYS A 2622 -35.30 -4.67 -45.68
C LYS A 2622 -35.27 -4.82 -44.17
N LEU A 2623 -34.06 -4.78 -43.62
CA LEU A 2623 -33.83 -5.21 -42.24
C LEU A 2623 -34.18 -4.10 -41.27
N GLN A 2624 -33.71 -2.90 -41.58
CA GLN A 2624 -33.86 -1.72 -40.74
C GLN A 2624 -35.23 -1.64 -40.08
N ILE A 2625 -36.28 -1.63 -40.90
CA ILE A 2625 -37.65 -1.56 -40.39
C ILE A 2625 -38.03 -2.81 -39.59
N SER A 2626 -37.62 -3.98 -40.09
CA SER A 2626 -38.01 -5.25 -39.48
C SER A 2626 -37.20 -5.54 -38.23
N LEU A 2627 -35.90 -5.27 -38.30
CA LEU A 2627 -34.99 -5.53 -37.19
C LEU A 2627 -35.22 -4.59 -36.01
N ASP A 2628 -35.64 -3.35 -36.29
CA ASP A 2628 -36.00 -2.43 -35.20
C ASP A 2628 -36.99 -3.09 -34.28
N GLN A 2629 -38.11 -3.52 -34.86
CA GLN A 2629 -39.21 -4.13 -34.11
C GLN A 2629 -38.69 -5.21 -33.18
N GLU A 2630 -37.94 -6.15 -33.74
CA GLU A 2630 -37.35 -7.23 -32.95
C GLU A 2630 -36.44 -6.67 -31.87
N ARG A 2631 -35.44 -5.92 -32.28
CA ARG A 2631 -34.45 -5.33 -31.38
C ARG A 2631 -35.05 -4.37 -30.36
N ASP A 2632 -36.03 -3.59 -30.80
CA ASP A 2632 -36.57 -2.52 -29.99
C ASP A 2632 -37.48 -3.02 -28.86
N ALA A 2633 -38.05 -4.22 -29.02
CA ALA A 2633 -38.90 -4.87 -28.01
C ALA A 2633 -38.23 -4.98 -26.64
N TYR A 2634 -36.93 -5.21 -26.66
CA TYR A 2634 -36.17 -5.49 -25.45
C TYR A 2634 -35.59 -4.24 -24.76
N LEU A 2635 -35.25 -3.22 -25.55
CA LEU A 2635 -34.44 -2.09 -25.05
C LEU A 2635 -35.03 -1.31 -23.86
N PRO A 2636 -36.36 -1.22 -23.77
CA PRO A 2636 -36.88 -0.53 -22.60
C PRO A 2636 -36.60 -1.30 -21.31
N LEU A 2637 -36.49 -2.64 -21.44
CA LEU A 2637 -36.01 -3.50 -20.35
C LEU A 2637 -34.56 -3.19 -20.04
N ALA A 2638 -33.75 -3.42 -21.06
CA ALA A 2638 -32.32 -3.32 -20.92
C ALA A 2638 -31.93 -1.99 -20.29
N GLU A 2639 -32.60 -0.88 -20.64
CA GLU A 2639 -32.24 0.40 -20.01
C GLU A 2639 -32.39 0.38 -18.50
N SER A 2640 -33.49 -0.21 -18.05
CA SER A 2640 -33.71 -0.35 -16.62
C SER A 2640 -32.75 -1.39 -16.03
N ALA A 2641 -32.35 -2.38 -16.84
CA ALA A 2641 -31.28 -3.33 -16.41
C ALA A 2641 -29.89 -2.67 -16.39
N SER A 2642 -29.74 -1.64 -17.21
CA SER A 2642 -28.52 -0.88 -17.32
C SER A 2642 -28.45 0.08 -16.16
N LYS A 2643 -29.61 0.60 -15.74
CA LYS A 2643 -29.65 1.43 -14.53
C LYS A 2643 -29.13 0.65 -13.34
N MET A 2644 -29.62 -0.57 -13.19
CA MET A 2644 -29.33 -1.39 -12.03
C MET A 2644 -27.83 -1.62 -11.82
N TYR A 2645 -27.11 -1.97 -12.86
CA TYR A 2645 -25.67 -2.19 -12.72
C TYR A 2645 -24.92 -0.98 -12.19
N PHE A 2646 -25.27 0.19 -12.73
CA PHE A 2646 -24.52 1.41 -12.42
C PHE A 2646 -24.87 1.95 -11.05
N ILE A 2647 -26.01 1.54 -10.52
CA ILE A 2647 -26.32 1.87 -9.16
C ILE A 2647 -25.41 1.08 -8.24
N ILE A 2648 -25.44 -0.24 -8.35
CA ILE A 2648 -24.79 -1.10 -7.35
C ILE A 2648 -23.30 -0.98 -7.41
N SER A 2649 -22.81 -0.49 -8.53
CA SER A 2649 -21.42 -0.20 -8.63
C SER A 2649 -21.04 0.91 -7.63
N ASP A 2650 -21.88 1.96 -7.52
CA ASP A 2650 -21.66 3.08 -6.56
C ASP A 2650 -21.56 2.58 -5.14
N LEU A 2651 -22.23 1.46 -4.90
CA LEU A 2651 -22.27 0.82 -3.59
C LEU A 2651 -20.89 0.63 -2.95
N SER A 2652 -19.90 0.38 -3.78
CA SER A 2652 -18.57 0.23 -3.29
C SER A 2652 -18.10 1.45 -2.53
N LYS A 2653 -18.58 2.61 -2.90
CA LYS A 2653 -17.91 3.81 -2.51
C LYS A 2653 -18.07 4.06 -1.03
N ILE A 2654 -19.20 3.70 -0.46
CA ILE A 2654 -19.28 3.85 1.00
C ILE A 2654 -18.51 2.77 1.69
N ASN A 2655 -18.64 1.55 1.20
CA ASN A 2655 -17.98 0.48 1.86
C ASN A 2655 -17.17 -0.33 0.91
N ASN A 2656 -15.89 -0.43 1.22
CA ASN A 2656 -14.99 -1.29 0.50
C ASN A 2656 -15.52 -2.70 0.57
N MET A 2657 -15.11 -3.50 -0.39
CA MET A 2657 -15.60 -4.86 -0.49
C MET A 2657 -17.06 -4.89 -0.95
N TYR A 2658 -17.59 -3.75 -1.38
CA TYR A 2658 -18.89 -3.73 -2.01
C TYR A 2658 -18.67 -3.56 -3.53
N ARG A 2659 -17.92 -4.51 -4.07
CA ARG A 2659 -17.48 -4.49 -5.46
C ARG A 2659 -17.77 -5.85 -6.06
N PHE A 2660 -18.40 -5.85 -7.23
CA PHE A 2660 -19.01 -7.05 -7.79
C PHE A 2660 -18.66 -7.31 -9.25
N SER A 2661 -18.39 -8.58 -9.56
CA SER A 2661 -18.02 -8.98 -10.92
C SER A 2661 -19.14 -8.62 -11.90
N LEU A 2662 -18.76 -7.92 -12.96
CA LEU A 2662 -19.64 -7.72 -14.09
C LEU A 2662 -20.15 -9.07 -14.60
N ALA A 2663 -19.27 -10.07 -14.59
CA ALA A 2663 -19.58 -11.44 -15.02
C ALA A 2663 -20.75 -12.08 -14.28
N ALA A 2664 -20.68 -11.99 -12.97
CA ALA A 2664 -21.69 -12.55 -12.10
C ALA A 2664 -23.06 -11.92 -12.40
N PHE A 2665 -23.06 -10.62 -12.67
CA PHE A 2665 -24.29 -9.90 -13.01
C PHE A 2665 -24.93 -10.60 -14.18
N LEU A 2666 -24.10 -10.88 -15.17
CA LEU A 2666 -24.56 -11.38 -16.43
C LEU A 2666 -24.99 -12.80 -16.28
N ARG A 2667 -24.26 -13.55 -15.47
CA ARG A 2667 -24.60 -14.91 -15.12
C ARG A 2667 -26.00 -15.02 -14.48
N LEU A 2668 -26.37 -14.00 -13.71
CA LEU A 2668 -27.71 -13.95 -13.13
C LEU A 2668 -28.72 -13.38 -14.09
N PHE A 2669 -28.28 -12.48 -14.94
CA PHE A 2669 -29.14 -11.96 -15.97
C PHE A 2669 -29.55 -13.09 -16.88
N GLN A 2670 -28.63 -14.00 -17.11
CA GLN A 2670 -28.86 -15.26 -17.81
C GLN A 2670 -29.93 -16.05 -17.11
N ARG A 2671 -29.90 -16.00 -15.79
CA ARG A 2671 -30.85 -16.71 -14.99
C ARG A 2671 -32.28 -16.21 -15.27
N ALA A 2672 -32.44 -14.94 -15.67
CA ALA A 2672 -33.74 -14.38 -16.06
C ALA A 2672 -34.48 -15.15 -17.18
N LEU A 2673 -33.79 -15.47 -18.29
CA LEU A 2673 -34.38 -16.33 -19.34
C LEU A 2673 -34.75 -17.67 -18.77
N GLN A 2674 -33.76 -18.28 -18.11
CA GLN A 2674 -33.87 -19.63 -17.55
C GLN A 2674 -35.08 -19.75 -16.65
N ASN A 2675 -35.32 -18.72 -15.85
CA ASN A 2675 -36.40 -18.70 -14.87
C ASN A 2675 -37.62 -17.88 -15.33
N LYS A 2676 -37.63 -17.40 -16.57
CA LYS A 2676 -38.71 -16.53 -17.06
C LYS A 2676 -40.09 -17.19 -16.89
N GLN A 2677 -40.30 -18.33 -17.55
CA GLN A 2677 -41.46 -19.21 -17.30
C GLN A 2677 -42.85 -18.53 -17.13
N ASP A 2678 -43.14 -17.57 -17.99
CA ASP A 2678 -44.45 -16.89 -18.00
C ASP A 2678 -45.14 -17.19 -19.33
N SER A 2679 -46.47 -17.37 -19.27
CA SER A 2679 -47.32 -17.49 -20.47
C SER A 2679 -48.06 -16.18 -20.70
N GLU A 2680 -47.60 -15.38 -21.67
CA GLU A 2680 -48.05 -14.00 -21.83
C GLU A 2680 -47.79 -13.37 -23.20
N ASN A 2681 -48.46 -12.24 -23.40
CA ASN A 2681 -48.12 -11.30 -24.45
C ASN A 2681 -46.74 -10.70 -24.16
N THR A 2682 -45.87 -10.71 -25.15
CA THR A 2682 -44.46 -10.33 -25.00
C THR A 2682 -44.27 -8.89 -24.49
N GLU A 2683 -45.04 -7.98 -25.07
CA GLU A 2683 -45.06 -6.60 -24.65
C GLU A 2683 -45.59 -6.50 -23.20
N GLN A 2684 -46.49 -7.40 -22.82
CA GLN A 2684 -46.98 -7.45 -21.43
C GLN A 2684 -45.97 -8.15 -20.50
N ARG A 2685 -45.16 -9.03 -21.07
CA ARG A 2685 -44.21 -9.84 -20.32
C ARG A 2685 -42.93 -9.12 -19.97
N ILE A 2686 -42.42 -8.29 -20.91
CA ILE A 2686 -41.25 -7.42 -20.62
C ILE A 2686 -41.27 -6.77 -19.23
N GLN A 2687 -42.40 -6.19 -18.87
CA GLN A 2687 -42.52 -5.52 -17.59
C GLN A 2687 -42.58 -6.56 -16.44
N SER A 2688 -43.10 -7.75 -16.71
CA SER A 2688 -43.14 -8.85 -15.73
C SER A 2688 -41.79 -9.45 -15.47
N LEU A 2689 -40.94 -9.41 -16.49
CA LEU A 2689 -39.57 -9.90 -16.35
C LEU A 2689 -38.68 -8.95 -15.53
N ILE A 2690 -38.73 -7.65 -15.82
CA ILE A 2690 -38.06 -6.62 -14.98
C ILE A 2690 -38.41 -6.73 -13.45
N SER A 2691 -39.71 -6.83 -13.15
CA SER A 2691 -40.17 -6.97 -11.77
C SER A 2691 -39.63 -8.21 -11.10
N SER A 2692 -39.83 -9.35 -11.74
CA SER A 2692 -39.29 -10.63 -11.26
C SER A 2692 -37.77 -10.58 -11.12
N LEU A 2693 -37.13 -9.81 -11.99
CA LEU A 2693 -35.69 -9.64 -11.93
C LEU A 2693 -35.21 -8.82 -10.75
N GLN A 2694 -35.79 -7.64 -10.55
CA GLN A 2694 -35.39 -6.81 -9.42
C GLN A 2694 -35.27 -7.59 -8.11
N HIS A 2695 -36.19 -8.53 -7.87
CA HIS A 2695 -36.21 -9.31 -6.65
C HIS A 2695 -34.95 -10.18 -6.59
N MET A 2696 -34.64 -10.81 -7.72
CA MET A 2696 -33.43 -11.61 -7.80
C MET A 2696 -32.19 -10.76 -7.57
N VAL A 2697 -32.22 -9.58 -8.18
CA VAL A 2697 -31.16 -8.58 -8.04
C VAL A 2697 -30.91 -8.31 -6.58
N TYR A 2698 -31.99 -7.91 -5.93
CA TYR A 2698 -31.94 -7.42 -4.58
C TYR A 2698 -31.31 -8.48 -3.73
N GLU A 2699 -31.72 -9.74 -3.89
CA GLU A 2699 -31.27 -10.79 -2.98
C GLU A 2699 -29.79 -11.15 -3.13
N TYR A 2700 -29.24 -11.05 -4.35
CA TYR A 2700 -27.79 -11.26 -4.55
C TYR A 2700 -26.97 -10.16 -3.92
N ILE A 2701 -27.46 -8.94 -4.06
CA ILE A 2701 -26.85 -7.83 -3.36
C ILE A 2701 -26.95 -8.05 -1.85
N CYS A 2702 -28.13 -8.40 -1.38
CA CYS A 2702 -28.37 -8.50 0.06
C CYS A 2702 -27.56 -9.52 0.82
N ARG A 2703 -27.08 -10.54 0.12
CA ARG A 2703 -26.10 -11.47 0.70
C ARG A 2703 -24.98 -10.65 1.31
N CYS A 2704 -24.54 -9.68 0.54
CA CYS A 2704 -23.36 -8.91 0.89
C CYS A 2704 -23.66 -7.84 1.93
N LEU A 2705 -24.88 -7.37 2.01
CA LEU A 2705 -25.09 -6.14 2.74
C LEU A 2705 -25.05 -6.33 4.22
N PHE A 2706 -24.39 -5.40 4.90
CA PHE A 2706 -24.53 -5.28 6.33
C PHE A 2706 -25.95 -4.77 6.63
N LYS A 2707 -26.49 -5.21 7.76
CA LYS A 2707 -27.89 -4.99 8.13
C LYS A 2707 -28.27 -3.53 7.92
N ALA A 2708 -27.43 -2.66 8.47
CA ALA A 2708 -27.56 -1.19 8.40
C ALA A 2708 -27.60 -0.64 6.98
N ASP A 2709 -26.80 -1.24 6.12
CA ASP A 2709 -26.61 -0.68 4.79
C ASP A 2709 -27.77 -1.08 3.89
N GLN A 2710 -28.41 -2.21 4.21
CA GLN A 2710 -29.54 -2.73 3.42
C GLN A 2710 -30.55 -1.67 3.10
N LEU A 2711 -30.83 -0.87 4.10
CA LEU A 2711 -31.74 0.22 3.97
C LEU A 2711 -31.20 1.21 2.95
N MET A 2712 -29.99 1.71 3.19
CA MET A 2712 -29.32 2.59 2.23
C MET A 2712 -29.51 2.08 0.82
N PHE A 2713 -28.99 0.88 0.61
CA PHE A 2713 -29.04 0.21 -0.67
C PHE A 2713 -30.40 0.31 -1.29
N ALA A 2714 -31.40 -0.12 -0.55
CA ALA A 2714 -32.77 -0.06 -1.07
C ALA A 2714 -33.08 1.32 -1.61
N LEU A 2715 -32.76 2.34 -0.84
CA LEU A 2715 -33.17 3.68 -1.18
C LEU A 2715 -32.42 4.17 -2.36
N HIS A 2716 -31.10 4.18 -2.24
CA HIS A 2716 -30.28 4.65 -3.34
C HIS A 2716 -30.58 3.88 -4.61
N PHE A 2717 -30.96 2.63 -4.41
CA PHE A 2717 -31.37 1.75 -5.48
C PHE A 2717 -32.62 2.26 -6.12
N VAL A 2718 -33.59 2.55 -5.27
CA VAL A 2718 -34.80 3.08 -5.77
C VAL A 2718 -34.58 4.38 -6.49
N ARG A 2719 -33.65 5.20 -6.02
CA ARG A 2719 -33.51 6.48 -6.68
C ARG A 2719 -33.11 6.39 -8.13
N GLY A 2720 -32.09 5.59 -8.38
CA GLY A 2720 -31.61 5.39 -9.73
C GLY A 2720 -32.66 4.84 -10.68
N MET A 2721 -33.57 4.02 -10.16
CA MET A 2721 -34.61 3.42 -11.01
C MET A 2721 -35.62 4.45 -11.55
N HIS A 2722 -36.14 5.31 -10.67
CA HIS A 2722 -37.23 6.20 -11.03
C HIS A 2722 -36.93 7.57 -10.49
N PRO A 2723 -36.71 8.55 -11.36
CA PRO A 2723 -36.52 9.89 -10.90
C PRO A 2723 -37.73 10.78 -11.05
N GLU A 2724 -38.80 10.18 -11.57
CA GLU A 2724 -40.06 10.90 -11.73
C GLU A 2724 -40.67 11.22 -10.37
N LEU A 2725 -40.64 10.24 -9.46
CA LEU A 2725 -41.28 10.44 -8.15
C LEU A 2725 -40.64 11.53 -7.33
N PHE A 2726 -39.31 11.56 -7.32
CA PHE A 2726 -38.56 12.66 -6.73
C PHE A 2726 -38.38 13.74 -7.78
N GLN A 2727 -39.47 14.44 -8.09
CA GLN A 2727 -39.52 15.33 -9.23
C GLN A 2727 -38.60 16.54 -9.17
N GLU A 2728 -38.68 17.34 -8.11
CA GLU A 2728 -38.11 18.70 -8.22
C GLU A 2728 -37.27 19.21 -7.05
N ASN A 2729 -36.10 18.63 -6.86
CA ASN A 2729 -35.16 19.13 -5.87
C ASN A 2729 -35.66 18.85 -4.46
N GLU A 2730 -36.72 18.08 -4.38
CA GLU A 2730 -37.27 17.65 -3.12
C GLU A 2730 -36.21 16.81 -2.42
N TRP A 2731 -35.56 16.02 -3.24
CA TRP A 2731 -34.54 15.11 -2.76
C TRP A 2731 -33.39 15.88 -2.16
N ASP A 2732 -33.02 16.98 -2.84
CA ASP A 2732 -31.86 17.82 -2.52
C ASP A 2732 -32.02 18.39 -1.13
N THR A 2733 -33.24 18.75 -0.82
CA THR A 2733 -33.54 19.25 0.49
C THR A 2733 -33.54 18.07 1.45
N PHE A 2734 -34.26 17.00 1.08
CA PHE A 2734 -34.38 15.88 2.01
C PHE A 2734 -33.02 15.43 2.52
N THR A 2735 -32.13 15.20 1.57
CA THR A 2735 -30.84 14.67 1.87
C THR A 2735 -30.12 15.58 2.81
N GLY A 2736 -30.40 16.87 2.71
CA GLY A 2736 -29.76 17.87 3.56
C GLY A 2736 -28.66 18.69 2.88
N VAL A 2737 -28.57 18.61 1.55
CA VAL A 2737 -27.58 19.39 0.76
C VAL A 2737 -28.12 20.71 0.18
N ASP A 2754 -39.91 30.13 12.60
CA ASP A 2754 -41.29 29.71 12.38
C ASP A 2754 -42.24 30.59 13.18
N GLN A 2755 -42.53 31.77 12.62
CA GLN A 2755 -43.55 32.64 13.17
C GLN A 2755 -44.93 32.08 12.86
N LEU A 2756 -45.02 31.23 11.83
CA LEU A 2756 -46.30 30.69 11.37
C LEU A 2756 -47.04 29.66 12.27
N PRO A 2757 -46.37 28.62 12.78
CA PRO A 2757 -47.05 27.47 13.43
C PRO A 2757 -47.08 27.51 14.96
N SER A 2758 -48.20 27.12 15.59
CA SER A 2758 -48.33 27.18 17.07
C SER A 2758 -48.35 25.79 17.77
N TRP A 2759 -49.35 25.00 17.44
CA TRP A 2759 -49.54 23.62 17.91
C TRP A 2759 -48.34 22.62 17.90
N ILE A 2760 -47.43 22.79 16.96
CA ILE A 2760 -46.28 21.87 16.78
C ILE A 2760 -45.16 21.99 17.82
N ASP A 2761 -44.27 21.00 17.82
CA ASP A 2761 -43.08 21.03 18.68
C ASP A 2761 -41.91 21.84 18.11
N GLN A 2762 -41.14 22.43 19.00
CA GLN A 2762 -40.11 23.37 18.62
C GLN A 2762 -38.87 22.78 17.93
N GLU A 2763 -38.45 21.59 18.34
CA GLU A 2763 -37.36 20.94 17.62
C GLU A 2763 -37.76 20.72 16.16
N ARG A 2764 -39.00 20.33 15.97
CA ARG A 2764 -39.52 20.18 14.64
C ARG A 2764 -39.57 21.60 14.02
N SER A 2765 -39.96 22.62 14.81
CA SER A 2765 -40.06 24.03 14.31
C SER A 2765 -38.82 24.65 13.65
N TRP A 2766 -37.64 24.40 14.18
CA TRP A 2766 -36.46 24.80 13.45
C TRP A 2766 -36.43 24.11 12.07
N ALA A 2767 -36.74 22.81 12.04
CA ALA A 2767 -36.70 22.02 10.80
C ALA A 2767 -37.79 22.42 9.80
N VAL A 2768 -38.90 22.92 10.30
CA VAL A 2768 -39.96 23.41 9.42
C VAL A 2768 -39.57 24.70 8.75
N ALA A 2769 -38.88 25.55 9.50
CA ALA A 2769 -38.36 26.77 8.93
C ALA A 2769 -37.52 26.39 7.70
N THR A 2770 -36.56 25.49 7.93
CA THR A 2770 -35.68 24.96 6.88
C THR A 2770 -36.51 24.47 5.70
N LEU A 2771 -37.52 23.67 6.03
CA LEU A 2771 -38.37 23.12 5.00
C LEU A 2771 -39.11 24.15 4.16
N LYS A 2772 -39.75 25.13 4.80
CA LYS A 2772 -40.62 26.02 4.03
C LYS A 2772 -39.85 26.74 2.93
N ILE A 2773 -38.67 27.23 3.29
CA ILE A 2773 -37.84 28.01 2.37
C ILE A 2773 -37.50 27.19 1.13
N ALA A 2774 -36.97 26.00 1.36
CA ALA A 2774 -36.48 25.18 0.27
C ALA A 2774 -37.57 24.83 -0.72
N LEU A 2775 -38.72 24.41 -0.24
CA LEU A 2775 -39.83 24.00 -1.11
C LEU A 2775 -41.06 24.77 -0.77
N PRO A 2776 -41.28 25.87 -1.47
CA PRO A 2776 -42.40 26.70 -1.04
C PRO A 2776 -43.75 26.10 -1.43
N SER A 2777 -43.83 25.62 -2.66
CA SER A 2777 -45.08 25.07 -3.19
C SER A 2777 -45.61 24.01 -2.26
N LEU A 2778 -44.72 23.14 -1.82
CA LEU A 2778 -45.12 22.04 -0.98
C LEU A 2778 -45.59 22.51 0.37
N TYR A 2779 -44.81 23.33 1.05
CA TYR A 2779 -45.19 23.76 2.40
C TYR A 2779 -46.56 24.42 2.38
N GLN A 2780 -46.79 25.28 1.41
CA GLN A 2780 -48.09 25.94 1.26
C GLN A 2780 -49.19 24.94 0.91
N THR A 2781 -48.91 24.02 -0.02
CA THR A 2781 -49.87 22.95 -0.39
C THR A 2781 -50.25 22.05 0.78
N LEU A 2782 -49.30 21.84 1.68
CA LEU A 2782 -49.46 20.91 2.78
C LEU A 2782 -50.62 21.28 3.71
N CYS A 2783 -50.82 22.56 3.94
CA CYS A 2783 -51.90 23.04 4.81
C CYS A 2783 -51.71 22.55 6.24
N PHE A 2784 -50.46 22.57 6.69
CA PHE A 2784 -50.10 22.26 8.07
C PHE A 2784 -50.79 23.22 9.02
N GLU A 2785 -50.96 24.46 8.54
CA GLU A 2785 -51.58 25.54 9.32
C GLU A 2785 -52.98 25.19 9.85
N ASP A 2786 -53.76 24.48 9.03
CA ASP A 2786 -55.11 24.07 9.44
C ASP A 2786 -55.03 23.25 10.71
N ALA A 2787 -54.06 22.34 10.72
CA ALA A 2787 -53.63 21.70 11.95
C ALA A 2787 -54.75 20.90 12.58
N ALA A 2788 -55.68 20.43 11.77
CA ALA A 2788 -56.75 19.64 12.30
C ALA A 2788 -56.51 18.21 11.92
N LEU A 2789 -56.25 17.95 10.64
CA LEU A 2789 -55.94 16.58 10.23
C LEU A 2789 -54.61 16.14 10.78
N TRP A 2790 -53.75 17.13 10.97
CA TRP A 2790 -52.46 16.89 11.59
C TRP A 2790 -52.60 16.47 13.07
N ARG A 2791 -53.52 17.10 13.79
CA ARG A 2791 -53.73 16.76 15.21
C ARG A 2791 -53.84 15.25 15.46
N THR A 2792 -54.48 14.50 14.58
CA THR A 2792 -54.66 13.07 14.76
C THR A 2792 -53.41 12.34 14.38
N TYR A 2793 -53.01 12.60 13.14
CA TYR A 2793 -51.86 11.95 12.51
C TYR A 2793 -50.64 12.04 13.41
N TYR A 2794 -50.40 13.24 13.92
CA TYR A 2794 -49.31 13.53 14.80
C TYR A 2794 -49.32 12.58 15.97
N ASN A 2795 -50.47 12.46 16.63
CA ASN A 2795 -50.51 11.70 17.89
C ASN A 2795 -50.47 10.20 17.74
N ASN A 2796 -50.69 9.68 16.55
CA ASN A 2796 -50.52 8.25 16.31
C ASN A 2796 -49.09 7.89 16.34
N SER A 2797 -48.70 6.97 17.22
CA SER A 2797 -47.46 6.26 17.00
C SER A 2797 -47.82 5.31 15.87
N MET A 2798 -46.84 4.98 15.05
CA MET A 2798 -47.07 4.27 13.78
C MET A 2798 -47.95 5.12 12.89
N CYS A 2799 -47.60 6.40 12.81
CA CYS A 2799 -48.41 7.40 12.13
C CYS A 2799 -48.33 7.31 10.61
N GLU A 2800 -47.18 6.92 10.10
CA GLU A 2800 -46.98 6.83 8.65
C GLU A 2800 -48.12 6.11 7.93
N GLN A 2801 -48.63 5.03 8.53
CA GLN A 2801 -49.66 4.20 7.90
C GLN A 2801 -50.94 5.01 7.76
N GLU A 2802 -51.17 5.87 8.74
CA GLU A 2802 -52.38 6.64 8.86
C GLU A 2802 -52.12 8.08 8.43
N PHE A 2803 -51.73 8.25 7.17
CA PHE A 2803 -51.60 9.56 6.56
C PHE A 2803 -53.00 10.12 6.27
N PRO A 2804 -53.23 11.43 6.52
CA PRO A 2804 -54.57 12.03 6.31
C PRO A 2804 -55.19 11.73 4.94
N SER A 2805 -56.43 11.26 4.93
CA SER A 2805 -57.04 10.70 3.70
C SER A 2805 -57.44 11.74 2.64
N ILE A 2806 -57.66 12.99 3.05
CA ILE A 2806 -57.89 14.06 2.09
C ILE A 2806 -56.67 14.19 1.23
N LEU A 2807 -55.53 14.36 1.88
CA LEU A 2807 -54.32 14.65 1.16
C LEU A 2807 -53.78 13.46 0.40
N ALA A 2808 -54.15 12.25 0.82
CA ALA A 2808 -53.64 11.00 0.23
C ALA A 2808 -53.62 11.03 -1.31
N LYS A 2809 -54.71 11.49 -1.90
CA LYS A 2809 -54.83 11.59 -3.36
C LYS A 2809 -53.84 12.63 -3.89
N LYS A 2810 -53.84 13.76 -3.22
CA LYS A 2810 -53.13 14.95 -3.66
C LYS A 2810 -51.61 14.90 -3.51
N VAL A 2811 -51.12 14.19 -2.52
CA VAL A 2811 -49.69 14.20 -2.21
C VAL A 2811 -48.96 13.05 -2.90
N SER A 2812 -47.70 13.31 -3.30
CA SER A 2812 -46.85 12.27 -3.88
C SER A 2812 -46.46 11.30 -2.79
N LEU A 2813 -46.28 10.06 -3.23
CA LEU A 2813 -46.16 8.89 -2.37
C LEU A 2813 -44.90 9.03 -1.50
N PHE A 2814 -43.88 9.59 -2.14
CA PHE A 2814 -42.61 9.92 -1.50
C PHE A 2814 -42.68 11.17 -0.65
N GLN A 2815 -43.43 12.17 -1.11
CA GLN A 2815 -43.54 13.39 -0.32
C GLN A 2815 -43.96 13.07 1.12
N GLN A 2816 -44.74 12.00 1.24
CA GLN A 2816 -45.24 11.54 2.53
C GLN A 2816 -44.12 11.31 3.53
N ILE A 2817 -42.94 10.96 3.02
CA ILE A 2817 -41.76 10.84 3.86
C ILE A 2817 -41.13 12.18 4.18
N LEU A 2818 -41.06 13.01 3.15
CA LEU A 2818 -40.62 14.38 3.33
C LEU A 2818 -41.39 14.99 4.48
N VAL A 2819 -42.66 14.59 4.61
CA VAL A 2819 -43.49 14.95 5.80
C VAL A 2819 -42.84 14.47 7.12
N VAL A 2820 -42.68 13.16 7.18
CA VAL A 2820 -42.28 12.52 8.41
C VAL A 2820 -40.98 13.08 8.86
N GLN A 2821 -40.03 13.26 7.94
CA GLN A 2821 -38.73 13.75 8.33
C GLN A 2821 -38.84 15.01 9.19
N VAL A 2822 -39.57 16.01 8.66
CA VAL A 2822 -39.65 17.32 9.33
C VAL A 2822 -40.54 17.23 10.54
N LEU A 2823 -41.66 16.55 10.39
CA LEU A 2823 -42.55 16.35 11.55
C LEU A 2823 -41.90 15.47 12.62
N ARG A 2824 -41.72 14.21 12.28
CA ARG A 2824 -41.41 13.18 13.25
C ARG A 2824 -40.22 12.33 12.86
N PRO A 2825 -39.05 12.58 13.46
CA PRO A 2825 -38.01 11.59 13.26
C PRO A 2825 -38.36 10.25 13.93
N ASP A 2826 -39.36 10.25 14.80
CA ASP A 2826 -39.81 9.03 15.46
C ASP A 2826 -40.00 7.91 14.49
N ARG A 2827 -40.55 8.26 13.35
CA ARG A 2827 -41.10 7.28 12.46
C ARG A 2827 -40.23 7.10 11.19
N LEU A 2828 -39.29 7.99 10.96
CA LEU A 2828 -38.53 7.92 9.72
C LEU A 2828 -38.12 6.50 9.39
N GLN A 2829 -37.36 5.89 10.30
CA GLN A 2829 -36.73 4.61 10.02
C GLN A 2829 -37.75 3.68 9.42
N SER A 2830 -38.88 3.50 10.09
CA SER A 2830 -39.91 2.62 9.55
C SER A 2830 -40.51 3.17 8.26
N ALA A 2831 -40.58 4.49 8.18
CA ALA A 2831 -41.14 5.15 7.02
C ALA A 2831 -40.40 4.78 5.74
N MET A 2832 -39.07 4.98 5.81
CA MET A 2832 -38.23 4.69 4.66
C MET A 2832 -38.59 3.29 4.27
N ALA A 2833 -38.60 2.40 5.26
CA ALA A 2833 -38.73 0.98 5.01
C ALA A 2833 -40.02 0.73 4.27
N LEU A 2834 -41.13 1.11 4.88
CA LEU A 2834 -42.43 0.80 4.27
C LEU A 2834 -42.50 1.41 2.86
N PHE A 2835 -41.97 2.62 2.72
CA PHE A 2835 -41.83 3.21 1.38
C PHE A 2835 -41.07 2.34 0.37
N ALA A 2836 -39.88 1.90 0.75
CA ALA A 2836 -39.05 1.10 -0.13
C ALA A 2836 -39.70 -0.24 -0.36
N CYS A 2837 -40.18 -0.84 0.71
CA CYS A 2837 -40.88 -2.08 0.64
C CYS A 2837 -41.98 -2.01 -0.40
N LYS A 2838 -42.77 -0.94 -0.36
CA LYS A 2838 -43.90 -0.79 -1.29
C LYS A 2838 -43.45 -0.61 -2.71
N THR A 2839 -42.50 0.29 -2.90
CA THR A 2839 -41.97 0.55 -4.25
C THR A 2839 -41.24 -0.66 -4.87
N LEU A 2840 -40.62 -1.49 -4.03
CA LEU A 2840 -39.98 -2.69 -4.55
C LEU A 2840 -40.96 -3.84 -4.68
N GLY A 2841 -41.99 -3.82 -3.85
CA GLY A 2841 -42.94 -4.92 -3.74
C GLY A 2841 -42.62 -5.89 -2.62
N LEU A 2842 -41.57 -5.60 -1.86
CA LEU A 2842 -41.11 -6.57 -0.86
C LEU A 2842 -41.58 -6.08 0.47
N LYS A 2843 -42.32 -6.91 1.20
CA LYS A 2843 -42.91 -6.49 2.48
C LYS A 2843 -41.85 -6.07 3.50
N GLU A 2844 -40.69 -6.73 3.43
CA GLU A 2844 -39.58 -6.53 4.36
C GLU A 2844 -38.33 -6.13 3.59
N VAL A 2845 -37.59 -5.16 4.11
CA VAL A 2845 -36.36 -4.72 3.47
C VAL A 2845 -35.23 -5.75 3.65
N SER A 2846 -35.23 -6.50 4.74
CA SER A 2846 -34.23 -7.56 4.92
C SER A 2846 -34.46 -8.71 3.96
N PRO A 2847 -33.39 -9.34 3.52
CA PRO A 2847 -33.49 -10.47 2.63
C PRO A 2847 -33.83 -11.73 3.40
N LEU A 2848 -33.66 -12.87 2.76
CA LEU A 2848 -33.76 -14.14 3.43
C LEU A 2848 -32.64 -14.38 4.41
N PRO A 2849 -32.91 -15.25 5.38
CA PRO A 2849 -31.83 -15.72 6.20
C PRO A 2849 -30.79 -16.49 5.39
N LEU A 2850 -29.80 -16.93 6.11
CA LEU A 2850 -28.53 -17.19 5.54
C LEU A 2850 -28.31 -18.63 5.16
N ASN A 2851 -29.12 -19.57 5.66
CA ASN A 2851 -28.67 -20.97 5.72
C ASN A 2851 -27.93 -21.43 4.49
N LEU A 2852 -26.75 -22.00 4.75
CA LEU A 2852 -25.67 -22.19 3.78
C LEU A 2852 -26.03 -23.11 2.70
N LYS A 2853 -26.67 -24.16 3.15
CA LYS A 2853 -26.77 -25.34 2.38
C LYS A 2853 -27.74 -25.01 1.27
N ARG A 2854 -28.71 -24.14 1.55
CA ARG A 2854 -29.61 -23.62 0.53
C ARG A 2854 -28.83 -22.76 -0.47
N LEU A 2855 -27.81 -22.11 0.05
CA LEU A 2855 -26.96 -21.20 -0.70
C LEU A 2855 -25.87 -21.89 -1.54
N TYR A 2856 -25.53 -23.11 -1.19
CA TYR A 2856 -24.52 -23.86 -1.92
C TYR A 2856 -24.95 -24.19 -3.34
N LYS A 2857 -26.22 -24.52 -3.49
CA LYS A 2857 -26.79 -24.83 -4.78
C LYS A 2857 -26.25 -23.91 -5.86
N GLU A 2858 -26.31 -22.61 -5.57
CA GLU A 2858 -26.01 -21.60 -6.55
C GLU A 2858 -24.55 -21.60 -6.95
N THR A 2859 -23.71 -22.00 -6.01
CA THR A 2859 -22.26 -21.92 -6.16
C THR A 2859 -21.78 -22.77 -7.29
N LEU A 2860 -20.54 -22.52 -7.70
CA LEU A 2860 -19.83 -23.35 -8.67
C LEU A 2860 -18.29 -23.20 -8.58
N GLU A 2861 -17.59 -24.15 -9.19
CA GLU A 2861 -16.11 -24.27 -9.06
C GLU A 2861 -15.36 -23.13 -9.70
N ILE A 2862 -16.09 -22.39 -10.52
CA ILE A 2862 -15.54 -21.28 -11.28
C ILE A 2862 -15.28 -20.06 -10.39
N GLU A 2863 -16.12 -19.81 -9.39
CA GLU A 2863 -15.94 -18.64 -8.50
C GLU A 2863 -15.91 -18.97 -7.00
N PRO A 2864 -15.20 -18.15 -6.23
CA PRO A 2864 -14.94 -18.39 -4.84
C PRO A 2864 -15.91 -17.68 -3.90
N ILE A 2865 -16.09 -18.32 -2.76
CA ILE A 2865 -17.12 -17.98 -1.82
C ILE A 2865 -16.54 -17.25 -0.65
N LEU A 2866 -16.94 -16.00 -0.53
CA LEU A 2866 -16.32 -15.11 0.40
C LEU A 2866 -17.26 -14.63 1.50
N ILE A 2867 -16.87 -14.81 2.76
CA ILE A 2867 -17.75 -14.54 3.90
C ILE A 2867 -17.18 -13.56 4.91
N ILE A 2868 -17.95 -12.54 5.24
CA ILE A 2868 -17.43 -11.48 6.07
C ILE A 2868 -17.71 -11.71 7.55
N ILE A 2869 -16.67 -11.89 8.36
CA ILE A 2869 -16.92 -11.99 9.80
C ILE A 2869 -17.15 -10.64 10.47
N SER A 2870 -18.03 -10.71 11.46
CA SER A 2870 -18.25 -9.67 12.44
C SER A 2870 -17.97 -10.26 13.81
N PRO A 2871 -17.88 -9.40 14.83
CA PRO A 2871 -17.59 -9.96 16.14
C PRO A 2871 -18.68 -10.96 16.51
N GLY A 2872 -18.24 -12.14 16.95
CA GLY A 2872 -19.14 -13.24 17.32
C GLY A 2872 -19.51 -14.16 16.16
N ALA A 2873 -18.96 -13.86 14.98
CA ALA A 2873 -19.27 -14.66 13.80
C ALA A 2873 -18.24 -15.75 13.58
N ASP A 2874 -18.70 -17.00 13.56
CA ASP A 2874 -17.86 -18.12 13.15
C ASP A 2874 -18.59 -19.08 12.22
N PRO A 2875 -18.20 -19.08 10.94
CA PRO A 2875 -18.81 -19.92 9.93
C PRO A 2875 -18.16 -21.29 9.83
N SER A 2876 -17.04 -21.47 10.54
CA SER A 2876 -16.25 -22.69 10.41
C SER A 2876 -17.07 -23.86 10.85
N GLN A 2877 -17.95 -23.62 11.81
CA GLN A 2877 -18.81 -24.66 12.32
C GLN A 2877 -19.92 -25.01 11.35
N GLU A 2878 -20.59 -24.00 10.80
CA GLU A 2878 -21.58 -24.23 9.74
C GLU A 2878 -20.95 -25.00 8.59
N LEU A 2879 -19.76 -24.59 8.22
CA LEU A 2879 -19.07 -25.24 7.12
C LEU A 2879 -18.66 -26.63 7.47
N GLN A 2880 -18.24 -26.82 8.71
CA GLN A 2880 -17.89 -28.13 9.17
C GLN A 2880 -19.05 -29.02 8.84
N GLU A 2881 -20.22 -28.55 9.24
CA GLU A 2881 -21.45 -29.30 9.08
C GLU A 2881 -21.79 -29.48 7.60
N LEU A 2882 -21.66 -28.44 6.79
CA LEU A 2882 -22.00 -28.57 5.38
C LEU A 2882 -21.06 -29.51 4.64
N ALA A 2883 -19.80 -29.46 5.02
CA ALA A 2883 -18.80 -30.34 4.46
C ALA A 2883 -19.26 -31.75 4.63
N ASN A 2884 -19.71 -32.05 5.85
CA ASN A 2884 -20.17 -33.37 6.24
C ASN A 2884 -21.45 -33.72 5.50
N ALA A 2885 -22.30 -32.72 5.40
CA ALA A 2885 -23.66 -32.93 4.90
C ALA A 2885 -23.69 -33.13 3.39
N GLU A 2886 -23.05 -32.23 2.64
CA GLU A 2886 -23.09 -32.31 1.18
C GLU A 2886 -21.94 -33.11 0.61
N ARG A 2887 -20.99 -33.45 1.45
CA ARG A 2887 -19.90 -34.28 1.01
C ARG A 2887 -19.52 -35.23 2.13
N SER A 2888 -18.54 -36.07 1.87
CA SER A 2888 -17.94 -36.82 2.95
C SER A 2888 -16.50 -37.02 2.53
N GLY A 2889 -15.81 -37.92 3.21
CA GLY A 2889 -14.55 -38.47 2.71
C GLY A 2889 -13.34 -37.68 3.13
N GLU A 2890 -13.58 -36.65 3.93
CA GLU A 2890 -12.52 -35.77 4.40
C GLU A 2890 -11.84 -35.06 3.21
N CYS A 2891 -12.59 -34.84 2.13
CA CYS A 2891 -12.07 -34.12 0.95
C CYS A 2891 -11.77 -32.70 1.38
N TYR A 2892 -12.66 -32.14 2.21
CA TYR A 2892 -12.53 -30.78 2.77
C TYR A 2892 -11.26 -30.63 3.60
N HIS A 2893 -10.48 -29.61 3.26
CA HIS A 2893 -9.26 -29.32 3.99
C HIS A 2893 -9.18 -27.81 4.18
N GLN A 2894 -8.50 -27.36 5.23
CA GLN A 2894 -8.58 -25.94 5.61
C GLN A 2894 -7.28 -25.35 6.14
N VAL A 2895 -7.15 -24.04 5.99
CA VAL A 2895 -5.98 -23.31 6.44
C VAL A 2895 -6.31 -21.92 6.99
N ALA A 2896 -5.76 -21.67 8.18
CA ALA A 2896 -5.86 -20.39 8.84
C ALA A 2896 -4.61 -19.62 8.55
N MET A 2897 -4.81 -18.40 8.09
CA MET A 2897 -3.70 -17.55 7.67
C MET A 2897 -2.90 -17.10 8.87
N GLY A 2898 -1.62 -16.86 8.62
CA GLY A 2898 -0.69 -16.57 9.66
C GLY A 2898 0.68 -16.54 9.05
N GLN A 2899 1.66 -16.57 9.91
CA GLN A 2899 3.04 -16.60 9.49
C GLN A 2899 3.35 -17.86 8.69
N GLY A 2900 3.88 -17.64 7.50
CA GLY A 2900 4.50 -18.70 6.68
C GLY A 2900 3.56 -19.58 5.88
N GLN A 2901 2.27 -19.46 6.14
CA GLN A 2901 1.26 -20.35 5.55
C GLN A 2901 1.11 -20.14 4.07
N ALA A 2902 1.37 -18.92 3.62
CA ALA A 2902 1.02 -18.50 2.28
C ALA A 2902 1.61 -19.38 1.19
N ASP A 2903 2.87 -19.74 1.33
CA ASP A 2903 3.50 -20.59 0.32
C ASP A 2903 2.80 -21.95 0.26
N LEU A 2904 2.48 -22.51 1.43
CA LEU A 2904 1.83 -23.82 1.50
C LEU A 2904 0.40 -23.77 0.96
N ALA A 2905 -0.29 -22.68 1.28
CA ALA A 2905 -1.66 -22.48 0.78
C ALA A 2905 -1.78 -22.63 -0.72
N ILE A 2906 -0.79 -22.13 -1.40
CA ILE A 2906 -0.78 -22.26 -2.84
C ILE A 2906 -0.86 -23.73 -3.20
N GLN A 2907 -0.03 -24.54 -2.54
CA GLN A 2907 0.06 -25.96 -2.85
C GLN A 2907 -1.24 -26.62 -2.52
N MET A 2908 -1.77 -26.26 -1.36
CA MET A 2908 -3.05 -26.82 -0.93
C MET A 2908 -4.14 -26.55 -1.96
N LEU A 2909 -4.16 -25.29 -2.38
CA LEU A 2909 -5.09 -24.84 -3.38
C LEU A 2909 -4.93 -25.61 -4.67
N LYS A 2910 -3.70 -25.64 -5.14
CA LYS A 2910 -3.34 -26.31 -6.38
C LYS A 2910 -3.81 -27.76 -6.33
N GLU A 2911 -3.45 -28.43 -5.23
CA GLU A 2911 -3.75 -29.83 -5.05
C GLU A 2911 -5.23 -30.09 -5.00
N CYS A 2912 -5.92 -29.39 -4.09
CA CYS A 2912 -7.36 -29.64 -3.93
C CYS A 2912 -8.17 -29.23 -5.19
N ALA A 2913 -7.71 -28.19 -5.88
CA ALA A 2913 -8.32 -27.77 -7.15
C ALA A 2913 -8.24 -28.89 -8.16
N ARG A 2914 -7.04 -29.43 -8.26
CA ARG A 2914 -6.77 -30.54 -9.15
C ARG A 2914 -7.63 -31.75 -8.72
N ASN A 2915 -7.74 -31.98 -7.41
CA ASN A 2915 -8.47 -33.14 -6.89
C ASN A 2915 -9.97 -33.10 -7.04
N GLY A 2916 -10.52 -31.91 -6.87
CA GLY A 2916 -11.97 -31.73 -6.86
C GLY A 2916 -12.54 -31.71 -5.45
N ASP A 2917 -11.66 -31.48 -4.48
CA ASP A 2917 -12.03 -31.47 -3.05
C ASP A 2917 -12.29 -30.02 -2.60
N TRP A 2918 -12.90 -29.85 -1.42
CA TRP A 2918 -13.21 -28.50 -0.88
C TRP A 2918 -12.09 -27.95 -0.02
N LEU A 2919 -11.69 -26.70 -0.28
CA LEU A 2919 -10.64 -26.03 0.51
C LEU A 2919 -11.10 -24.69 1.05
N CYS A 2920 -10.73 -24.46 2.30
CA CYS A 2920 -11.14 -23.28 3.02
C CYS A 2920 -9.96 -22.50 3.62
N LEU A 2921 -10.04 -21.17 3.53
CA LEU A 2921 -8.97 -20.29 3.93
C LEU A 2921 -9.50 -19.21 4.85
N LYS A 2922 -8.80 -19.01 5.95
CA LYS A 2922 -9.30 -18.15 7.03
C LYS A 2922 -8.50 -16.89 7.26
N ASN A 2923 -9.22 -15.87 7.69
CA ASN A 2923 -8.63 -14.68 8.22
C ASN A 2923 -7.72 -13.99 7.26
N LEU A 2924 -8.21 -13.85 6.04
CA LEU A 2924 -7.46 -13.21 4.97
C LEU A 2924 -7.13 -11.76 5.22
N HIS A 2925 -8.01 -11.10 5.96
CA HIS A 2925 -7.81 -9.71 6.36
C HIS A 2925 -6.45 -9.43 7.02
N LEU A 2926 -5.90 -10.42 7.70
CA LEU A 2926 -4.58 -10.29 8.34
C LEU A 2926 -3.46 -10.09 7.32
N VAL A 2927 -3.53 -10.89 6.27
CA VAL A 2927 -2.49 -10.95 5.25
C VAL A 2927 -3.00 -10.31 3.97
N VAL A 2928 -3.00 -8.98 3.96
CA VAL A 2928 -3.57 -8.20 2.86
C VAL A 2928 -2.59 -8.07 1.69
N SER A 2929 -1.31 -7.97 2.02
CA SER A 2929 -0.25 -7.87 1.02
C SER A 2929 -0.21 -9.08 0.10
N TRP A 2930 -0.56 -10.25 0.63
CA TRP A 2930 -0.58 -11.49 -0.14
C TRP A 2930 -1.39 -11.34 -1.41
N LEU A 2931 -2.57 -10.80 -1.24
CA LEU A 2931 -3.66 -11.11 -2.10
C LEU A 2931 -3.36 -11.11 -3.59
N PRO A 2932 -2.60 -10.13 -4.08
CA PRO A 2932 -2.26 -10.14 -5.52
C PRO A 2932 -1.71 -11.46 -6.01
N VAL A 2933 -0.78 -12.01 -5.26
CA VAL A 2933 -0.18 -13.29 -5.57
C VAL A 2933 -1.26 -14.35 -5.64
N LEU A 2934 -2.21 -14.26 -4.74
CA LEU A 2934 -3.27 -15.21 -4.70
C LEU A 2934 -4.17 -15.08 -5.92
N GLU A 2935 -4.73 -13.90 -6.10
CA GLU A 2935 -5.65 -13.66 -7.19
C GLU A 2935 -5.02 -13.90 -8.54
N LYS A 2936 -3.75 -13.58 -8.64
CA LYS A 2936 -2.97 -13.90 -9.83
C LYS A 2936 -3.13 -15.39 -10.10
N GLU A 2937 -2.89 -16.20 -9.07
CA GLU A 2937 -2.88 -17.65 -9.21
C GLU A 2937 -4.28 -18.16 -9.43
N LEU A 2938 -5.25 -17.40 -8.94
CA LEU A 2938 -6.61 -17.82 -9.09
C LEU A 2938 -7.07 -17.72 -10.52
N ASN A 2939 -6.67 -16.65 -11.21
CA ASN A 2939 -7.01 -16.55 -12.63
C ASN A 2939 -6.34 -17.69 -13.40
N THR A 2940 -5.19 -18.13 -12.90
CA THR A 2940 -4.46 -19.29 -13.45
C THR A 2940 -5.17 -20.61 -13.23
N LEU A 2941 -5.59 -20.88 -12.00
CA LEU A 2941 -5.84 -22.26 -11.62
C LEU A 2941 -7.07 -22.94 -12.20
N GLN A 2942 -6.88 -24.23 -12.44
CA GLN A 2942 -7.81 -25.08 -13.16
C GLN A 2942 -8.69 -25.85 -12.19
N PRO A 2943 -10.02 -25.62 -12.27
CA PRO A 2943 -10.94 -26.27 -11.35
C PRO A 2943 -11.26 -27.67 -11.78
N LYS A 2944 -11.74 -28.45 -10.84
CA LYS A 2944 -12.44 -29.66 -11.16
C LYS A 2944 -13.86 -29.45 -10.65
N ASP A 2945 -14.85 -29.85 -11.43
CA ASP A 2945 -16.21 -29.90 -10.93
C ASP A 2945 -16.21 -30.47 -9.51
N THR A 2946 -17.08 -29.94 -8.65
CA THR A 2946 -17.11 -30.32 -7.22
C THR A 2946 -15.98 -29.70 -6.38
N PHE A 2947 -15.15 -28.86 -6.99
CA PHE A 2947 -14.16 -28.12 -6.23
C PHE A 2947 -14.64 -26.72 -5.89
N ARG A 2948 -14.49 -26.32 -4.63
CA ARG A 2948 -14.95 -25.01 -4.17
C ARG A 2948 -13.91 -24.31 -3.28
N LEU A 2949 -14.03 -22.98 -3.21
CA LEU A 2949 -13.12 -22.17 -2.41
C LEU A 2949 -13.87 -21.33 -1.41
N TRP A 2950 -13.46 -21.44 -0.16
CA TRP A 2950 -14.18 -20.83 0.91
C TRP A 2950 -13.27 -19.87 1.63
N LEU A 2951 -13.76 -18.66 1.90
CA LEU A 2951 -12.89 -17.58 2.38
C LEU A 2951 -13.37 -16.68 3.52
N THR A 2952 -12.51 -16.56 4.54
CA THR A 2952 -12.87 -15.77 5.70
C THR A 2952 -12.14 -14.48 5.77
N ALA A 2953 -12.90 -13.43 6.01
CA ALA A 2953 -12.37 -12.07 6.09
C ALA A 2953 -13.11 -11.13 7.06
N GLU A 2954 -12.39 -10.64 8.06
CA GLU A 2954 -12.84 -9.50 8.83
C GLU A 2954 -12.95 -8.36 7.83
N VAL A 2955 -13.49 -7.25 8.26
CA VAL A 2955 -13.56 -6.10 7.41
C VAL A 2955 -12.17 -5.50 7.35
N HIS A 2956 -11.59 -5.46 6.17
CA HIS A 2956 -10.34 -4.75 5.99
C HIS A 2956 -10.37 -3.92 4.73
N PRO A 2957 -10.06 -2.62 4.82
CA PRO A 2957 -10.02 -1.90 3.58
C PRO A 2957 -8.73 -2.23 2.90
N ASN A 2958 -8.48 -1.64 1.74
CA ASN A 2958 -7.30 -1.97 0.95
C ASN A 2958 -7.31 -3.42 0.49
N PHE A 2959 -8.40 -4.10 0.77
CA PHE A 2959 -8.58 -5.47 0.40
C PHE A 2959 -8.86 -5.40 -1.08
N THR A 2960 -8.20 -6.26 -1.87
CA THR A 2960 -8.09 -6.04 -3.33
C THR A 2960 -9.39 -6.21 -4.06
N PRO A 2961 -9.72 -5.24 -4.92
CA PRO A 2961 -10.97 -5.31 -5.62
C PRO A 2961 -11.02 -6.46 -6.61
N ILE A 2962 -9.88 -6.89 -7.13
CA ILE A 2962 -9.91 -7.85 -8.23
C ILE A 2962 -10.54 -9.14 -7.78
N LEU A 2963 -10.07 -9.64 -6.65
CA LEU A 2963 -10.56 -10.91 -6.15
C LEU A 2963 -11.98 -10.74 -5.70
N LEU A 2964 -12.30 -9.52 -5.23
CA LEU A 2964 -13.64 -9.23 -4.74
C LEU A 2964 -14.65 -9.30 -5.85
N GLN A 2965 -14.28 -8.72 -6.98
CA GLN A 2965 -15.10 -8.75 -8.16
C GLN A 2965 -15.65 -10.16 -8.28
N SER A 2966 -14.78 -11.10 -8.59
CA SER A 2966 -15.20 -12.48 -8.73
C SER A 2966 -15.27 -13.13 -7.38
N SER A 2967 -16.42 -12.99 -6.75
CA SER A 2967 -16.68 -13.71 -5.54
C SER A 2967 -18.15 -13.76 -5.25
N LEU A 2968 -18.53 -14.77 -4.51
CA LEU A 2968 -19.89 -14.89 -4.07
C LEU A 2968 -19.81 -14.30 -2.68
N LYS A 2969 -19.93 -12.99 -2.62
CA LYS A 2969 -19.77 -12.25 -1.36
C LYS A 2969 -20.99 -12.41 -0.43
N ILE A 2970 -20.72 -12.69 0.85
CA ILE A 2970 -21.77 -12.90 1.85
C ILE A 2970 -21.40 -12.37 3.22
N THR A 2971 -22.46 -12.00 3.92
CA THR A 2971 -22.41 -11.46 5.25
C THR A 2971 -22.63 -12.57 6.29
N TYR A 2972 -22.00 -12.45 7.45
CA TYR A 2972 -22.30 -13.40 8.52
C TYR A 2972 -22.68 -12.60 9.76
N GLU A 2973 -23.98 -12.59 10.05
CA GLU A 2973 -24.54 -11.71 11.10
C GLU A 2973 -25.68 -12.32 11.90
N SER A 2974 -26.09 -11.59 12.92
CA SER A 2974 -27.34 -11.90 13.57
C SER A 2974 -28.43 -11.57 12.57
N PRO A 2975 -29.45 -12.41 12.49
CA PRO A 2975 -30.58 -11.98 11.70
C PRO A 2975 -31.26 -10.77 12.35
N PRO A 2976 -31.63 -9.76 11.54
CA PRO A 2976 -32.23 -8.50 12.05
C PRO A 2976 -33.57 -8.60 12.82
N GLY A 2977 -34.54 -9.28 12.25
CA GLY A 2977 -35.84 -9.47 12.89
C GLY A 2977 -35.79 -10.54 13.99
N LEU A 2978 -36.77 -10.50 14.88
CA LEU A 2978 -36.84 -11.50 15.94
C LEU A 2978 -37.20 -12.80 15.30
N LYS A 2979 -38.26 -12.73 14.52
CA LYS A 2979 -38.70 -13.84 13.73
C LYS A 2979 -37.49 -14.37 12.96
N LYS A 2980 -36.73 -13.45 12.37
CA LYS A 2980 -35.65 -13.79 11.47
C LYS A 2980 -34.58 -14.54 12.25
N ASN A 2981 -34.28 -14.05 13.45
CA ASN A 2981 -33.37 -14.73 14.35
C ASN A 2981 -33.89 -16.14 14.63
N LEU A 2982 -35.17 -16.19 14.93
CA LEU A 2982 -35.84 -17.44 15.19
C LEU A 2982 -35.96 -18.27 13.90
N MET A 2983 -36.16 -17.59 12.78
CA MET A 2983 -36.24 -18.28 11.52
C MET A 2983 -34.96 -19.03 11.32
N ARG A 2984 -33.85 -18.32 11.40
CA ARG A 2984 -32.55 -18.94 11.23
C ARG A 2984 -32.35 -20.02 12.26
N THR A 2985 -32.72 -19.71 13.50
CA THR A 2985 -32.54 -20.67 14.55
C THR A 2985 -33.21 -21.99 14.19
N TYR A 2986 -34.46 -21.91 13.76
CA TYR A 2986 -35.27 -23.08 13.49
C TYR A 2986 -35.08 -23.64 12.09
N GLU A 2987 -34.80 -22.77 11.14
CA GLU A 2987 -34.44 -23.19 9.82
C GLU A 2987 -33.18 -24.02 9.95
N SER A 2988 -32.26 -23.58 10.80
CA SER A 2988 -31.00 -24.28 10.92
C SER A 2988 -31.13 -25.49 11.85
N TRP A 2989 -32.00 -25.37 12.84
CA TRP A 2989 -32.32 -26.46 13.74
C TRP A 2989 -32.78 -27.71 12.97
N THR A 2990 -32.46 -28.89 13.46
CA THR A 2990 -32.92 -30.12 12.79
C THR A 2990 -34.34 -30.49 13.20
N PRO A 2991 -35.06 -31.25 12.35
CA PRO A 2991 -36.43 -31.67 12.69
C PRO A 2991 -36.51 -32.70 13.81
N GLU A 2992 -35.74 -33.76 13.69
CA GLU A 2992 -35.85 -34.90 14.59
C GLU A 2992 -35.47 -34.56 16.02
N GLN A 2993 -34.60 -33.57 16.21
CA GLN A 2993 -34.27 -33.11 17.55
C GLN A 2993 -35.47 -32.43 18.20
N ILE A 2994 -36.32 -31.85 17.37
CA ILE A 2994 -37.52 -31.21 17.85
C ILE A 2994 -38.59 -32.27 18.12
N SER A 2995 -38.55 -33.34 17.33
CA SER A 2995 -39.55 -34.40 17.38
C SER A 2995 -38.99 -35.71 17.97
N LYS A 2996 -39.43 -36.03 19.19
CA LYS A 2996 -39.02 -37.28 19.87
C LYS A 2996 -40.24 -38.01 20.47
N LYS A 2997 -39.99 -39.20 21.04
CA LYS A 2997 -41.05 -40.05 21.59
C LYS A 2997 -41.82 -39.28 22.66
N ASP A 2998 -41.05 -38.76 23.61
CA ASP A 2998 -41.54 -37.84 24.65
C ASP A 2998 -41.56 -36.41 24.08
N ASN A 2999 -42.40 -36.24 23.07
CA ASN A 2999 -42.26 -35.18 22.05
C ASN A 2999 -42.38 -33.72 22.50
N THR A 3000 -43.32 -33.41 23.39
CA THR A 3000 -43.60 -32.00 23.70
C THR A 3000 -42.95 -31.51 24.97
N HIS A 3001 -43.04 -32.28 26.05
CA HIS A 3001 -42.63 -31.82 27.37
C HIS A 3001 -41.23 -31.22 27.34
N ARG A 3002 -40.34 -31.93 26.66
CA ARG A 3002 -38.95 -31.54 26.58
C ARG A 3002 -38.68 -30.50 25.51
N ALA A 3003 -39.24 -30.71 24.32
CA ALA A 3003 -39.03 -29.80 23.16
C ALA A 3003 -39.60 -28.41 23.43
N HIS A 3004 -40.58 -28.39 24.30
CA HIS A 3004 -41.24 -27.18 24.68
C HIS A 3004 -40.21 -26.24 25.30
N ALA A 3005 -39.31 -26.81 26.10
CA ALA A 3005 -38.21 -26.05 26.70
C ALA A 3005 -37.14 -25.58 25.70
N LEU A 3006 -36.99 -26.31 24.59
CA LEU A 3006 -36.02 -25.94 23.57
C LEU A 3006 -36.40 -24.73 22.79
N PHE A 3007 -37.68 -24.52 22.57
CA PHE A 3007 -38.05 -23.33 21.89
C PHE A 3007 -37.81 -22.14 22.78
N SER A 3008 -38.12 -22.29 24.07
CA SER A 3008 -37.91 -21.19 25.02
C SER A 3008 -36.44 -20.76 25.02
N LEU A 3009 -35.54 -21.72 24.90
CA LEU A 3009 -34.14 -21.40 24.65
C LEU A 3009 -33.96 -20.52 23.40
N ALA A 3010 -34.55 -20.93 22.28
CA ALA A 3010 -34.34 -20.23 21.01
C ALA A 3010 -34.87 -18.83 21.08
N TRP A 3011 -35.98 -18.70 21.78
CA TRP A 3011 -36.54 -17.40 22.03
C TRP A 3011 -35.64 -16.59 22.95
N PHE A 3012 -35.08 -17.25 23.96
CA PHE A 3012 -34.13 -16.59 24.86
C PHE A 3012 -32.97 -16.02 24.09
N HIS A 3013 -32.42 -16.86 23.25
CA HIS A 3013 -31.23 -16.53 22.56
C HIS A 3013 -31.40 -15.29 21.74
N ALA A 3014 -32.52 -15.21 21.06
CA ALA A 3014 -32.77 -14.13 20.15
C ALA A 3014 -32.71 -12.80 20.86
N ALA A 3015 -33.39 -12.75 22.00
CA ALA A 3015 -33.48 -11.51 22.75
C ALA A 3015 -32.13 -10.87 22.88
N CYS A 3016 -31.22 -11.66 23.41
CA CYS A 3016 -29.93 -11.16 23.82
C CYS A 3016 -29.21 -10.54 22.63
N GLN A 3017 -29.31 -11.19 21.49
CA GLN A 3017 -28.65 -10.68 20.30
C GLN A 3017 -29.28 -9.39 19.86
N GLU A 3018 -30.58 -9.25 20.09
CA GLU A 3018 -31.30 -8.10 19.61
C GLU A 3018 -31.32 -6.94 20.58
N ARG A 3019 -30.95 -7.18 21.82
CA ARG A 3019 -30.79 -6.05 22.73
C ARG A 3019 -29.63 -5.24 22.25
N ARG A 3020 -28.67 -5.94 21.65
CA ARG A 3020 -27.45 -5.31 21.19
C ARG A 3020 -27.74 -4.13 20.24
N ASN A 3021 -28.91 -4.10 19.65
CA ASN A 3021 -29.25 -3.00 18.79
C ASN A 3021 -29.19 -1.70 19.51
N TYR A 3022 -29.45 -1.78 20.82
CA TYR A 3022 -29.56 -0.64 21.70
C TYR A 3022 -28.47 -0.65 22.73
N ILE A 3023 -27.67 0.40 22.71
CA ILE A 3023 -26.46 0.44 23.49
C ILE A 3023 -26.10 1.91 23.62
N PRO A 3024 -25.52 2.33 24.74
CA PRO A 3024 -25.08 1.48 25.84
C PRO A 3024 -26.18 0.91 26.70
N GLN A 3025 -27.39 1.47 26.68
CA GLN A 3025 -28.32 1.15 27.77
C GLN A 3025 -28.96 -0.26 27.61
N GLY A 3026 -29.19 -0.73 26.40
CA GLY A 3026 -29.67 -2.12 26.28
C GLY A 3026 -28.68 -3.14 26.83
N TRP A 3027 -27.42 -2.92 26.47
CA TRP A 3027 -26.25 -3.70 26.89
C TRP A 3027 -25.04 -2.78 26.97
N THR A 3028 -24.22 -2.92 28.00
CA THR A 3028 -23.05 -2.07 28.15
C THR A 3028 -22.13 -2.09 26.95
N LYS A 3029 -21.90 -3.29 26.41
CA LYS A 3029 -21.06 -3.46 25.24
C LYS A 3029 -21.78 -4.38 24.27
N PHE A 3030 -21.23 -4.50 23.07
CA PHE A 3030 -21.64 -5.52 22.13
C PHE A 3030 -21.03 -6.78 22.66
N TYR A 3031 -21.87 -7.79 22.92
CA TYR A 3031 -21.38 -9.08 23.37
C TYR A 3031 -21.55 -10.07 22.26
N GLU A 3032 -20.51 -10.86 22.06
CA GLU A 3032 -20.45 -11.78 20.95
C GLU A 3032 -21.16 -13.06 21.37
N PHE A 3033 -22.47 -13.07 21.21
CA PHE A 3033 -23.25 -14.24 21.55
C PHE A 3033 -23.21 -15.14 20.35
N SER A 3034 -22.33 -16.14 20.42
CA SER A 3034 -22.11 -17.04 19.32
C SER A 3034 -23.34 -17.87 19.13
N LEU A 3035 -23.41 -18.45 17.96
CA LEU A 3035 -24.46 -19.37 17.69
C LEU A 3035 -24.07 -20.70 18.39
N SER A 3036 -22.78 -20.82 18.72
CA SER A 3036 -22.29 -21.97 19.50
C SER A 3036 -22.89 -22.00 20.88
N ASP A 3037 -23.04 -20.83 21.47
CA ASP A 3037 -23.67 -20.73 22.78
C ASP A 3037 -25.03 -21.36 22.74
N LEU A 3038 -25.76 -21.03 21.68
CA LEU A 3038 -27.04 -21.66 21.40
C LEU A 3038 -26.90 -23.17 21.17
N ARG A 3039 -26.09 -23.59 20.21
CA ARG A 3039 -25.96 -25.01 20.01
C ARG A 3039 -25.46 -25.71 21.28
N ALA A 3040 -24.60 -25.02 22.04
CA ALA A 3040 -24.07 -25.57 23.29
C ALA A 3040 -25.20 -25.76 24.28
N GLY A 3041 -26.03 -24.72 24.40
CA GLY A 3041 -27.24 -24.77 25.22
C GLY A 3041 -28.14 -25.93 24.82
N TYR A 3042 -28.35 -26.10 23.53
CA TYR A 3042 -29.07 -27.27 23.08
C TYR A 3042 -28.42 -28.59 23.47
N ASN A 3043 -27.12 -28.71 23.20
CA ASN A 3043 -26.39 -29.92 23.56
C ASN A 3043 -26.70 -30.28 25.00
N ILE A 3044 -26.58 -29.27 25.86
CA ILE A 3044 -26.98 -29.37 27.28
C ILE A 3044 -28.42 -29.88 27.42
N ILE A 3045 -29.36 -29.10 26.91
CA ILE A 3045 -30.76 -29.46 27.07
C ILE A 3045 -30.99 -30.92 26.70
N ASP A 3046 -30.54 -31.33 25.52
CA ASP A 3046 -30.69 -32.73 25.09
C ASP A 3046 -30.16 -33.70 26.12
N ARG A 3047 -28.95 -33.39 26.60
CA ARG A 3047 -28.25 -34.22 27.59
C ARG A 3047 -29.08 -34.38 28.85
N LEU A 3048 -29.44 -33.24 29.45
CA LEU A 3048 -30.23 -33.27 30.70
C LEU A 3048 -31.52 -34.04 30.45
N PHE A 3049 -32.10 -33.72 29.30
CA PHE A 3049 -33.28 -34.38 28.79
C PHE A 3049 -33.07 -35.81 28.28
N ASP A 3050 -31.84 -36.18 27.92
CA ASP A 3050 -31.63 -37.58 27.56
C ASP A 3050 -31.59 -38.44 28.84
N GLY A 3051 -31.46 -37.80 30.00
CA GLY A 3051 -31.81 -38.42 31.28
C GLY A 3051 -33.29 -38.79 31.31
N ALA A 3052 -33.61 -39.95 31.89
CA ALA A 3052 -34.97 -40.55 31.85
C ALA A 3052 -36.18 -39.60 32.10
N LYS A 3053 -36.35 -39.11 33.34
CA LYS A 3053 -37.35 -38.06 33.68
C LYS A 3053 -36.89 -37.21 34.90
N ASP A 3054 -37.75 -36.32 35.41
CA ASP A 3054 -37.46 -35.46 36.58
C ASP A 3054 -36.31 -34.51 36.32
N VAL A 3055 -36.22 -34.07 35.07
CA VAL A 3055 -35.20 -33.13 34.67
C VAL A 3055 -35.64 -31.79 35.20
N GLN A 3056 -34.68 -31.08 35.73
CA GLN A 3056 -34.95 -29.86 36.42
C GLN A 3056 -34.55 -28.68 35.56
N TRP A 3057 -35.55 -27.86 35.25
CA TRP A 3057 -35.37 -26.49 34.83
C TRP A 3057 -34.35 -25.78 35.68
N GLU A 3058 -34.42 -26.04 36.98
CA GLU A 3058 -33.77 -25.24 37.98
C GLU A 3058 -32.28 -24.92 37.78
N PHE A 3059 -31.44 -25.90 37.48
CA PHE A 3059 -29.99 -25.60 37.40
C PHE A 3059 -29.50 -25.53 35.95
N VAL A 3060 -30.43 -25.74 35.05
CA VAL A 3060 -30.24 -25.36 33.67
C VAL A 3060 -29.84 -23.92 33.58
N HIS A 3061 -30.65 -23.07 34.19
CA HIS A 3061 -30.43 -21.65 34.06
C HIS A 3061 -29.19 -21.20 34.84
N GLY A 3062 -28.98 -21.77 36.01
CA GLY A 3062 -27.73 -21.56 36.78
C GLY A 3062 -26.44 -21.99 36.06
N LEU A 3063 -26.43 -23.18 35.47
CA LEU A 3063 -25.27 -23.59 34.65
C LEU A 3063 -25.12 -22.71 33.41
N LEU A 3064 -26.22 -22.53 32.73
CA LEU A 3064 -26.23 -21.77 31.52
C LEU A 3064 -25.63 -20.39 31.76
N GLU A 3065 -26.13 -19.76 32.82
CA GLU A 3065 -25.65 -18.47 33.28
C GLU A 3065 -24.14 -18.42 33.42
N ASN A 3066 -23.57 -19.39 34.13
CA ASN A 3066 -22.12 -19.42 34.48
C ASN A 3066 -21.15 -19.91 33.39
N ALA A 3067 -21.55 -20.96 32.66
CA ALA A 3067 -20.63 -21.61 31.71
C ALA A 3067 -20.65 -20.94 30.37
N ILE A 3068 -21.85 -20.70 29.86
CA ILE A 3068 -22.02 -20.21 28.50
C ILE A 3068 -21.90 -18.69 28.42
N TYR A 3069 -22.64 -17.98 29.25
CA TYR A 3069 -22.74 -16.53 29.17
C TYR A 3069 -21.98 -15.75 30.26
N GLY A 3070 -21.51 -16.47 31.26
CA GLY A 3070 -20.80 -15.88 32.38
C GLY A 3070 -19.43 -15.43 31.95
N GLY A 3071 -18.82 -16.18 31.03
CA GLY A 3071 -17.59 -15.74 30.39
C GLY A 3071 -17.79 -14.46 29.59
N ARG A 3072 -18.96 -14.29 28.99
CA ARG A 3072 -19.18 -13.13 28.13
C ARG A 3072 -19.26 -11.84 28.91
N ILE A 3073 -19.77 -11.90 30.12
CA ILE A 3073 -20.05 -10.72 30.88
C ILE A 3073 -19.28 -10.70 32.16
N ASP A 3074 -18.60 -9.59 32.40
CA ASP A 3074 -17.89 -9.35 33.67
C ASP A 3074 -18.62 -8.34 34.54
N ASN A 3075 -19.37 -7.49 33.83
CA ASN A 3075 -20.03 -6.36 34.40
C ASN A 3075 -21.20 -6.75 35.27
N TYR A 3076 -21.21 -6.19 36.47
CA TYR A 3076 -22.26 -6.47 37.41
C TYR A 3076 -23.62 -6.23 36.79
N PHE A 3077 -23.81 -5.10 36.12
CA PHE A 3077 -25.12 -4.67 35.71
C PHE A 3077 -25.57 -5.44 34.52
N ASP A 3078 -24.63 -5.90 33.74
CA ASP A 3078 -24.99 -6.77 32.66
C ASP A 3078 -25.30 -8.17 33.16
N LEU A 3079 -24.51 -8.67 34.12
CA LEU A 3079 -24.85 -9.95 34.81
C LEU A 3079 -26.27 -9.89 35.37
N ARG A 3080 -26.55 -8.79 36.05
CA ARG A 3080 -27.84 -8.54 36.63
C ARG A 3080 -28.93 -8.78 35.58
N VAL A 3081 -28.78 -8.15 34.43
CA VAL A 3081 -29.80 -8.27 33.41
C VAL A 3081 -29.81 -9.63 32.82
N LEU A 3082 -28.65 -10.20 32.71
CA LEU A 3082 -28.60 -11.53 32.18
C LEU A 3082 -29.44 -12.45 33.05
N GLN A 3083 -29.23 -12.37 34.35
CA GLN A 3083 -29.93 -13.28 35.22
C GLN A 3083 -31.40 -13.18 34.93
N SER A 3084 -31.85 -11.93 34.77
CA SER A 3084 -33.29 -11.62 34.63
C SER A 3084 -33.92 -12.42 33.52
N TYR A 3085 -33.17 -12.64 32.45
CA TYR A 3085 -33.72 -13.34 31.32
C TYR A 3085 -33.79 -14.83 31.54
N LEU A 3086 -32.80 -15.36 32.20
CA LEU A 3086 -32.80 -16.79 32.51
C LEU A 3086 -33.85 -17.15 33.54
N LYS A 3087 -33.92 -16.32 34.57
CA LYS A 3087 -34.94 -16.51 35.59
C LYS A 3087 -36.32 -16.52 34.96
N GLN A 3088 -36.55 -15.60 34.04
CA GLN A 3088 -37.83 -15.44 33.41
C GLN A 3088 -38.24 -16.68 32.67
N PHE A 3089 -37.34 -17.25 31.88
CA PHE A 3089 -37.75 -18.34 30.99
C PHE A 3089 -37.90 -19.69 31.70
N PHE A 3090 -37.17 -19.89 32.81
CA PHE A 3090 -37.18 -21.15 33.60
C PHE A 3090 -37.52 -21.04 35.12
N ASN A 3091 -37.92 -19.85 35.53
CA ASN A 3091 -38.57 -19.59 36.82
C ASN A 3091 -37.91 -20.04 38.17
N SER A 3092 -38.65 -20.79 38.98
CA SER A 3092 -38.39 -21.07 40.44
C SER A 3092 -38.75 -19.98 41.51
N SER A 3093 -39.29 -18.82 41.10
CA SER A 3093 -39.60 -17.66 42.01
C SER A 3093 -40.87 -17.70 42.90
N VAL A 3094 -42.02 -17.88 42.26
CA VAL A 3094 -43.37 -17.94 42.90
C VAL A 3094 -43.81 -16.64 43.57
N ILE A 3095 -43.30 -15.54 43.02
CA ILE A 3095 -43.56 -14.23 43.58
C ILE A 3095 -43.35 -13.17 42.50
N ILE A 3106 -46.76 -18.62 27.67
CA ILE A 3106 -45.86 -18.35 28.79
C ILE A 3106 -45.11 -17.02 28.57
N PHE A 3107 -44.72 -16.74 27.33
CA PHE A 3107 -44.03 -15.47 26.95
C PHE A 3107 -45.08 -14.37 26.72
N PRO A 3108 -44.74 -13.27 25.97
CA PRO A 3108 -45.86 -12.33 25.78
C PRO A 3108 -47.01 -12.97 24.97
N TYR A 3109 -48.25 -12.73 25.39
CA TYR A 3109 -49.43 -13.48 24.92
C TYR A 3109 -49.77 -13.33 23.43
N SER A 3110 -49.89 -12.09 22.96
CA SER A 3110 -50.28 -11.83 21.55
C SER A 3110 -49.20 -12.24 20.57
N VAL A 3111 -47.95 -11.89 20.92
CA VAL A 3111 -46.78 -12.27 20.13
C VAL A 3111 -46.56 -13.79 20.15
N SER A 3112 -46.82 -14.47 21.29
CA SER A 3112 -46.60 -15.94 21.40
C SER A 3112 -47.80 -16.75 21.88
N LEU A 3113 -48.66 -17.15 20.95
CA LEU A 3113 -49.65 -18.18 21.23
C LEU A 3113 -48.90 -19.51 21.35
N PRO A 3114 -49.23 -20.34 22.38
CA PRO A 3114 -48.36 -21.52 22.57
C PRO A 3114 -48.53 -22.61 21.49
N GLN A 3115 -47.53 -23.49 21.34
CA GLN A 3115 -47.63 -24.62 20.39
C GLN A 3115 -47.23 -25.97 21.02
N SER A 3116 -47.70 -27.07 20.42
CA SER A 3116 -47.35 -28.45 20.85
C SER A 3116 -46.06 -28.93 20.13
N CYS A 3117 -45.81 -30.25 20.05
CA CYS A 3117 -44.50 -30.77 19.56
C CYS A 3117 -44.15 -30.49 18.10
N SER A 3118 -45.13 -30.70 17.22
CA SER A 3118 -44.87 -30.84 15.80
C SER A 3118 -44.04 -29.68 15.29
N ILE A 3119 -43.08 -29.97 14.40
CA ILE A 3119 -42.06 -28.98 14.02
C ILE A 3119 -42.60 -27.76 13.26
N LEU A 3120 -43.46 -28.00 12.29
CA LEU A 3120 -44.06 -26.87 11.56
C LEU A 3120 -44.99 -26.00 12.42
N ASP A 3121 -45.54 -26.54 13.52
CA ASP A 3121 -46.32 -25.73 14.47
C ASP A 3121 -45.46 -24.61 15.10
N TYR A 3122 -44.21 -24.96 15.44
CA TYR A 3122 -43.24 -23.99 15.93
C TYR A 3122 -43.01 -22.90 14.88
N ARG A 3123 -42.82 -23.32 13.62
CA ARG A 3123 -42.61 -22.42 12.49
C ARG A 3123 -43.80 -21.50 12.28
N ALA A 3124 -44.99 -22.06 12.39
CA ALA A 3124 -46.25 -21.31 12.32
C ALA A 3124 -46.30 -20.09 13.24
N VAL A 3125 -45.71 -20.24 14.42
CA VAL A 3125 -45.70 -19.16 15.42
C VAL A 3125 -44.99 -17.93 14.86
N ILE A 3126 -43.97 -18.19 14.04
CA ILE A 3126 -43.17 -17.09 13.52
C ILE A 3126 -43.98 -16.17 12.61
N GLU A 3127 -44.90 -16.74 11.84
CA GLU A 3127 -45.78 -15.94 11.02
C GLU A 3127 -46.76 -15.15 11.89
N LYS A 3128 -47.19 -15.76 12.99
CA LYS A 3128 -48.01 -15.03 13.97
C LYS A 3128 -47.21 -13.87 14.59
N ILE A 3129 -45.91 -14.07 14.76
CA ILE A 3129 -45.03 -12.97 15.20
C ILE A 3129 -44.99 -11.81 14.19
N PRO A 3130 -45.13 -10.57 14.69
CA PRO A 3130 -45.20 -9.41 13.80
C PRO A 3130 -43.87 -9.06 13.16
N GLU A 3131 -43.94 -8.49 11.97
CA GLU A 3131 -42.75 -7.97 11.30
C GLU A 3131 -42.14 -6.81 12.10
N ASP A 3132 -43.00 -5.96 12.64
CA ASP A 3132 -42.57 -4.91 13.55
C ASP A 3132 -42.25 -5.53 14.90
N ASP A 3133 -40.99 -5.39 15.29
CA ASP A 3133 -40.52 -5.83 16.59
C ASP A 3133 -40.20 -4.57 17.36
N LYS A 3134 -40.52 -4.57 18.64
CA LYS A 3134 -40.57 -3.33 19.41
C LYS A 3134 -40.16 -3.55 20.85
N PRO A 3135 -39.63 -2.49 21.49
CA PRO A 3135 -39.05 -2.57 22.82
C PRO A 3135 -39.87 -3.24 23.91
N SER A 3136 -41.19 -3.06 23.86
CA SER A 3136 -42.04 -3.69 24.86
C SER A 3136 -41.91 -5.22 24.85
N PHE A 3137 -41.62 -5.81 23.67
CA PHE A 3137 -41.40 -7.27 23.59
C PHE A 3137 -40.03 -7.60 24.15
N PHE A 3138 -39.17 -6.59 24.14
CA PHE A 3138 -37.88 -6.69 24.78
C PHE A 3138 -37.96 -6.41 26.27
N GLY A 3139 -38.90 -5.58 26.66
CA GLY A 3139 -38.94 -5.08 28.02
C GLY A 3139 -38.13 -3.81 28.16
N LEU A 3140 -37.72 -3.25 27.04
CA LEU A 3140 -37.06 -1.95 27.09
C LEU A 3140 -38.12 -0.88 27.09
N PRO A 3141 -37.73 0.34 27.47
CA PRO A 3141 -38.64 1.48 27.39
C PRO A 3141 -39.02 1.85 25.96
N ALA A 3142 -40.24 2.37 25.84
CA ALA A 3142 -40.81 2.70 24.55
C ALA A 3142 -40.04 3.82 23.92
N ASN A 3143 -39.76 4.86 24.70
CA ASN A 3143 -39.14 6.09 24.18
C ASN A 3143 -37.78 5.90 23.48
N ILE A 3144 -37.12 4.78 23.74
CA ILE A 3144 -35.82 4.50 23.13
C ILE A 3144 -35.90 4.26 21.63
N ALA A 3145 -36.99 3.64 21.20
CA ALA A 3145 -37.23 3.38 19.78
C ALA A 3145 -37.03 4.65 19.03
N ARG A 3146 -37.70 5.70 19.48
CA ARG A 3146 -37.51 7.02 18.92
C ARG A 3146 -36.02 7.42 18.82
N SER A 3147 -35.29 7.27 19.93
CA SER A 3147 -33.86 7.66 20.02
C SER A 3147 -33.06 6.96 18.96
N SER A 3148 -33.24 5.65 18.89
CA SER A 3148 -32.51 4.86 17.93
C SER A 3148 -32.92 5.15 16.50
N GLN A 3149 -34.21 5.38 16.28
CA GLN A 3149 -34.71 5.74 14.94
C GLN A 3149 -34.17 7.08 14.47
N ARG A 3150 -34.07 8.03 15.39
CA ARG A 3150 -33.43 9.31 15.04
C ARG A 3150 -32.03 9.12 14.51
N MET A 3151 -31.25 8.29 15.19
CA MET A 3151 -29.88 8.11 14.81
C MET A 3151 -29.73 7.28 13.57
N ILE A 3152 -30.44 6.16 13.56
CA ILE A 3152 -30.48 5.26 12.41
C ILE A 3152 -30.88 6.06 11.17
N SER A 3153 -31.90 6.87 11.32
CA SER A 3153 -32.32 7.72 10.22
C SER A 3153 -31.17 8.59 9.78
N SER A 3154 -30.56 9.29 10.73
CA SER A 3154 -29.51 10.24 10.39
C SER A 3154 -28.33 9.58 9.70
N GLN A 3155 -28.05 8.35 10.10
CA GLN A 3155 -26.92 7.62 9.54
C GLN A 3155 -27.13 7.22 8.11
N VAL A 3156 -28.32 6.73 7.81
CA VAL A 3156 -28.62 6.38 6.45
C VAL A 3156 -28.62 7.62 5.56
N ILE A 3157 -29.30 8.67 5.97
CA ILE A 3157 -29.23 9.91 5.19
C ILE A 3157 -27.78 10.25 4.97
N SER A 3158 -27.02 10.33 6.07
CA SER A 3158 -25.59 10.68 5.97
C SER A 3158 -24.93 9.86 4.89
N GLN A 3159 -25.08 8.54 5.01
CA GLN A 3159 -24.46 7.62 4.07
C GLN A 3159 -25.02 7.79 2.68
N LEU A 3160 -26.25 8.25 2.56
CA LEU A 3160 -26.78 8.58 1.25
C LEU A 3160 -26.19 9.82 0.65
N ARG A 3161 -25.87 10.77 1.50
CA ARG A 3161 -25.27 12.02 1.06
C ARG A 3161 -23.89 11.75 0.48
N ILE A 3162 -23.20 10.78 1.08
CA ILE A 3162 -21.85 10.40 0.68
C ILE A 3162 -21.79 9.88 -0.74
N LEU A 3163 -22.85 9.21 -1.17
CA LEU A 3163 -22.83 8.43 -2.41
C LEU A 3163 -22.60 9.19 -3.69
N GLY A 3164 -23.08 10.43 -3.74
CA GLY A 3164 -23.22 11.22 -4.97
C GLY A 3164 -21.98 11.59 -5.79
N ARG A 3165 -20.88 11.96 -5.12
CA ARG A 3165 -19.68 12.44 -5.81
C ARG A 3165 -18.41 11.80 -5.29
N SER A 3166 -17.40 11.82 -6.15
CA SER A 3166 -16.05 11.42 -5.79
C SER A 3166 -15.23 12.68 -5.61
N ILE A 3167 -14.74 12.90 -4.39
CA ILE A 3167 -13.99 14.13 -4.09
C ILE A 3167 -12.60 14.08 -4.74
N THR A 3168 -12.21 15.20 -5.35
CA THR A 3168 -10.86 15.33 -5.93
C THR A 3168 -9.82 15.26 -4.81
N ALA A 3169 -10.13 15.90 -3.70
CA ALA A 3169 -9.28 15.94 -2.49
C ALA A 3169 -8.33 17.14 -2.54
N GLY A 3170 -7.85 17.54 -1.37
CA GLY A 3170 -6.98 18.71 -1.27
C GLY A 3170 -6.08 18.69 -0.04
N SER A 3171 -4.98 19.43 -0.11
CA SER A 3171 -4.11 19.64 1.02
C SER A 3171 -4.90 20.41 2.05
N LYS A 3172 -5.28 19.76 3.14
CA LYS A 3172 -5.95 20.53 4.20
C LYS A 3172 -4.99 21.15 5.24
N PHE A 3173 -3.76 20.66 5.30
CA PHE A 3173 -2.82 21.07 6.37
C PHE A 3173 -2.51 22.57 6.32
N ASP A 3174 -2.19 23.05 5.12
CA ASP A 3174 -1.92 24.48 4.91
C ASP A 3174 -3.19 25.30 5.10
N ARG A 3175 -4.31 24.74 4.65
CA ARG A 3175 -5.58 25.46 4.55
C ARG A 3175 -6.46 25.34 5.80
N GLU A 3176 -6.70 24.11 6.25
CA GLU A 3176 -7.59 23.84 7.42
C GLU A 3176 -7.19 24.58 8.71
N ILE A 3177 -5.91 24.47 9.07
CA ILE A 3177 -5.36 25.22 10.22
C ILE A 3177 -5.55 26.74 10.01
N TRP A 3178 -5.25 27.24 8.82
CA TRP A 3178 -5.62 28.60 8.41
C TRP A 3178 -7.13 28.79 8.46
N SER A 3179 -7.86 27.75 8.09
CA SER A 3179 -9.30 27.85 8.06
C SER A 3179 -9.83 28.01 9.48
N ASN A 3180 -11.09 28.44 9.55
CA ASN A 3180 -11.78 28.73 10.80
C ASN A 3180 -12.12 27.48 11.62
N GLU A 3181 -11.89 26.28 11.09
CA GLU A 3181 -12.31 25.00 11.75
C GLU A 3181 -11.77 24.81 13.17
N LEU A 3182 -10.55 25.30 13.38
CA LEU A 3182 -9.90 25.26 14.67
C LEU A 3182 -10.24 26.49 15.47
N SER A 3183 -10.65 27.54 14.76
CA SER A 3183 -10.97 28.82 15.38
C SER A 3183 -12.15 28.86 16.37
N PRO A 3184 -13.21 28.01 16.22
CA PRO A 3184 -14.27 28.17 17.22
C PRO A 3184 -13.76 27.84 18.61
N VAL A 3185 -13.03 26.74 18.72
CA VAL A 3185 -12.39 26.29 19.95
C VAL A 3185 -11.75 27.43 20.73
N LEU A 3186 -11.06 28.29 19.98
CA LEU A 3186 -10.35 29.42 20.52
C LEU A 3186 -11.31 30.47 21.00
N ASN A 3187 -12.33 30.74 20.19
CA ASN A 3187 -13.33 31.76 20.51
C ASN A 3187 -14.20 31.35 21.71
N LEU A 3188 -14.36 30.04 21.92
CA LEU A 3188 -15.11 29.53 23.07
C LEU A 3188 -14.37 29.90 24.30
N TRP A 3189 -13.10 29.52 24.30
CA TRP A 3189 -12.28 29.71 25.45
C TRP A 3189 -12.20 31.18 25.83
N LYS A 3190 -12.06 32.05 24.84
CA LYS A 3190 -11.92 33.50 25.09
C LYS A 3190 -12.97 33.97 26.08
N LYS A 3191 -14.22 33.71 25.72
CA LYS A 3191 -15.37 34.19 26.49
C LYS A 3191 -15.44 33.48 27.82
N LEU A 3192 -15.10 32.20 27.80
CA LEU A 3192 -15.26 31.35 28.96
C LEU A 3192 -14.54 31.86 30.21
N ASN A 3193 -13.33 32.40 30.08
CA ASN A 3193 -12.57 32.79 31.30
C ASN A 3193 -12.35 34.29 31.50
N GLN A 3194 -12.96 35.13 30.66
CA GLN A 3194 -12.72 36.58 30.73
C GLN A 3194 -13.01 37.23 32.12
N ASN A 3195 -14.12 36.86 32.74
CA ASN A 3195 -14.45 37.25 34.12
C ASN A 3195 -13.46 36.65 35.12
N SER A 3196 -13.12 35.38 34.90
CA SER A 3196 -12.29 34.60 35.79
C SER A 3196 -10.94 34.37 35.14
N ASN A 3197 -10.53 35.40 34.40
CA ASN A 3197 -9.22 35.41 33.81
C ASN A 3197 -8.20 35.26 34.91
N LEU A 3198 -8.52 35.86 36.06
CA LEU A 3198 -7.73 35.69 37.28
C LEU A 3198 -7.57 34.21 37.68
N ILE A 3199 -8.64 33.44 37.51
CA ILE A 3199 -8.66 32.01 37.89
C ILE A 3199 -7.58 31.19 37.18
N HIS A 3200 -7.62 31.16 35.85
CA HIS A 3200 -6.63 30.40 35.09
C HIS A 3200 -5.21 31.03 35.12
N GLN A 3201 -5.15 32.33 35.37
CA GLN A 3201 -3.89 33.04 35.57
C GLN A 3201 -3.28 32.69 36.93
N LYS A 3202 -4.11 32.76 37.97
CA LYS A 3202 -3.64 32.78 39.36
C LYS A 3202 -2.82 31.54 39.68
N VAL A 3203 -1.76 31.70 40.47
CA VAL A 3203 -0.93 30.57 40.92
C VAL A 3203 -1.72 29.86 42.04
N PRO A 3204 -1.70 28.51 42.02
CA PRO A 3204 -2.33 27.75 43.07
C PRO A 3204 -1.28 27.30 44.09
N PRO A 3205 -1.59 27.41 45.40
CA PRO A 3205 -0.62 26.88 46.38
C PRO A 3205 -0.63 25.33 46.42
N PRO A 3206 0.49 24.66 46.01
CA PRO A 3206 0.53 23.20 46.21
C PRO A 3206 0.44 22.98 47.69
N ASN A 3207 -0.46 22.12 48.12
CA ASN A 3207 -0.80 22.12 49.51
C ASN A 3207 -0.67 20.76 50.14
N ASP A 3208 -0.44 20.76 51.44
CA ASP A 3208 -0.60 19.58 52.25
C ASP A 3208 -2.08 19.48 52.67
N ARG A 3209 -2.54 18.26 52.87
CA ARG A 3209 -3.86 18.00 53.45
C ARG A 3209 -3.99 18.80 54.76
N GLN A 3210 -5.09 19.55 54.91
CA GLN A 3210 -5.32 20.33 56.13
C GLN A 3210 -5.76 19.42 57.29
N GLY A 3211 -5.75 19.96 58.51
CA GLY A 3211 -6.21 19.23 59.71
C GLY A 3211 -7.57 18.55 59.56
N SER A 3212 -8.57 19.26 59.03
CA SER A 3212 -9.89 18.68 58.70
C SER A 3212 -9.87 18.03 57.30
N PRO A 3213 -10.31 16.77 57.19
CA PRO A 3213 -10.00 15.95 56.03
C PRO A 3213 -10.89 16.14 54.84
N ILE A 3214 -12.12 16.55 55.04
CA ILE A 3214 -12.93 16.73 53.87
C ILE A 3214 -12.31 17.81 53.00
N LEU A 3215 -11.84 18.86 53.66
CA LEU A 3215 -11.41 20.05 52.99
C LEU A 3215 -10.19 19.74 52.16
N SER A 3216 -9.31 18.96 52.76
CA SER A 3216 -8.17 18.45 52.08
C SER A 3216 -8.53 18.02 50.66
N PHE A 3217 -9.62 17.30 50.51
CA PHE A 3217 -10.04 16.85 49.19
C PHE A 3217 -10.30 18.00 48.22
N ILE A 3218 -11.02 18.97 48.70
CA ILE A 3218 -11.41 20.06 47.85
C ILE A 3218 -10.24 20.92 47.54
N ILE A 3219 -9.31 21.12 48.48
CA ILE A 3219 -8.17 21.97 48.10
C ILE A 3219 -7.41 21.25 47.01
N LEU A 3220 -7.25 19.95 47.20
CA LEU A 3220 -6.66 19.11 46.18
C LEU A 3220 -7.31 19.36 44.87
N GLU A 3221 -8.62 19.20 44.84
CA GLU A 3221 -9.35 19.37 43.60
C GLU A 3221 -9.03 20.74 43.02
N GLN A 3222 -9.08 21.74 43.89
CA GLN A 3222 -8.79 23.10 43.51
C GLN A 3222 -7.50 23.10 42.76
N PHE A 3223 -6.45 22.59 43.39
CA PHE A 3223 -5.15 22.60 42.76
C PHE A 3223 -5.11 21.80 41.46
N ASN A 3224 -5.40 20.51 41.55
CA ASN A 3224 -5.22 19.59 40.42
C ASN A 3224 -5.99 20.07 39.25
N ALA A 3225 -7.15 20.64 39.54
CA ALA A 3225 -7.96 21.23 38.50
C ALA A 3225 -7.20 22.35 37.83
N ILE A 3226 -6.75 23.31 38.61
CA ILE A 3226 -6.07 24.46 38.07
C ILE A 3226 -4.82 24.05 37.27
N ARG A 3227 -4.15 23.04 37.78
CA ARG A 3227 -3.03 22.44 37.10
C ARG A 3227 -3.44 21.98 35.70
N LEU A 3228 -4.61 21.35 35.59
CA LEU A 3228 -5.11 20.87 34.29
C LEU A 3228 -5.47 22.03 33.43
N VAL A 3229 -6.31 22.89 33.98
CA VAL A 3229 -6.67 24.12 33.31
C VAL A 3229 -5.45 24.70 32.65
N GLN A 3230 -4.38 24.88 33.41
CA GLN A 3230 -3.18 25.52 32.84
C GLN A 3230 -2.38 24.61 31.84
N SER A 3231 -2.49 23.29 31.97
CA SER A 3231 -1.92 22.36 30.96
C SER A 3231 -2.64 22.52 29.61
N VAL A 3232 -3.96 22.56 29.74
CA VAL A 3232 -4.83 22.83 28.62
C VAL A 3232 -4.47 24.18 28.03
N HIS A 3233 -4.36 25.17 28.90
CA HIS A 3233 -4.05 26.56 28.56
C HIS A 3233 -2.77 26.61 27.76
N GLN A 3234 -1.74 25.92 28.24
CA GLN A 3234 -0.48 25.85 27.51
C GLN A 3234 -0.64 25.12 26.19
N SER A 3235 -1.38 24.00 26.18
CA SER A 3235 -1.66 23.34 24.88
C SER A 3235 -2.61 24.12 23.99
N LEU A 3236 -3.22 25.15 24.57
CA LEU A 3236 -4.03 26.08 23.83
C LEU A 3236 -3.23 27.30 23.42
N ALA A 3237 -2.39 27.81 24.31
CA ALA A 3237 -1.54 28.98 24.02
C ALA A 3237 -0.58 28.72 22.86
N ALA A 3238 0.03 27.53 22.92
CA ALA A 3238 0.87 27.02 21.84
C ALA A 3238 0.16 27.12 20.49
N LEU A 3239 -0.94 26.39 20.33
CA LEU A 3239 -1.67 26.39 19.06
C LEU A 3239 -2.29 27.77 18.73
N SER A 3240 -2.57 28.58 19.77
CA SER A 3240 -3.02 29.99 19.60
C SER A 3240 -1.92 30.84 18.97
N LYS A 3241 -0.67 30.54 19.33
CA LYS A 3241 0.47 31.29 18.76
C LYS A 3241 0.90 30.99 17.29
N VAL A 3242 0.75 29.74 16.81
CA VAL A 3242 1.12 29.43 15.38
C VAL A 3242 0.22 30.06 14.34
N ILE A 3243 -1.07 30.20 14.66
CA ILE A 3243 -2.10 30.66 13.72
C ILE A 3243 -1.93 32.16 13.43
N ARG A 3244 -1.85 32.94 14.51
CA ARG A 3244 -1.69 34.40 14.42
C ARG A 3244 -0.23 34.84 14.31
N GLY A 3245 0.70 34.04 14.85
CA GLY A 3245 2.07 34.54 15.02
C GLY A 3245 3.16 33.53 14.75
N THR A 3246 4.34 33.82 15.28
CA THR A 3246 5.54 33.08 14.91
C THR A 3246 5.80 31.86 15.77
N THR A 3247 5.63 30.70 15.16
CA THR A 3247 5.93 29.41 15.79
C THR A 3247 6.10 28.35 14.71
N LEU A 3248 6.79 27.27 15.02
CA LEU A 3248 6.86 26.11 14.13
C LEU A 3248 6.23 24.93 14.83
N LEU A 3249 5.28 24.27 14.18
CA LEU A 3249 4.62 23.12 14.80
C LEU A 3249 5.63 22.13 15.33
N SER A 3250 5.45 21.70 16.57
CA SER A 3250 6.13 20.50 17.07
C SER A 3250 5.17 19.34 16.87
N SER A 3251 5.65 18.12 17.14
CA SER A 3251 4.81 16.93 17.02
C SER A 3251 3.66 16.96 18.02
N GLU A 3252 3.88 17.67 19.14
CA GLU A 3252 2.84 17.95 20.14
C GLU A 3252 1.65 18.72 19.53
N VAL A 3253 1.89 19.92 19.02
CA VAL A 3253 0.81 20.74 18.48
C VAL A 3253 0.32 20.16 17.17
N GLN A 3254 1.19 19.41 16.50
CA GLN A 3254 0.78 18.60 15.36
C GLN A 3254 -0.24 17.57 15.82
N LYS A 3255 -0.02 17.01 17.00
CA LYS A 3255 -0.94 16.06 17.60
C LYS A 3255 -2.21 16.72 18.17
N LEU A 3256 -2.12 17.98 18.61
CA LEU A 3256 -3.27 18.74 19.10
C LEU A 3256 -4.33 18.88 18.01
N ALA A 3257 -3.96 19.55 16.93
CA ALA A 3257 -4.88 19.76 15.82
C ALA A 3257 -5.53 18.45 15.30
N SER A 3258 -4.81 17.33 15.39
CA SER A 3258 -5.33 15.98 15.01
C SER A 3258 -6.54 15.59 15.83
N ALA A 3259 -6.49 15.99 17.09
CA ALA A 3259 -7.57 15.76 18.05
C ALA A 3259 -8.82 16.53 17.67
N LEU A 3260 -8.65 17.82 17.44
CA LEU A 3260 -9.76 18.70 17.11
C LEU A 3260 -10.52 18.18 15.91
N LEU A 3261 -9.81 17.99 14.79
CA LEU A 3261 -10.48 17.60 13.56
C LEU A 3261 -10.93 16.10 13.49
N ASN A 3262 -10.27 15.19 14.22
CA ASN A 3262 -10.86 13.86 14.49
C ASN A 3262 -12.11 13.98 15.40
N GLN A 3263 -12.31 15.17 15.99
CA GLN A 3263 -13.46 15.55 16.84
C GLN A 3263 -13.44 14.86 18.20
N LYS A 3264 -12.26 14.40 18.58
CA LYS A 3264 -12.04 13.71 19.85
C LYS A 3264 -10.92 14.46 20.55
N CYS A 3265 -11.17 15.06 21.71
CA CYS A 3265 -10.09 15.68 22.52
C CYS A 3265 -8.93 14.68 22.76
N PRO A 3266 -7.71 15.18 23.05
CA PRO A 3266 -6.52 14.32 22.98
C PRO A 3266 -6.38 13.31 24.10
N LEU A 3267 -5.79 12.16 23.76
CA LEU A 3267 -5.40 11.20 24.79
C LEU A 3267 -4.51 11.89 25.82
N ALA A 3268 -3.76 12.89 25.37
CA ALA A 3268 -3.07 13.83 26.27
C ALA A 3268 -3.94 14.32 27.45
N TRP A 3269 -5.14 14.81 27.14
CA TRP A 3269 -6.01 15.32 28.18
C TRP A 3269 -6.79 14.19 28.83
N GLN A 3270 -7.33 13.31 28.00
CA GLN A 3270 -8.21 12.24 28.50
C GLN A 3270 -7.49 11.23 29.38
N SER A 3271 -6.17 11.12 29.22
CA SER A 3271 -5.34 10.39 30.17
C SER A 3271 -5.40 11.03 31.54
N LYS A 3272 -5.28 12.36 31.57
CA LYS A 3272 -5.33 13.09 32.83
C LYS A 3272 -6.75 12.98 33.39
N TRP A 3273 -7.74 13.39 32.62
CA TRP A 3273 -9.12 13.28 33.09
C TRP A 3273 -10.11 12.69 32.06
N GLU A 3274 -10.83 11.64 32.44
CA GLU A 3274 -11.84 11.05 31.53
C GLU A 3274 -12.94 12.09 31.40
N GLY A 3275 -13.00 12.70 30.23
CA GLY A 3275 -13.96 13.74 29.99
C GLY A 3275 -14.80 13.32 28.83
N PRO A 3276 -15.70 14.19 28.40
CA PRO A 3276 -16.51 13.86 27.25
C PRO A 3276 -15.68 13.83 25.96
N GLU A 3277 -16.11 12.99 25.03
CA GLU A 3277 -15.38 12.73 23.78
C GLU A 3277 -15.32 14.00 22.94
N ASP A 3278 -16.44 14.70 22.84
CA ASP A 3278 -16.48 15.95 22.12
C ASP A 3278 -15.60 16.96 22.85
N PRO A 3279 -14.61 17.51 22.15
CA PRO A 3279 -13.64 18.39 22.79
C PRO A 3279 -14.23 19.67 23.36
N LEU A 3280 -15.20 20.27 22.68
CA LEU A 3280 -15.85 21.48 23.19
C LEU A 3280 -16.65 21.14 24.43
N GLN A 3281 -17.44 20.08 24.28
CA GLN A 3281 -18.24 19.56 25.34
C GLN A 3281 -17.35 19.29 26.54
N TYR A 3282 -16.10 18.95 26.26
CA TYR A 3282 -15.05 18.77 27.28
C TYR A 3282 -14.71 20.07 27.98
N LEU A 3283 -14.47 21.08 27.18
CA LEU A 3283 -14.06 22.35 27.71
C LEU A 3283 -15.15 22.90 28.57
N ARG A 3284 -16.33 22.99 28.00
CA ARG A 3284 -17.44 23.66 28.67
C ARG A 3284 -17.55 23.11 30.08
N GLY A 3285 -17.42 21.78 30.16
CA GLY A 3285 -17.46 21.08 31.44
C GLY A 3285 -16.28 21.47 32.28
N LEU A 3286 -15.08 21.23 31.76
CA LEU A 3286 -13.87 21.56 32.49
C LEU A 3286 -13.95 22.92 33.17
N VAL A 3287 -14.33 23.91 32.38
CA VAL A 3287 -14.34 25.27 32.84
C VAL A 3287 -15.40 25.50 33.89
N ALA A 3288 -16.64 25.16 33.54
CA ALA A 3288 -17.76 25.39 34.43
C ALA A 3288 -17.45 24.85 35.83
N ARG A 3289 -16.82 23.68 35.86
CA ARG A 3289 -16.42 23.08 37.13
C ARG A 3289 -15.41 23.97 37.83
N ALA A 3290 -14.29 24.21 37.15
CA ALA A 3290 -13.21 25.05 37.68
C ALA A 3290 -13.68 26.22 38.53
N LEU A 3291 -14.71 26.88 38.06
CA LEU A 3291 -15.16 28.08 38.73
C LEU A 3291 -16.03 27.72 39.91
N ALA A 3292 -16.98 26.82 39.68
CA ALA A 3292 -17.82 26.28 40.73
C ALA A 3292 -16.97 25.89 41.91
N ILE A 3293 -15.85 25.27 41.60
CA ILE A 3293 -15.04 24.74 42.62
C ILE A 3293 -14.64 25.87 43.55
N GLN A 3294 -14.27 26.99 42.96
CA GLN A 3294 -13.85 28.11 43.79
C GLN A 3294 -14.96 28.48 44.75
N ASN A 3295 -16.20 28.40 44.29
CA ASN A 3295 -17.35 28.58 45.17
C ASN A 3295 -17.46 27.54 46.25
N TRP A 3296 -17.22 26.28 45.90
CA TRP A 3296 -17.22 25.24 46.90
C TRP A 3296 -16.20 25.52 47.99
N VAL A 3297 -15.02 25.87 47.55
CA VAL A 3297 -13.96 26.18 48.48
C VAL A 3297 -14.34 27.28 49.45
N ASP A 3298 -14.87 28.36 48.89
CA ASP A 3298 -15.35 29.48 49.70
C ASP A 3298 -16.29 28.95 50.79
N LYS A 3299 -17.32 28.19 50.40
CA LYS A 3299 -18.31 27.68 51.38
C LYS A 3299 -17.64 26.73 52.37
N ALA A 3300 -16.41 26.32 52.08
CA ALA A 3300 -15.74 25.26 52.83
C ALA A 3300 -14.78 25.81 53.84
N GLU A 3301 -14.06 26.86 53.45
CA GLU A 3301 -13.16 27.53 54.37
C GLU A 3301 -13.96 27.95 55.59
N LYS A 3302 -15.23 28.26 55.35
CA LYS A 3302 -16.13 28.74 56.40
C LYS A 3302 -16.88 27.61 57.07
N GLN A 3303 -16.45 26.38 56.81
CA GLN A 3303 -17.09 25.17 57.36
C GLN A 3303 -18.56 25.07 56.95
N ALA A 3304 -18.97 25.91 56.00
CA ALA A 3304 -20.36 26.08 55.58
C ALA A 3304 -20.79 25.16 54.40
N LEU A 3305 -19.95 24.21 54.03
CA LEU A 3305 -20.26 23.42 52.87
C LEU A 3305 -21.43 22.47 53.04
N LEU A 3306 -21.50 21.76 54.15
CA LEU A 3306 -22.66 20.86 54.38
C LEU A 3306 -23.98 21.57 54.04
N SER A 3307 -24.16 22.77 54.58
CA SER A 3307 -25.48 23.43 54.70
C SER A 3307 -26.22 23.72 53.39
N GLU A 3308 -25.46 23.93 52.32
CA GLU A 3308 -26.06 24.16 51.02
C GLU A 3308 -26.43 22.86 50.31
N THR A 3309 -27.12 23.01 49.18
CA THR A 3309 -27.34 21.97 48.19
C THR A 3309 -26.25 22.00 47.13
N LEU A 3310 -25.59 20.87 46.92
CA LEU A 3310 -24.45 20.76 46.04
C LEU A 3310 -24.74 19.76 44.99
N ASP A 3311 -24.66 20.17 43.73
CA ASP A 3311 -24.71 19.21 42.62
C ASP A 3311 -23.32 18.61 42.37
N LEU A 3312 -23.29 17.31 42.18
CA LEU A 3312 -22.05 16.57 41.98
C LEU A 3312 -21.58 16.58 40.55
N SER A 3313 -22.40 17.22 39.72
CA SER A 3313 -22.03 17.51 38.37
C SER A 3313 -20.62 18.12 38.36
N GLU A 3314 -20.34 19.03 39.28
CA GLU A 3314 -19.12 19.83 39.20
C GLU A 3314 -17.84 19.06 39.38
N LEU A 3315 -17.91 18.01 40.19
CA LEU A 3315 -16.69 17.36 40.62
C LEU A 3315 -16.05 16.44 39.60
N PHE A 3316 -14.74 16.39 39.66
CA PHE A 3316 -13.96 15.50 38.82
C PHE A 3316 -13.90 14.15 39.46
N HIS A 3317 -13.84 14.17 40.78
CA HIS A 3317 -13.79 12.94 41.54
C HIS A 3317 -14.86 12.99 42.57
N PRO A 3318 -16.11 12.93 42.11
CA PRO A 3318 -17.18 13.09 43.06
C PRO A 3318 -17.26 11.93 44.00
N ASP A 3319 -16.96 10.73 43.53
CA ASP A 3319 -17.02 9.55 44.39
C ASP A 3319 -16.16 9.85 45.59
N THR A 3320 -14.97 10.35 45.28
CA THR A 3320 -13.93 10.53 46.26
C THR A 3320 -14.38 11.54 47.26
N PHE A 3321 -15.11 12.51 46.77
CA PHE A 3321 -15.73 13.47 47.65
C PHE A 3321 -16.66 12.76 48.63
N LEU A 3322 -17.51 11.92 48.10
CA LEU A 3322 -18.41 11.16 48.94
C LEU A 3322 -17.65 10.39 49.98
N ASN A 3323 -16.56 9.81 49.56
CA ASN A 3323 -15.83 9.01 50.48
C ASN A 3323 -15.08 9.88 51.48
N ALA A 3324 -14.94 11.15 51.16
CA ALA A 3324 -14.38 12.14 52.10
C ALA A 3324 -15.30 12.48 53.28
N LEU A 3325 -16.60 12.42 53.07
CA LEU A 3325 -17.50 12.63 54.19
C LEU A 3325 -17.33 11.51 55.09
N ARG A 3326 -17.24 10.34 54.50
CA ARG A 3326 -17.14 9.16 55.28
C ARG A 3326 -16.12 9.34 56.41
N GLN A 3327 -15.03 10.07 56.14
CA GLN A 3327 -14.07 10.37 57.18
C GLN A 3327 -14.62 11.37 58.17
N GLU A 3328 -15.06 12.50 57.66
CA GLU A 3328 -15.50 13.60 58.52
C GLU A 3328 -16.64 13.25 59.46
N THR A 3329 -17.52 12.38 58.99
CA THR A 3329 -18.60 11.89 59.80
C THR A 3329 -17.98 11.05 60.91
N ALA A 3330 -17.08 10.13 60.57
CA ALA A 3330 -16.49 9.29 61.59
C ALA A 3330 -15.63 10.09 62.58
N ARG A 3331 -15.03 11.19 62.12
CA ARG A 3331 -14.32 12.11 63.02
C ARG A 3331 -15.25 12.63 64.08
N ALA A 3332 -16.44 13.03 63.65
CA ALA A 3332 -17.48 13.59 64.53
C ALA A 3332 -18.11 12.52 65.39
N VAL A 3333 -18.16 11.33 64.86
CA VAL A 3333 -18.86 10.25 65.46
C VAL A 3333 -17.89 9.31 66.15
N GLY A 3334 -16.61 9.47 65.87
CA GLY A 3334 -15.55 8.71 66.54
C GLY A 3334 -15.74 7.23 66.25
N ARG A 3335 -15.62 6.87 64.99
CA ARG A 3335 -15.87 5.51 64.59
C ARG A 3335 -14.94 5.08 63.49
N SER A 3336 -14.61 3.80 63.51
CA SER A 3336 -13.78 3.16 62.50
C SER A 3336 -14.52 3.31 61.20
N VAL A 3337 -13.86 3.78 60.16
CA VAL A 3337 -14.63 4.20 59.04
C VAL A 3337 -15.19 3.01 58.32
N ASP A 3338 -14.55 1.87 58.46
CA ASP A 3338 -15.14 0.63 57.97
C ASP A 3338 -16.54 0.33 58.53
N SER A 3339 -16.84 0.92 59.68
CA SER A 3339 -18.10 0.67 60.36
C SER A 3339 -19.29 1.33 59.66
N LEU A 3340 -19.07 2.42 58.93
CA LEU A 3340 -20.20 3.16 58.30
C LEU A 3340 -20.64 2.60 56.95
N LYS A 3341 -21.84 2.99 56.55
CA LYS A 3341 -22.41 2.64 55.27
C LYS A 3341 -23.20 3.81 54.81
N PHE A 3342 -23.47 3.85 53.52
CA PHE A 3342 -23.92 5.06 52.86
C PHE A 3342 -25.36 4.95 52.38
N VAL A 3343 -26.14 6.01 52.50
CA VAL A 3343 -27.46 6.03 51.81
C VAL A 3343 -27.97 7.40 51.52
N ALA A 3344 -29.07 7.43 50.78
CA ALA A 3344 -29.76 8.65 50.49
C ALA A 3344 -31.22 8.46 50.75
N SER A 3345 -31.97 9.54 50.89
CA SER A 3345 -33.43 9.41 51.05
C SER A 3345 -34.23 10.62 50.58
N TRP A 3346 -35.22 10.37 49.73
CA TRP A 3346 -36.10 11.41 49.22
C TRP A 3346 -37.18 11.67 50.21
N LYS A 3347 -37.54 10.64 50.95
CA LYS A 3347 -38.55 10.81 51.99
C LYS A 3347 -37.97 11.47 53.23
N GLY A 3348 -37.46 12.71 53.06
CA GLY A 3348 -36.98 13.52 54.18
C GLY A 3348 -35.47 13.71 54.37
N ARG A 3349 -35.01 13.54 55.60
CA ARG A 3349 -33.63 13.73 55.98
C ARG A 3349 -33.22 12.60 56.88
N LEU A 3350 -31.95 12.23 56.80
CA LEU A 3350 -31.43 11.09 57.56
C LEU A 3350 -31.16 11.42 59.02
N GLN A 3351 -31.80 10.74 59.94
CA GLN A 3351 -31.67 11.12 61.35
C GLN A 3351 -30.38 10.63 61.97
N GLU A 3352 -30.00 9.41 61.65
CA GLU A 3352 -28.92 8.73 62.36
C GLU A 3352 -27.54 9.08 61.78
N ALA A 3353 -27.51 9.97 60.78
CA ALA A 3353 -26.28 10.38 60.09
C ALA A 3353 -25.77 11.67 60.67
N LYS A 3354 -24.57 11.67 61.23
CA LYS A 3354 -24.07 12.87 61.91
C LYS A 3354 -23.92 14.03 60.94
N LEU A 3355 -23.70 13.74 59.65
CA LEU A 3355 -23.58 14.77 58.60
C LEU A 3355 -24.19 14.31 57.29
N GLN A 3356 -24.82 15.24 56.57
CA GLN A 3356 -25.56 14.91 55.36
C GLN A 3356 -25.25 15.89 54.25
N ILE A 3357 -25.94 15.71 53.12
CA ILE A 3357 -25.78 16.51 51.91
C ILE A 3357 -27.07 16.61 51.10
N LYS A 3358 -27.27 17.72 50.40
CA LYS A 3358 -28.43 17.86 49.53
C LYS A 3358 -27.98 17.89 48.09
N ILE A 3359 -28.25 16.83 47.36
CA ILE A 3359 -27.68 16.70 46.03
C ILE A 3359 -28.74 16.81 44.98
N SER A 3360 -28.51 17.76 44.09
CA SER A 3360 -29.47 18.07 43.06
C SER A 3360 -28.87 17.82 41.71
N GLY A 3361 -29.69 18.05 40.69
CA GLY A 3361 -29.30 17.93 39.32
C GLY A 3361 -28.87 16.52 38.98
N LEU A 3362 -29.31 15.56 39.76
CA LEU A 3362 -29.15 14.17 39.36
C LEU A 3362 -30.10 14.01 38.21
N LEU A 3363 -29.87 12.99 37.38
CA LEU A 3363 -30.74 12.78 36.23
C LEU A 3363 -30.84 11.32 35.95
N LEU A 3364 -31.93 10.92 35.30
CA LEU A 3364 -32.31 9.50 35.14
C LEU A 3364 -32.79 9.18 33.72
N GLU A 3365 -32.55 7.95 33.25
CA GLU A 3365 -33.01 7.49 31.92
C GLU A 3365 -33.63 6.11 31.97
N GLY A 3366 -34.77 5.93 31.31
CA GLY A 3366 -35.43 4.61 31.22
C GLY A 3366 -36.53 4.30 32.25
N CYS A 3367 -36.59 5.03 33.35
CA CYS A 3367 -37.65 4.88 34.37
C CYS A 3367 -37.98 6.27 34.88
N SER A 3368 -39.12 6.42 35.49
CA SER A 3368 -39.54 7.76 35.90
C SER A 3368 -39.57 7.78 37.39
N PHE A 3369 -39.24 8.93 37.97
CA PHE A 3369 -39.18 9.02 39.40
C PHE A 3369 -40.12 10.06 39.99
N ASP A 3370 -40.96 9.58 40.91
CA ASP A 3370 -41.80 10.41 41.74
C ASP A 3370 -41.47 9.99 43.15
N GLY A 3371 -41.66 10.86 44.12
CA GLY A 3371 -41.27 10.52 45.48
C GLY A 3371 -41.86 9.19 45.97
N ASN A 3372 -40.98 8.34 46.49
CA ASN A 3372 -41.41 7.07 47.10
C ASN A 3372 -41.67 5.93 46.11
N GLN A 3373 -41.52 6.20 44.82
CA GLN A 3373 -41.74 5.16 43.80
C GLN A 3373 -41.12 5.48 42.45
N LEU A 3374 -41.00 4.48 41.60
CA LEU A 3374 -40.62 4.71 40.23
C LEU A 3374 -41.68 4.16 39.33
N SER A 3375 -41.81 4.75 38.16
CA SER A 3375 -42.84 4.35 37.22
C SER A 3375 -42.25 4.11 35.86
N GLU A 3376 -43.08 3.56 34.97
CA GLU A 3376 -42.68 3.30 33.57
C GLU A 3376 -42.75 4.52 32.73
N ASN A 3377 -41.87 4.59 31.74
CA ASN A 3377 -41.79 5.75 30.92
C ASN A 3377 -42.64 5.49 29.75
N GLN A 3378 -43.34 6.52 29.34
CA GLN A 3378 -44.19 6.42 28.20
C GLN A 3378 -43.37 6.84 27.01
N LEU A 3379 -43.90 6.50 25.84
CA LEU A 3379 -43.23 6.69 24.57
C LEU A 3379 -42.78 8.14 24.40
N ASP A 3380 -43.76 9.04 24.47
CA ASP A 3380 -43.52 10.47 24.32
C ASP A 3380 -42.35 10.97 25.14
N SER A 3381 -42.25 10.45 26.36
CA SER A 3381 -41.39 11.01 27.38
C SER A 3381 -39.98 11.08 26.86
N PRO A 3382 -39.30 12.22 27.12
CA PRO A 3382 -37.90 12.27 26.76
C PRO A 3382 -37.16 11.14 27.47
N SER A 3383 -36.19 10.51 26.81
CA SER A 3383 -35.44 9.42 27.43
C SER A 3383 -34.89 9.90 28.76
N VAL A 3384 -34.45 11.15 28.76
CA VAL A 3384 -33.89 11.78 29.95
C VAL A 3384 -35.00 12.26 30.86
N SER A 3385 -34.81 12.06 32.16
CA SER A 3385 -35.84 12.31 33.17
C SER A 3385 -35.18 12.97 34.37
N SER A 3386 -35.58 14.19 34.71
CA SER A 3386 -34.98 14.84 35.88
C SER A 3386 -35.44 14.18 37.18
N VAL A 3387 -34.55 14.18 38.16
CA VAL A 3387 -34.81 13.52 39.43
C VAL A 3387 -34.61 14.48 40.56
N LEU A 3388 -35.41 14.23 41.59
CA LEU A 3388 -35.51 15.11 42.70
C LEU A 3388 -34.23 15.00 43.50
N PRO A 3389 -33.89 16.10 44.17
CA PRO A 3389 -32.65 16.08 44.91
C PRO A 3389 -32.71 15.08 46.05
N CYS A 3390 -31.56 14.53 46.39
CA CYS A 3390 -31.47 13.64 47.52
C CYS A 3390 -31.07 14.30 48.81
N PHE A 3391 -31.18 13.55 49.88
CA PHE A 3391 -30.41 13.81 51.05
C PHE A 3391 -29.48 12.62 51.10
N MET A 3392 -28.19 12.88 51.34
CA MET A 3392 -27.17 11.83 51.41
C MET A 3392 -26.29 11.86 52.64
N GLY A 3393 -25.73 10.68 52.98
CA GLY A 3393 -24.71 10.55 54.05
C GLY A 3393 -24.24 9.15 54.47
N TRP A 3394 -23.52 9.11 55.58
CA TRP A 3394 -22.96 7.88 56.10
C TRP A 3394 -23.46 7.54 57.52
N ILE A 3395 -23.73 6.26 57.72
CA ILE A 3395 -24.50 5.78 58.86
C ILE A 3395 -24.00 4.44 59.26
N PRO A 3396 -24.14 4.10 60.55
CA PRO A 3396 -23.73 2.78 61.01
C PRO A 3396 -24.28 1.56 60.25
N GLN A 3397 -23.43 0.55 60.05
CA GLN A 3397 -23.87 -0.74 59.61
C GLN A 3397 -24.69 -1.23 60.75
N ASP A 3398 -25.59 -2.17 60.47
CA ASP A 3398 -26.44 -2.75 61.51
C ASP A 3398 -27.11 -1.66 62.34
N ALA A 3399 -27.47 -0.56 61.69
CA ALA A 3399 -28.38 0.42 62.24
C ALA A 3399 -29.52 0.51 61.25
N CYS A 3400 -30.61 1.12 61.65
CA CYS A 3400 -31.80 1.13 60.81
C CYS A 3400 -31.61 2.01 59.57
N GLY A 3401 -31.89 1.43 58.40
CA GLY A 3401 -31.77 2.18 57.14
C GLY A 3401 -32.76 3.32 57.08
N PRO A 3402 -32.73 4.11 56.00
CA PRO A 3402 -33.78 5.08 55.74
C PRO A 3402 -34.91 4.38 55.03
N TYR A 3403 -34.56 3.40 54.23
CA TYR A 3403 -35.55 2.57 53.64
C TYR A 3403 -35.29 1.21 54.15
N SER A 3404 -36.38 0.48 54.35
CA SER A 3404 -36.32 -0.94 54.52
C SER A 3404 -35.46 -1.55 53.43
N PRO A 3405 -34.92 -2.75 53.68
CA PRO A 3405 -33.99 -3.37 52.74
C PRO A 3405 -34.55 -3.73 51.36
N ASP A 3406 -35.77 -4.23 51.30
CA ASP A 3406 -36.25 -4.83 50.08
C ASP A 3406 -36.90 -3.89 49.10
N GLU A 3407 -37.42 -2.77 49.60
CA GLU A 3407 -38.10 -1.83 48.72
C GLU A 3407 -37.13 -1.16 47.75
N CYS A 3408 -35.92 -0.85 48.16
CA CYS A 3408 -35.08 -0.05 47.26
C CYS A 3408 -34.28 -0.94 46.32
N ILE A 3409 -34.01 -0.44 45.11
CA ILE A 3409 -33.18 -1.11 44.10
C ILE A 3409 -31.95 -0.30 43.73
N SER A 3410 -30.80 -0.95 43.68
CA SER A 3410 -29.54 -0.25 43.42
C SER A 3410 -29.41 0.10 41.98
N LEU A 3411 -28.89 1.29 41.72
CA LEU A 3411 -28.76 1.81 40.39
C LEU A 3411 -27.43 2.46 40.28
N PRO A 3412 -26.79 2.34 39.12
CA PRO A 3412 -25.52 2.97 38.98
C PRO A 3412 -25.73 4.41 38.73
N VAL A 3413 -24.67 5.13 39.06
CA VAL A 3413 -24.57 6.52 38.79
C VAL A 3413 -23.36 6.76 37.94
N TYR A 3414 -23.64 6.82 36.64
CA TYR A 3414 -22.59 6.89 35.67
C TYR A 3414 -22.12 8.32 35.41
N THR A 3415 -20.93 8.45 34.87
CA THR A 3415 -20.43 9.73 34.49
C THR A 3415 -21.12 10.25 33.27
N SER A 3416 -21.56 9.41 32.35
CA SER A 3416 -22.30 9.90 31.20
C SER A 3416 -23.14 8.81 30.65
N ALA A 3417 -23.88 9.11 29.58
CA ALA A 3417 -24.62 8.07 28.84
C ALA A 3417 -23.71 6.93 28.39
N GLU A 3418 -22.57 7.29 27.82
CA GLU A 3418 -21.54 6.30 27.49
C GLU A 3418 -21.44 5.31 28.67
N ARG A 3419 -21.41 5.86 29.89
CA ARG A 3419 -21.56 5.07 31.11
C ARG A 3419 -20.44 4.08 31.21
N ASP A 3420 -19.22 4.54 30.98
CA ASP A 3420 -18.13 3.61 31.05
C ASP A 3420 -17.91 3.31 32.51
N ARG A 3421 -17.84 4.38 33.30
CA ARG A 3421 -17.42 4.25 34.67
C ARG A 3421 -18.44 4.89 35.57
N VAL A 3422 -18.37 4.54 36.83
CA VAL A 3422 -19.38 4.83 37.80
C VAL A 3422 -18.81 5.73 38.87
N VAL A 3423 -19.65 6.55 39.42
CA VAL A 3423 -19.28 7.28 40.60
C VAL A 3423 -19.61 6.40 41.79
N THR A 3424 -20.90 6.13 41.98
CA THR A 3424 -21.36 5.13 42.95
C THR A 3424 -22.64 4.53 42.41
N ASN A 3425 -23.24 3.61 43.16
CA ASN A 3425 -24.61 3.19 42.86
C ASN A 3425 -25.45 3.38 44.10
N ILE A 3426 -26.70 3.79 43.91
CA ILE A 3426 -27.61 4.10 45.03
C ILE A 3426 -28.81 3.16 45.07
N ASP A 3427 -29.29 2.85 46.27
CA ASP A 3427 -30.57 2.15 46.43
C ASP A 3427 -31.72 3.12 46.30
N VAL A 3428 -32.71 2.71 45.51
CA VAL A 3428 -33.84 3.54 45.12
C VAL A 3428 -35.17 2.77 45.12
N PRO A 3429 -36.25 3.37 45.67
CA PRO A 3429 -37.56 2.74 45.86
C PRO A 3429 -38.10 1.88 44.72
N CYS A 3430 -38.15 0.58 44.95
CA CYS A 3430 -38.60 -0.37 43.95
C CYS A 3430 -40.02 0.00 43.61
N GLY A 3431 -40.81 0.13 44.66
CA GLY A 3431 -42.25 0.09 44.51
C GLY A 3431 -42.70 -1.21 43.87
N GLY A 3432 -42.09 -2.33 44.31
CA GLY A 3432 -42.32 -3.63 43.69
C GLY A 3432 -41.89 -3.60 42.23
N ASN A 3433 -41.98 -4.73 41.54
CA ASN A 3433 -41.70 -4.73 40.10
C ASN A 3433 -40.21 -4.46 39.84
N GLN A 3434 -39.39 -5.32 40.40
CA GLN A 3434 -37.94 -5.14 40.33
C GLN A 3434 -37.42 -5.34 38.92
N ASP A 3435 -37.76 -6.47 38.33
CA ASP A 3435 -37.26 -6.85 37.00
C ASP A 3435 -37.53 -5.85 35.92
N GLN A 3436 -38.70 -5.24 35.95
CA GLN A 3436 -39.07 -4.31 34.90
C GLN A 3436 -38.12 -3.16 34.88
N TRP A 3437 -37.67 -2.72 36.04
CA TRP A 3437 -36.72 -1.61 36.09
C TRP A 3437 -35.36 -2.01 35.48
N ILE A 3438 -34.94 -3.21 35.80
CA ILE A 3438 -33.72 -3.72 35.25
C ILE A 3438 -33.83 -3.83 33.77
N GLN A 3439 -34.89 -4.45 33.28
CA GLN A 3439 -35.09 -4.57 31.84
C GLN A 3439 -35.23 -3.19 31.20
N CYS A 3440 -35.78 -2.26 31.95
CA CYS A 3440 -35.85 -0.84 31.58
C CYS A 3440 -34.45 -0.29 31.44
N GLY A 3441 -33.52 -0.90 32.18
CA GLY A 3441 -32.10 -0.53 32.07
C GLY A 3441 -31.90 0.81 32.73
N ALA A 3442 -32.73 1.03 33.74
CA ALA A 3442 -32.80 2.30 34.44
C ALA A 3442 -31.43 2.57 34.98
N ALA A 3443 -31.04 3.83 34.93
CA ALA A 3443 -29.78 4.22 35.46
C ALA A 3443 -29.78 5.70 35.71
N LEU A 3444 -28.79 6.11 36.47
CA LEU A 3444 -28.74 7.48 36.85
C LEU A 3444 -27.44 8.03 36.35
N PHE A 3445 -27.53 9.20 35.74
CA PHE A 3445 -26.34 9.93 35.30
C PHE A 3445 -26.23 11.21 36.10
N LEU A 3446 -25.07 11.43 36.71
CA LEU A 3446 -24.91 12.47 37.71
C LEU A 3446 -25.16 13.89 37.18
N LYS A 3447 -24.67 14.18 35.98
CA LYS A 3447 -24.84 15.52 35.41
C LYS A 3447 -24.37 15.56 33.97
N ASN A 3448 -24.89 16.52 33.22
CA ASN A 3448 -24.44 16.77 31.87
C ASN A 3448 -23.96 18.20 31.71
N GLN A 3449 -22.77 18.39 31.15
CA GLN A 3449 -22.22 19.73 30.90
C GLN A 3449 -21.68 20.38 32.18
N VAL A 3450 -21.64 19.60 33.25
CA VAL A 3450 -21.12 20.05 34.53
C VAL A 3450 -20.75 18.85 35.38
#